data_3HBX
#
_entry.id   3HBX
#
_cell.length_a   118.098
_cell.length_b   118.098
_cell.length_c   200.576
_cell.angle_alpha   90.00
_cell.angle_beta   90.00
_cell.angle_gamma   120.00
#
_symmetry.space_group_name_H-M   'P 32'
#
loop_
_entity.id
_entity.type
_entity.pdbx_description
1 polymer 'Glutamate decarboxylase 1'
2 water water
#
_entity_poly.entity_id   1
_entity_poly.type   'polypeptide(L)'
_entity_poly.pdbx_seq_one_letter_code
;MVLSHAVSESDVSVHSTFASRYVRTSLPRFKMPENSIPKEAAYQIINDELMLDGNPRLNLASFVTTWMEPECDKLIMSSI
NKNYVDMDEYPVTTELQNRCVNMIAHLFNAPLEEAETAVGVGTVGSSEAIMLAGLAFKRKWQNKRKAEGKPVDKPNIVTG
ANVQVCWEKFARYFEVELKEVKLSEGYYVMDPQQAVDMVDENTICVAAILGSTLNGEFEDVKLLNDLLVEKNKETGWDTP
IHVDAASGGFIAPFLYPELEWDFRLPLVKSINVSGH(LLP)YGLVYAGIGWVIWRNKEDLPEELIFHINYLGADQPTFTL
NFSKGSSQVIAQYYQLIRLGHEGYRNVMENCRENMIVLREGLEKTERFNIVSKDEGVPLVAFSLKDSSCHTEFEISDMLR
RYGWIVPAYTMPPNAQHITVLRVVIREDFSRTLAERLVIDIEKVMRELDELPSRVIHKISLGQEKSESNSDNLMVTVKKS
DIDKQRDIITGWKKFVADRKKTSGIC
;
_entity_poly.pdbx_strand_id   A,B,C,D,E,F
#
# COMPACT_ATOMS: atom_id res chain seq x y z
N VAL A 12 -19.99 16.81 12.43
CA VAL A 12 -20.38 16.44 11.07
C VAL A 12 -20.09 14.97 10.79
N SER A 13 -18.95 14.72 10.14
CA SER A 13 -18.51 13.35 9.85
C SER A 13 -17.09 13.15 10.36
N VAL A 14 -16.75 13.87 11.42
CA VAL A 14 -15.41 13.83 12.00
C VAL A 14 -15.27 12.70 13.01
N HIS A 15 -16.39 12.06 13.33
CA HIS A 15 -16.38 10.97 14.29
C HIS A 15 -15.73 9.71 13.72
N SER A 16 -14.90 9.06 14.53
CA SER A 16 -14.38 7.75 14.16
C SER A 16 -15.53 6.76 14.21
N THR A 17 -15.40 5.65 13.50
CA THR A 17 -16.49 4.69 13.38
C THR A 17 -17.00 4.20 14.74
N PHE A 18 -16.09 4.05 15.70
CA PHE A 18 -16.46 3.54 17.02
C PHE A 18 -16.93 4.64 17.97
N ALA A 19 -16.91 5.88 17.51
CA ALA A 19 -17.46 7.00 18.27
C ALA A 19 -18.82 7.40 17.70
N SER A 20 -19.16 6.83 16.54
CA SER A 20 -20.41 7.16 15.87
C SER A 20 -21.57 6.30 16.38
N ARG A 21 -22.76 6.56 15.85
CA ARG A 21 -23.97 5.86 16.27
C ARG A 21 -24.27 4.64 15.39
N TYR A 22 -23.36 4.33 14.48
CA TYR A 22 -23.53 3.20 13.57
C TYR A 22 -23.13 1.88 14.24
N VAL A 23 -22.28 1.97 15.25
CA VAL A 23 -21.85 0.79 15.99
C VAL A 23 -22.81 0.46 17.13
N ARG A 24 -23.88 1.24 17.22
CA ARG A 24 -24.91 1.00 18.23
C ARG A 24 -26.07 0.17 17.66
N THR A 25 -26.10 0.05 16.34
CA THR A 25 -27.12 -0.76 15.69
C THR A 25 -26.48 -2.02 15.14
N SER A 26 -27.15 -3.16 15.32
CA SER A 26 -26.70 -4.41 14.74
C SER A 26 -27.06 -4.45 13.27
N LEU A 27 -26.25 -5.16 12.48
CA LEU A 27 -26.45 -5.25 11.04
C LEU A 27 -27.80 -5.88 10.68
N PRO A 28 -28.50 -5.29 9.69
CA PRO A 28 -29.81 -5.77 9.22
C PRO A 28 -29.78 -7.24 8.82
N ARG A 29 -30.80 -7.98 9.21
CA ARG A 29 -30.89 -9.40 8.90
C ARG A 29 -31.98 -9.71 7.88
N PHE A 30 -33.00 -8.86 7.83
CA PHE A 30 -34.19 -9.17 7.04
C PHE A 30 -34.51 -8.13 5.98
N LYS A 31 -34.62 -6.87 6.39
CA LYS A 31 -34.96 -5.80 5.45
C LYS A 31 -33.76 -4.96 5.05
N MET A 32 -33.76 -4.51 3.80
CA MET A 32 -32.74 -3.59 3.32
C MET A 32 -32.97 -2.22 3.95
N PRO A 33 -31.90 -1.60 4.47
CA PRO A 33 -31.98 -0.29 5.12
C PRO A 33 -32.49 0.77 4.16
N GLU A 34 -33.20 1.77 4.68
CA GLU A 34 -33.71 2.85 3.86
C GLU A 34 -32.62 3.83 3.46
N ASN A 35 -31.71 4.10 4.39
CA ASN A 35 -30.67 5.12 4.17
C ASN A 35 -29.26 4.55 4.09
N SER A 36 -28.38 5.29 3.42
CA SER A 36 -26.98 4.91 3.31
C SER A 36 -26.25 5.14 4.62
N ILE A 37 -25.15 4.44 4.80
CA ILE A 37 -24.24 4.70 5.92
C ILE A 37 -22.83 4.85 5.38
N PRO A 38 -21.97 5.58 6.10
CA PRO A 38 -20.61 5.84 5.61
C PRO A 38 -19.88 4.56 5.23
N LYS A 39 -19.10 4.61 4.16
CA LYS A 39 -18.39 3.43 3.68
C LYS A 39 -17.46 2.86 4.75
N GLU A 40 -16.75 3.72 5.46
CA GLU A 40 -15.85 3.27 6.53
C GLU A 40 -16.61 2.49 7.61
N ALA A 41 -17.82 2.95 7.92
CA ALA A 41 -18.63 2.29 8.95
C ALA A 41 -19.10 0.92 8.49
N ALA A 42 -19.61 0.85 7.26
CA ALA A 42 -20.08 -0.42 6.71
C ALA A 42 -18.93 -1.43 6.62
N TYR A 43 -17.77 -0.95 6.20
CA TYR A 43 -16.59 -1.82 6.11
C TYR A 43 -16.25 -2.42 7.47
N GLN A 44 -16.21 -1.56 8.48
CA GLN A 44 -15.75 -1.96 9.81
C GLN A 44 -16.65 -3.01 10.44
N ILE A 45 -17.95 -2.75 10.45
CA ILE A 45 -18.90 -3.65 11.10
C ILE A 45 -18.96 -5.02 10.42
N ILE A 46 -18.97 -5.03 9.09
CA ILE A 46 -18.98 -6.28 8.34
C ILE A 46 -17.67 -7.02 8.54
N ASN A 47 -16.56 -6.30 8.49
CA ASN A 47 -15.25 -6.89 8.72
C ASN A 47 -15.15 -7.50 10.12
N ASP A 48 -15.74 -6.82 11.09
CA ASP A 48 -15.68 -7.27 12.47
C ASP A 48 -16.46 -8.56 12.70
N GLU A 49 -17.68 -8.64 12.16
CA GLU A 49 -18.48 -9.84 12.33
C GLU A 49 -17.84 -11.03 11.62
N LEU A 50 -17.17 -10.76 10.50
CA LEU A 50 -16.47 -11.80 9.76
C LEU A 50 -15.34 -12.44 10.56
N MET A 51 -14.93 -11.79 11.64
CA MET A 51 -13.85 -12.32 12.47
C MET A 51 -14.30 -13.57 13.20
N LEU A 52 -15.62 -13.77 13.26
CA LEU A 52 -16.17 -14.95 13.91
C LEU A 52 -16.18 -16.14 12.97
N ASP A 53 -15.78 -15.91 11.73
CA ASP A 53 -15.49 -17.00 10.81
C ASP A 53 -14.20 -17.67 11.24
N GLY A 54 -14.01 -18.93 10.84
CA GLY A 54 -12.77 -19.63 11.10
C GLY A 54 -11.65 -19.08 10.24
N ASN A 55 -10.41 -19.35 10.63
CA ASN A 55 -9.26 -18.97 9.81
C ASN A 55 -9.02 -20.02 8.74
N PRO A 56 -9.18 -19.64 7.47
CA PRO A 56 -9.02 -20.56 6.34
C PRO A 56 -7.70 -21.32 6.42
N ARG A 57 -6.62 -20.64 6.79
CA ARG A 57 -5.31 -21.26 6.88
C ARG A 57 -5.28 -22.38 7.92
N LEU A 58 -6.20 -22.33 8.88
CA LEU A 58 -6.27 -23.34 9.94
C LEU A 58 -7.39 -24.34 9.69
N ASN A 59 -8.12 -24.13 8.59
CA ASN A 59 -9.20 -25.03 8.20
C ASN A 59 -8.63 -26.28 7.53
N LEU A 60 -8.45 -27.34 8.31
CA LEU A 60 -7.87 -28.57 7.79
C LEU A 60 -8.93 -29.51 7.22
N ALA A 61 -10.16 -29.02 7.15
CA ALA A 61 -11.26 -29.80 6.60
C ALA A 61 -11.33 -29.68 5.10
N SER A 62 -10.80 -28.57 4.57
CA SER A 62 -10.95 -28.23 3.17
C SER A 62 -9.78 -28.70 2.30
N PHE A 63 -10.10 -29.01 1.05
CA PHE A 63 -9.08 -29.34 0.05
C PHE A 63 -8.73 -28.09 -0.76
N VAL A 64 -9.49 -27.02 -0.54
CA VAL A 64 -9.35 -25.81 -1.34
C VAL A 64 -8.20 -24.91 -0.88
N THR A 65 -7.41 -24.45 -1.84
CA THR A 65 -6.24 -23.61 -1.57
C THR A 65 -6.61 -22.34 -0.80
N THR A 66 -5.81 -22.01 0.20
CA THR A 66 -6.10 -20.88 1.06
C THR A 66 -4.99 -19.83 1.06
N TRP A 67 -4.03 -19.99 0.16
CA TRP A 67 -2.92 -19.05 0.06
C TRP A 67 -2.32 -18.98 -1.35
N MET A 68 -2.07 -17.77 -1.82
CA MET A 68 -1.37 -17.55 -3.08
C MET A 68 -0.30 -16.49 -2.89
N GLU A 69 0.67 -16.45 -3.80
CA GLU A 69 1.71 -15.43 -3.76
C GLU A 69 1.11 -14.05 -3.92
N PRO A 70 1.69 -13.05 -3.24
CA PRO A 70 1.23 -11.66 -3.33
C PRO A 70 1.17 -11.19 -4.78
N GLU A 71 2.12 -11.63 -5.60
CA GLU A 71 2.13 -11.25 -7.01
C GLU A 71 0.86 -11.71 -7.70
N CYS A 72 0.35 -12.86 -7.27
CA CYS A 72 -0.87 -13.40 -7.86
C CYS A 72 -2.11 -12.69 -7.33
N ASP A 73 -2.04 -12.21 -6.10
CA ASP A 73 -3.12 -11.40 -5.53
C ASP A 73 -3.34 -10.15 -6.39
N LYS A 74 -2.25 -9.57 -6.88
CA LYS A 74 -2.33 -8.38 -7.71
C LYS A 74 -3.06 -8.66 -9.02
N LEU A 75 -2.65 -9.72 -9.70
CA LEU A 75 -3.30 -10.12 -10.95
C LEU A 75 -4.80 -10.27 -10.74
N ILE A 76 -5.16 -10.95 -9.67
CA ILE A 76 -6.56 -11.15 -9.30
C ILE A 76 -7.28 -9.82 -9.12
N MET A 77 -6.70 -8.94 -8.31
CA MET A 77 -7.31 -7.64 -8.05
C MET A 77 -7.39 -6.78 -9.32
N SER A 78 -6.40 -6.92 -10.18
CA SER A 78 -6.36 -6.14 -11.42
C SER A 78 -7.45 -6.58 -12.39
N SER A 79 -8.08 -7.71 -12.11
CA SER A 79 -9.07 -8.25 -13.05
C SER A 79 -10.35 -8.74 -12.40
N ILE A 80 -10.66 -8.28 -11.19
CA ILE A 80 -11.92 -8.65 -10.54
C ILE A 80 -13.11 -8.04 -11.27
N ASN A 81 -12.84 -7.05 -12.12
CA ASN A 81 -13.90 -6.41 -12.89
C ASN A 81 -14.00 -6.91 -14.32
N LYS A 82 -13.15 -7.85 -14.69
CA LYS A 82 -13.23 -8.48 -16.01
C LYS A 82 -14.21 -9.64 -16.01
N ASN A 83 -15.38 -9.43 -16.58
CA ASN A 83 -16.35 -10.51 -16.74
C ASN A 83 -15.87 -11.48 -17.81
N TYR A 84 -15.64 -12.73 -17.41
CA TYR A 84 -15.01 -13.70 -18.32
C TYR A 84 -15.79 -13.91 -19.61
N VAL A 85 -17.11 -13.91 -19.52
CA VAL A 85 -17.95 -14.28 -20.66
C VAL A 85 -17.85 -13.30 -21.84
N ASP A 86 -17.22 -12.14 -21.59
CA ASP A 86 -17.05 -11.15 -22.65
C ASP A 86 -15.83 -11.48 -23.52
N MET A 87 -15.97 -12.52 -24.33
CA MET A 87 -14.88 -13.01 -25.16
C MET A 87 -14.32 -11.95 -26.11
N ASP A 88 -15.22 -11.26 -26.81
CA ASP A 88 -14.81 -10.25 -27.78
C ASP A 88 -14.05 -9.11 -27.11
N GLU A 89 -14.54 -8.68 -25.95
CA GLU A 89 -13.96 -7.56 -25.23
C GLU A 89 -12.61 -7.91 -24.62
N TYR A 90 -12.47 -9.16 -24.15
CA TYR A 90 -11.25 -9.59 -23.51
C TYR A 90 -10.66 -10.82 -24.20
N PRO A 91 -10.02 -10.61 -25.35
CA PRO A 91 -9.45 -11.70 -26.16
C PRO A 91 -8.38 -12.48 -25.42
N VAL A 92 -7.50 -11.78 -24.71
CA VAL A 92 -6.39 -12.43 -24.01
C VAL A 92 -6.87 -13.30 -22.86
N THR A 93 -7.84 -12.80 -22.10
CA THR A 93 -8.41 -13.59 -21.01
C THR A 93 -8.94 -14.92 -21.53
N THR A 94 -9.60 -14.88 -22.67
CA THR A 94 -10.14 -16.10 -23.28
C THR A 94 -9.02 -17.03 -23.74
N GLU A 95 -7.95 -16.46 -24.30
CA GLU A 95 -6.82 -17.26 -24.75
C GLU A 95 -6.15 -18.00 -23.60
N LEU A 96 -5.96 -17.30 -22.48
CA LEU A 96 -5.34 -17.92 -21.31
C LEU A 96 -6.13 -19.13 -20.84
N GLN A 97 -7.46 -19.05 -20.96
CA GLN A 97 -8.32 -20.17 -20.61
C GLN A 97 -8.03 -21.34 -21.54
N ASN A 98 -7.90 -21.06 -22.84
CA ASN A 98 -7.58 -22.08 -23.82
C ASN A 98 -6.23 -22.73 -23.57
N ARG A 99 -5.24 -21.92 -23.21
CA ARG A 99 -3.90 -22.42 -22.93
C ARG A 99 -3.91 -23.36 -21.73
N CYS A 100 -4.70 -23.00 -20.71
CA CYS A 100 -4.85 -23.85 -19.54
C CYS A 100 -5.44 -25.21 -19.92
N VAL A 101 -6.46 -25.18 -20.78
CA VAL A 101 -7.08 -26.41 -21.26
C VAL A 101 -6.04 -27.27 -21.96
N ASN A 102 -5.26 -26.64 -22.84
CA ASN A 102 -4.21 -27.34 -23.57
C ASN A 102 -3.19 -27.96 -22.61
N MET A 103 -2.72 -27.16 -21.66
CA MET A 103 -1.67 -27.59 -20.75
C MET A 103 -2.13 -28.71 -19.84
N ILE A 104 -3.37 -28.60 -19.36
CA ILE A 104 -3.95 -29.66 -18.52
C ILE A 104 -4.21 -30.91 -19.34
N ALA A 105 -4.65 -30.73 -20.58
CA ALA A 105 -4.89 -31.86 -21.47
C ALA A 105 -3.62 -32.68 -21.69
N HIS A 106 -2.53 -32.01 -22.01
CA HIS A 106 -1.23 -32.67 -22.18
C HIS A 106 -0.77 -33.30 -20.88
N LEU A 107 -1.04 -32.60 -19.77
CA LEU A 107 -0.68 -33.11 -18.45
C LEU A 107 -1.36 -34.45 -18.19
N PHE A 108 -2.54 -34.64 -18.75
CA PHE A 108 -3.27 -35.89 -18.60
C PHE A 108 -3.03 -36.84 -19.77
N ASN A 109 -2.01 -36.55 -20.57
CA ASN A 109 -1.62 -37.41 -21.67
C ASN A 109 -2.72 -37.62 -22.71
N ALA A 110 -3.50 -36.57 -22.96
CA ALA A 110 -4.54 -36.62 -23.98
C ALA A 110 -3.92 -36.87 -25.35
N PRO A 111 -4.68 -37.53 -26.24
CA PRO A 111 -4.20 -37.80 -27.61
C PRO A 111 -4.14 -36.51 -28.41
N LEU A 112 -3.02 -35.80 -28.33
CA LEU A 112 -2.87 -34.53 -29.02
C LEU A 112 -1.66 -34.47 -29.93
N GLU A 113 -1.85 -33.95 -31.13
CA GLU A 113 -0.74 -33.66 -32.04
C GLU A 113 -0.02 -32.42 -31.54
N GLU A 114 0.73 -31.78 -32.43
CA GLU A 114 1.32 -30.48 -32.13
C GLU A 114 1.30 -29.59 -33.36
N ALA A 115 0.76 -28.39 -33.20
CA ALA A 115 0.24 -27.95 -31.91
C ALA A 115 -1.27 -27.89 -31.93
N GLU A 116 -1.90 -29.03 -31.66
CA GLU A 116 -3.36 -29.15 -31.75
C GLU A 116 -4.06 -28.53 -30.54
N THR A 117 -5.27 -28.02 -30.76
CA THR A 117 -6.07 -27.44 -29.70
C THR A 117 -6.86 -28.53 -28.96
N ALA A 118 -6.71 -28.56 -27.64
CA ALA A 118 -7.36 -29.58 -26.82
C ALA A 118 -8.86 -29.33 -26.69
N VAL A 119 -9.59 -30.37 -26.30
CA VAL A 119 -11.02 -30.26 -26.08
C VAL A 119 -11.32 -30.25 -24.59
N GLY A 120 -11.78 -29.11 -24.09
CA GLY A 120 -12.09 -28.96 -22.68
C GLY A 120 -12.51 -27.55 -22.33
N VAL A 121 -13.00 -27.36 -21.11
CA VAL A 121 -13.44 -26.04 -20.68
C VAL A 121 -13.12 -25.76 -19.23
N GLY A 122 -12.92 -24.49 -18.90
CA GLY A 122 -12.77 -24.06 -17.53
C GLY A 122 -14.13 -23.87 -16.89
N THR A 123 -14.25 -24.24 -15.63
CA THR A 123 -15.53 -24.16 -14.92
C THR A 123 -15.32 -23.48 -13.57
N VAL A 124 -16.41 -23.28 -12.84
CA VAL A 124 -16.33 -22.71 -11.50
C VAL A 124 -15.65 -23.71 -10.55
N GLY A 125 -15.89 -24.99 -10.78
CA GLY A 125 -15.29 -26.04 -9.98
C GLY A 125 -15.55 -27.40 -10.59
N SER A 126 -15.16 -28.46 -9.88
CA SER A 126 -15.40 -29.82 -10.38
C SER A 126 -16.89 -30.14 -10.47
N SER A 127 -17.68 -29.51 -9.61
CA SER A 127 -19.11 -29.74 -9.62
C SER A 127 -19.71 -29.50 -11.00
N GLU A 128 -19.46 -28.32 -11.55
CA GLU A 128 -19.94 -27.98 -12.89
C GLU A 128 -19.25 -28.82 -13.95
N ALA A 129 -17.97 -29.11 -13.72
CA ALA A 129 -17.20 -29.93 -14.66
C ALA A 129 -17.79 -31.33 -14.77
N ILE A 130 -18.20 -31.87 -13.62
CA ILE A 130 -18.78 -33.20 -13.56
C ILE A 130 -20.10 -33.26 -14.31
N MET A 131 -20.90 -32.21 -14.15
CA MET A 131 -22.22 -32.17 -14.79
C MET A 131 -22.14 -31.95 -16.29
N LEU A 132 -21.09 -31.26 -16.75
CA LEU A 132 -20.86 -31.11 -18.17
C LEU A 132 -20.40 -32.45 -18.73
N ALA A 133 -19.50 -33.11 -18.00
CA ALA A 133 -19.01 -34.42 -18.39
C ALA A 133 -20.16 -35.41 -18.45
N GLY A 134 -21.03 -35.36 -17.45
CA GLY A 134 -22.21 -36.22 -17.41
C GLY A 134 -23.15 -35.98 -18.57
N LEU A 135 -23.41 -34.71 -18.86
CA LEU A 135 -24.25 -34.33 -20.00
C LEU A 135 -23.70 -34.90 -21.31
N ALA A 136 -22.39 -34.78 -21.50
CA ALA A 136 -21.76 -35.31 -22.69
C ALA A 136 -21.96 -36.81 -22.78
N PHE A 137 -21.79 -37.50 -21.66
CA PHE A 137 -21.98 -38.94 -21.60
C PHE A 137 -23.42 -39.32 -21.93
N LYS A 138 -24.36 -38.66 -21.25
CA LYS A 138 -25.77 -38.95 -21.43
C LYS A 138 -26.18 -38.76 -22.89
N ARG A 139 -25.84 -37.60 -23.43
CA ARG A 139 -26.18 -37.26 -24.81
C ARG A 139 -25.54 -38.22 -25.80
N LYS A 140 -24.25 -38.47 -25.62
CA LYS A 140 -23.53 -39.38 -26.50
C LYS A 140 -24.17 -40.77 -26.47
N TRP A 141 -24.67 -41.14 -25.30
CA TRP A 141 -25.32 -42.43 -25.10
C TRP A 141 -26.71 -42.44 -25.75
N GLN A 142 -27.46 -41.35 -25.56
CA GLN A 142 -28.76 -41.21 -26.18
C GLN A 142 -28.67 -41.33 -27.70
N ASN A 143 -27.72 -40.59 -28.28
CA ASN A 143 -27.52 -40.62 -29.72
C ASN A 143 -27.24 -42.03 -30.23
N LYS A 144 -26.31 -42.71 -29.56
CA LYS A 144 -25.90 -44.06 -29.95
C LYS A 144 -27.09 -45.01 -29.92
N ARG A 145 -27.91 -44.89 -28.89
CA ARG A 145 -29.06 -45.76 -28.71
C ARG A 145 -30.17 -45.45 -29.71
N LYS A 146 -30.49 -44.17 -29.88
CA LYS A 146 -31.50 -43.76 -30.84
C LYS A 146 -31.14 -44.25 -32.24
N ALA A 147 -29.84 -44.32 -32.52
CA ALA A 147 -29.37 -44.78 -33.82
C ALA A 147 -29.58 -46.28 -34.00
N GLU A 148 -29.66 -46.98 -32.88
CA GLU A 148 -29.87 -48.42 -32.89
C GLU A 148 -31.33 -48.76 -32.64
N GLY A 149 -32.17 -47.74 -32.53
CA GLY A 149 -33.59 -47.95 -32.28
C GLY A 149 -33.88 -48.46 -30.89
N LYS A 150 -32.88 -48.42 -30.02
CA LYS A 150 -33.04 -48.85 -28.63
C LYS A 150 -33.57 -47.72 -27.74
N PRO A 151 -34.16 -48.08 -26.59
CA PRO A 151 -34.79 -47.14 -25.67
C PRO A 151 -33.75 -46.32 -24.89
N VAL A 152 -34.13 -45.12 -24.47
CA VAL A 152 -33.20 -44.22 -23.80
C VAL A 152 -33.82 -43.58 -22.56
N ASP A 153 -34.70 -44.31 -21.89
CA ASP A 153 -35.45 -43.74 -20.78
C ASP A 153 -34.90 -44.07 -19.39
N LYS A 154 -33.90 -44.94 -19.33
CA LYS A 154 -33.34 -45.37 -18.04
C LYS A 154 -31.83 -45.34 -17.99
N PRO A 155 -31.21 -44.16 -18.17
CA PRO A 155 -29.75 -44.06 -18.12
C PRO A 155 -29.24 -44.24 -16.70
N ASN A 156 -28.01 -44.75 -16.56
CA ASN A 156 -27.40 -44.85 -15.24
C ASN A 156 -25.89 -44.61 -15.24
N ILE A 157 -25.35 -44.35 -14.06
CA ILE A 157 -23.91 -44.19 -13.87
C ILE A 157 -23.46 -45.12 -12.76
N VAL A 158 -22.27 -45.69 -12.91
CA VAL A 158 -21.73 -46.60 -11.91
C VAL A 158 -20.54 -45.98 -11.17
N THR A 159 -20.67 -45.85 -9.85
CA THR A 159 -19.60 -45.34 -9.00
C THR A 159 -19.59 -46.06 -7.66
N GLY A 160 -18.63 -45.72 -6.81
CA GLY A 160 -18.56 -46.25 -5.48
C GLY A 160 -19.41 -45.44 -4.53
N ALA A 161 -19.69 -45.98 -3.34
CA ALA A 161 -20.48 -45.28 -2.35
C ALA A 161 -19.69 -44.10 -1.77
N ASN A 162 -18.39 -44.08 -2.05
CA ASN A 162 -17.53 -42.97 -1.64
C ASN A 162 -17.69 -41.79 -2.58
N VAL A 163 -18.65 -41.88 -3.50
CA VAL A 163 -18.87 -40.85 -4.50
C VAL A 163 -19.19 -39.50 -3.86
N GLN A 164 -18.65 -38.43 -4.45
CA GLN A 164 -18.85 -37.09 -3.93
C GLN A 164 -20.23 -36.56 -4.33
N VAL A 165 -20.82 -35.75 -3.46
CA VAL A 165 -22.19 -35.28 -3.61
C VAL A 165 -22.55 -34.79 -5.01
N CYS A 166 -21.56 -34.29 -5.74
CA CYS A 166 -21.80 -33.69 -7.04
C CYS A 166 -22.39 -34.68 -8.06
N TRP A 167 -22.07 -35.96 -7.90
CA TRP A 167 -22.62 -36.99 -8.77
C TRP A 167 -24.07 -37.30 -8.40
N GLU A 168 -24.42 -37.11 -7.14
CA GLU A 168 -25.79 -37.29 -6.71
C GLU A 168 -26.64 -36.14 -7.23
N LYS A 169 -26.07 -34.93 -7.23
CA LYS A 169 -26.75 -33.78 -7.79
C LYS A 169 -27.04 -34.03 -9.27
N PHE A 170 -26.01 -34.42 -10.01
CA PHE A 170 -26.17 -34.71 -11.42
C PHE A 170 -27.25 -35.74 -11.68
N ALA A 171 -27.17 -36.86 -10.96
CA ALA A 171 -28.13 -37.95 -11.12
C ALA A 171 -29.55 -37.47 -10.94
N ARG A 172 -29.79 -36.70 -9.88
CA ARG A 172 -31.12 -36.23 -9.54
C ARG A 172 -31.65 -35.18 -10.50
N TYR A 173 -30.80 -34.19 -10.81
CA TYR A 173 -31.24 -33.08 -11.65
C TYR A 173 -31.35 -33.44 -13.13
N PHE A 174 -30.48 -34.34 -13.58
CA PHE A 174 -30.49 -34.76 -14.99
C PHE A 174 -31.13 -36.14 -15.17
N GLU A 175 -31.86 -36.57 -14.15
CA GLU A 175 -32.64 -37.79 -14.21
C GLU A 175 -31.84 -38.99 -14.73
N VAL A 176 -30.74 -39.26 -14.05
CA VAL A 176 -29.92 -40.44 -14.34
C VAL A 176 -29.81 -41.27 -13.07
N GLU A 177 -29.83 -42.58 -13.21
CA GLU A 177 -29.80 -43.47 -12.04
C GLU A 177 -28.39 -43.68 -11.54
N LEU A 178 -28.21 -43.57 -10.22
CA LEU A 178 -26.90 -43.73 -9.63
C LEU A 178 -26.75 -45.12 -9.01
N LYS A 179 -25.97 -45.97 -9.67
CA LYS A 179 -25.69 -47.32 -9.17
C LYS A 179 -24.39 -47.30 -8.38
N GLU A 180 -24.49 -47.48 -7.07
CA GLU A 180 -23.31 -47.36 -6.20
C GLU A 180 -22.77 -48.71 -5.72
N VAL A 181 -21.46 -48.89 -5.82
CA VAL A 181 -20.80 -50.04 -5.25
C VAL A 181 -20.49 -49.75 -3.78
N LYS A 182 -21.11 -50.52 -2.89
CA LYS A 182 -21.01 -50.26 -1.46
C LYS A 182 -19.62 -50.51 -0.89
N LEU A 183 -19.33 -49.85 0.22
CA LEU A 183 -18.03 -49.96 0.88
C LEU A 183 -18.01 -51.09 1.90
N SER A 184 -16.84 -51.68 2.09
CA SER A 184 -16.65 -52.68 3.12
C SER A 184 -15.69 -52.15 4.17
N GLU A 185 -15.75 -52.71 5.38
CA GLU A 185 -14.83 -52.31 6.44
C GLU A 185 -13.39 -52.55 5.99
N GLY A 186 -12.57 -51.51 6.04
CA GLY A 186 -11.19 -51.61 5.63
C GLY A 186 -11.01 -51.47 4.13
N TYR A 187 -12.12 -51.27 3.42
CA TYR A 187 -12.09 -51.12 1.97
C TYR A 187 -12.96 -49.94 1.58
N TYR A 188 -12.35 -48.77 1.45
CA TYR A 188 -13.10 -47.53 1.35
C TYR A 188 -13.15 -46.90 -0.04
N VAL A 189 -12.65 -47.62 -1.03
CA VAL A 189 -12.76 -47.18 -2.42
C VAL A 189 -13.65 -48.13 -3.21
N MET A 190 -13.89 -47.80 -4.47
CA MET A 190 -14.73 -48.63 -5.34
C MET A 190 -13.97 -49.85 -5.84
N ASP A 191 -14.55 -51.03 -5.67
CA ASP A 191 -13.96 -52.25 -6.18
C ASP A 191 -14.22 -52.36 -7.68
N PRO A 192 -13.14 -52.32 -8.49
CA PRO A 192 -13.26 -52.36 -9.95
C PRO A 192 -14.13 -53.51 -10.43
N GLN A 193 -13.92 -54.70 -9.87
CA GLN A 193 -14.67 -55.88 -10.29
C GLN A 193 -16.18 -55.70 -10.11
N GLN A 194 -16.60 -55.42 -8.88
CA GLN A 194 -18.02 -55.21 -8.59
C GLN A 194 -18.62 -54.13 -9.47
N ALA A 195 -17.80 -53.12 -9.79
CA ALA A 195 -18.25 -52.02 -10.62
C ALA A 195 -18.57 -52.49 -12.04
N VAL A 196 -17.63 -53.21 -12.65
CA VAL A 196 -17.81 -53.71 -14.00
C VAL A 196 -19.01 -54.65 -14.09
N ASP A 197 -19.27 -55.38 -13.01
CA ASP A 197 -20.39 -56.31 -12.98
C ASP A 197 -21.73 -55.60 -12.95
N MET A 198 -21.75 -54.36 -12.46
CA MET A 198 -22.98 -53.56 -12.39
C MET A 198 -23.30 -52.91 -13.72
N VAL A 199 -22.30 -52.77 -14.58
CA VAL A 199 -22.49 -52.15 -15.89
C VAL A 199 -23.53 -52.90 -16.69
N ASP A 200 -24.50 -52.16 -17.24
CA ASP A 200 -25.46 -52.73 -18.18
C ASP A 200 -25.58 -51.84 -19.41
N GLU A 201 -26.55 -52.16 -20.28
CA GLU A 201 -26.71 -51.45 -21.54
C GLU A 201 -27.07 -49.97 -21.35
N ASN A 202 -27.59 -49.65 -20.17
CA ASN A 202 -28.03 -48.28 -19.88
C ASN A 202 -26.98 -47.43 -19.15
N THR A 203 -25.80 -48.00 -18.95
CA THR A 203 -24.73 -47.29 -18.25
C THR A 203 -24.05 -46.30 -19.18
N ILE A 204 -24.22 -45.01 -18.91
CA ILE A 204 -23.64 -43.98 -19.76
C ILE A 204 -22.14 -43.82 -19.49
N CYS A 205 -21.71 -44.23 -18.31
CA CYS A 205 -20.29 -44.25 -17.96
C CYS A 205 -20.04 -44.84 -16.57
N VAL A 206 -18.80 -45.24 -16.33
CA VAL A 206 -18.35 -45.63 -15.00
C VAL A 206 -17.42 -44.55 -14.48
N ALA A 207 -17.78 -43.93 -13.36
CA ALA A 207 -16.98 -42.83 -12.81
C ALA A 207 -16.04 -43.30 -11.70
N ALA A 208 -14.75 -43.23 -11.96
CA ALA A 208 -13.74 -43.58 -10.98
C ALA A 208 -13.20 -42.32 -10.32
N ILE A 209 -12.85 -42.44 -9.03
CA ILE A 209 -12.38 -41.29 -8.27
C ILE A 209 -10.88 -41.39 -7.97
N LEU A 210 -10.11 -40.44 -8.49
CA LEU A 210 -8.67 -40.40 -8.26
C LEU A 210 -8.35 -39.52 -7.06
N GLY A 211 -8.62 -40.03 -5.87
CA GLY A 211 -8.43 -39.27 -4.64
C GLY A 211 -9.75 -39.08 -3.93
N SER A 212 -10.15 -40.11 -3.17
CA SER A 212 -11.40 -40.07 -2.44
C SER A 212 -11.36 -39.04 -1.32
N THR A 213 -12.45 -38.30 -1.16
CA THR A 213 -12.52 -37.28 -0.12
C THR A 213 -12.59 -37.92 1.26
N LEU A 214 -12.67 -39.25 1.30
CA LEU A 214 -12.84 -39.97 2.55
C LEU A 214 -11.52 -40.43 3.18
N ASN A 215 -10.58 -40.85 2.34
CA ASN A 215 -9.27 -41.29 2.82
C ASN A 215 -8.14 -41.00 1.83
N GLY A 216 -8.44 -40.16 0.84
CA GLY A 216 -7.46 -39.72 -0.13
C GLY A 216 -6.85 -40.80 -0.99
N GLU A 217 -7.51 -41.95 -1.07
CA GLU A 217 -7.00 -43.07 -1.85
C GLU A 217 -7.33 -42.93 -3.33
N PHE A 218 -6.38 -43.30 -4.18
CA PHE A 218 -6.63 -43.35 -5.61
C PHE A 218 -7.29 -44.69 -5.95
N GLU A 219 -8.38 -44.64 -6.70
CA GLU A 219 -9.02 -45.87 -7.16
C GLU A 219 -8.20 -46.49 -8.29
N ASP A 220 -8.29 -47.81 -8.43
CA ASP A 220 -7.49 -48.53 -9.41
C ASP A 220 -8.08 -48.38 -10.80
N VAL A 221 -7.88 -47.20 -11.40
CA VAL A 221 -8.45 -46.90 -12.70
C VAL A 221 -7.95 -47.85 -13.79
N LYS A 222 -6.67 -48.22 -13.73
CA LYS A 222 -6.10 -49.12 -14.73
C LYS A 222 -6.79 -50.48 -14.73
N LEU A 223 -7.06 -51.01 -13.54
CA LEU A 223 -7.76 -52.29 -13.43
C LEU A 223 -9.17 -52.17 -13.97
N LEU A 224 -9.86 -51.09 -13.59
CA LEU A 224 -11.20 -50.83 -14.09
C LEU A 224 -11.22 -50.80 -15.61
N ASN A 225 -10.22 -50.15 -16.20
CA ASN A 225 -10.10 -50.09 -17.65
C ASN A 225 -9.88 -51.47 -18.24
N ASP A 226 -9.00 -52.25 -17.63
CA ASP A 226 -8.68 -53.59 -18.13
C ASP A 226 -9.91 -54.49 -18.14
N LEU A 227 -10.64 -54.51 -17.03
CA LEU A 227 -11.84 -55.33 -16.91
C LEU A 227 -12.94 -54.87 -17.85
N LEU A 228 -13.07 -53.55 -18.01
CA LEU A 228 -14.15 -52.98 -18.81
C LEU A 228 -13.91 -53.20 -20.30
N VAL A 229 -12.64 -53.23 -20.70
CA VAL A 229 -12.30 -53.52 -22.08
C VAL A 229 -12.70 -54.95 -22.43
N GLU A 230 -12.49 -55.86 -21.49
CA GLU A 230 -12.89 -57.25 -21.68
C GLU A 230 -14.40 -57.37 -21.83
N LYS A 231 -15.12 -56.75 -20.89
CA LYS A 231 -16.58 -56.79 -20.92
C LYS A 231 -17.13 -56.15 -22.19
N ASN A 232 -16.42 -55.16 -22.70
CA ASN A 232 -16.85 -54.48 -23.93
C ASN A 232 -16.78 -55.41 -25.14
N LYS A 233 -15.81 -56.32 -25.14
CA LYS A 233 -15.67 -57.30 -26.21
C LYS A 233 -16.89 -58.21 -26.26
N GLU A 234 -17.43 -58.52 -25.09
CA GLU A 234 -18.61 -59.36 -24.98
C GLU A 234 -19.90 -58.61 -25.28
N THR A 235 -20.21 -57.62 -24.45
CA THR A 235 -21.49 -56.93 -24.51
C THR A 235 -21.68 -56.11 -25.80
N GLY A 236 -20.59 -55.60 -26.33
CA GLY A 236 -20.68 -54.76 -27.52
C GLY A 236 -21.04 -53.33 -27.16
N TRP A 237 -21.47 -53.12 -25.91
CA TRP A 237 -21.68 -51.77 -25.42
C TRP A 237 -20.32 -51.10 -25.36
N ASP A 238 -20.29 -49.79 -25.58
CA ASP A 238 -19.00 -49.09 -25.54
C ASP A 238 -18.91 -48.24 -24.27
N THR A 239 -19.03 -48.92 -23.13
CA THR A 239 -19.05 -48.24 -21.84
C THR A 239 -17.75 -47.50 -21.57
N PRO A 240 -17.85 -46.17 -21.34
CA PRO A 240 -16.71 -45.29 -21.13
C PRO A 240 -16.38 -45.12 -19.66
N ILE A 241 -15.18 -44.62 -19.37
CA ILE A 241 -14.79 -44.28 -18.02
C ILE A 241 -14.61 -42.78 -17.86
N HIS A 242 -15.11 -42.24 -16.76
CA HIS A 242 -14.79 -40.86 -16.39
C HIS A 242 -14.01 -40.86 -15.09
N VAL A 243 -12.91 -40.11 -15.05
CA VAL A 243 -12.10 -40.02 -13.85
C VAL A 243 -12.35 -38.70 -13.13
N ASP A 244 -12.92 -38.77 -11.94
CA ASP A 244 -13.08 -37.60 -11.10
C ASP A 244 -11.76 -37.35 -10.37
N ALA A 245 -10.92 -36.51 -10.95
CA ALA A 245 -9.62 -36.20 -10.37
C ALA A 245 -9.63 -34.83 -9.73
N ALA A 246 -10.75 -34.51 -9.07
CA ALA A 246 -10.91 -33.20 -8.44
C ALA A 246 -9.65 -32.75 -7.73
N SER A 247 -9.08 -33.63 -6.91
CA SER A 247 -7.86 -33.32 -6.17
C SER A 247 -6.64 -34.02 -6.77
N GLY A 248 -6.75 -35.34 -6.96
CA GLY A 248 -5.64 -36.14 -7.45
C GLY A 248 -5.09 -35.71 -8.80
N GLY A 249 -5.88 -34.95 -9.56
CA GLY A 249 -5.48 -34.53 -10.88
C GLY A 249 -4.22 -33.69 -10.93
N PHE A 250 -3.99 -32.92 -9.86
CA PHE A 250 -2.79 -32.08 -9.79
C PHE A 250 -1.76 -32.66 -8.85
N ILE A 251 -1.88 -33.95 -8.56
CA ILE A 251 -0.95 -34.62 -7.65
C ILE A 251 -0.22 -35.77 -8.36
N ALA A 252 -0.99 -36.64 -9.00
CA ALA A 252 -0.43 -37.78 -9.70
C ALA A 252 0.62 -37.39 -10.75
N PRO A 253 0.32 -36.41 -11.60
CA PRO A 253 1.25 -36.06 -12.67
C PRO A 253 2.64 -35.66 -12.15
N PHE A 254 2.72 -35.28 -10.88
CA PHE A 254 3.96 -34.77 -10.32
C PHE A 254 4.63 -35.71 -9.31
N LEU A 255 3.82 -36.41 -8.53
CA LEU A 255 4.35 -37.38 -7.58
C LEU A 255 4.44 -38.79 -8.17
N TYR A 256 3.42 -39.16 -8.94
CA TYR A 256 3.33 -40.52 -9.46
C TYR A 256 3.08 -40.54 -10.97
N PRO A 257 4.04 -40.01 -11.76
N PRO A 257 4.05 -40.04 -11.76
CA PRO A 257 3.89 -39.84 -13.20
CA PRO A 257 3.94 -40.04 -13.22
C PRO A 257 3.57 -41.14 -13.93
C PRO A 257 3.92 -41.47 -13.76
N GLU A 258 4.16 -42.24 -13.50
N GLU A 258 4.35 -42.43 -12.94
CA GLU A 258 4.00 -43.52 -14.19
CA GLU A 258 4.38 -43.83 -13.34
C GLU A 258 2.69 -44.24 -13.87
C GLU A 258 2.97 -44.39 -13.41
N LEU A 259 2.01 -43.79 -12.82
N LEU A 259 2.09 -43.86 -12.57
CA LEU A 259 0.71 -44.34 -12.46
CA LEU A 259 0.71 -44.35 -12.47
C LEU A 259 -0.31 -44.09 -13.57
C LEU A 259 -0.11 -44.06 -13.72
N GLU A 260 -0.63 -45.12 -14.35
CA GLU A 260 -1.54 -44.97 -15.48
C GLU A 260 -2.98 -44.87 -15.00
N TRP A 261 -3.55 -43.67 -15.12
CA TRP A 261 -4.90 -43.40 -14.63
C TRP A 261 -5.64 -42.50 -15.59
N ASP A 262 -4.90 -41.87 -16.50
CA ASP A 262 -5.44 -40.83 -17.36
C ASP A 262 -5.78 -41.33 -18.77
N PHE A 263 -5.62 -40.46 -19.75
CA PHE A 263 -5.95 -40.78 -21.13
C PHE A 263 -5.04 -41.84 -21.73
N ARG A 264 -4.02 -42.24 -20.99
CA ARG A 264 -3.18 -43.35 -21.39
C ARG A 264 -4.04 -44.62 -21.44
N LEU A 265 -5.08 -44.65 -20.61
CA LEU A 265 -6.06 -45.72 -20.62
C LEU A 265 -7.12 -45.43 -21.67
N PRO A 266 -7.30 -46.36 -22.63
CA PRO A 266 -8.17 -46.17 -23.80
C PRO A 266 -9.62 -45.83 -23.45
N LEU A 267 -10.13 -46.38 -22.35
CA LEU A 267 -11.54 -46.20 -22.01
C LEU A 267 -11.85 -44.89 -21.29
N VAL A 268 -10.81 -44.20 -20.82
CA VAL A 268 -11.00 -42.91 -20.17
C VAL A 268 -11.36 -41.86 -21.20
N LYS A 269 -12.60 -41.38 -21.16
CA LYS A 269 -13.10 -40.47 -22.19
C LYS A 269 -13.12 -39.01 -21.74
N SER A 270 -13.18 -38.79 -20.44
CA SER A 270 -13.16 -37.44 -19.89
C SER A 270 -12.66 -37.40 -18.46
N ILE A 271 -12.03 -36.29 -18.09
CA ILE A 271 -11.46 -36.11 -16.76
C ILE A 271 -11.80 -34.73 -16.21
N ASN A 272 -12.14 -34.67 -14.93
CA ASN A 272 -12.34 -33.39 -14.26
C ASN A 272 -11.29 -33.16 -13.17
N VAL A 273 -10.95 -31.91 -12.93
CA VAL A 273 -9.97 -31.57 -11.92
C VAL A 273 -10.28 -30.18 -11.38
N SER A 274 -10.05 -29.98 -10.09
CA SER A 274 -10.30 -28.69 -9.46
C SER A 274 -9.03 -27.87 -9.37
N GLY A 275 -9.01 -26.74 -10.07
CA GLY A 275 -7.88 -25.84 -10.00
C GLY A 275 -7.70 -25.25 -8.62
N HIS A 276 -8.81 -25.05 -7.92
CA HIS A 276 -8.79 -24.44 -6.60
C HIS A 276 -8.51 -25.44 -5.48
N TYR A 278 -5.72 -28.77 -5.55
CA TYR A 278 -4.27 -28.86 -5.65
C TYR A 278 -3.74 -28.19 -6.92
N GLY A 279 -4.61 -27.46 -7.60
CA GLY A 279 -4.20 -26.63 -8.72
C GLY A 279 -3.58 -25.35 -8.18
N LEU A 280 -3.71 -25.16 -6.87
CA LEU A 280 -3.05 -24.06 -6.15
C LEU A 280 -3.64 -22.69 -6.49
N VAL A 281 -4.95 -22.63 -6.69
CA VAL A 281 -5.62 -21.37 -6.95
C VAL A 281 -6.71 -21.16 -5.90
N TYR A 282 -7.06 -19.91 -5.63
CA TYR A 282 -8.18 -19.61 -4.74
C TYR A 282 -9.47 -20.21 -5.30
N ALA A 283 -10.45 -20.42 -4.44
CA ALA A 283 -11.72 -21.01 -4.85
C ALA A 283 -12.34 -20.29 -6.05
N GLY A 284 -12.84 -21.07 -7.00
CA GLY A 284 -13.55 -20.51 -8.14
C GLY A 284 -13.05 -20.95 -9.51
N ILE A 285 -12.36 -22.08 -9.56
CA ILE A 285 -11.85 -22.59 -10.84
C ILE A 285 -11.77 -24.12 -10.90
N GLY A 286 -12.35 -24.67 -11.98
CA GLY A 286 -12.31 -26.09 -12.23
C GLY A 286 -12.06 -26.35 -13.71
N TRP A 287 -11.81 -27.61 -14.07
CA TRP A 287 -11.52 -27.97 -15.45
C TRP A 287 -12.10 -29.32 -15.82
N VAL A 288 -12.48 -29.46 -17.09
CA VAL A 288 -12.90 -30.75 -17.62
C VAL A 288 -12.32 -30.97 -19.00
N ILE A 289 -11.66 -32.11 -19.19
CA ILE A 289 -11.01 -32.43 -20.44
C ILE A 289 -11.67 -33.62 -21.11
N TRP A 290 -11.79 -33.57 -22.43
CA TRP A 290 -12.31 -34.70 -23.19
C TRP A 290 -11.22 -35.33 -24.06
N ARG A 291 -11.23 -36.65 -24.14
CA ARG A 291 -10.20 -37.37 -24.87
C ARG A 291 -10.10 -36.91 -26.33
N ASN A 292 -11.24 -36.85 -27.00
CA ASN A 292 -11.31 -36.42 -28.39
C ASN A 292 -12.54 -35.58 -28.63
N LYS A 293 -12.59 -34.91 -29.78
CA LYS A 293 -13.73 -34.07 -30.11
C LYS A 293 -15.03 -34.87 -30.13
N GLU A 294 -14.92 -36.15 -30.48
CA GLU A 294 -16.10 -37.01 -30.61
C GLU A 294 -16.80 -37.26 -29.28
N ASP A 295 -16.08 -37.05 -28.17
CA ASP A 295 -16.62 -37.31 -26.85
C ASP A 295 -17.48 -36.16 -26.33
N LEU A 296 -17.48 -35.06 -27.05
CA LEU A 296 -18.31 -33.91 -26.71
C LEU A 296 -19.29 -33.65 -27.85
N PRO A 297 -20.51 -34.18 -27.73
CA PRO A 297 -21.55 -34.01 -28.76
C PRO A 297 -21.68 -32.55 -29.16
N GLU A 298 -21.63 -32.29 -30.47
CA GLU A 298 -21.62 -30.93 -30.99
C GLU A 298 -22.90 -30.15 -30.67
N GLU A 299 -24.01 -30.85 -30.49
CA GLU A 299 -25.28 -30.18 -30.24
C GLU A 299 -25.40 -29.63 -28.83
N LEU A 300 -24.41 -29.92 -27.98
CA LEU A 300 -24.38 -29.37 -26.63
C LEU A 300 -23.73 -27.98 -26.62
N ILE A 301 -23.04 -27.66 -27.71
CA ILE A 301 -22.31 -26.39 -27.81
C ILE A 301 -23.16 -25.27 -28.38
N PHE A 302 -23.07 -24.10 -27.78
CA PHE A 302 -23.82 -22.93 -28.25
C PHE A 302 -22.89 -21.89 -28.87
N HIS A 303 -23.45 -21.05 -29.75
CA HIS A 303 -22.73 -19.95 -30.37
C HIS A 303 -23.58 -18.69 -30.35
N ILE A 304 -23.24 -17.77 -29.45
CA ILE A 304 -24.00 -16.52 -29.28
C ILE A 304 -23.32 -15.39 -30.04
N ASN A 305 -24.04 -14.28 -30.23
CA ASN A 305 -23.46 -13.14 -30.95
C ASN A 305 -24.02 -11.77 -30.58
N TYR A 306 -24.61 -11.65 -29.40
CA TYR A 306 -25.18 -10.37 -28.99
C TYR A 306 -24.19 -9.49 -28.21
N LEU A 307 -22.97 -9.99 -28.05
CA LEU A 307 -21.93 -9.25 -27.34
C LEU A 307 -20.82 -8.77 -28.27
N GLY A 308 -20.81 -9.26 -29.50
CA GLY A 308 -19.81 -8.86 -30.47
C GLY A 308 -19.62 -9.83 -31.62
N ALA A 309 -19.42 -11.10 -31.29
CA ALA A 309 -19.22 -12.14 -32.29
C ALA A 309 -19.66 -13.51 -31.77
N ASP A 310 -19.44 -14.54 -32.59
CA ASP A 310 -19.84 -15.90 -32.22
C ASP A 310 -18.78 -16.59 -31.35
N GLN A 311 -19.26 -17.28 -30.31
CA GLN A 311 -18.36 -17.96 -29.37
C GLN A 311 -18.88 -19.33 -28.96
N PRO A 312 -17.99 -20.34 -28.98
CA PRO A 312 -18.31 -21.75 -28.67
C PRO A 312 -18.36 -22.04 -27.17
N THR A 313 -19.51 -21.82 -26.55
CA THR A 313 -19.62 -21.99 -25.11
C THR A 313 -20.31 -23.30 -24.71
N PHE A 314 -19.76 -23.97 -23.70
CA PHE A 314 -20.39 -25.14 -23.12
C PHE A 314 -20.26 -25.10 -21.59
N THR A 315 -21.13 -24.33 -20.94
CA THR A 315 -21.11 -24.20 -19.49
C THR A 315 -22.52 -23.97 -18.94
N LEU A 316 -22.71 -24.29 -17.67
CA LEU A 316 -23.99 -24.05 -17.01
C LEU A 316 -24.03 -22.61 -16.50
N ASN A 317 -22.87 -21.98 -16.43
CA ASN A 317 -22.77 -20.60 -16.00
C ASN A 317 -22.57 -19.66 -17.19
N PHE A 318 -22.74 -18.36 -16.95
CA PHE A 318 -22.52 -17.36 -17.99
C PHE A 318 -21.51 -16.33 -17.49
N SER A 319 -22.01 -15.22 -16.96
CA SER A 319 -21.14 -14.21 -16.37
C SER A 319 -20.45 -14.77 -15.13
N LYS A 320 -19.16 -14.48 -15.00
CA LYS A 320 -18.38 -14.91 -13.85
C LYS A 320 -17.02 -14.24 -13.89
N GLY A 321 -16.36 -14.21 -12.73
CA GLY A 321 -15.03 -13.62 -12.66
C GLY A 321 -14.04 -14.37 -13.52
N SER A 322 -13.06 -13.65 -14.05
CA SER A 322 -12.01 -14.26 -14.86
C SER A 322 -10.68 -14.29 -14.12
N SER A 323 -10.71 -13.84 -12.86
CA SER A 323 -9.50 -13.76 -12.06
C SER A 323 -8.90 -15.14 -11.77
N GLN A 324 -9.74 -16.13 -11.50
CA GLN A 324 -9.25 -17.47 -11.20
C GLN A 324 -8.62 -18.12 -12.43
N VAL A 325 -9.18 -17.86 -13.60
CA VAL A 325 -8.61 -18.37 -14.84
C VAL A 325 -7.20 -17.82 -15.02
N ILE A 326 -7.07 -16.51 -14.91
CA ILE A 326 -5.78 -15.85 -14.99
C ILE A 326 -4.82 -16.35 -13.92
N ALA A 327 -5.34 -16.50 -12.69
CA ALA A 327 -4.55 -17.01 -11.59
C ALA A 327 -4.02 -18.40 -11.88
N GLN A 328 -4.85 -19.24 -12.50
CA GLN A 328 -4.45 -20.60 -12.86
C GLN A 328 -3.29 -20.58 -13.85
N TYR A 329 -3.42 -19.75 -14.88
CA TYR A 329 -2.37 -19.65 -15.89
C TYR A 329 -1.07 -19.17 -15.26
N TYR A 330 -1.18 -18.22 -14.33
CA TYR A 330 -0.01 -17.74 -13.61
C TYR A 330 0.69 -18.89 -12.91
N GLN A 331 -0.04 -19.64 -12.10
CA GLN A 331 0.52 -20.78 -11.38
C GLN A 331 1.19 -21.76 -12.34
N LEU A 332 0.54 -22.04 -13.46
CA LEU A 332 1.05 -23.02 -14.41
C LEU A 332 2.42 -22.62 -14.97
N ILE A 333 2.52 -21.41 -15.52
CA ILE A 333 3.77 -20.98 -16.17
C ILE A 333 4.82 -20.50 -15.18
N ARG A 334 4.38 -20.11 -13.98
CA ARG A 334 5.30 -19.64 -12.95
C ARG A 334 5.96 -20.80 -12.21
N LEU A 335 5.17 -21.82 -11.89
CA LEU A 335 5.67 -22.98 -11.15
C LEU A 335 6.25 -24.04 -12.09
N GLY A 336 5.52 -24.36 -13.15
CA GLY A 336 5.93 -25.43 -14.04
C GLY A 336 5.90 -26.76 -13.33
N HIS A 337 6.37 -27.81 -14.01
CA HIS A 337 6.46 -29.13 -13.40
C HIS A 337 7.26 -29.06 -12.10
N GLU A 338 8.39 -28.36 -12.15
CA GLU A 338 9.31 -28.24 -11.02
C GLU A 338 8.61 -27.72 -9.77
N GLY A 339 7.93 -26.59 -9.91
CA GLY A 339 7.25 -25.97 -8.78
C GLY A 339 6.18 -26.84 -8.18
N TYR A 340 5.31 -27.40 -9.02
CA TYR A 340 4.24 -28.27 -8.55
C TYR A 340 4.78 -29.51 -7.86
N ARG A 341 5.86 -30.09 -8.38
CA ARG A 341 6.47 -31.26 -7.77
C ARG A 341 6.96 -30.89 -6.38
N ASN A 342 7.64 -29.76 -6.27
CA ASN A 342 8.16 -29.28 -5.00
C ASN A 342 7.06 -29.08 -3.97
N VAL A 343 5.97 -28.47 -4.39
CA VAL A 343 4.84 -28.24 -3.48
C VAL A 343 4.21 -29.55 -3.02
N MET A 344 4.01 -30.48 -3.95
CA MET A 344 3.42 -31.77 -3.61
C MET A 344 4.33 -32.60 -2.72
N GLU A 345 5.63 -32.57 -3.01
CA GLU A 345 6.60 -33.28 -2.19
C GLU A 345 6.58 -32.75 -0.77
N ASN A 346 6.50 -31.43 -0.63
CA ASN A 346 6.39 -30.80 0.68
C ASN A 346 5.13 -31.23 1.40
N CYS A 347 4.03 -31.32 0.65
CA CYS A 347 2.75 -31.75 1.22
C CYS A 347 2.80 -33.21 1.67
N ARG A 348 3.41 -34.05 0.84
CA ARG A 348 3.55 -35.47 1.15
C ARG A 348 4.43 -35.65 2.39
N GLU A 349 5.51 -34.90 2.45
CA GLU A 349 6.44 -34.96 3.58
C GLU A 349 5.71 -34.63 4.88
N ASN A 350 4.93 -33.55 4.87
CA ASN A 350 4.18 -33.15 6.04
C ASN A 350 3.11 -34.16 6.44
N MET A 351 2.57 -34.88 5.46
CA MET A 351 1.62 -35.94 5.74
C MET A 351 2.28 -37.03 6.56
N ILE A 352 3.48 -37.43 6.14
CA ILE A 352 4.25 -38.45 6.84
C ILE A 352 4.54 -38.03 8.27
N VAL A 353 4.98 -36.78 8.44
CA VAL A 353 5.28 -36.24 9.76
C VAL A 353 4.06 -36.32 10.68
N LEU A 354 2.90 -35.97 10.15
CA LEU A 354 1.66 -36.01 10.91
C LEU A 354 1.22 -37.45 11.16
N ARG A 355 1.40 -38.30 10.15
CA ARG A 355 1.04 -39.71 10.27
C ARG A 355 1.83 -40.38 11.40
N GLU A 356 3.15 -40.21 11.36
CA GLU A 356 4.03 -40.80 12.37
C GLU A 356 3.65 -40.34 13.78
N GLY A 357 3.51 -39.03 13.95
CA GLY A 357 3.15 -38.46 15.24
C GLY A 357 1.90 -39.09 15.83
N LEU A 358 0.97 -39.47 14.96
CA LEU A 358 -0.27 -40.10 15.41
C LEU A 358 -0.08 -41.58 15.70
N GLU A 359 0.83 -42.22 14.96
CA GLU A 359 1.16 -43.62 15.18
C GLU A 359 1.90 -43.77 16.51
N LYS A 360 2.74 -42.79 16.82
CA LYS A 360 3.57 -42.82 18.02
C LYS A 360 2.72 -42.84 19.29
N THR A 361 1.49 -42.33 19.20
CA THR A 361 0.60 -42.30 20.36
C THR A 361 -0.12 -43.63 20.53
N GLU A 362 -0.11 -44.44 19.47
CA GLU A 362 -0.75 -45.76 19.50
C GLU A 362 -2.20 -45.69 19.93
N ARG A 363 -2.82 -44.53 19.69
CA ARG A 363 -4.22 -44.32 20.06
C ARG A 363 -5.15 -44.47 18.85
N PHE A 364 -4.56 -44.42 17.65
CA PHE A 364 -5.37 -44.33 16.44
C PHE A 364 -5.09 -45.43 15.42
N ASN A 365 -6.05 -45.63 14.52
CA ASN A 365 -5.87 -46.48 13.34
C ASN A 365 -5.82 -45.63 12.08
N ILE A 366 -4.66 -45.59 11.43
CA ILE A 366 -4.53 -44.86 10.19
C ILE A 366 -5.34 -45.56 9.10
N VAL A 367 -6.40 -44.91 8.66
CA VAL A 367 -7.33 -45.52 7.71
C VAL A 367 -7.08 -45.03 6.28
N SER A 368 -6.08 -44.16 6.12
CA SER A 368 -5.70 -43.68 4.79
C SER A 368 -4.39 -44.32 4.36
N LYS A 369 -4.11 -44.29 3.07
CA LYS A 369 -2.93 -44.97 2.51
C LYS A 369 -1.67 -44.12 2.57
N ASP A 370 -0.54 -44.73 2.23
CA ASP A 370 0.74 -44.03 2.23
C ASP A 370 0.85 -43.10 1.04
N GLU A 371 0.36 -43.54 -0.11
CA GLU A 371 0.39 -42.73 -1.32
C GLU A 371 -1.03 -42.37 -1.76
N GLY A 372 -1.15 -41.24 -2.44
CA GLY A 372 -2.44 -40.72 -2.84
C GLY A 372 -2.52 -39.24 -2.50
N VAL A 373 -3.71 -38.77 -2.16
CA VAL A 373 -3.89 -37.39 -1.74
C VAL A 373 -3.17 -37.14 -0.42
N PRO A 374 -2.37 -36.06 -0.34
CA PRO A 374 -1.67 -35.70 0.89
C PRO A 374 -2.64 -35.35 2.02
N LEU A 375 -3.06 -36.38 2.76
CA LEU A 375 -3.93 -36.18 3.90
C LEU A 375 -3.81 -37.36 4.85
N VAL A 376 -4.38 -37.23 6.03
CA VAL A 376 -4.38 -38.32 7.00
C VAL A 376 -5.77 -38.53 7.57
N ALA A 377 -6.33 -39.72 7.34
CA ALA A 377 -7.60 -40.09 7.92
C ALA A 377 -7.35 -41.20 8.95
N PHE A 378 -7.88 -41.03 10.15
CA PHE A 378 -7.62 -41.96 11.24
C PHE A 378 -8.81 -42.13 12.17
N SER A 379 -8.90 -43.30 12.79
CA SER A 379 -9.97 -43.60 13.76
C SER A 379 -9.38 -43.89 15.12
N LEU A 380 -10.23 -43.81 16.14
CA LEU A 380 -9.82 -44.14 17.50
C LEU A 380 -9.83 -45.64 17.73
N LYS A 381 -8.71 -46.18 18.19
CA LYS A 381 -8.69 -47.55 18.70
C LYS A 381 -9.57 -47.55 19.94
N ASP A 382 -10.62 -48.36 19.93
CA ASP A 382 -11.52 -48.43 21.09
C ASP A 382 -12.27 -47.11 21.26
N SER A 383 -13.34 -46.94 20.49
CA SER A 383 -14.15 -45.72 20.54
C SER A 383 -15.19 -45.80 21.67
N SER A 384 -14.75 -46.28 22.83
CA SER A 384 -15.67 -46.51 23.94
C SER A 384 -15.99 -45.24 24.71
N CYS A 385 -15.06 -44.80 25.57
CA CYS A 385 -15.31 -43.65 26.44
C CYS A 385 -15.32 -42.31 25.71
N HIS A 386 -14.68 -42.25 24.55
CA HIS A 386 -14.61 -41.01 23.79
C HIS A 386 -14.74 -41.23 22.28
N THR A 387 -15.45 -40.31 21.62
CA THR A 387 -15.65 -40.39 20.18
C THR A 387 -14.77 -39.39 19.44
N GLU A 388 -14.60 -39.61 18.14
CA GLU A 388 -13.80 -38.71 17.31
C GLU A 388 -14.42 -37.32 17.24
N PHE A 389 -15.73 -37.24 17.41
CA PHE A 389 -16.43 -35.97 17.39
C PHE A 389 -16.01 -35.09 18.56
N GLU A 390 -15.75 -35.70 19.71
CA GLU A 390 -15.29 -34.99 20.88
C GLU A 390 -13.93 -34.36 20.62
N ILE A 391 -13.05 -35.12 19.96
CA ILE A 391 -11.72 -34.63 19.63
C ILE A 391 -11.79 -33.46 18.65
N SER A 392 -12.74 -33.53 17.72
CA SER A 392 -12.94 -32.45 16.76
C SER A 392 -13.35 -31.16 17.45
N ASP A 393 -14.29 -31.25 18.38
CA ASP A 393 -14.76 -30.10 19.13
C ASP A 393 -13.65 -29.52 19.99
N MET A 394 -12.90 -30.40 20.65
CA MET A 394 -11.82 -29.98 21.54
C MET A 394 -10.79 -29.14 20.80
N LEU A 395 -10.42 -29.59 19.61
CA LEU A 395 -9.41 -28.91 18.80
C LEU A 395 -9.85 -27.51 18.36
N ARG A 396 -11.16 -27.31 18.22
CA ARG A 396 -11.71 -26.01 17.85
C ARG A 396 -11.19 -24.90 18.76
N ARG A 397 -11.00 -25.23 20.03
CA ARG A 397 -10.56 -24.25 21.02
C ARG A 397 -9.18 -23.67 20.68
N TYR A 398 -8.33 -24.49 20.07
CA TYR A 398 -6.99 -24.06 19.71
C TYR A 398 -6.98 -23.34 18.36
N GLY A 399 -8.07 -23.45 17.62
CA GLY A 399 -8.19 -22.80 16.33
C GLY A 399 -8.12 -23.76 15.17
N TRP A 400 -7.81 -25.02 15.46
CA TRP A 400 -7.76 -26.05 14.43
C TRP A 400 -9.16 -26.49 14.05
N ILE A 401 -9.38 -26.66 12.74
CA ILE A 401 -10.63 -27.23 12.27
C ILE A 401 -10.36 -28.60 11.66
N VAL A 402 -10.67 -29.64 12.43
CA VAL A 402 -10.46 -31.02 12.00
C VAL A 402 -11.78 -31.78 12.09
N PRO A 403 -12.30 -32.24 10.94
CA PRO A 403 -13.65 -32.81 10.86
C PRO A 403 -13.70 -34.26 11.29
N ALA A 404 -14.87 -34.68 11.78
CA ALA A 404 -15.14 -36.08 12.04
C ALA A 404 -16.39 -36.49 11.28
N TYR A 405 -16.40 -37.70 10.73
CA TYR A 405 -17.53 -38.17 9.95
C TYR A 405 -17.57 -39.69 9.87
N THR A 406 -18.76 -40.22 9.61
CA THR A 406 -18.95 -41.66 9.50
C THR A 406 -18.90 -42.09 8.04
N MET A 407 -18.26 -43.21 7.77
CA MET A 407 -18.17 -43.74 6.42
C MET A 407 -19.54 -44.08 5.86
N PRO A 408 -19.65 -44.14 4.52
CA PRO A 408 -20.86 -44.61 3.84
C PRO A 408 -21.01 -46.12 4.00
N PRO A 409 -22.20 -46.66 3.76
CA PRO A 409 -22.44 -48.10 3.86
C PRO A 409 -21.55 -48.87 2.88
N ASN A 410 -21.19 -50.10 3.21
CA ASN A 410 -21.62 -50.74 4.46
C ASN A 410 -20.58 -50.58 5.56
N ALA A 411 -20.22 -49.33 5.86
CA ALA A 411 -19.23 -49.05 6.88
C ALA A 411 -19.65 -47.84 7.71
N GLN A 412 -20.96 -47.69 7.89
CA GLN A 412 -21.52 -46.57 8.63
C GLN A 412 -21.17 -46.66 10.12
N HIS A 413 -20.42 -47.70 10.48
CA HIS A 413 -19.99 -47.87 11.87
C HIS A 413 -18.58 -47.29 12.08
N ILE A 414 -17.85 -47.12 10.98
CA ILE A 414 -16.51 -46.56 11.03
C ILE A 414 -16.55 -45.04 11.04
N THR A 415 -15.92 -44.43 12.04
CA THR A 415 -15.86 -42.98 12.15
C THR A 415 -14.41 -42.50 12.15
N VAL A 416 -14.11 -41.51 11.31
CA VAL A 416 -12.74 -41.06 11.14
C VAL A 416 -12.53 -39.55 11.30
N LEU A 417 -11.30 -39.18 11.60
CA LEU A 417 -10.88 -37.78 11.58
C LEU A 417 -10.03 -37.60 10.33
N ARG A 418 -10.15 -36.45 9.69
CA ARG A 418 -9.38 -36.19 8.47
C ARG A 418 -8.61 -34.88 8.57
N VAL A 419 -7.34 -34.93 8.20
CA VAL A 419 -6.53 -33.72 8.12
C VAL A 419 -5.96 -33.60 6.70
N VAL A 420 -6.43 -32.59 5.97
CA VAL A 420 -5.91 -32.34 4.64
C VAL A 420 -4.66 -31.47 4.71
N ILE A 421 -3.59 -31.92 4.06
CA ILE A 421 -2.35 -31.16 3.98
C ILE A 421 -2.29 -30.36 2.67
N ARG A 422 -2.38 -29.05 2.78
CA ARG A 422 -2.35 -28.19 1.59
C ARG A 422 -1.00 -27.50 1.41
N GLU A 423 -0.89 -26.71 0.35
CA GLU A 423 0.35 -26.04 0.01
C GLU A 423 0.90 -25.16 1.15
N ASP A 424 0.00 -24.47 1.84
CA ASP A 424 0.39 -23.50 2.86
C ASP A 424 0.41 -24.08 4.27
N PHE A 425 0.65 -25.38 4.37
CA PHE A 425 0.73 -26.05 5.67
C PHE A 425 2.16 -26.50 5.94
N SER A 426 2.90 -25.67 6.65
CA SER A 426 4.32 -25.92 6.91
C SER A 426 4.57 -26.96 7.99
N ARG A 427 5.82 -27.36 8.14
CA ARG A 427 6.21 -28.33 9.16
C ARG A 427 5.94 -27.80 10.56
N THR A 428 6.07 -26.49 10.72
CA THR A 428 5.84 -25.83 12.00
C THR A 428 4.42 -26.09 12.48
N LEU A 429 3.46 -25.93 11.57
CA LEU A 429 2.06 -26.17 11.88
C LEU A 429 1.78 -27.65 12.09
N ALA A 430 2.40 -28.49 11.26
CA ALA A 430 2.24 -29.93 11.37
C ALA A 430 2.62 -30.42 12.77
N GLU A 431 3.77 -29.94 13.25
CA GLU A 431 4.27 -30.36 14.56
C GLU A 431 3.42 -29.82 15.71
N ARG A 432 2.91 -28.61 15.55
CA ARG A 432 2.02 -28.03 16.56
C ARG A 432 0.68 -28.76 16.61
N LEU A 433 0.27 -29.31 15.48
CA LEU A 433 -0.98 -30.05 15.40
C LEU A 433 -0.87 -31.34 16.21
N VAL A 434 0.23 -32.05 16.02
CA VAL A 434 0.48 -33.29 16.76
C VAL A 434 0.47 -33.03 18.26
N ILE A 435 1.18 -32.00 18.68
CA ILE A 435 1.26 -31.64 20.09
C ILE A 435 -0.13 -31.33 20.67
N ASP A 436 -0.91 -30.55 19.93
CA ASP A 436 -2.24 -30.15 20.39
C ASP A 436 -3.22 -31.30 20.39
N ILE A 437 -2.99 -32.28 19.52
CA ILE A 437 -3.83 -33.47 19.49
C ILE A 437 -3.55 -34.33 20.72
N GLU A 438 -2.28 -34.40 21.11
CA GLU A 438 -1.89 -35.12 22.31
C GLU A 438 -2.48 -34.46 23.56
N LYS A 439 -2.43 -33.14 23.59
CA LYS A 439 -3.02 -32.38 24.71
C LYS A 439 -4.50 -32.69 24.84
N VAL A 440 -5.19 -32.77 23.71
CA VAL A 440 -6.63 -33.03 23.70
C VAL A 440 -6.94 -34.44 24.23
N MET A 441 -6.06 -35.39 23.92
CA MET A 441 -6.24 -36.76 24.39
C MET A 441 -6.10 -36.86 25.90
N ARG A 442 -5.19 -36.07 26.46
CA ARG A 442 -5.01 -36.03 27.91
C ARG A 442 -6.22 -35.41 28.60
N GLU A 443 -6.66 -34.26 28.11
CA GLU A 443 -7.83 -33.59 28.64
C GLU A 443 -9.04 -34.53 28.68
N LEU A 444 -9.02 -35.52 27.79
CA LEU A 444 -10.11 -36.48 27.71
C LEU A 444 -9.94 -37.62 28.71
N ASP A 445 -8.69 -37.97 29.00
CA ASP A 445 -8.40 -39.04 29.94
C ASP A 445 -8.86 -38.70 31.35
N GLU A 446 -9.26 -37.46 31.56
CA GLU A 446 -9.75 -37.00 32.87
C GLU A 446 -11.20 -36.54 32.81
N LEU A 447 -12.01 -37.24 32.01
CA LEU A 447 -13.42 -36.90 31.88
C LEU A 447 -14.31 -38.14 31.92
N PRO A 448 -15.59 -37.96 32.29
CA PRO A 448 -16.53 -39.08 32.42
C PRO A 448 -16.50 -40.02 31.22
N VAL B 12 23.39 -13.14 -10.63
CA VAL B 12 22.51 -14.08 -9.96
C VAL B 12 21.04 -13.82 -10.31
N SER B 13 20.36 -13.11 -9.42
CA SER B 13 18.96 -12.73 -9.64
C SER B 13 18.81 -11.23 -9.49
N VAL B 14 19.87 -10.50 -9.79
CA VAL B 14 19.89 -9.05 -9.63
C VAL B 14 19.33 -8.35 -10.86
N HIS B 15 19.09 -9.11 -11.91
CA HIS B 15 18.58 -8.55 -13.15
C HIS B 15 17.11 -8.13 -13.01
N SER B 16 16.77 -6.96 -13.56
CA SER B 16 15.39 -6.55 -13.66
C SER B 16 14.71 -7.45 -14.69
N THR B 17 13.39 -7.56 -14.62
CA THR B 17 12.66 -8.49 -15.47
C THR B 17 12.94 -8.26 -16.96
N PHE B 18 13.11 -6.99 -17.35
CA PHE B 18 13.32 -6.65 -18.75
C PHE B 18 14.79 -6.71 -19.17
N ALA B 19 15.67 -7.02 -18.22
CA ALA B 19 17.06 -7.25 -18.52
C ALA B 19 17.37 -8.74 -18.52
N SER B 20 16.39 -9.54 -18.07
CA SER B 20 16.56 -10.98 -17.98
C SER B 20 16.22 -11.69 -19.29
N ARG B 21 16.39 -13.01 -19.31
CA ARG B 21 16.15 -13.81 -20.51
C ARG B 21 14.73 -14.36 -20.56
N TYR B 22 13.89 -13.96 -19.60
CA TYR B 22 12.53 -14.44 -19.54
C TYR B 22 11.61 -13.65 -20.48
N VAL B 23 12.01 -12.43 -20.81
CA VAL B 23 11.25 -11.59 -21.72
C VAL B 23 11.63 -11.88 -23.17
N ARG B 24 12.51 -12.85 -23.37
CA ARG B 24 12.92 -13.25 -24.70
C ARG B 24 12.11 -14.45 -25.20
N THR B 25 11.42 -15.10 -24.27
CA THR B 25 10.55 -16.21 -24.62
C THR B 25 9.10 -15.80 -24.52
N SER B 26 8.29 -16.20 -25.50
CA SER B 26 6.86 -15.95 -25.44
C SER B 26 6.20 -16.96 -24.51
N LEU B 27 5.10 -16.56 -23.89
CA LEU B 27 4.40 -17.42 -22.93
C LEU B 27 3.89 -18.70 -23.57
N PRO B 28 4.05 -19.84 -22.87
CA PRO B 28 3.63 -21.17 -23.33
C PRO B 28 2.15 -21.20 -23.70
N ARG B 29 1.83 -21.84 -24.82
CA ARG B 29 0.45 -21.92 -25.29
C ARG B 29 -0.11 -23.33 -25.16
N PHE B 30 0.76 -24.33 -25.21
CA PHE B 30 0.31 -25.72 -25.29
C PHE B 30 0.78 -26.60 -24.13
N LYS B 31 2.10 -26.61 -23.90
CA LYS B 31 2.67 -27.45 -22.84
C LYS B 31 3.04 -26.67 -21.61
N MET B 32 2.84 -27.29 -20.45
CA MET B 32 3.28 -26.70 -19.18
C MET B 32 4.80 -26.74 -19.12
N PRO B 33 5.42 -25.61 -18.73
CA PRO B 33 6.89 -25.51 -18.64
C PRO B 33 7.46 -26.50 -17.65
N GLU B 34 8.67 -26.97 -17.89
CA GLU B 34 9.33 -27.91 -16.98
C GLU B 34 9.84 -27.23 -15.73
N ASN B 35 10.37 -26.01 -15.89
CA ASN B 35 11.00 -25.31 -14.78
C ASN B 35 10.26 -24.05 -14.33
N SER B 36 10.45 -23.67 -13.08
CA SER B 36 9.86 -22.46 -12.53
C SER B 36 10.55 -21.22 -13.09
N ILE B 37 9.85 -20.09 -13.07
CA ILE B 37 10.45 -18.81 -13.38
C ILE B 37 10.12 -17.84 -12.24
N PRO B 38 10.95 -16.80 -12.05
CA PRO B 38 10.76 -15.88 -10.94
C PRO B 38 9.35 -15.30 -10.92
N LYS B 39 8.79 -15.11 -9.73
CA LYS B 39 7.43 -14.60 -9.61
C LYS B 39 7.27 -13.23 -10.26
N GLU B 40 8.24 -12.35 -10.08
CA GLU B 40 8.20 -11.02 -10.68
C GLU B 40 8.13 -11.11 -12.20
N ALA B 41 8.85 -12.05 -12.78
CA ALA B 41 8.87 -12.23 -14.23
C ALA B 41 7.53 -12.72 -14.75
N ALA B 42 6.97 -13.75 -14.08
CA ALA B 42 5.69 -14.30 -14.48
C ALA B 42 4.59 -13.26 -14.37
N TYR B 43 4.64 -12.47 -13.30
CA TYR B 43 3.65 -11.40 -13.10
C TYR B 43 3.71 -10.40 -14.25
N GLN B 44 4.91 -9.97 -14.60
CA GLN B 44 5.09 -8.91 -15.58
C GLN B 44 4.60 -9.29 -16.96
N ILE B 45 5.02 -10.46 -17.43
CA ILE B 45 4.68 -10.90 -18.78
C ILE B 45 3.18 -11.16 -18.94
N ILE B 46 2.57 -11.77 -17.95
CA ILE B 46 1.12 -12.03 -17.98
C ILE B 46 0.36 -10.72 -17.88
N ASN B 47 0.80 -9.84 -17.00
CA ASN B 47 0.19 -8.52 -16.85
C ASN B 47 0.28 -7.72 -18.15
N ASP B 48 1.41 -7.84 -18.84
CA ASP B 48 1.64 -7.09 -20.07
C ASP B 48 0.74 -7.55 -21.20
N GLU B 49 0.60 -8.86 -21.37
CA GLU B 49 -0.25 -9.38 -22.44
C GLU B 49 -1.72 -9.05 -22.18
N LEU B 50 -2.10 -9.01 -20.91
CA LEU B 50 -3.45 -8.64 -20.51
C LEU B 50 -3.82 -7.21 -20.89
N MET B 51 -2.82 -6.39 -21.21
CA MET B 51 -3.06 -5.02 -21.61
C MET B 51 -3.77 -4.96 -22.95
N LEU B 52 -3.71 -6.06 -23.69
CA LEU B 52 -4.36 -6.13 -24.99
C LEU B 52 -5.84 -6.48 -24.86
N ASP B 53 -6.27 -6.72 -23.63
CA ASP B 53 -7.68 -6.81 -23.31
C ASP B 53 -8.27 -5.41 -23.36
N GLY B 54 -9.58 -5.32 -23.56
CA GLY B 54 -10.26 -4.03 -23.53
C GLY B 54 -10.35 -3.52 -22.11
N ASN B 55 -10.59 -2.23 -21.97
CA ASN B 55 -10.81 -1.64 -20.64
C ASN B 55 -12.26 -1.83 -20.22
N PRO B 56 -12.48 -2.61 -19.16
CA PRO B 56 -13.82 -2.91 -18.66
C PRO B 56 -14.66 -1.65 -18.49
N ARG B 57 -14.05 -0.59 -17.95
CA ARG B 57 -14.75 0.67 -17.71
C ARG B 57 -15.26 1.29 -19.02
N LEU B 58 -14.64 0.93 -20.14
CA LEU B 58 -15.04 1.46 -21.44
C LEU B 58 -15.86 0.45 -22.23
N ASN B 59 -16.07 -0.72 -21.64
CA ASN B 59 -16.87 -1.77 -22.25
C ASN B 59 -18.35 -1.48 -22.09
N LEU B 60 -18.96 -0.85 -23.09
CA LEU B 60 -20.37 -0.47 -23.01
C LEU B 60 -21.29 -1.58 -23.50
N ALA B 61 -20.70 -2.73 -23.79
CA ALA B 61 -21.46 -3.89 -24.25
C ALA B 61 -22.04 -4.66 -23.08
N SER B 62 -21.38 -4.56 -21.92
CA SER B 62 -21.70 -5.39 -20.77
C SER B 62 -22.69 -4.74 -19.81
N PHE B 63 -23.48 -5.57 -19.13
CA PHE B 63 -24.38 -5.12 -18.07
C PHE B 63 -23.70 -5.31 -16.72
N VAL B 64 -22.56 -5.97 -16.73
CA VAL B 64 -21.87 -6.34 -15.49
C VAL B 64 -21.06 -5.18 -14.90
N THR B 65 -21.20 -4.98 -13.59
CA THR B 65 -20.53 -3.92 -12.87
C THR B 65 -19.01 -4.00 -13.00
N THR B 66 -18.38 -2.85 -13.23
CA THR B 66 -16.95 -2.81 -13.49
C THR B 66 -16.21 -1.92 -12.50
N TRP B 67 -16.90 -1.49 -11.46
CA TRP B 67 -16.29 -0.65 -10.43
C TRP B 67 -16.96 -0.80 -9.07
N MET B 68 -16.14 -0.91 -8.03
CA MET B 68 -16.64 -0.91 -6.66
C MET B 68 -15.78 0.03 -5.81
N GLU B 69 -16.32 0.43 -4.66
CA GLU B 69 -15.57 1.27 -3.73
C GLU B 69 -14.33 0.54 -3.23
N PRO B 70 -13.23 1.28 -3.01
CA PRO B 70 -11.98 0.70 -2.49
C PRO B 70 -12.22 -0.07 -1.21
N GLU B 71 -13.12 0.42 -0.37
CA GLU B 71 -13.44 -0.27 0.88
C GLU B 71 -13.97 -1.67 0.60
N CYS B 72 -14.69 -1.81 -0.50
CA CYS B 72 -15.25 -3.10 -0.86
C CYS B 72 -14.21 -4.02 -1.48
N ASP B 73 -13.23 -3.41 -2.17
CA ASP B 73 -12.10 -4.18 -2.70
C ASP B 73 -11.36 -4.88 -1.56
N LYS B 74 -11.23 -4.21 -0.42
CA LYS B 74 -10.56 -4.79 0.74
C LYS B 74 -11.30 -6.01 1.27
N LEU B 75 -12.60 -5.88 1.47
CA LEU B 75 -13.41 -7.01 1.93
C LEU B 75 -13.22 -8.20 1.01
N ILE B 76 -13.27 -7.95 -0.29
CA ILE B 76 -13.08 -8.99 -1.29
C ILE B 76 -11.72 -9.66 -1.13
N MET B 77 -10.66 -8.85 -1.07
CA MET B 77 -9.31 -9.38 -0.93
C MET B 77 -9.12 -10.13 0.40
N SER B 78 -9.79 -9.66 1.44
CA SER B 78 -9.68 -10.28 2.76
C SER B 78 -10.33 -11.65 2.79
N SER B 79 -11.11 -11.97 1.76
CA SER B 79 -11.86 -13.22 1.76
C SER B 79 -11.80 -14.00 0.45
N ILE B 80 -10.80 -13.73 -0.38
CA ILE B 80 -10.64 -14.51 -1.62
C ILE B 80 -10.25 -15.95 -1.32
N ASN B 81 -9.81 -16.20 -0.09
CA ASN B 81 -9.43 -17.56 0.31
C ASN B 81 -10.51 -18.28 1.11
N LYS B 82 -11.64 -17.61 1.34
CA LYS B 82 -12.78 -18.24 2.00
C LYS B 82 -13.65 -18.98 1.00
N ASN B 83 -13.55 -20.31 0.99
CA ASN B 83 -14.42 -21.14 0.16
C ASN B 83 -15.84 -21.12 0.73
N TYR B 84 -16.78 -20.61 -0.04
CA TYR B 84 -18.14 -20.41 0.46
C TYR B 84 -18.79 -21.68 0.99
N VAL B 85 -18.56 -22.81 0.32
CA VAL B 85 -19.27 -24.05 0.62
C VAL B 85 -18.96 -24.59 2.02
N ASP B 86 -17.94 -24.05 2.66
CA ASP B 86 -17.56 -24.48 4.01
C ASP B 86 -18.44 -23.79 5.05
N MET B 87 -19.70 -24.19 5.11
CA MET B 87 -20.68 -23.57 6.02
C MET B 87 -20.27 -23.65 7.49
N ASP B 88 -19.85 -24.82 7.93
CA ASP B 88 -19.45 -25.02 9.33
C ASP B 88 -18.26 -24.14 9.71
N GLU B 89 -17.28 -24.07 8.81
CA GLU B 89 -16.07 -23.31 9.07
C GLU B 89 -16.31 -21.80 9.05
N TYR B 90 -17.19 -21.35 8.17
CA TYR B 90 -17.48 -19.93 8.03
C TYR B 90 -18.96 -19.63 8.24
N PRO B 91 -19.39 -19.63 9.51
CA PRO B 91 -20.80 -19.41 9.87
C PRO B 91 -21.31 -18.05 9.42
N VAL B 92 -20.51 -17.02 9.60
CA VAL B 92 -20.93 -15.65 9.30
C VAL B 92 -21.10 -15.44 7.79
N THR B 93 -20.17 -15.97 7.01
CA THR B 93 -20.27 -15.90 5.55
C THR B 93 -21.60 -16.48 5.07
N THR B 94 -21.99 -17.60 5.66
CA THR B 94 -23.25 -18.25 5.31
C THR B 94 -24.45 -17.40 5.72
N GLU B 95 -24.36 -16.77 6.89
CA GLU B 95 -25.44 -15.93 7.37
C GLU B 95 -25.66 -14.73 6.46
N LEU B 96 -24.57 -14.09 6.04
CA LEU B 96 -24.68 -12.94 5.14
C LEU B 96 -25.40 -13.32 3.84
N GLN B 97 -25.19 -14.54 3.38
CA GLN B 97 -25.88 -15.03 2.19
C GLN B 97 -27.37 -15.09 2.47
N ASN B 98 -27.73 -15.61 3.65
CA ASN B 98 -29.13 -15.70 4.06
C ASN B 98 -29.79 -14.33 4.17
N ARG B 99 -29.07 -13.39 4.75
CA ARG B 99 -29.57 -12.03 4.89
C ARG B 99 -29.84 -11.39 3.54
N CYS B 100 -28.95 -11.63 2.58
CA CYS B 100 -29.15 -11.13 1.22
C CYS B 100 -30.41 -11.70 0.61
N VAL B 101 -30.62 -13.00 0.80
CA VAL B 101 -31.83 -13.66 0.30
C VAL B 101 -33.06 -12.99 0.90
N ASN B 102 -33.04 -12.79 2.21
CA ASN B 102 -34.14 -12.13 2.91
C ASN B 102 -34.39 -10.74 2.35
N MET B 103 -33.33 -9.94 2.24
CA MET B 103 -33.46 -8.56 1.82
C MET B 103 -33.95 -8.44 0.39
N ILE B 104 -33.47 -9.32 -0.48
CA ILE B 104 -33.90 -9.32 -1.87
C ILE B 104 -35.35 -9.82 -1.96
N ALA B 105 -35.68 -10.79 -1.12
CA ALA B 105 -37.04 -11.33 -1.11
C ALA B 105 -38.05 -10.24 -0.75
N HIS B 106 -37.77 -9.49 0.31
CA HIS B 106 -38.62 -8.38 0.71
C HIS B 106 -38.65 -7.31 -0.37
N LEU B 107 -37.50 -7.09 -1.01
CA LEU B 107 -37.40 -6.11 -2.07
C LEU B 107 -38.36 -6.44 -3.20
N PHE B 108 -38.59 -7.74 -3.40
CA PHE B 108 -39.52 -8.19 -4.44
C PHE B 108 -40.92 -8.44 -3.90
N ASN B 109 -41.17 -7.95 -2.69
CA ASN B 109 -42.50 -8.05 -2.08
C ASN B 109 -42.98 -9.48 -1.89
N ALA B 110 -42.05 -10.38 -1.59
CA ALA B 110 -42.41 -11.77 -1.31
C ALA B 110 -43.35 -11.85 -0.11
N PRO B 111 -44.22 -12.86 -0.08
CA PRO B 111 -45.14 -13.07 1.03
C PRO B 111 -44.38 -13.53 2.28
N LEU B 112 -43.83 -12.59 3.04
CA LEU B 112 -43.04 -12.94 4.21
C LEU B 112 -43.55 -12.25 5.47
N GLU B 113 -43.73 -13.04 6.54
CA GLU B 113 -44.09 -12.48 7.83
C GLU B 113 -42.85 -11.85 8.45
N GLU B 114 -43.06 -10.92 9.39
CA GLU B 114 -41.94 -10.27 10.06
C GLU B 114 -40.97 -11.28 10.66
N ALA B 115 -39.71 -11.16 10.29
CA ALA B 115 -38.63 -12.01 10.81
C ALA B 115 -38.69 -13.46 10.29
N GLU B 116 -39.46 -13.67 9.23
CA GLU B 116 -39.53 -14.99 8.60
C GLU B 116 -38.37 -15.17 7.63
N THR B 117 -37.84 -16.38 7.55
CA THR B 117 -36.73 -16.67 6.65
C THR B 117 -37.23 -16.91 5.22
N ALA B 118 -36.69 -16.15 4.27
CA ALA B 118 -37.10 -16.24 2.88
C ALA B 118 -36.59 -17.50 2.22
N VAL B 119 -37.22 -17.86 1.10
CA VAL B 119 -36.82 -19.04 0.33
C VAL B 119 -36.07 -18.59 -0.93
N GLY B 120 -34.77 -18.89 -0.98
CA GLY B 120 -33.95 -18.50 -2.11
C GLY B 120 -32.49 -18.83 -1.89
N VAL B 121 -31.70 -18.69 -2.95
CA VAL B 121 -30.27 -19.00 -2.86
C VAL B 121 -29.41 -18.05 -3.69
N GLY B 122 -28.18 -17.83 -3.22
CA GLY B 122 -27.20 -17.11 -3.99
C GLY B 122 -26.54 -18.02 -5.01
N THR B 123 -26.29 -17.49 -6.20
CA THR B 123 -25.69 -18.28 -7.27
C THR B 123 -24.50 -17.53 -7.87
N VAL B 124 -23.83 -18.17 -8.84
CA VAL B 124 -22.74 -17.53 -9.55
C VAL B 124 -23.27 -16.39 -10.41
N GLY B 125 -24.47 -16.59 -10.95
CA GLY B 125 -25.12 -15.58 -11.78
C GLY B 125 -26.55 -15.97 -12.07
N SER B 126 -27.21 -15.20 -12.95
CA SER B 126 -28.58 -15.51 -13.31
C SER B 126 -28.69 -16.82 -14.08
N SER B 127 -27.62 -17.17 -14.79
CA SER B 127 -27.61 -18.41 -15.55
C SER B 127 -27.93 -19.62 -14.66
N GLU B 128 -27.20 -19.76 -13.55
CA GLU B 128 -27.43 -20.85 -12.62
C GLU B 128 -28.76 -20.66 -11.90
N ALA B 129 -29.12 -19.40 -11.64
CA ALA B 129 -30.36 -19.10 -10.96
C ALA B 129 -31.55 -19.54 -11.79
N ILE B 130 -31.45 -19.30 -13.10
CA ILE B 130 -32.50 -19.66 -14.03
C ILE B 130 -32.69 -21.18 -14.10
N MET B 131 -31.58 -21.90 -14.09
CA MET B 131 -31.63 -23.37 -14.19
C MET B 131 -32.13 -24.01 -12.91
N LEU B 132 -31.90 -23.36 -11.78
CA LEU B 132 -32.45 -23.86 -10.53
C LEU B 132 -33.95 -23.58 -10.51
N ALA B 133 -34.33 -22.39 -10.98
CA ALA B 133 -35.74 -22.02 -11.08
C ALA B 133 -36.45 -22.97 -12.02
N GLY B 134 -35.82 -23.28 -13.15
CA GLY B 134 -36.38 -24.20 -14.12
C GLY B 134 -36.55 -25.59 -13.55
N LEU B 135 -35.53 -26.08 -12.86
CA LEU B 135 -35.60 -27.38 -12.21
C LEU B 135 -36.77 -27.47 -11.24
N ALA B 136 -36.95 -26.42 -10.44
CA ALA B 136 -38.05 -26.37 -9.49
C ALA B 136 -39.38 -26.45 -10.22
N PHE B 137 -39.49 -25.71 -11.32
CA PHE B 137 -40.70 -25.73 -12.13
C PHE B 137 -40.97 -27.10 -12.73
N LYS B 138 -39.94 -27.68 -13.36
CA LYS B 138 -40.06 -28.97 -14.00
C LYS B 138 -40.49 -30.04 -12.99
N ARG B 139 -39.77 -30.11 -11.87
CA ARG B 139 -40.06 -31.09 -10.83
C ARG B 139 -41.45 -30.90 -10.24
N LYS B 140 -41.79 -29.66 -9.90
CA LYS B 140 -43.10 -29.36 -9.34
C LYS B 140 -44.19 -29.77 -10.31
N TRP B 141 -43.91 -29.62 -11.60
CA TRP B 141 -44.85 -29.99 -12.65
C TRP B 141 -44.94 -31.51 -12.79
N GLN B 142 -43.79 -32.18 -12.76
CA GLN B 142 -43.76 -33.63 -12.83
C GLN B 142 -44.56 -34.24 -11.69
N ASN B 143 -44.32 -33.76 -10.48
CA ASN B 143 -45.04 -34.26 -9.31
C ASN B 143 -46.55 -34.11 -9.46
N LYS B 144 -46.98 -32.92 -9.86
CA LYS B 144 -48.40 -32.63 -10.02
C LYS B 144 -49.04 -33.56 -11.02
N ARG B 145 -48.35 -33.80 -12.13
CA ARG B 145 -48.86 -34.65 -13.19
C ARG B 145 -48.87 -36.13 -12.80
N LYS B 146 -47.78 -36.59 -12.19
CA LYS B 146 -47.70 -37.97 -11.73
C LYS B 146 -48.81 -38.29 -10.74
N ALA B 147 -49.20 -37.28 -9.97
CA ALA B 147 -50.27 -37.43 -9.00
C ALA B 147 -51.63 -37.56 -9.67
N GLU B 148 -51.74 -37.04 -10.90
CA GLU B 148 -52.98 -37.09 -11.65
C GLU B 148 -52.93 -38.23 -12.65
N GLY B 149 -51.83 -38.99 -12.61
CA GLY B 149 -51.60 -40.10 -13.52
C GLY B 149 -51.16 -39.67 -14.90
N LYS B 150 -51.20 -38.37 -15.18
CA LYS B 150 -50.92 -37.82 -16.50
C LYS B 150 -49.44 -37.97 -16.89
N PRO B 151 -49.16 -37.92 -18.21
CA PRO B 151 -47.81 -38.12 -18.75
C PRO B 151 -46.90 -36.92 -18.47
N VAL B 152 -45.59 -37.17 -18.40
CA VAL B 152 -44.65 -36.12 -18.07
C VAL B 152 -43.42 -36.15 -18.98
N ASP B 153 -43.62 -36.53 -20.23
CA ASP B 153 -42.49 -36.72 -21.15
C ASP B 153 -42.24 -35.55 -22.10
N LYS B 154 -43.12 -34.56 -22.10
CA LYS B 154 -42.99 -33.43 -23.03
C LYS B 154 -43.17 -32.07 -22.37
N PRO B 155 -42.32 -31.73 -21.40
CA PRO B 155 -42.43 -30.44 -20.71
C PRO B 155 -42.03 -29.30 -21.65
N ASN B 156 -42.58 -28.12 -21.42
CA ASN B 156 -42.17 -26.94 -22.19
C ASN B 156 -42.20 -25.64 -21.39
N ILE B 157 -41.52 -24.63 -21.91
CA ILE B 157 -41.50 -23.30 -21.32
C ILE B 157 -41.88 -22.30 -22.40
N VAL B 158 -42.63 -21.26 -22.00
CA VAL B 158 -43.04 -20.24 -22.94
C VAL B 158 -42.35 -18.89 -22.68
N THR B 159 -41.62 -18.40 -23.67
CA THR B 159 -40.95 -17.12 -23.58
C THR B 159 -40.97 -16.42 -24.93
N GLY B 160 -40.43 -15.20 -24.97
CA GLY B 160 -40.30 -14.46 -26.21
C GLY B 160 -39.02 -14.85 -26.93
N ALA B 161 -38.92 -14.47 -28.20
CA ALA B 161 -37.72 -14.76 -28.98
C ALA B 161 -36.54 -13.91 -28.50
N ASN B 162 -36.85 -12.90 -27.68
CA ASN B 162 -35.82 -12.07 -27.08
C ASN B 162 -35.18 -12.75 -25.88
N VAL B 163 -35.54 -14.02 -25.67
CA VAL B 163 -35.06 -14.77 -24.53
C VAL B 163 -33.54 -14.88 -24.53
N GLN B 164 -32.95 -14.78 -23.34
CA GLN B 164 -31.51 -14.84 -23.18
C GLN B 164 -31.02 -16.28 -23.26
N VAL B 165 -29.82 -16.46 -23.80
CA VAL B 165 -29.27 -17.79 -24.10
C VAL B 165 -29.43 -18.80 -22.97
N CYS B 166 -29.47 -18.32 -21.74
CA CYS B 166 -29.50 -19.19 -20.57
C CYS B 166 -30.73 -20.09 -20.53
N TRP B 167 -31.83 -19.63 -21.14
CA TRP B 167 -33.05 -20.44 -21.20
C TRP B 167 -32.95 -21.50 -22.28
N GLU B 168 -32.15 -21.23 -23.29
CA GLU B 168 -31.90 -22.21 -24.34
C GLU B 168 -31.00 -23.31 -23.78
N LYS B 169 -30.03 -22.92 -22.96
CA LYS B 169 -29.16 -23.89 -22.30
C LYS B 169 -30.02 -24.82 -21.45
N PHE B 170 -30.85 -24.22 -20.60
CA PHE B 170 -31.72 -25.00 -19.72
C PHE B 170 -32.58 -25.98 -20.52
N ALA B 171 -33.25 -25.46 -21.54
CA ALA B 171 -34.13 -26.27 -22.37
C ALA B 171 -33.40 -27.49 -22.94
N ARG B 172 -32.21 -27.26 -23.49
CA ARG B 172 -31.46 -28.32 -24.13
C ARG B 172 -30.88 -29.33 -23.14
N TYR B 173 -30.29 -28.84 -22.05
CA TYR B 173 -29.63 -29.71 -21.10
C TYR B 173 -30.61 -30.47 -20.21
N PHE B 174 -31.74 -29.84 -19.89
CA PHE B 174 -32.73 -30.47 -19.04
C PHE B 174 -33.92 -30.98 -19.83
N GLU B 175 -33.73 -31.11 -21.15
CA GLU B 175 -34.72 -31.71 -22.03
C GLU B 175 -36.12 -31.15 -21.83
N VAL B 176 -36.23 -29.83 -21.98
CA VAL B 176 -37.51 -29.15 -21.95
C VAL B 176 -37.68 -28.37 -23.25
N GLU B 177 -38.89 -28.34 -23.77
CA GLU B 177 -39.14 -27.68 -25.05
C GLU B 177 -39.31 -26.17 -24.89
N LEU B 178 -38.64 -25.42 -25.75
CA LEU B 178 -38.71 -23.96 -25.68
C LEU B 178 -39.67 -23.42 -26.73
N LYS B 179 -40.83 -22.97 -26.27
CA LYS B 179 -41.82 -22.35 -27.16
C LYS B 179 -41.64 -20.85 -27.14
N GLU B 180 -41.19 -20.29 -28.26
CA GLU B 180 -40.89 -18.86 -28.34
C GLU B 180 -41.93 -18.04 -29.09
N VAL B 181 -42.32 -16.93 -28.49
CA VAL B 181 -43.17 -15.95 -29.17
C VAL B 181 -42.29 -15.04 -30.02
N LYS B 182 -42.47 -15.09 -31.33
CA LYS B 182 -41.60 -14.35 -32.24
C LYS B 182 -41.78 -12.84 -32.15
N LEU B 183 -40.73 -12.11 -32.55
CA LEU B 183 -40.73 -10.66 -32.50
C LEU B 183 -41.24 -10.05 -33.81
N SER B 184 -41.87 -8.88 -33.69
CA SER B 184 -42.31 -8.13 -34.86
C SER B 184 -41.50 -6.85 -34.96
N GLU B 185 -41.43 -6.28 -36.16
CA GLU B 185 -40.73 -5.02 -36.36
C GLU B 185 -41.37 -3.94 -35.48
N GLY B 186 -40.57 -3.29 -34.66
CA GLY B 186 -41.05 -2.26 -33.75
C GLY B 186 -41.63 -2.82 -32.47
N TYR B 187 -41.61 -4.14 -32.35
CA TYR B 187 -42.16 -4.82 -31.18
C TYR B 187 -41.15 -5.88 -30.73
N TYR B 188 -40.28 -5.52 -29.78
CA TYR B 188 -39.12 -6.34 -29.47
C TYR B 188 -39.20 -7.10 -28.14
N VAL B 189 -40.36 -7.05 -27.51
CA VAL B 189 -40.60 -7.84 -26.30
C VAL B 189 -41.66 -8.91 -26.57
N MET B 190 -41.91 -9.74 -25.57
CA MET B 190 -42.90 -10.81 -25.67
C MET B 190 -44.31 -10.27 -25.53
N ASP B 191 -45.18 -10.58 -26.49
CA ASP B 191 -46.58 -10.20 -26.40
C ASP B 191 -47.32 -11.12 -25.43
N PRO B 192 -47.81 -10.57 -24.32
CA PRO B 192 -48.49 -11.35 -23.29
C PRO B 192 -49.59 -12.23 -23.86
N GLN B 193 -50.41 -11.68 -24.75
CA GLN B 193 -51.52 -12.42 -25.33
C GLN B 193 -51.05 -13.68 -26.07
N GLN B 194 -50.17 -13.49 -27.05
CA GLN B 194 -49.66 -14.62 -27.82
C GLN B 194 -49.01 -15.67 -26.92
N ALA B 195 -48.40 -15.20 -25.84
CA ALA B 195 -47.74 -16.08 -24.90
C ALA B 195 -48.75 -16.99 -24.20
N VAL B 196 -49.79 -16.38 -23.63
CA VAL B 196 -50.83 -17.13 -22.93
C VAL B 196 -51.52 -18.14 -23.86
N ASP B 197 -51.62 -17.79 -25.13
CA ASP B 197 -52.25 -18.66 -26.11
C ASP B 197 -51.41 -19.90 -26.42
N MET B 198 -50.10 -19.79 -26.20
CA MET B 198 -49.19 -20.91 -26.45
C MET B 198 -49.17 -21.89 -25.27
N VAL B 199 -49.59 -21.42 -24.10
CA VAL B 199 -49.62 -22.26 -22.92
C VAL B 199 -50.49 -23.49 -23.13
N ASP B 200 -49.94 -24.66 -22.81
CA ASP B 200 -50.71 -25.89 -22.81
C ASP B 200 -50.48 -26.67 -21.51
N GLU B 201 -51.00 -27.89 -21.44
CA GLU B 201 -50.92 -28.68 -20.23
C GLU B 201 -49.49 -29.05 -19.84
N ASN B 202 -48.59 -28.98 -20.81
CA ASN B 202 -47.20 -29.36 -20.59
C ASN B 202 -46.28 -28.18 -20.26
N THR B 203 -46.86 -26.99 -20.15
CA THR B 203 -46.08 -25.79 -19.85
C THR B 203 -45.74 -25.72 -18.37
N ILE B 204 -44.47 -25.86 -18.05
CA ILE B 204 -44.03 -25.84 -16.65
C ILE B 204 -43.99 -24.42 -16.10
N CYS B 205 -43.88 -23.45 -16.99
CA CYS B 205 -43.97 -22.04 -16.61
C CYS B 205 -43.90 -21.12 -17.83
N VAL B 206 -44.31 -19.87 -17.63
CA VAL B 206 -44.11 -18.82 -18.62
C VAL B 206 -43.08 -17.86 -18.07
N ALA B 207 -41.96 -17.71 -18.80
CA ALA B 207 -40.89 -16.84 -18.33
C ALA B 207 -40.93 -15.46 -18.97
N ALA B 208 -41.19 -14.46 -18.15
CA ALA B 208 -41.19 -13.06 -18.59
C ALA B 208 -39.87 -12.40 -18.25
N ILE B 209 -39.44 -11.48 -19.10
CA ILE B 209 -38.15 -10.81 -18.92
C ILE B 209 -38.32 -9.34 -18.53
N LEU B 210 -37.86 -9.00 -17.33
CA LEU B 210 -37.93 -7.63 -16.84
C LEU B 210 -36.66 -6.87 -17.19
N GLY B 211 -36.53 -6.49 -18.45
CA GLY B 211 -35.33 -5.83 -18.92
C GLY B 211 -34.63 -6.65 -19.98
N SER B 212 -35.12 -6.55 -21.21
CA SER B 212 -34.57 -7.31 -22.32
C SER B 212 -33.17 -6.85 -22.66
N THR B 213 -32.28 -7.80 -22.93
CA THR B 213 -30.90 -7.48 -23.27
C THR B 213 -30.83 -6.82 -24.64
N LEU B 214 -31.96 -6.75 -25.32
CA LEU B 214 -32.00 -6.24 -26.70
C LEU B 214 -32.32 -4.75 -26.79
N ASN B 215 -33.21 -4.27 -25.92
CA ASN B 215 -33.56 -2.86 -25.89
C ASN B 215 -33.95 -2.37 -24.50
N GLY B 216 -33.60 -3.17 -23.49
CA GLY B 216 -33.80 -2.79 -22.10
C GLY B 216 -35.25 -2.57 -21.69
N GLU B 217 -36.18 -3.09 -22.47
CA GLU B 217 -37.60 -2.90 -22.18
C GLU B 217 -38.10 -3.90 -21.14
N PHE B 218 -38.95 -3.43 -20.23
CA PHE B 218 -39.62 -4.33 -19.30
C PHE B 218 -40.85 -4.94 -19.96
N GLU B 219 -40.98 -6.25 -19.87
CA GLU B 219 -42.17 -6.91 -20.40
C GLU B 219 -43.35 -6.67 -19.48
N ASP B 220 -44.55 -6.68 -20.04
CA ASP B 220 -45.76 -6.38 -19.27
C ASP B 220 -46.17 -7.56 -18.40
N VAL B 221 -45.45 -7.78 -17.31
CA VAL B 221 -45.69 -8.92 -16.44
C VAL B 221 -47.09 -8.92 -15.85
N LYS B 222 -47.59 -7.73 -15.48
CA LYS B 222 -48.92 -7.61 -14.90
C LYS B 222 -50.00 -8.10 -15.85
N LEU B 223 -49.88 -7.72 -17.12
CA LEU B 223 -50.85 -8.15 -18.12
C LEU B 223 -50.77 -9.66 -18.30
N LEU B 224 -49.56 -10.19 -18.38
CA LEU B 224 -49.35 -11.63 -18.50
C LEU B 224 -50.02 -12.36 -17.35
N ASN B 225 -49.87 -11.82 -16.15
CA ASN B 225 -50.49 -12.41 -14.97
C ASN B 225 -52.01 -12.38 -15.07
N ASP B 226 -52.55 -11.24 -15.50
CA ASP B 226 -54.00 -11.08 -15.60
C ASP B 226 -54.62 -12.07 -16.59
N LEU B 227 -54.00 -12.18 -17.77
CA LEU B 227 -54.49 -13.10 -18.79
C LEU B 227 -54.34 -14.56 -18.36
N LEU B 228 -53.24 -14.87 -17.68
CA LEU B 228 -52.94 -16.25 -17.31
C LEU B 228 -53.84 -16.71 -16.16
N VAL B 229 -54.25 -15.78 -15.30
CA VAL B 229 -55.18 -16.11 -14.23
C VAL B 229 -56.53 -16.49 -14.83
N GLU B 230 -56.94 -15.78 -15.87
CA GLU B 230 -58.18 -16.09 -16.56
C GLU B 230 -58.11 -17.47 -17.20
N LYS B 231 -57.05 -17.73 -17.94
CA LYS B 231 -56.88 -19.02 -18.60
C LYS B 231 -56.80 -20.16 -17.60
N ASN B 232 -56.28 -19.87 -16.41
CA ASN B 232 -56.19 -20.89 -15.36
C ASN B 232 -57.56 -21.32 -14.86
N LYS B 233 -58.50 -20.38 -14.84
CA LYS B 233 -59.86 -20.67 -14.43
C LYS B 233 -60.50 -21.67 -15.39
N GLU B 234 -60.15 -21.56 -16.66
CA GLU B 234 -60.68 -22.46 -17.68
C GLU B 234 -59.96 -23.81 -17.68
N THR B 235 -58.66 -23.79 -17.98
CA THR B 235 -57.89 -25.00 -18.19
C THR B 235 -57.72 -25.84 -16.94
N GLY B 236 -57.69 -25.20 -15.78
CA GLY B 236 -57.48 -25.91 -14.53
C GLY B 236 -56.01 -26.19 -14.29
N TRP B 237 -55.19 -26.00 -15.32
CA TRP B 237 -53.75 -26.08 -15.16
C TRP B 237 -53.34 -24.92 -14.26
N ASP B 238 -52.30 -25.10 -13.46
CA ASP B 238 -51.85 -24.04 -12.58
C ASP B 238 -50.55 -23.44 -13.11
N THR B 239 -50.60 -22.94 -14.33
CA THR B 239 -49.41 -22.42 -15.00
C THR B 239 -48.84 -21.22 -14.25
N PRO B 240 -47.56 -21.30 -13.86
CA PRO B 240 -46.86 -20.29 -13.08
C PRO B 240 -46.09 -19.32 -13.96
N ILE B 241 -45.70 -18.19 -13.39
CA ILE B 241 -44.85 -17.24 -14.09
C ILE B 241 -43.49 -17.14 -13.41
N HIS B 242 -42.43 -17.12 -14.22
CA HIS B 242 -41.11 -16.78 -13.70
C HIS B 242 -40.64 -15.48 -14.33
N VAL B 243 -40.14 -14.58 -13.51
CA VAL B 243 -39.62 -13.31 -14.00
C VAL B 243 -38.10 -13.31 -14.02
N ASP B 244 -37.54 -13.25 -15.22
CA ASP B 244 -36.10 -13.10 -15.38
C ASP B 244 -35.75 -11.62 -15.21
N ALA B 245 -35.41 -11.23 -13.99
CA ALA B 245 -35.07 -9.85 -13.69
C ALA B 245 -33.57 -9.70 -13.54
N ALA B 246 -32.81 -10.38 -14.40
CA ALA B 246 -31.36 -10.35 -14.34
C ALA B 246 -30.83 -8.95 -14.07
N SER B 247 -31.31 -7.99 -14.86
CA SER B 247 -30.89 -6.60 -14.71
C SER B 247 -31.98 -5.75 -14.03
N GLY B 248 -33.19 -5.80 -14.57
CA GLY B 248 -34.29 -5.00 -14.07
C GLY B 248 -34.61 -5.19 -12.59
N GLY B 249 -34.18 -6.30 -12.02
CA GLY B 249 -34.47 -6.62 -10.63
C GLY B 249 -33.95 -5.60 -9.63
N PHE B 250 -32.83 -4.98 -9.96
CA PHE B 250 -32.23 -3.98 -9.09
C PHE B 250 -32.46 -2.56 -9.59
N ILE B 251 -33.44 -2.41 -10.49
CA ILE B 251 -33.76 -1.11 -11.06
C ILE B 251 -35.20 -0.70 -10.73
N ALA B 252 -36.14 -1.59 -11.01
CA ALA B 252 -37.55 -1.33 -10.76
C ALA B 252 -37.84 -0.94 -9.31
N PRO B 253 -37.33 -1.70 -8.33
CA PRO B 253 -37.65 -1.41 -6.94
C PRO B 253 -37.27 0.02 -6.52
N PHE B 254 -36.38 0.65 -7.27
CA PHE B 254 -35.86 1.96 -6.87
C PHE B 254 -36.33 3.10 -7.77
N LEU B 255 -36.47 2.83 -9.07
CA LEU B 255 -36.96 3.83 -10.00
C LEU B 255 -38.47 3.76 -10.14
N TYR B 256 -39.03 2.55 -10.11
CA TYR B 256 -40.46 2.37 -10.31
C TYR B 256 -41.07 1.39 -9.32
N PRO B 257 -41.29 1.84 -8.07
CA PRO B 257 -41.88 0.99 -7.02
C PRO B 257 -43.37 0.75 -7.26
N GLU B 258 -44.00 1.60 -8.06
CA GLU B 258 -45.43 1.47 -8.33
C GLU B 258 -45.69 0.33 -9.31
N LEU B 259 -44.72 0.09 -10.21
CA LEU B 259 -44.83 -0.97 -11.20
C LEU B 259 -44.97 -2.34 -10.52
N GLU B 260 -46.08 -3.01 -10.81
CA GLU B 260 -46.32 -4.36 -10.29
C GLU B 260 -45.78 -5.41 -11.26
N TRP B 261 -44.70 -6.07 -10.87
CA TRP B 261 -44.04 -7.05 -11.72
C TRP B 261 -43.57 -8.24 -10.91
N ASP B 262 -43.54 -8.07 -9.59
CA ASP B 262 -42.95 -9.05 -8.69
C ASP B 262 -43.97 -9.96 -8.03
N PHE B 263 -43.69 -10.36 -6.79
CA PHE B 263 -44.54 -11.28 -6.06
C PHE B 263 -45.89 -10.66 -5.69
N ARG B 264 -46.05 -9.37 -5.98
CA ARG B 264 -47.35 -8.73 -5.82
C ARG B 264 -48.34 -9.39 -6.77
N LEU B 265 -47.82 -9.90 -7.88
CA LEU B 265 -48.63 -10.67 -8.82
C LEU B 265 -48.69 -12.14 -8.36
N PRO B 266 -49.92 -12.64 -8.17
CA PRO B 266 -50.16 -13.98 -7.59
C PRO B 266 -49.48 -15.11 -8.36
N LEU B 267 -49.39 -15.01 -9.68
CA LEU B 267 -48.85 -16.08 -10.50
C LEU B 267 -47.32 -16.14 -10.56
N VAL B 268 -46.66 -15.07 -10.13
CA VAL B 268 -45.20 -15.06 -10.10
C VAL B 268 -44.69 -15.96 -8.98
N LYS B 269 -44.08 -17.08 -9.34
CA LYS B 269 -43.67 -18.08 -8.37
C LYS B 269 -42.18 -18.02 -8.02
N SER B 270 -41.38 -17.47 -8.94
CA SER B 270 -39.95 -17.32 -8.69
C SER B 270 -39.34 -16.21 -9.55
N ILE B 271 -38.29 -15.60 -9.01
CA ILE B 271 -37.62 -14.48 -9.67
C ILE B 271 -36.10 -14.65 -9.59
N ASN B 272 -35.41 -14.35 -10.68
CA ASN B 272 -33.96 -14.32 -10.67
C ASN B 272 -33.43 -12.91 -10.92
N VAL B 273 -32.28 -12.62 -10.33
CA VAL B 273 -31.65 -11.31 -10.50
C VAL B 273 -30.15 -11.46 -10.39
N SER B 274 -29.42 -10.68 -11.17
CA SER B 274 -27.96 -10.72 -11.15
C SER B 274 -27.40 -9.63 -10.26
N GLY B 275 -26.73 -10.04 -9.19
CA GLY B 275 -26.08 -9.10 -8.29
C GLY B 275 -24.95 -8.37 -8.97
N HIS B 276 -24.30 -9.03 -9.93
CA HIS B 276 -23.16 -8.43 -10.62
C HIS B 276 -23.57 -7.57 -11.80
N TYR B 278 -26.94 -4.84 -12.07
CA TYR B 278 -27.30 -3.62 -11.35
C TYR B 278 -27.37 -3.81 -9.85
N GLY B 279 -26.90 -4.97 -9.39
CA GLY B 279 -26.75 -5.19 -7.96
C GLY B 279 -25.47 -4.54 -7.49
N LEU B 280 -24.69 -4.03 -8.45
CA LEU B 280 -23.50 -3.24 -8.17
C LEU B 280 -22.36 -4.03 -7.54
N VAL B 281 -22.21 -5.28 -7.96
CA VAL B 281 -21.11 -6.12 -7.48
C VAL B 281 -20.29 -6.60 -8.67
N TYR B 282 -19.00 -6.89 -8.44
CA TYR B 282 -18.17 -7.46 -9.49
C TYR B 282 -18.75 -8.81 -9.91
N ALA B 283 -18.39 -9.25 -11.12
CA ALA B 283 -18.91 -10.51 -11.65
C ALA B 283 -18.73 -11.67 -10.70
N GLY B 284 -19.77 -12.50 -10.56
CA GLY B 284 -19.69 -13.70 -9.76
C GLY B 284 -20.77 -13.87 -8.71
N ILE B 285 -21.90 -13.19 -8.90
CA ILE B 285 -23.00 -13.29 -7.94
C ILE B 285 -24.38 -13.11 -8.57
N GLY B 286 -25.27 -14.07 -8.29
CA GLY B 286 -26.65 -14.01 -8.74
C GLY B 286 -27.58 -14.47 -7.64
N TRP B 287 -28.88 -14.30 -7.86
CA TRP B 287 -29.87 -14.67 -6.84
C TRP B 287 -31.14 -15.24 -7.46
N VAL B 288 -31.78 -16.15 -6.74
CA VAL B 288 -33.08 -16.65 -7.15
C VAL B 288 -34.00 -16.76 -5.93
N ILE B 289 -35.18 -16.17 -6.04
CA ILE B 289 -36.13 -16.16 -4.94
C ILE B 289 -37.38 -16.94 -5.31
N TRP B 290 -37.92 -17.68 -4.35
CA TRP B 290 -39.18 -18.39 -4.54
C TRP B 290 -40.28 -17.78 -3.68
N ARG B 291 -41.49 -17.72 -4.24
CA ARG B 291 -42.61 -17.09 -3.56
C ARG B 291 -42.88 -17.72 -2.20
N ASN B 292 -42.97 -19.05 -2.18
CA ASN B 292 -43.21 -19.79 -0.96
C ASN B 292 -42.39 -21.07 -0.95
N LYS B 293 -42.33 -21.72 0.22
CA LYS B 293 -41.57 -22.95 0.35
C LYS B 293 -42.09 -24.02 -0.61
N GLU B 294 -43.39 -23.99 -0.89
CA GLU B 294 -44.02 -25.00 -1.75
C GLU B 294 -43.52 -24.96 -3.18
N ASP B 295 -42.94 -23.83 -3.58
CA ASP B 295 -42.49 -23.65 -4.96
C ASP B 295 -41.11 -24.26 -5.20
N LEU B 296 -40.47 -24.71 -4.13
CA LEU B 296 -39.19 -25.39 -4.23
C LEU B 296 -39.32 -26.80 -3.69
N PRO B 297 -39.54 -27.77 -4.59
CA PRO B 297 -39.71 -29.18 -4.21
C PRO B 297 -38.59 -29.63 -3.27
N GLU B 298 -38.97 -30.21 -2.14
CA GLU B 298 -38.02 -30.58 -1.10
C GLU B 298 -36.99 -31.61 -1.56
N GLU B 299 -37.35 -32.43 -2.54
CA GLU B 299 -36.46 -33.50 -2.99
C GLU B 299 -35.30 -32.99 -3.85
N LEU B 300 -35.30 -31.70 -4.17
CA LEU B 300 -34.19 -31.11 -4.92
C LEU B 300 -33.06 -30.64 -4.00
N ILE B 301 -33.34 -30.61 -2.70
CA ILE B 301 -32.38 -30.14 -1.72
C ILE B 301 -31.50 -31.27 -1.17
N PHE B 302 -30.19 -30.99 -1.06
CA PHE B 302 -29.25 -31.97 -0.54
C PHE B 302 -28.74 -31.58 0.85
N HIS B 303 -28.29 -32.57 1.61
CA HIS B 303 -27.69 -32.36 2.92
C HIS B 303 -26.42 -33.19 3.06
N ILE B 304 -25.26 -32.54 2.95
CA ILE B 304 -23.98 -33.23 3.02
C ILE B 304 -23.38 -33.12 4.43
N ASN B 305 -22.35 -33.91 4.71
CA ASN B 305 -21.78 -33.95 6.05
C ASN B 305 -20.29 -34.31 6.12
N TYR B 306 -19.59 -34.24 4.99
CA TYR B 306 -18.18 -34.66 4.97
C TYR B 306 -17.23 -33.49 5.27
N LEU B 307 -17.81 -32.32 5.51
CA LEU B 307 -17.01 -31.12 5.78
C LEU B 307 -17.13 -30.68 7.25
N GLY B 308 -18.09 -31.24 7.96
CA GLY B 308 -18.30 -30.88 9.36
C GLY B 308 -19.69 -31.19 9.87
N ALA B 309 -20.71 -30.74 9.15
CA ALA B 309 -22.10 -30.97 9.54
C ALA B 309 -23.02 -30.97 8.33
N ASP B 310 -24.32 -31.10 8.57
CA ASP B 310 -25.31 -31.13 7.49
C ASP B 310 -25.72 -29.74 7.04
N GLN B 311 -25.82 -29.55 5.72
CA GLN B 311 -26.13 -28.27 5.13
C GLN B 311 -27.10 -28.38 3.95
N PRO B 312 -28.15 -27.54 3.95
CA PRO B 312 -29.21 -27.51 2.95
C PRO B 312 -28.83 -26.80 1.65
N THR B 313 -28.18 -27.51 0.73
CA THR B 313 -27.70 -26.89 -0.51
C THR B 313 -28.59 -27.18 -1.71
N PHE B 314 -28.87 -26.13 -2.49
CA PHE B 314 -29.54 -26.29 -3.78
C PHE B 314 -28.84 -25.46 -4.85
N THR B 315 -27.75 -26.01 -5.39
CA THR B 315 -26.95 -25.33 -6.40
C THR B 315 -26.29 -26.33 -7.33
N LEU B 316 -25.96 -25.87 -8.53
CA LEU B 316 -25.25 -26.70 -9.49
C LEU B 316 -23.76 -26.64 -9.22
N ASN B 317 -23.34 -25.64 -8.45
CA ASN B 317 -21.95 -25.48 -8.07
C ASN B 317 -21.69 -25.96 -6.64
N PHE B 318 -20.43 -26.11 -6.28
CA PHE B 318 -20.06 -26.50 -4.93
C PHE B 318 -19.08 -25.47 -4.36
N SER B 319 -17.79 -25.77 -4.47
CA SER B 319 -16.77 -24.82 -4.04
C SER B 319 -16.80 -23.58 -4.92
N LYS B 320 -16.66 -22.41 -4.30
CA LYS B 320 -16.65 -21.16 -5.02
C LYS B 320 -16.30 -20.03 -4.07
N GLY B 321 -15.84 -18.92 -4.61
CA GLY B 321 -15.49 -17.76 -3.80
C GLY B 321 -16.68 -17.23 -3.04
N SER B 322 -16.44 -16.68 -1.86
CA SER B 322 -17.51 -16.10 -1.05
C SER B 322 -17.40 -14.58 -1.02
N SER B 323 -16.44 -14.05 -1.78
CA SER B 323 -16.18 -12.62 -1.80
C SER B 323 -17.34 -11.82 -2.39
N GLN B 324 -17.96 -12.36 -3.44
CA GLN B 324 -19.08 -11.66 -4.07
C GLN B 324 -20.31 -11.63 -3.16
N VAL B 325 -20.52 -12.69 -2.41
CA VAL B 325 -21.63 -12.72 -1.46
C VAL B 325 -21.44 -11.62 -0.42
N ILE B 326 -20.25 -11.57 0.17
CA ILE B 326 -19.90 -10.55 1.14
C ILE B 326 -20.01 -9.16 0.52
N ALA B 327 -19.51 -9.02 -0.71
CA ALA B 327 -19.57 -7.75 -1.43
C ALA B 327 -21.00 -7.29 -1.61
N GLN B 328 -21.89 -8.25 -1.89
CA GLN B 328 -23.30 -7.94 -2.10
C GLN B 328 -23.91 -7.39 -0.81
N TYR B 329 -23.65 -8.06 0.29
CA TYR B 329 -24.17 -7.62 1.58
C TYR B 329 -23.66 -6.23 1.92
N TYR B 330 -22.39 -5.98 1.63
CA TYR B 330 -21.81 -4.66 1.83
C TYR B 330 -22.62 -3.60 1.09
N GLN B 331 -22.79 -3.80 -0.21
CA GLN B 331 -23.55 -2.86 -1.04
C GLN B 331 -24.94 -2.63 -0.48
N LEU B 332 -25.60 -3.70 -0.07
CA LEU B 332 -26.96 -3.61 0.43
C LEU B 332 -27.09 -2.72 1.67
N ILE B 333 -26.30 -3.00 2.70
CA ILE B 333 -26.40 -2.25 3.96
C ILE B 333 -25.68 -0.91 3.91
N ARG B 334 -24.73 -0.77 2.99
CA ARG B 334 -23.99 0.49 2.86
C ARG B 334 -24.77 1.52 2.05
N LEU B 335 -25.40 1.07 0.97
CA LEU B 335 -26.15 1.96 0.10
C LEU B 335 -27.59 2.13 0.58
N GLY B 336 -28.25 1.03 0.89
CA GLY B 336 -29.66 1.06 1.24
C GLY B 336 -30.51 1.51 0.06
N HIS B 337 -31.80 1.69 0.29
CA HIS B 337 -32.69 2.18 -0.76
C HIS B 337 -32.16 3.49 -1.33
N GLU B 338 -31.74 4.39 -0.44
CA GLU B 338 -31.26 5.71 -0.84
C GLU B 338 -30.14 5.63 -1.86
N GLY B 339 -29.09 4.88 -1.53
CA GLY B 339 -27.94 4.75 -2.39
C GLY B 339 -28.26 4.18 -3.76
N TYR B 340 -29.00 3.07 -3.77
CA TYR B 340 -29.39 2.43 -5.02
C TYR B 340 -30.25 3.34 -5.89
N ARG B 341 -31.15 4.09 -5.26
CA ARG B 341 -31.99 5.03 -6.00
C ARG B 341 -31.11 6.08 -6.65
N ASN B 342 -30.17 6.63 -5.89
CA ASN B 342 -29.26 7.64 -6.39
C ASN B 342 -28.44 7.14 -7.58
N VAL B 343 -27.93 5.92 -7.47
CA VAL B 343 -27.14 5.33 -8.55
C VAL B 343 -27.99 5.13 -9.81
N MET B 344 -29.19 4.60 -9.64
CA MET B 344 -30.09 4.36 -10.76
C MET B 344 -30.55 5.66 -11.41
N GLU B 345 -30.85 6.66 -10.60
CA GLU B 345 -31.24 7.96 -11.11
C GLU B 345 -30.12 8.56 -11.95
N ASN B 346 -28.89 8.45 -11.45
CA ASN B 346 -27.72 8.91 -12.20
C ASN B 346 -27.59 8.17 -13.53
N CYS B 347 -27.83 6.86 -13.52
CA CYS B 347 -27.76 6.05 -14.72
C CYS B 347 -28.84 6.45 -15.72
N ARG B 348 -30.05 6.66 -15.22
CA ARG B 348 -31.17 7.07 -16.05
C ARG B 348 -30.91 8.44 -16.68
N GLU B 349 -30.39 9.35 -15.87
CA GLU B 349 -30.06 10.68 -16.33
C GLU B 349 -29.07 10.62 -17.50
N ASN B 350 -28.01 9.84 -17.32
CA ASN B 350 -27.00 9.70 -18.37
C ASN B 350 -27.55 9.05 -19.64
N MET B 351 -28.54 8.18 -19.48
CA MET B 351 -29.20 7.57 -20.62
C MET B 351 -29.89 8.64 -21.45
N ILE B 352 -30.61 9.53 -20.78
CA ILE B 352 -31.30 10.62 -21.44
C ILE B 352 -30.33 11.53 -22.18
N VAL B 353 -29.22 11.87 -21.51
CA VAL B 353 -28.19 12.70 -22.12
C VAL B 353 -27.66 12.08 -23.41
N LEU B 354 -27.40 10.78 -23.37
CA LEU B 354 -26.91 10.07 -24.54
C LEU B 354 -28.00 9.93 -25.61
N ARG B 355 -29.23 9.69 -25.17
CA ARG B 355 -30.36 9.55 -26.08
C ARG B 355 -30.54 10.83 -26.89
N GLU B 356 -30.61 11.96 -26.18
CA GLU B 356 -30.80 13.26 -26.82
C GLU B 356 -29.70 13.54 -27.84
N GLY B 357 -28.45 13.40 -27.42
CA GLY B 357 -27.31 13.62 -28.29
C GLY B 357 -27.41 12.87 -29.59
N LEU B 358 -28.00 11.68 -29.55
CA LEU B 358 -28.15 10.85 -30.75
C LEU B 358 -29.35 11.29 -31.58
N GLU B 359 -30.38 11.81 -30.90
CA GLU B 359 -31.56 12.33 -31.58
C GLU B 359 -31.20 13.61 -32.32
N LYS B 360 -30.33 14.41 -31.71
CA LYS B 360 -29.92 15.70 -32.26
C LYS B 360 -29.23 15.56 -33.61
N THR B 361 -28.64 14.40 -33.87
CA THR B 361 -27.95 14.15 -35.13
C THR B 361 -28.93 13.72 -36.21
N GLU B 362 -30.12 13.31 -35.79
CA GLU B 362 -31.17 12.89 -36.71
C GLU B 362 -30.70 11.80 -37.67
N ARG B 363 -29.70 11.04 -37.23
CA ARG B 363 -29.13 9.96 -38.04
C ARG B 363 -29.66 8.60 -37.62
N PHE B 364 -30.26 8.54 -36.42
CA PHE B 364 -30.61 7.26 -35.83
C PHE B 364 -32.09 7.13 -35.45
N ASN B 365 -32.53 5.88 -35.31
CA ASN B 365 -33.83 5.57 -34.74
C ASN B 365 -33.67 4.94 -33.37
N ILE B 366 -34.10 5.65 -32.33
CA ILE B 366 -34.07 5.11 -30.98
C ILE B 366 -35.04 3.94 -30.86
N VAL B 367 -34.51 2.73 -30.72
CA VAL B 367 -35.33 1.54 -30.70
C VAL B 367 -35.60 1.05 -29.28
N SER B 368 -35.06 1.76 -28.30
CA SER B 368 -35.31 1.43 -26.89
C SER B 368 -36.27 2.44 -26.27
N LYS B 369 -36.87 2.08 -25.14
CA LYS B 369 -37.89 2.90 -24.52
C LYS B 369 -37.32 3.95 -23.58
N ASP B 370 -38.18 4.84 -23.10
CA ASP B 370 -37.77 5.90 -22.19
C ASP B 370 -37.50 5.34 -20.80
N GLU B 371 -38.35 4.42 -20.35
CA GLU B 371 -38.19 3.80 -19.05
C GLU B 371 -37.86 2.32 -19.19
N GLY B 372 -37.15 1.79 -18.20
CA GLY B 372 -36.68 0.42 -18.25
C GLY B 372 -35.22 0.37 -17.84
N VAL B 373 -34.47 -0.56 -18.42
CA VAL B 373 -33.05 -0.65 -18.15
C VAL B 373 -32.34 0.59 -18.72
N PRO B 374 -31.48 1.22 -17.90
CA PRO B 374 -30.71 2.39 -18.34
C PRO B 374 -29.75 2.03 -19.47
N LEU B 375 -30.24 2.10 -20.70
CA LEU B 375 -29.41 1.86 -21.87
C LEU B 375 -30.03 2.53 -23.08
N VAL B 376 -29.29 2.56 -24.19
CA VAL B 376 -29.79 3.12 -25.42
C VAL B 376 -29.51 2.20 -26.60
N ALA B 377 -30.57 1.71 -27.22
CA ALA B 377 -30.45 0.90 -28.42
C ALA B 377 -30.98 1.70 -29.61
N PHE B 378 -30.20 1.78 -30.68
CA PHE B 378 -30.57 2.61 -31.82
C PHE B 378 -30.10 2.02 -33.16
N SER B 379 -30.84 2.35 -34.21
CA SER B 379 -30.50 1.90 -35.56
C SER B 379 -30.21 3.08 -36.46
N LEU B 380 -29.55 2.81 -37.58
CA LEU B 380 -29.28 3.84 -38.57
C LEU B 380 -30.50 4.08 -39.46
N LYS B 381 -30.94 5.33 -39.55
CA LYS B 381 -31.90 5.72 -40.57
C LYS B 381 -31.20 5.53 -41.92
N ASP B 382 -31.76 4.68 -42.77
CA ASP B 382 -31.16 4.43 -44.07
C ASP B 382 -29.81 3.73 -43.93
N SER B 383 -29.85 2.41 -43.76
CA SER B 383 -28.64 1.61 -43.59
C SER B 383 -28.03 1.24 -44.95
N SER B 384 -28.00 2.22 -45.86
CA SER B 384 -27.54 1.96 -47.22
C SER B 384 -26.02 1.92 -47.35
N CYS B 385 -25.39 3.09 -47.37
CA CYS B 385 -23.96 3.19 -47.61
C CYS B 385 -23.11 2.70 -46.43
N HIS B 386 -23.68 2.72 -45.22
CA HIS B 386 -22.95 2.30 -44.03
C HIS B 386 -23.81 1.50 -43.05
N THR B 387 -23.20 0.48 -42.45
CA THR B 387 -23.90 -0.37 -41.49
C THR B 387 -23.48 -0.05 -40.05
N GLU B 388 -24.29 -0.50 -39.10
CA GLU B 388 -24.01 -0.25 -37.69
C GLU B 388 -22.72 -0.95 -37.25
N PHE B 389 -22.38 -2.04 -37.94
CA PHE B 389 -21.16 -2.78 -37.65
C PHE B 389 -19.92 -1.94 -37.92
N GLU B 390 -19.99 -1.11 -38.97
CA GLU B 390 -18.89 -0.22 -39.31
C GLU B 390 -18.67 0.79 -38.19
N ILE B 391 -19.76 1.32 -37.65
CA ILE B 391 -19.70 2.28 -36.56
C ILE B 391 -19.10 1.66 -35.31
N SER B 392 -19.44 0.40 -35.07
CA SER B 392 -18.91 -0.34 -33.92
C SER B 392 -17.39 -0.49 -34.02
N ASP B 393 -16.91 -0.88 -35.20
CA ASP B 393 -15.48 -1.03 -35.43
C ASP B 393 -14.75 0.29 -35.30
N MET B 394 -15.34 1.34 -35.87
CA MET B 394 -14.72 2.67 -35.86
C MET B 394 -14.48 3.14 -34.43
N LEU B 395 -15.47 2.94 -33.57
CA LEU B 395 -15.39 3.39 -32.19
C LEU B 395 -14.30 2.67 -31.40
N ARG B 396 -14.00 1.44 -31.79
CA ARG B 396 -12.94 0.66 -31.15
C ARG B 396 -11.63 1.45 -31.08
N ARG B 397 -11.37 2.24 -32.11
CA ARG B 397 -10.13 3.00 -32.18
C ARG B 397 -9.98 3.99 -31.03
N TYR B 398 -11.11 4.52 -30.57
CA TYR B 398 -11.11 5.50 -29.48
C TYR B 398 -11.08 4.81 -28.12
N GLY B 399 -11.35 3.50 -28.11
CA GLY B 399 -11.35 2.73 -26.89
C GLY B 399 -12.74 2.34 -26.43
N TRP B 400 -13.75 2.87 -27.10
CA TRP B 400 -15.14 2.52 -26.79
C TRP B 400 -15.48 1.15 -27.34
N ILE B 401 -16.18 0.35 -26.54
CA ILE B 401 -16.72 -0.91 -27.02
C ILE B 401 -18.24 -0.83 -27.09
N VAL B 402 -18.75 -0.65 -28.30
CA VAL B 402 -20.19 -0.53 -28.52
C VAL B 402 -20.62 -1.57 -29.56
N PRO B 403 -21.46 -2.53 -29.15
CA PRO B 403 -21.80 -3.70 -29.96
C PRO B 403 -22.87 -3.41 -31.01
N ALA B 404 -22.84 -4.16 -32.09
CA ALA B 404 -23.91 -4.15 -33.08
C ALA B 404 -24.43 -5.56 -33.26
N TYR B 405 -25.73 -5.71 -33.44
CA TYR B 405 -26.34 -7.03 -33.57
C TYR B 405 -27.74 -6.95 -34.18
N THR B 406 -28.11 -7.99 -34.91
CA THR B 406 -29.44 -8.06 -35.52
C THR B 406 -30.45 -8.68 -34.56
N MET B 407 -31.67 -8.16 -34.59
CA MET B 407 -32.75 -8.70 -33.76
C MET B 407 -33.04 -10.15 -34.15
N PRO B 408 -33.74 -10.87 -33.26
CA PRO B 408 -34.19 -12.23 -33.55
C PRO B 408 -35.44 -12.22 -34.43
N PRO B 409 -35.77 -13.37 -35.03
CA PRO B 409 -37.00 -13.48 -35.84
C PRO B 409 -38.22 -13.04 -35.05
N ASN B 410 -39.15 -12.34 -35.69
CA ASN B 410 -39.04 -12.03 -37.11
C ASN B 410 -38.62 -10.59 -37.35
N ALA B 411 -37.45 -10.21 -36.82
CA ALA B 411 -36.92 -8.87 -37.00
C ALA B 411 -35.43 -8.93 -37.31
N GLN B 412 -35.02 -10.00 -37.99
CA GLN B 412 -33.63 -10.19 -38.36
C GLN B 412 -33.16 -9.10 -39.33
N HIS B 413 -34.10 -8.34 -39.86
CA HIS B 413 -33.79 -7.25 -40.78
C HIS B 413 -33.50 -5.95 -40.03
N ILE B 414 -33.62 -6.00 -38.71
CA ILE B 414 -33.36 -4.84 -37.87
C ILE B 414 -32.03 -4.98 -37.12
N THR B 415 -31.10 -4.06 -37.38
CA THR B 415 -29.80 -4.10 -36.74
C THR B 415 -29.59 -2.87 -35.85
N VAL B 416 -29.16 -3.09 -34.61
CA VAL B 416 -29.05 -2.00 -33.65
C VAL B 416 -27.68 -1.89 -32.97
N LEU B 417 -27.39 -0.71 -32.47
CA LEU B 417 -26.25 -0.48 -31.59
C LEU B 417 -26.78 -0.32 -30.17
N ARG B 418 -26.06 -0.86 -29.20
CA ARG B 418 -26.50 -0.77 -27.81
C ARG B 418 -25.43 -0.17 -26.91
N VAL B 419 -25.83 0.77 -26.07
CA VAL B 419 -24.93 1.34 -25.08
C VAL B 419 -25.55 1.17 -23.70
N VAL B 420 -24.92 0.32 -22.87
CA VAL B 420 -25.40 0.12 -21.51
C VAL B 420 -24.80 1.16 -20.58
N ILE B 421 -25.66 1.83 -19.82
CA ILE B 421 -25.20 2.81 -18.85
C ILE B 421 -25.11 2.18 -17.46
N ARG B 422 -23.90 2.04 -16.95
CA ARG B 422 -23.69 1.42 -15.64
C ARG B 422 -23.37 2.45 -14.56
N GLU B 423 -23.18 1.97 -13.34
CA GLU B 423 -22.93 2.85 -12.20
C GLU B 423 -21.74 3.77 -12.41
N ASP B 424 -20.68 3.25 -13.01
CA ASP B 424 -19.42 3.98 -13.14
C ASP B 424 -19.29 4.72 -14.46
N PHE B 425 -20.42 5.10 -15.05
CA PHE B 425 -20.43 5.83 -16.31
C PHE B 425 -20.92 7.25 -16.07
N SER B 426 -19.98 8.18 -15.89
CA SER B 426 -20.30 9.56 -15.55
C SER B 426 -20.74 10.38 -16.75
N ARG B 427 -21.23 11.59 -16.48
CA ARG B 427 -21.67 12.50 -17.53
C ARG B 427 -20.52 12.87 -18.46
N THR B 428 -19.32 12.96 -17.89
CA THR B 428 -18.13 13.29 -18.66
C THR B 428 -17.91 12.29 -19.79
N LEU B 429 -18.04 11.00 -19.47
CA LEU B 429 -17.90 9.94 -20.45
C LEU B 429 -19.06 9.94 -21.43
N ALA B 430 -20.27 10.17 -20.92
CA ALA B 430 -21.45 10.22 -21.75
C ALA B 430 -21.30 11.25 -22.86
N GLU B 431 -20.84 12.44 -22.49
CA GLU B 431 -20.69 13.53 -23.44
C GLU B 431 -19.55 13.28 -24.44
N ARG B 432 -18.49 12.64 -23.98
CA ARG B 432 -17.39 12.29 -24.88
C ARG B 432 -17.80 11.21 -25.87
N LEU B 433 -18.74 10.36 -25.47
CA LEU B 433 -19.23 9.29 -26.33
C LEU B 433 -20.00 9.89 -27.49
N VAL B 434 -20.88 10.84 -27.18
CA VAL B 434 -21.67 11.52 -28.20
C VAL B 434 -20.77 12.19 -29.24
N ILE B 435 -19.78 12.92 -28.74
CA ILE B 435 -18.82 13.61 -29.59
C ILE B 435 -18.08 12.65 -30.51
N ASP B 436 -17.61 11.54 -29.95
CA ASP B 436 -16.85 10.56 -30.71
C ASP B 436 -17.72 9.79 -31.70
N ILE B 437 -19.01 9.67 -31.40
CA ILE B 437 -19.94 9.03 -32.32
C ILE B 437 -20.16 9.94 -33.53
N GLU B 438 -20.24 11.25 -33.27
CA GLU B 438 -20.40 12.21 -34.35
C GLU B 438 -19.16 12.22 -35.24
N LYS B 439 -17.98 12.16 -34.63
CA LYS B 439 -16.73 12.10 -35.37
C LYS B 439 -16.71 10.89 -36.30
N VAL B 440 -17.19 9.77 -35.80
CA VAL B 440 -17.21 8.52 -36.57
C VAL B 440 -18.15 8.63 -37.77
N MET B 441 -19.26 9.35 -37.58
CA MET B 441 -20.22 9.53 -38.66
C MET B 441 -19.63 10.37 -39.80
N ARG B 442 -18.83 11.36 -39.43
CA ARG B 442 -18.17 12.20 -40.41
C ARG B 442 -17.12 11.41 -41.19
N GLU B 443 -16.27 10.68 -40.48
CA GLU B 443 -15.26 9.84 -41.11
C GLU B 443 -15.89 8.90 -42.13
N LEU B 444 -17.16 8.58 -41.92
CA LEU B 444 -17.87 7.68 -42.81
C LEU B 444 -18.44 8.40 -44.03
N ASP B 445 -18.80 9.67 -43.83
CA ASP B 445 -19.36 10.47 -44.92
C ASP B 445 -18.35 10.69 -46.04
N GLU B 446 -17.09 10.32 -45.79
CA GLU B 446 -16.04 10.47 -46.77
C GLU B 446 -15.44 9.13 -47.19
N LEU B 447 -16.29 8.11 -47.28
CA LEU B 447 -15.83 6.78 -47.66
C LEU B 447 -16.77 6.11 -48.67
N PRO B 448 -16.25 5.09 -49.37
CA PRO B 448 -17.01 4.26 -50.32
C PRO B 448 -17.96 3.31 -49.59
N VAL C 12 -25.15 13.33 4.26
CA VAL C 12 -24.03 14.26 4.41
C VAL C 12 -22.98 14.04 3.32
N SER C 13 -21.95 13.29 3.66
CA SER C 13 -20.90 12.96 2.70
C SER C 13 -20.69 11.45 2.67
N VAL C 14 -21.77 10.72 2.95
CA VAL C 14 -21.71 9.26 3.02
C VAL C 14 -21.92 8.63 1.66
N HIS C 15 -22.27 9.46 0.67
CA HIS C 15 -22.50 8.97 -0.69
C HIS C 15 -21.20 8.56 -1.36
N SER C 16 -21.22 7.43 -2.06
CA SER C 16 -20.09 7.05 -2.91
C SER C 16 -20.07 8.01 -4.10
N THR C 17 -18.92 8.14 -4.73
CA THR C 17 -18.75 9.12 -5.81
C THR C 17 -19.78 8.95 -6.93
N PHE C 18 -20.14 7.71 -7.22
CA PHE C 18 -21.09 7.44 -8.31
C PHE C 18 -22.54 7.49 -7.88
N ALA C 19 -22.77 7.75 -6.59
CA ALA C 19 -24.11 7.96 -6.07
C ALA C 19 -24.34 9.45 -5.84
N SER C 20 -23.28 10.23 -5.94
CA SER C 20 -23.35 11.67 -5.69
C SER C 20 -23.76 12.44 -6.95
N ARG C 21 -23.90 13.75 -6.80
CA ARG C 21 -24.32 14.62 -7.91
C ARG C 21 -23.14 15.21 -8.68
N TYR C 22 -21.93 14.77 -8.33
CA TYR C 22 -20.74 15.28 -8.99
C TYR C 22 -20.47 14.55 -10.32
N VAL C 23 -21.01 13.34 -10.44
CA VAL C 23 -20.86 12.57 -11.67
C VAL C 23 -21.95 12.91 -12.67
N ARG C 24 -22.80 13.88 -12.31
CA ARG C 24 -23.86 14.34 -13.20
C ARG C 24 -23.42 15.57 -13.98
N THR C 25 -22.32 16.18 -13.55
CA THR C 25 -21.77 17.34 -14.25
C THR C 25 -20.49 16.93 -14.96
N SER C 26 -20.33 17.40 -16.19
CA SER C 26 -19.10 17.17 -16.93
C SER C 26 -18.02 18.14 -16.45
N LEU C 27 -16.77 17.73 -16.53
CA LEU C 27 -15.66 18.54 -16.05
C LEU C 27 -15.55 19.87 -16.80
N PRO C 28 -15.29 20.96 -16.06
CA PRO C 28 -15.16 22.32 -16.61
C PRO C 28 -14.11 22.39 -17.72
N ARG C 29 -14.45 23.09 -18.80
CA ARG C 29 -13.53 23.23 -19.93
C ARG C 29 -12.96 24.64 -20.05
N PHE C 30 -13.71 25.63 -19.57
CA PHE C 30 -13.35 27.02 -19.80
C PHE C 30 -13.14 27.84 -18.53
N LYS C 31 -14.11 27.82 -17.63
CA LYS C 31 -14.01 28.60 -16.40
C LYS C 31 -13.67 27.74 -15.19
N MET C 32 -12.89 28.30 -14.28
CA MET C 32 -12.59 27.66 -13.02
C MET C 32 -13.85 27.66 -12.14
N PRO C 33 -14.17 26.50 -11.54
CA PRO C 33 -15.35 26.36 -10.69
C PRO C 33 -15.29 27.30 -9.48
N GLU C 34 -16.45 27.76 -9.01
CA GLU C 34 -16.50 28.65 -7.86
C GLU C 34 -16.27 27.89 -6.56
N ASN C 35 -16.81 26.68 -6.48
CA ASN C 35 -16.75 25.90 -5.24
C ASN C 35 -15.91 24.64 -5.33
N SER C 36 -15.42 24.19 -4.18
CA SER C 36 -14.64 22.97 -4.10
C SER C 36 -15.53 21.74 -4.27
N ILE C 37 -14.94 20.64 -4.67
CA ILE C 37 -15.63 19.35 -4.68
C ILE C 37 -14.76 18.33 -3.96
N PRO C 38 -15.37 17.28 -3.41
CA PRO C 38 -14.62 16.29 -2.63
C PRO C 38 -13.43 15.73 -3.39
N LYS C 39 -12.31 15.51 -2.70
CA LYS C 39 -11.11 15.01 -3.34
C LYS C 39 -11.34 13.68 -4.06
N GLU C 40 -12.08 12.78 -3.42
CA GLU C 40 -12.38 11.48 -4.02
C GLU C 40 -13.14 11.64 -5.34
N ALA C 41 -14.05 12.61 -5.39
CA ALA C 41 -14.84 12.86 -6.59
C ALA C 41 -13.97 13.40 -7.72
N ALA C 42 -13.14 14.39 -7.40
CA ALA C 42 -12.25 14.99 -8.39
C ALA C 42 -11.28 13.96 -8.95
N TYR C 43 -10.75 13.12 -8.07
CA TYR C 43 -9.84 12.06 -8.48
C TYR C 43 -10.51 11.12 -9.47
N GLN C 44 -11.72 10.68 -9.14
CA GLN C 44 -12.41 9.67 -9.92
C GLN C 44 -12.72 10.13 -11.33
N ILE C 45 -13.32 11.31 -11.45
CA ILE C 45 -13.75 11.83 -12.74
C ILE C 45 -12.57 12.11 -13.67
N ILE C 46 -11.51 12.69 -13.13
CA ILE C 46 -10.32 12.97 -13.91
C ILE C 46 -9.63 11.67 -14.32
N ASN C 47 -9.53 10.74 -13.37
CA ASN C 47 -8.97 9.42 -13.64
C ASN C 47 -9.75 8.69 -14.72
N ASP C 48 -11.06 8.83 -14.70
CA ASP C 48 -11.92 8.14 -15.65
C ASP C 48 -11.76 8.67 -17.06
N GLU C 49 -11.73 9.98 -17.23
CA GLU C 49 -11.57 10.58 -18.55
C GLU C 49 -10.20 10.25 -19.13
N LEU C 50 -9.20 10.15 -18.25
CA LEU C 50 -7.84 9.80 -18.67
C LEU C 50 -7.76 8.39 -19.26
N MET C 51 -8.78 7.58 -19.04
CA MET C 51 -8.81 6.23 -19.57
C MET C 51 -8.94 6.25 -21.09
N LEU C 52 -9.37 7.38 -21.63
CA LEU C 52 -9.52 7.53 -23.06
C LEU C 52 -8.18 7.89 -23.72
N ASP C 53 -7.16 8.09 -22.89
CA ASP C 53 -5.80 8.18 -23.39
C ASP C 53 -5.35 6.79 -23.81
N GLY C 54 -4.35 6.73 -24.69
CA GLY C 54 -3.78 5.46 -25.10
C GLY C 54 -2.95 4.87 -23.97
N ASN C 55 -2.68 3.58 -24.06
CA ASN C 55 -1.80 2.93 -23.09
C ASN C 55 -0.34 3.12 -23.50
N PRO C 56 0.42 3.86 -22.68
CA PRO C 56 1.83 4.15 -22.97
C PRO C 56 2.61 2.88 -23.34
N ARG C 57 2.37 1.80 -22.61
CA ARG C 57 3.07 0.55 -22.85
C ARG C 57 2.80 -0.01 -24.26
N LEU C 58 1.68 0.40 -24.84
CA LEU C 58 1.32 -0.05 -26.18
C LEU C 58 1.60 1.00 -27.23
N ASN C 59 2.09 2.16 -26.78
CA ASN C 59 2.46 3.24 -27.68
C ASN C 59 3.81 2.97 -28.35
N LEU C 60 3.77 2.39 -29.54
CA LEU C 60 4.99 2.04 -30.25
C LEU C 60 5.52 3.19 -31.11
N ALA C 61 4.89 4.35 -30.98
CA ALA C 61 5.30 5.54 -31.72
C ALA C 61 6.42 6.27 -30.99
N SER C 62 6.48 6.09 -29.69
CA SER C 62 7.39 6.86 -28.84
C SER C 62 8.73 6.17 -28.58
N PHE C 63 9.77 6.98 -28.40
CA PHE C 63 11.08 6.49 -28.02
C PHE C 63 11.24 6.61 -26.50
N VAL C 64 10.27 7.24 -25.85
CA VAL C 64 10.36 7.54 -24.42
C VAL C 64 9.98 6.35 -23.55
N THR C 65 10.80 6.08 -22.54
CA THR C 65 10.60 4.97 -21.62
C THR C 65 9.25 5.03 -20.92
N THR C 66 8.58 3.89 -20.83
CA THR C 66 7.24 3.84 -20.29
C THR C 66 7.13 2.88 -19.10
N TRP C 67 8.27 2.42 -18.61
CA TRP C 67 8.30 1.51 -17.46
C TRP C 67 9.59 1.62 -16.67
N MET C 68 9.46 1.66 -15.34
CA MET C 68 10.62 1.59 -14.46
C MET C 68 10.35 0.61 -13.34
N GLU C 69 11.40 0.14 -12.67
CA GLU C 69 11.25 -0.74 -11.53
C GLU C 69 10.49 -0.06 -10.40
N PRO C 70 9.65 -0.83 -9.68
CA PRO C 70 8.89 -0.31 -8.55
C PRO C 70 9.79 0.42 -7.54
N GLU C 71 11.00 -0.10 -7.34
CA GLU C 71 11.94 0.52 -6.43
C GLU C 71 12.26 1.94 -6.86
N CYS C 72 12.29 2.16 -8.17
CA CYS C 72 12.59 3.47 -8.72
C CYS C 72 11.37 4.39 -8.64
N ASP C 73 10.18 3.81 -8.71
CA ASP C 73 8.95 4.58 -8.52
C ASP C 73 8.92 5.22 -7.13
N LYS C 74 9.43 4.49 -6.14
CA LYS C 74 9.50 4.99 -4.77
C LYS C 74 10.41 6.20 -4.65
N LEU C 75 11.62 6.08 -5.20
CA LEU C 75 12.56 7.20 -5.18
C LEU C 75 11.93 8.44 -5.79
N ILE C 76 11.28 8.25 -6.93
CA ILE C 76 10.58 9.34 -7.61
C ILE C 76 9.53 9.97 -6.71
N MET C 77 8.66 9.15 -6.14
CA MET C 77 7.60 9.64 -5.27
C MET C 77 8.17 10.33 -4.02
N SER C 78 9.29 9.80 -3.52
CA SER C 78 9.91 10.36 -2.31
C SER C 78 10.49 11.74 -2.57
N SER C 79 10.60 12.12 -3.84
CA SER C 79 11.24 13.38 -4.17
C SER C 79 10.51 14.22 -5.21
N ILE C 80 9.21 13.98 -5.39
CA ILE C 80 8.43 14.82 -6.30
C ILE C 80 8.27 16.24 -5.76
N ASN C 81 8.57 16.42 -4.48
CA ASN C 81 8.48 17.75 -3.87
C ASN C 81 9.83 18.44 -3.74
N LYS C 82 10.89 17.79 -4.18
CA LYS C 82 12.22 18.40 -4.20
C LYS C 82 12.42 19.21 -5.48
N ASN C 83 12.35 20.54 -5.36
CA ASN C 83 12.66 21.42 -6.47
C ASN C 83 14.16 21.40 -6.76
N TYR C 84 14.53 20.94 -7.95
CA TYR C 84 15.94 20.74 -8.26
C TYR C 84 16.80 22.00 -8.10
N VAL C 85 16.25 23.14 -8.48
CA VAL C 85 17.03 24.38 -8.54
C VAL C 85 17.52 24.85 -7.17
N ASP C 86 17.00 24.25 -6.11
CA ASP C 86 17.41 24.60 -4.75
C ASP C 86 18.70 23.89 -4.37
N MET C 87 19.81 24.30 -4.98
CA MET C 87 21.11 23.66 -4.77
C MET C 87 21.55 23.65 -3.31
N ASP C 88 21.45 24.79 -2.65
CA ASP C 88 21.86 24.91 -1.26
C ASP C 88 21.05 23.99 -0.35
N GLU C 89 19.74 23.96 -0.58
CA GLU C 89 18.85 23.16 0.25
C GLU C 89 19.02 21.66 0.03
N TYR C 90 19.29 21.27 -1.22
CA TYR C 90 19.44 19.86 -1.54
C TYR C 90 20.80 19.58 -2.18
N PRO C 91 21.84 19.52 -1.35
CA PRO C 91 23.22 19.31 -1.82
C PRO C 91 23.39 17.98 -2.54
N VAL C 92 22.81 16.92 -1.99
CA VAL C 92 22.98 15.59 -2.56
C VAL C 92 22.30 15.47 -3.93
N THR C 93 21.11 16.02 -4.06
CA THR C 93 20.41 16.00 -5.34
C THR C 93 21.29 16.64 -6.43
N THR C 94 21.94 17.74 -6.09
CA THR C 94 22.82 18.42 -7.03
C THR C 94 24.05 17.56 -7.36
N GLU C 95 24.59 16.89 -6.36
CA GLU C 95 25.75 16.03 -6.58
C GLU C 95 25.43 14.89 -7.54
N LEU C 96 24.28 14.26 -7.34
CA LEU C 96 23.87 13.15 -8.21
C LEU C 96 23.80 13.60 -9.67
N GLN C 97 23.40 14.84 -9.88
CA GLN C 97 23.34 15.40 -11.22
C GLN C 97 24.75 15.49 -11.79
N ASN C 98 25.69 15.96 -10.97
CA ASN C 98 27.09 16.04 -11.37
C ASN C 98 27.69 14.68 -11.69
N ARG C 99 27.37 13.68 -10.87
CA ARG C 99 27.87 12.33 -11.08
C ARG C 99 27.36 11.76 -12.40
N CYS C 100 26.10 12.03 -12.71
CA CYS C 100 25.52 11.61 -13.99
C CYS C 100 26.27 12.24 -15.16
N VAL C 101 26.56 13.53 -15.05
CA VAL C 101 27.33 14.23 -16.08
C VAL C 101 28.69 13.56 -16.26
N ASN C 102 29.36 13.28 -15.15
CA ASN C 102 30.65 12.61 -15.19
C ASN C 102 30.56 11.25 -15.87
N MET C 103 29.59 10.45 -15.43
CA MET C 103 29.46 9.09 -15.93
C MET C 103 29.10 9.05 -17.41
N ILE C 104 28.23 9.95 -17.83
CA ILE C 104 27.86 10.04 -19.24
C ILE C 104 29.04 10.57 -20.07
N ALA C 105 29.79 11.51 -19.50
CA ALA C 105 30.95 12.06 -20.18
C ALA C 105 31.98 10.97 -20.48
N HIS C 106 32.30 10.17 -19.47
CA HIS C 106 33.22 9.05 -19.64
C HIS C 106 32.66 8.03 -20.63
N LEU C 107 31.34 7.83 -20.56
CA LEU C 107 30.66 6.89 -21.45
C LEU C 107 30.87 7.30 -22.89
N PHE C 108 30.99 8.61 -23.13
CA PHE C 108 31.21 9.14 -24.47
C PHE C 108 32.68 9.38 -24.75
N ASN C 109 33.54 8.84 -23.89
CA ASN C 109 34.98 8.92 -24.09
C ASN C 109 35.51 10.35 -24.11
N ALA C 110 34.91 11.22 -23.31
CA ALA C 110 35.37 12.60 -23.20
C ALA C 110 36.81 12.64 -22.69
N PRO C 111 37.57 13.67 -23.08
CA PRO C 111 38.95 13.83 -22.62
C PRO C 111 38.98 14.19 -21.14
N LEU C 112 38.92 13.19 -20.26
CA LEU C 112 38.89 13.43 -18.82
C LEU C 112 40.03 12.75 -18.07
N GLU C 113 40.45 13.37 -16.97
CA GLU C 113 41.59 12.90 -16.20
C GLU C 113 41.17 12.07 -14.98
N GLU C 114 40.38 11.03 -15.23
CA GLU C 114 40.00 10.09 -14.18
C GLU C 114 39.05 10.69 -13.13
N ALA C 115 39.58 11.56 -12.29
CA ALA C 115 38.79 12.19 -11.23
C ALA C 115 38.45 13.63 -11.56
N GLU C 116 38.67 14.02 -12.81
CA GLU C 116 38.34 15.36 -13.27
C GLU C 116 36.82 15.53 -13.40
N THR C 117 36.33 16.71 -13.06
CA THR C 117 34.91 17.00 -13.21
C THR C 117 34.57 17.32 -14.66
N ALA C 118 33.59 16.60 -15.20
CA ALA C 118 33.20 16.76 -16.59
C ALA C 118 32.42 18.05 -16.82
N VAL C 119 32.36 18.48 -18.08
CA VAL C 119 31.62 19.67 -18.44
C VAL C 119 30.31 19.28 -19.13
N GLY C 120 29.20 19.55 -18.46
CA GLY C 120 27.89 19.21 -19.01
C GLY C 120 26.78 19.51 -18.02
N VAL C 121 25.54 19.42 -18.48
CA VAL C 121 24.39 19.69 -17.63
C VAL C 121 23.21 18.77 -17.92
N GLY C 122 22.41 18.53 -16.88
CA GLY C 122 21.16 17.81 -17.05
C GLY C 122 20.08 18.77 -17.49
N THR C 123 19.21 18.30 -18.38
CA THR C 123 18.14 19.13 -18.92
C THR C 123 16.81 18.40 -18.84
N VAL C 124 15.75 19.06 -19.26
CA VAL C 124 14.43 18.44 -19.30
C VAL C 124 14.40 17.35 -20.37
N GLY C 125 15.13 17.60 -21.46
CA GLY C 125 15.21 16.65 -22.56
C GLY C 125 16.27 17.07 -23.56
N SER C 126 16.35 16.37 -24.68
CA SER C 126 17.32 16.71 -25.71
C SER C 126 17.02 18.06 -26.35
N SER C 127 15.74 18.43 -26.37
CA SER C 127 15.33 19.71 -26.93
C SER C 127 16.10 20.87 -26.29
N GLU C 128 16.07 20.94 -24.96
CA GLU C 128 16.79 21.97 -24.24
C GLU C 128 18.29 21.78 -24.36
N ALA C 129 18.72 20.52 -24.37
CA ALA C 129 20.14 20.20 -24.49
C ALA C 129 20.69 20.71 -25.81
N ILE C 130 19.90 20.53 -26.87
CA ILE C 130 20.29 20.96 -28.21
C ILE C 130 20.43 22.47 -28.29
N MET C 131 19.52 23.19 -27.65
CA MET C 131 19.52 24.64 -27.68
C MET C 131 20.63 25.25 -26.85
N LEU C 132 21.04 24.55 -25.80
CA LEU C 132 22.19 24.97 -25.01
C LEU C 132 23.46 24.72 -25.81
N ALA C 133 23.52 23.56 -26.46
CA ALA C 133 24.64 23.22 -27.32
C ALA C 133 24.76 24.23 -28.46
N GLY C 134 23.61 24.58 -29.05
CA GLY C 134 23.57 25.56 -30.12
C GLY C 134 24.05 26.92 -29.67
N LEU C 135 23.57 27.36 -28.51
CA LEU C 135 23.99 28.63 -27.93
C LEU C 135 25.50 28.68 -27.74
N ALA C 136 26.06 27.61 -27.22
CA ALA C 136 27.50 27.53 -27.01
C ALA C 136 28.23 27.67 -28.34
N PHE C 137 27.73 26.98 -29.36
CA PHE C 137 28.32 27.06 -30.70
C PHE C 137 28.24 28.47 -31.26
N LYS C 138 27.04 29.05 -31.22
CA LYS C 138 26.82 30.38 -31.75
C LYS C 138 27.74 31.39 -31.08
N ARG C 139 27.73 31.39 -29.75
CA ARG C 139 28.53 32.33 -28.97
C ARG C 139 30.02 32.13 -29.23
N LYS C 140 30.48 30.89 -29.19
CA LYS C 140 31.87 30.58 -29.44
C LYS C 140 32.29 31.06 -30.82
N TRP C 141 31.36 30.98 -31.76
CA TRP C 141 31.59 31.41 -33.14
C TRP C 141 31.62 32.93 -33.22
N GLN C 142 30.66 33.57 -32.56
CA GLN C 142 30.61 35.03 -32.51
C GLN C 142 31.92 35.60 -31.96
N ASN C 143 32.36 35.06 -30.82
CA ASN C 143 33.60 35.51 -30.20
C ASN C 143 34.79 35.39 -31.15
N LYS C 144 34.91 34.23 -31.78
CA LYS C 144 36.04 33.97 -32.68
C LYS C 144 36.04 34.96 -33.84
N ARG C 145 34.87 35.24 -34.38
CA ARG C 145 34.74 36.16 -35.50
C ARG C 145 34.99 37.61 -35.10
N LYS C 146 34.39 38.03 -33.98
CA LYS C 146 34.58 39.39 -33.49
C LYS C 146 36.07 39.67 -33.24
N ALA C 147 36.79 38.63 -32.86
CA ALA C 147 38.23 38.74 -32.59
C ALA C 147 39.01 38.93 -33.88
N GLU C 148 38.43 38.46 -34.99
CA GLU C 148 39.07 38.58 -36.29
C GLU C 148 38.50 39.77 -37.06
N GLY C 149 37.60 40.52 -36.43
CA GLY C 149 37.00 41.68 -37.07
C GLY C 149 35.95 41.31 -38.11
N LYS C 150 35.70 40.02 -38.26
CA LYS C 150 34.74 39.52 -39.23
C LYS C 150 33.30 39.67 -38.77
N PRO C 151 32.35 39.69 -39.72
CA PRO C 151 30.92 39.88 -39.44
C PRO C 151 30.29 38.66 -38.79
N VAL C 152 29.23 38.87 -38.02
CA VAL C 152 28.59 37.79 -37.27
C VAL C 152 27.07 37.85 -37.38
N ASP C 153 26.57 38.30 -38.52
CA ASP C 153 25.13 38.52 -38.68
C ASP C 153 24.39 37.39 -39.41
N LYS C 154 25.13 36.41 -39.93
CA LYS C 154 24.51 35.33 -40.70
C LYS C 154 25.00 33.94 -40.31
N PRO C 155 24.78 33.54 -39.05
CA PRO C 155 25.23 32.22 -38.60
C PRO C 155 24.38 31.11 -39.23
N ASN C 156 24.95 29.93 -39.41
CA ASN C 156 24.17 28.80 -39.89
C ASN C 156 24.61 27.45 -39.29
N ILE C 157 23.74 26.47 -39.42
CA ILE C 157 24.02 25.11 -38.99
C ILE C 157 23.76 24.15 -40.15
N VAL C 158 24.58 23.12 -40.26
CA VAL C 158 24.42 22.15 -41.34
C VAL C 158 23.96 20.79 -40.81
N THR C 159 22.80 20.34 -41.28
CA THR C 159 22.27 19.03 -40.91
C THR C 159 21.56 18.41 -42.09
N GLY C 160 21.06 17.18 -41.90
CA GLY C 160 20.28 16.51 -42.92
C GLY C 160 18.82 16.91 -42.82
N ALA C 161 18.05 16.59 -43.85
CA ALA C 161 16.62 16.90 -43.86
C ALA C 161 15.87 16.00 -42.87
N ASN C 162 16.56 14.96 -42.40
CA ASN C 162 16.00 14.08 -41.38
C ASN C 162 16.12 14.69 -39.99
N VAL C 163 16.55 15.95 -39.94
CA VAL C 163 16.76 16.64 -38.68
C VAL C 163 15.49 16.72 -37.84
N GLN C 164 15.63 16.56 -36.53
CA GLN C 164 14.48 16.57 -35.63
C GLN C 164 14.05 18.02 -35.36
N VAL C 165 12.75 18.21 -35.17
CA VAL C 165 12.15 19.53 -35.06
C VAL C 165 12.90 20.49 -34.14
N CYS C 166 13.59 19.95 -33.14
CA CYS C 166 14.25 20.77 -32.14
C CYS C 166 15.33 21.69 -32.72
N TRP C 167 15.92 21.28 -33.83
CA TRP C 167 16.93 22.09 -34.50
C TRP C 167 16.28 23.22 -35.30
N GLU C 168 15.04 22.98 -35.74
CA GLU C 168 14.28 24.01 -36.44
C GLU C 168 13.83 25.06 -35.43
N LYS C 169 13.46 24.61 -34.24
CA LYS C 169 13.10 25.54 -33.18
C LYS C 169 14.29 26.44 -32.85
N PHE C 170 15.45 25.81 -32.63
CA PHE C 170 16.65 26.56 -32.31
C PHE C 170 16.96 27.58 -33.40
N ALA C 171 16.97 27.13 -34.64
CA ALA C 171 17.28 28.00 -35.77
C ALA C 171 16.38 29.23 -35.79
N ARG C 172 15.08 29.02 -35.63
CA ARG C 172 14.10 30.09 -35.72
C ARG C 172 14.16 31.03 -34.51
N TYR C 173 14.25 30.48 -33.32
CA TYR C 173 14.21 31.30 -32.11
C TYR C 173 15.52 32.03 -31.84
N PHE C 174 16.63 31.40 -32.22
CA PHE C 174 17.94 32.00 -32.00
C PHE C 174 18.53 32.58 -33.27
N GLU C 175 17.66 32.77 -34.27
CA GLU C 175 18.03 33.43 -35.51
C GLU C 175 19.31 32.87 -36.13
N VAL C 176 19.31 31.57 -36.38
CA VAL C 176 20.40 30.90 -37.07
C VAL C 176 19.83 30.20 -38.30
N GLU C 177 20.57 30.21 -39.39
CA GLU C 177 20.09 29.63 -40.64
C GLU C 177 20.30 28.12 -40.66
N LEU C 178 19.27 27.39 -41.07
CA LEU C 178 19.34 25.94 -41.13
C LEU C 178 19.58 25.46 -42.56
N LYS C 179 20.80 25.01 -42.82
CA LYS C 179 21.16 24.46 -44.13
C LYS C 179 21.00 22.94 -44.11
N GLU C 180 20.01 22.45 -44.83
CA GLU C 180 19.69 21.02 -44.80
C GLU C 180 20.16 20.26 -46.04
N VAL C 181 20.79 19.11 -45.81
CA VAL C 181 21.14 18.19 -46.88
C VAL C 181 19.93 17.31 -47.16
N LYS C 182 19.38 17.43 -48.36
CA LYS C 182 18.15 16.71 -48.70
C LYS C 182 18.32 15.21 -48.80
N LEU C 183 17.22 14.48 -48.61
CA LEU C 183 17.22 13.02 -48.65
C LEU C 183 16.95 12.50 -50.05
N SER C 184 17.52 11.33 -50.35
CA SER C 184 17.25 10.65 -51.61
C SER C 184 16.50 9.36 -51.33
N GLU C 185 15.80 8.85 -52.33
CA GLU C 185 15.09 7.59 -52.19
C GLU C 185 16.09 6.48 -51.84
N GLY C 186 15.83 5.79 -50.75
CA GLY C 186 16.72 4.71 -50.30
C GLY C 186 17.90 5.23 -49.51
N TYR C 187 17.97 6.53 -49.33
CA TYR C 187 19.07 7.16 -48.59
C TYR C 187 18.47 8.18 -47.61
N TYR C 188 18.24 7.75 -46.38
CA TYR C 188 17.44 8.54 -45.45
C TYR C 188 18.23 9.22 -44.34
N VAL C 189 19.55 9.17 -44.43
CA VAL C 189 20.40 9.91 -43.50
C VAL C 189 21.17 11.01 -44.23
N MET C 190 21.93 11.79 -43.47
CA MET C 190 22.71 12.88 -44.05
C MET C 190 23.98 12.34 -44.71
N ASP C 191 24.21 12.73 -45.96
CA ASP C 191 25.43 12.36 -46.66
C ASP C 191 26.58 13.25 -46.19
N PRO C 192 27.58 12.65 -45.55
CA PRO C 192 28.72 13.39 -45.00
C PRO C 192 29.36 14.31 -46.03
N GLN C 193 29.56 13.82 -47.25
CA GLN C 193 30.20 14.61 -48.29
C GLN C 193 29.43 15.89 -48.60
N GLN C 194 28.16 15.75 -48.97
CA GLN C 194 27.31 16.90 -49.29
C GLN C 194 27.27 17.88 -48.12
N ALA C 195 27.33 17.35 -46.90
CA ALA C 195 27.29 18.18 -45.71
C ALA C 195 28.54 19.06 -45.61
N VAL C 196 29.70 18.45 -45.74
CA VAL C 196 30.97 19.18 -45.66
C VAL C 196 31.06 20.25 -46.75
N ASP C 197 30.46 19.97 -47.91
CA ASP C 197 30.48 20.89 -49.02
C ASP C 197 29.63 22.13 -48.76
N MET C 198 28.63 21.98 -47.89
CA MET C 198 27.75 23.10 -47.54
C MET C 198 28.37 24.02 -46.49
N VAL C 199 29.35 23.50 -45.76
CA VAL C 199 30.02 24.28 -44.73
C VAL C 199 30.66 25.54 -45.31
N ASP C 200 30.37 26.67 -44.69
CA ASP C 200 31.05 27.92 -45.04
C ASP C 200 31.55 28.63 -43.78
N GLU C 201 32.05 29.85 -43.95
CA GLU C 201 32.65 30.58 -42.84
C GLU C 201 31.64 30.91 -41.72
N ASN C 202 30.36 30.88 -42.06
CA ASN C 202 29.31 31.21 -41.11
C ASN C 202 28.70 30.01 -40.40
N THR C 203 29.23 28.82 -40.69
CA THR C 203 28.72 27.60 -40.07
C THR C 203 29.23 27.44 -38.65
N ILE C 204 28.32 27.56 -37.68
CA ILE C 204 28.70 27.46 -36.28
C ILE C 204 28.95 26.01 -35.86
N CYS C 205 28.36 25.08 -36.61
CA CYS C 205 28.63 23.65 -36.41
C CYS C 205 27.90 22.79 -37.43
N VAL C 206 28.34 21.54 -37.55
CA VAL C 206 27.63 20.55 -38.34
C VAL C 206 27.02 19.53 -37.37
N ALA C 207 25.71 19.40 -37.39
CA ALA C 207 25.03 18.50 -36.46
C ALA C 207 24.70 17.15 -37.10
N ALA C 208 25.35 16.10 -36.60
CA ALA C 208 25.10 14.75 -37.06
C ALA C 208 24.16 14.03 -36.09
N ILE C 209 23.32 13.15 -36.62
CA ILE C 209 22.33 12.46 -35.81
C ILE C 209 22.66 10.98 -35.65
N LEU C 210 22.91 10.57 -34.40
CA LEU C 210 23.22 9.17 -34.11
C LEU C 210 21.95 8.41 -33.75
N GLY C 211 21.16 8.10 -34.76
CA GLY C 211 19.89 7.43 -34.56
C GLY C 211 18.74 8.30 -35.04
N SER C 212 18.50 8.27 -36.34
CA SER C 212 17.45 9.08 -36.95
C SER C 212 16.07 8.61 -36.50
N THR C 213 15.18 9.56 -36.19
CA THR C 213 13.85 9.22 -35.76
C THR C 213 13.03 8.63 -36.91
N LEU C 214 13.61 8.62 -38.11
CA LEU C 214 12.91 8.18 -39.30
C LEU C 214 13.11 6.70 -39.62
N ASN C 215 14.33 6.21 -39.40
CA ASN C 215 14.61 4.79 -39.63
C ASN C 215 15.67 4.23 -38.69
N GLY C 216 15.94 4.99 -37.62
CA GLY C 216 16.85 4.54 -36.57
C GLY C 216 18.29 4.32 -37.01
N GLU C 217 18.67 4.89 -38.15
CA GLU C 217 20.02 4.71 -38.66
C GLU C 217 21.01 5.67 -38.01
N PHE C 218 22.21 5.17 -37.72
CA PHE C 218 23.29 6.03 -37.25
C PHE C 218 23.97 6.69 -38.44
N GLU C 219 24.15 8.01 -38.36
CA GLU C 219 24.88 8.70 -39.41
C GLU C 219 26.38 8.43 -39.27
N ASP C 220 27.10 8.50 -40.38
CA ASP C 220 28.52 8.18 -40.41
C ASP C 220 29.35 9.32 -39.83
N VAL C 221 29.32 9.47 -38.51
CA VAL C 221 30.00 10.58 -37.86
C VAL C 221 31.50 10.56 -38.11
N LYS C 222 32.09 9.37 -38.13
CA LYS C 222 33.53 9.24 -38.34
C LYS C 222 33.95 9.79 -39.71
N LEU C 223 33.16 9.48 -40.74
CA LEU C 223 33.44 9.98 -42.07
C LEU C 223 33.31 11.50 -42.10
N LEU C 224 32.24 11.99 -41.50
CA LEU C 224 32.01 13.43 -41.40
C LEU C 224 33.21 14.12 -40.76
N ASN C 225 33.72 13.52 -39.69
CA ASN C 225 34.88 14.05 -39.01
C ASN C 225 36.11 14.06 -39.91
N ASP C 226 36.33 12.96 -40.61
CA ASP C 226 37.50 12.83 -41.49
C ASP C 226 37.49 13.87 -42.60
N LEU C 227 36.35 14.03 -43.26
CA LEU C 227 36.23 15.02 -44.33
C LEU C 227 36.35 16.44 -43.82
N LEU C 228 35.79 16.69 -42.64
CA LEU C 228 35.76 18.05 -42.09
C LEU C 228 37.13 18.48 -41.59
N VAL C 229 37.92 17.51 -41.13
CA VAL C 229 39.29 17.79 -40.72
C VAL C 229 40.12 18.23 -41.92
N GLU C 230 39.90 17.58 -43.05
CA GLU C 230 40.57 17.95 -44.28
C GLU C 230 40.20 19.36 -44.72
N LYS C 231 38.89 19.63 -44.75
CA LYS C 231 38.41 20.95 -45.15
C LYS C 231 38.90 22.04 -44.21
N ASN C 232 39.09 21.68 -42.94
CA ASN C 232 39.59 22.64 -41.96
C ASN C 232 41.02 23.06 -42.25
N LYS C 233 41.81 22.14 -42.78
CA LYS C 233 43.20 22.44 -43.15
C LYS C 233 43.24 23.50 -44.24
N GLU C 234 42.25 23.45 -45.14
CA GLU C 234 42.16 24.41 -46.23
C GLU C 234 41.57 25.74 -45.79
N THR C 235 40.31 25.71 -45.35
CA THR C 235 39.56 26.92 -45.04
C THR C 235 40.11 27.70 -43.86
N GLY C 236 40.70 26.99 -42.89
CA GLY C 236 41.19 27.64 -41.70
C GLY C 236 40.09 27.89 -40.69
N TRP C 237 38.84 27.73 -41.14
CA TRP C 237 37.71 27.77 -40.21
C TRP C 237 37.84 26.57 -39.30
N ASP C 238 37.38 26.69 -38.06
CA ASP C 238 37.47 25.57 -37.13
C ASP C 238 36.07 24.98 -36.90
N THR C 239 35.45 24.55 -38.00
CA THR C 239 34.08 24.04 -37.95
C THR C 239 33.98 22.80 -37.07
N PRO C 240 33.12 22.84 -36.05
CA PRO C 240 32.94 21.78 -35.07
C PRO C 240 31.81 20.85 -35.45
N ILE C 241 31.76 19.68 -34.81
CA ILE C 241 30.66 18.75 -35.00
C ILE C 241 29.87 18.59 -33.70
N HIS C 242 28.55 18.58 -33.81
CA HIS C 242 27.70 18.21 -32.68
C HIS C 242 26.95 16.94 -33.03
N VAL C 243 26.95 15.99 -32.10
CA VAL C 243 26.25 14.73 -32.31
C VAL C 243 24.94 14.71 -31.53
N ASP C 244 23.83 14.69 -32.24
CA ASP C 244 22.53 14.53 -31.62
C ASP C 244 22.30 13.04 -31.37
N ALA C 245 22.67 12.59 -30.16
CA ALA C 245 22.52 11.19 -29.80
C ALA C 245 21.33 11.00 -28.87
N ALA C 246 20.25 11.72 -29.15
CA ALA C 246 19.04 11.65 -28.33
C ALA C 246 18.71 10.23 -27.90
N SER C 247 18.69 9.32 -28.87
CA SER C 247 18.41 7.92 -28.59
C SER C 247 19.66 7.04 -28.65
N GLY C 248 20.41 7.15 -29.75
CA GLY C 248 21.60 6.34 -29.94
C GLY C 248 22.67 6.46 -28.86
N GLY C 249 22.61 7.54 -28.09
CA GLY C 249 23.62 7.80 -27.07
C GLY C 249 23.69 6.72 -26.00
N PHE C 250 22.56 6.09 -25.71
CA PHE C 250 22.52 5.04 -24.69
C PHE C 250 22.42 3.66 -25.33
N ILE C 251 22.77 3.57 -26.61
CA ILE C 251 22.72 2.30 -27.33
C ILE C 251 24.10 1.90 -27.84
N ALA C 252 24.75 2.83 -28.54
CA ALA C 252 26.07 2.58 -29.10
C ALA C 252 27.09 2.11 -28.05
N PRO C 253 27.19 2.81 -26.92
CA PRO C 253 28.21 2.45 -25.92
C PRO C 253 28.09 1.01 -25.45
N PHE C 254 26.93 0.39 -25.62
CA PHE C 254 26.69 -0.93 -25.08
C PHE C 254 26.59 -2.02 -26.15
N LEU C 255 26.02 -1.68 -27.30
CA LEU C 255 25.91 -2.64 -28.41
C LEU C 255 27.11 -2.54 -29.35
N TYR C 256 27.59 -1.32 -29.58
CA TYR C 256 28.68 -1.10 -30.52
C TYR C 256 29.77 -0.21 -29.92
N PRO C 257 30.55 -0.76 -28.98
CA PRO C 257 31.61 0.02 -28.32
C PRO C 257 32.70 0.43 -29.30
N GLU C 258 32.99 -0.44 -30.27
CA GLU C 258 34.06 -0.18 -31.23
C GLU C 258 33.75 1.05 -32.09
N LEU C 259 32.47 1.23 -32.40
CA LEU C 259 32.02 2.33 -33.26
C LEU C 259 32.50 3.69 -32.76
N GLU C 260 33.26 4.39 -33.61
CA GLU C 260 33.76 5.71 -33.25
C GLU C 260 32.80 6.80 -33.73
N TRP C 261 32.12 7.43 -32.77
CA TRP C 261 31.11 8.43 -33.09
C TRP C 261 31.17 9.59 -32.09
N ASP C 262 31.85 9.34 -30.98
CA ASP C 262 31.83 10.27 -29.85
C ASP C 262 33.07 11.15 -29.79
N PHE C 263 33.49 11.49 -28.58
CA PHE C 263 34.62 12.38 -28.37
C PHE C 263 35.94 11.76 -28.82
N ARG C 264 35.91 10.50 -29.21
CA ARG C 264 37.09 9.87 -29.81
C ARG C 264 37.42 10.59 -31.11
N LEU C 265 36.40 11.16 -31.74
CA LEU C 265 36.59 11.99 -32.92
C LEU C 265 36.90 13.42 -32.50
N PRO C 266 38.05 13.95 -32.96
CA PRO C 266 38.57 15.25 -32.54
C PRO C 266 37.60 16.41 -32.75
N LEU C 267 36.81 16.36 -33.82
CA LEU C 267 35.95 17.47 -34.17
C LEU C 267 34.62 17.52 -33.40
N VAL C 268 34.28 16.42 -32.74
CA VAL C 268 33.07 16.37 -31.94
C VAL C 268 33.26 17.20 -30.68
N LYS C 269 32.54 18.33 -30.59
CA LYS C 269 32.74 19.27 -29.50
C LYS C 269 31.67 19.18 -28.42
N SER C 270 30.50 18.67 -28.79
CA SER C 270 29.42 18.48 -27.82
C SER C 270 28.44 17.40 -28.26
N ILE C 271 27.83 16.74 -27.28
CA ILE C 271 26.89 15.66 -27.53
C ILE C 271 25.66 15.78 -26.65
N ASN C 272 24.48 15.54 -27.22
CA ASN C 272 23.26 15.49 -26.43
C ASN C 272 22.66 14.08 -26.43
N VAL C 273 22.00 13.73 -25.33
CA VAL C 273 21.36 12.43 -25.21
C VAL C 273 20.15 12.55 -24.30
N SER C 274 19.10 11.79 -24.62
CA SER C 274 17.89 11.81 -23.82
C SER C 274 17.88 10.66 -22.81
N GLY C 275 17.89 11.01 -21.52
CA GLY C 275 17.82 10.02 -20.47
C GLY C 275 16.48 9.29 -20.48
N HIS C 276 15.43 9.99 -20.90
CA HIS C 276 14.09 9.41 -20.90
C HIS C 276 13.79 8.62 -22.16
N TYR C 278 16.46 5.97 -24.33
CA TYR C 278 17.13 4.71 -23.99
C TYR C 278 18.00 4.83 -22.74
N GLY C 279 17.88 5.96 -22.05
CA GLY C 279 18.51 6.12 -20.75
C GLY C 279 17.67 5.41 -19.70
N LEU C 280 16.49 4.93 -20.11
CA LEU C 280 15.63 4.10 -19.28
C LEU C 280 15.01 4.85 -18.10
N VAL C 281 14.67 6.11 -18.30
CA VAL C 281 14.01 6.91 -17.27
C VAL C 281 12.69 7.44 -17.81
N TYR C 282 11.73 7.68 -16.92
CA TYR C 282 10.48 8.31 -17.33
C TYR C 282 10.75 9.68 -17.93
N ALA C 283 9.81 10.18 -18.72
CA ALA C 283 9.97 11.47 -19.40
C ALA C 283 10.36 12.59 -18.43
N GLY C 284 11.31 13.41 -18.84
CA GLY C 284 11.68 14.58 -18.05
C GLY C 284 13.17 14.71 -17.74
N ILE C 285 14.01 14.05 -18.53
CA ILE C 285 15.46 14.13 -18.31
C ILE C 285 16.29 14.00 -19.59
N GLY C 286 17.19 14.96 -19.79
CA GLY C 286 18.11 14.96 -20.91
C GLY C 286 19.50 15.37 -20.45
N TRP C 287 20.48 15.23 -21.34
CA TRP C 287 21.86 15.56 -20.99
C TRP C 287 22.61 16.18 -22.16
N VAL C 288 23.54 17.07 -21.87
CA VAL C 288 24.44 17.61 -22.88
C VAL C 288 25.86 17.67 -22.34
N ILE C 289 26.79 17.10 -23.09
CA ILE C 289 28.19 17.06 -22.67
C ILE C 289 29.06 17.89 -23.62
N TRP C 290 30.03 18.58 -23.05
CA TRP C 290 31.01 19.32 -23.84
C TRP C 290 32.39 18.69 -23.75
N ARG C 291 33.10 18.66 -24.88
CA ARG C 291 34.41 18.03 -24.94
C ARG C 291 35.38 18.60 -23.90
N ASN C 292 35.47 19.92 -23.86
CA ASN C 292 36.35 20.61 -22.93
C ASN C 292 35.68 21.87 -22.41
N LYS C 293 36.25 22.46 -21.37
CA LYS C 293 35.70 23.67 -20.78
C LYS C 293 35.64 24.81 -21.81
N GLU C 294 36.58 24.79 -22.75
CA GLU C 294 36.67 25.85 -23.75
C GLU C 294 35.47 25.88 -24.70
N ASP C 295 34.76 24.76 -24.79
CA ASP C 295 33.64 24.65 -25.71
C ASP C 295 32.36 25.26 -25.15
N LEU C 296 32.39 25.63 -23.88
CA LEU C 296 31.26 26.29 -23.23
C LEU C 296 31.69 27.68 -22.79
N PRO C 297 31.40 28.70 -23.62
CA PRO C 297 31.77 30.09 -23.31
C PRO C 297 31.33 30.47 -21.89
N GLU C 298 32.26 31.00 -21.11
CA GLU C 298 32.02 31.30 -19.70
C GLU C 298 30.94 32.35 -19.49
N GLU C 299 30.72 33.21 -20.47
CA GLU C 299 29.74 34.28 -20.31
C GLU C 299 28.31 33.78 -20.46
N LEU C 300 28.17 32.52 -20.88
CA LEU C 300 26.85 31.90 -20.98
C LEU C 300 26.39 31.39 -19.61
N ILE C 301 27.35 31.26 -18.69
CA ILE C 301 27.06 30.70 -17.37
C ILE C 301 26.70 31.78 -16.35
N PHE C 302 25.66 31.51 -15.56
CA PHE C 302 25.20 32.43 -14.53
C PHE C 302 25.55 31.95 -13.13
N HIS C 303 25.65 32.89 -12.19
CA HIS C 303 25.88 32.56 -10.78
C HIS C 303 24.94 33.39 -9.91
N ILE C 304 23.89 32.76 -9.40
CA ILE C 304 22.91 33.46 -8.56
C ILE C 304 23.19 33.21 -7.09
N ASN C 305 22.58 34.00 -6.22
CA ASN C 305 22.76 33.81 -4.78
C ASN C 305 21.62 34.29 -3.87
N TYR C 306 20.40 34.33 -4.40
CA TYR C 306 19.26 34.75 -3.60
C TYR C 306 18.56 33.57 -2.92
N LEU C 307 19.10 32.37 -3.11
CA LEU C 307 18.53 31.18 -2.49
C LEU C 307 19.44 30.60 -1.40
N GLY C 308 20.67 31.09 -1.32
CA GLY C 308 21.60 30.63 -0.31
C GLY C 308 23.06 30.88 -0.63
N ALA C 309 23.48 30.49 -1.83
CA ALA C 309 24.86 30.68 -2.27
C ALA C 309 24.95 30.77 -3.78
N ASP C 310 26.17 30.88 -4.30
CA ASP C 310 26.39 30.98 -5.74
C ASP C 310 26.40 29.62 -6.44
N GLN C 311 25.73 29.55 -7.58
CA GLN C 311 25.63 28.31 -8.33
C GLN C 311 25.78 28.52 -9.85
N PRO C 312 26.59 27.67 -10.49
CA PRO C 312 26.92 27.73 -11.93
C PRO C 312 25.85 27.13 -12.81
N THR C 313 24.83 27.91 -13.17
CA THR C 313 23.72 27.38 -13.96
C THR C 313 23.79 27.75 -15.44
N PHE C 314 23.51 26.79 -16.30
CA PHE C 314 23.39 27.02 -17.73
C PHE C 314 22.19 26.26 -18.27
N THR C 315 20.99 26.80 -18.05
CA THR C 315 19.77 26.15 -18.51
C THR C 315 18.73 27.18 -18.89
N LEU C 316 17.79 26.77 -19.75
CA LEU C 316 16.70 27.64 -20.14
C LEU C 316 15.57 27.54 -19.11
N ASN C 317 15.63 26.50 -18.29
CA ASN C 317 14.65 26.30 -17.23
C ASN C 317 15.21 26.69 -15.87
N PHE C 318 14.34 26.81 -14.88
CA PHE C 318 14.76 27.11 -13.52
C PHE C 318 14.22 26.05 -12.56
N SER C 319 13.07 26.33 -11.95
CA SER C 319 12.43 25.35 -11.09
C SER C 319 11.97 24.16 -11.92
N LYS C 320 12.18 22.96 -11.38
CA LYS C 320 11.76 21.73 -12.04
C LYS C 320 11.95 20.55 -11.10
N GLY C 321 11.27 19.46 -11.38
CA GLY C 321 11.40 18.26 -10.56
C GLY C 321 12.80 17.72 -10.59
N SER C 322 13.22 17.10 -9.50
CA SER C 322 14.55 16.50 -9.42
C SER C 322 14.45 14.98 -9.40
N SER C 323 13.23 14.47 -9.55
CA SER C 323 12.98 13.03 -9.51
C SER C 323 13.64 12.29 -10.68
N GLN C 324 13.61 12.88 -11.87
CA GLN C 324 14.20 12.23 -13.03
C GLN C 324 15.72 12.18 -12.93
N VAL C 325 16.33 13.22 -12.36
CA VAL C 325 17.76 13.21 -12.14
C VAL C 325 18.14 12.06 -11.22
N ILE C 326 17.45 11.96 -10.09
CA ILE C 326 17.68 10.88 -9.14
C ILE C 326 17.41 9.52 -9.79
N ALA C 327 16.33 9.44 -10.55
CA ALA C 327 15.98 8.21 -11.25
C ALA C 327 17.08 7.80 -12.21
N GLN C 328 17.68 8.77 -12.88
CA GLN C 328 18.77 8.50 -13.82
C GLN C 328 19.96 7.89 -13.10
N TYR C 329 20.34 8.50 -11.98
CA TYR C 329 21.46 8.01 -11.21
C TYR C 329 21.21 6.60 -10.72
N TYR C 330 19.97 6.34 -10.30
CA TYR C 330 19.57 5.01 -9.88
C TYR C 330 19.84 3.99 -11.00
N GLN C 331 19.29 4.25 -12.18
CA GLN C 331 19.48 3.38 -13.32
C GLN C 331 20.95 3.14 -13.60
N LEU C 332 21.75 4.20 -13.55
CA LEU C 332 23.16 4.10 -13.87
C LEU C 332 23.91 3.15 -12.94
N ILE C 333 23.81 3.37 -11.64
CA ILE C 333 24.56 2.57 -10.67
C ILE C 333 23.91 1.21 -10.39
N ARG C 334 22.62 1.09 -10.68
CA ARG C 334 21.90 -0.16 -10.45
C ARG C 334 22.11 -1.13 -11.60
N LEU C 335 22.06 -0.63 -12.82
CA LEU C 335 22.22 -1.46 -14.00
C LEU C 335 23.69 -1.63 -14.39
N GLY C 336 24.43 -0.53 -14.42
CA GLY C 336 25.81 -0.56 -14.88
C GLY C 336 25.89 -0.92 -16.35
N HIS C 337 27.11 -1.10 -16.86
CA HIS C 337 27.29 -1.52 -18.24
C HIS C 337 26.52 -2.80 -18.52
N GLU C 338 26.63 -3.75 -17.59
CA GLU C 338 26.00 -5.06 -17.73
C GLU C 338 24.49 -4.95 -17.98
N GLY C 339 23.80 -4.23 -17.10
CA GLY C 339 22.36 -4.08 -17.20
C GLY C 339 21.91 -3.44 -18.49
N TYR C 340 22.55 -2.32 -18.86
CA TYR C 340 22.21 -1.61 -20.08
C TYR C 340 22.46 -2.46 -21.33
N ARG C 341 23.55 -3.23 -21.31
CA ARG C 341 23.85 -4.11 -22.43
C ARG C 341 22.75 -5.15 -22.57
N ASN C 342 22.35 -5.75 -21.44
CA ASN C 342 21.30 -6.74 -21.44
C ASN C 342 19.98 -6.20 -21.97
N VAL C 343 19.62 -5.00 -21.55
CA VAL C 343 18.38 -4.37 -22.00
C VAL C 343 18.43 -4.09 -23.50
N MET C 344 19.54 -3.56 -23.98
CA MET C 344 19.69 -3.23 -25.40
C MET C 344 19.71 -4.49 -26.26
N GLU C 345 20.40 -5.52 -25.78
CA GLU C 345 20.44 -6.79 -26.49
C GLU C 345 19.04 -7.37 -26.63
N ASN C 346 18.26 -7.30 -25.55
CA ASN C 346 16.87 -7.73 -25.58
C ASN C 346 16.05 -6.95 -26.58
N CYS C 347 16.30 -5.64 -26.63
CA CYS C 347 15.59 -4.76 -27.57
C CYS C 347 15.96 -5.09 -29.01
N ARG C 348 17.25 -5.31 -29.25
CA ARG C 348 17.74 -5.65 -30.57
C ARG C 348 17.17 -6.99 -31.03
N GLU C 349 17.14 -7.95 -30.11
CA GLU C 349 16.61 -9.27 -30.40
C GLU C 349 15.15 -9.18 -30.85
N ASN C 350 14.36 -8.43 -30.10
CA ASN C 350 12.94 -8.24 -30.43
C ASN C 350 12.75 -7.52 -31.76
N MET C 351 13.67 -6.64 -32.10
CA MET C 351 13.63 -5.96 -33.39
C MET C 351 13.75 -6.97 -34.52
N ILE C 352 14.70 -7.89 -34.38
CA ILE C 352 14.92 -8.93 -35.37
C ILE C 352 13.68 -9.81 -35.51
N VAL C 353 13.11 -10.21 -34.38
CA VAL C 353 11.90 -11.03 -34.39
C VAL C 353 10.77 -10.35 -35.15
N LEU C 354 10.59 -9.05 -34.92
CA LEU C 354 9.55 -8.29 -35.60
C LEU C 354 9.90 -8.08 -37.07
N ARG C 355 11.18 -7.85 -37.35
CA ARG C 355 11.64 -7.66 -38.72
C ARG C 355 11.36 -8.89 -39.56
N GLU C 356 11.78 -10.04 -39.06
CA GLU C 356 11.58 -11.31 -39.77
C GLU C 356 10.10 -11.55 -40.05
N GLY C 357 9.28 -11.44 -39.02
CA GLY C 357 7.85 -11.65 -39.16
C GLY C 357 7.23 -10.83 -40.27
N LEU C 358 7.76 -9.63 -40.48
CA LEU C 358 7.27 -8.75 -41.53
C LEU C 358 7.83 -9.13 -42.90
N GLU C 359 9.06 -9.65 -42.90
CA GLU C 359 9.68 -10.13 -44.13
C GLU C 359 8.97 -11.38 -44.64
N LYS C 360 8.54 -12.21 -43.69
CA LYS C 360 7.89 -13.48 -44.00
C LYS C 360 6.59 -13.29 -44.77
N THR C 361 5.97 -12.12 -44.60
CA THR C 361 4.71 -11.82 -45.29
C THR C 361 4.96 -11.32 -46.70
N GLU C 362 6.20 -10.92 -46.97
CA GLU C 362 6.60 -10.43 -48.29
C GLU C 362 5.69 -9.31 -48.78
N ARG C 363 5.09 -8.58 -47.84
CA ARG C 363 4.20 -7.48 -48.17
C ARG C 363 4.90 -6.13 -48.01
N PHE C 364 6.04 -6.12 -47.33
CA PHE C 364 6.67 -4.86 -46.96
C PHE C 364 8.12 -4.72 -47.42
N ASN C 365 8.59 -3.48 -47.47
CA ASN C 365 9.99 -3.17 -47.68
C ASN C 365 10.61 -2.62 -46.40
N ILE C 366 11.52 -3.37 -45.80
CA ILE C 366 12.21 -2.89 -44.61
C ILE C 366 13.12 -1.73 -44.97
N VAL C 367 12.77 -0.54 -44.49
CA VAL C 367 13.49 0.67 -44.86
C VAL C 367 14.48 1.09 -43.78
N SER C 368 14.54 0.32 -42.70
CA SER C 368 15.50 0.58 -41.63
C SER C 368 16.64 -0.43 -41.68
N LYS C 369 17.75 -0.11 -41.03
CA LYS C 369 18.94 -0.96 -41.10
C LYS C 369 18.94 -2.07 -40.04
N ASP C 370 19.91 -2.96 -40.15
CA ASP C 370 20.05 -4.07 -39.22
C ASP C 370 20.57 -3.59 -37.86
N GLU C 371 21.53 -2.68 -37.91
CA GLU C 371 22.11 -2.13 -36.69
C GLU C 371 21.77 -0.64 -36.55
N GLY C 372 21.72 -0.17 -35.32
CA GLY C 372 21.31 1.19 -35.02
C GLY C 372 20.29 1.19 -33.90
N VAL C 373 19.36 2.13 -33.94
CA VAL C 373 18.30 2.18 -32.95
C VAL C 373 17.38 0.97 -33.10
N PRO C 374 17.09 0.29 -31.99
CA PRO C 374 16.18 -0.87 -32.01
C PRO C 374 14.77 -0.48 -32.44
N LEU C 375 14.52 -0.48 -33.74
CA LEU C 375 13.21 -0.19 -34.27
C LEU C 375 13.07 -0.79 -35.66
N VAL C 376 11.86 -0.77 -36.20
CA VAL C 376 11.61 -1.27 -37.54
C VAL C 376 10.76 -0.29 -38.32
N ALA C 377 11.33 0.25 -39.40
CA ALA C 377 10.59 1.11 -40.30
C ALA C 377 10.40 0.38 -41.63
N PHE C 378 9.16 0.34 -42.11
CA PHE C 378 8.84 -0.43 -43.31
C PHE C 378 7.75 0.23 -44.15
N SER C 379 7.79 -0.04 -45.46
CA SER C 379 6.80 0.48 -46.39
C SER C 379 6.06 -0.66 -47.06
N LEU C 380 4.90 -0.36 -47.64
CA LEU C 380 4.13 -1.34 -48.37
C LEU C 380 4.67 -1.50 -49.79
N LYS C 381 4.97 -2.75 -50.17
CA LYS C 381 5.24 -3.06 -51.56
C LYS C 381 3.93 -2.82 -52.30
N ASP C 382 3.96 -1.91 -53.28
CA ASP C 382 2.75 -1.62 -54.05
C ASP C 382 1.70 -0.94 -53.17
N SER C 383 1.84 0.37 -52.98
CA SER C 383 0.91 1.14 -52.14
C SER C 383 -0.31 1.55 -52.95
N SER C 384 -0.85 0.63 -53.74
CA SER C 384 -1.95 0.95 -54.64
C SER C 384 -3.31 0.97 -53.93
N CYS C 385 -3.86 -0.21 -53.66
CA CYS C 385 -5.20 -0.32 -53.09
C CYS C 385 -5.28 0.09 -51.62
N HIS C 386 -4.15 0.03 -50.93
CA HIS C 386 -4.13 0.37 -49.51
C HIS C 386 -2.87 1.14 -49.10
N THR C 387 -3.05 2.11 -48.21
CA THR C 387 -1.94 2.93 -47.73
C THR C 387 -1.52 2.52 -46.32
N GLU C 388 -0.31 2.93 -45.92
CA GLU C 388 0.20 2.62 -44.60
C GLU C 388 -0.65 3.28 -43.51
N PHE C 389 -1.30 4.39 -43.85
CA PHE C 389 -2.15 5.10 -42.91
C PHE C 389 -3.35 4.25 -42.52
N GLU C 390 -3.86 3.47 -43.48
CA GLU C 390 -4.99 2.59 -43.21
C GLU C 390 -4.59 1.51 -42.21
N ILE C 391 -3.39 0.97 -42.38
CA ILE C 391 -2.88 -0.04 -41.47
C ILE C 391 -2.70 0.51 -40.06
N SER C 392 -2.27 1.77 -39.97
CA SER C 392 -2.09 2.43 -38.68
C SER C 392 -3.42 2.56 -37.95
N ASP C 393 -4.45 3.00 -38.66
CA ASP C 393 -5.78 3.14 -38.09
C ASP C 393 -6.35 1.80 -37.65
N MET C 394 -6.17 0.80 -38.49
CA MET C 394 -6.70 -0.54 -38.23
C MET C 394 -6.15 -1.10 -36.92
N LEU C 395 -4.84 -0.93 -36.72
CA LEU C 395 -4.17 -1.44 -35.53
C LEU C 395 -4.66 -0.77 -34.25
N ARG C 396 -5.12 0.47 -34.36
CA ARG C 396 -5.65 1.19 -33.21
C ARG C 396 -6.73 0.38 -32.48
N ARG C 397 -7.51 -0.36 -33.25
CA ARG C 397 -8.61 -1.13 -32.68
C ARG C 397 -8.13 -2.19 -31.69
N TYR C 398 -6.94 -2.72 -31.93
CA TYR C 398 -6.37 -3.75 -31.06
C TYR C 398 -5.65 -3.12 -29.87
N GLY C 399 -5.41 -1.82 -29.94
CA GLY C 399 -4.74 -1.11 -28.86
C GLY C 399 -3.32 -0.72 -29.20
N TRP C 400 -2.83 -1.19 -30.34
CA TRP C 400 -1.49 -0.85 -30.81
C TRP C 400 -1.47 0.57 -31.37
N ILE C 401 -0.44 1.33 -31.04
CA ILE C 401 -0.23 2.63 -31.67
C ILE C 401 1.01 2.57 -32.54
N VAL C 402 0.80 2.45 -33.85
CA VAL C 402 1.89 2.38 -34.82
C VAL C 402 1.71 3.47 -35.86
N PRO C 403 2.65 4.42 -35.91
CA PRO C 403 2.51 5.64 -36.72
C PRO C 403 2.86 5.42 -38.18
N ALA C 404 2.25 6.23 -39.05
CA ALA C 404 2.64 6.27 -40.45
C ALA C 404 2.99 7.71 -40.81
N TYR C 405 3.99 7.88 -41.66
CA TYR C 405 4.42 9.21 -42.06
C TYR C 405 5.21 9.20 -43.36
N THR C 406 5.17 10.32 -44.07
CA THR C 406 5.92 10.48 -45.30
C THR C 406 7.32 11.03 -45.00
N MET C 407 8.31 10.56 -45.74
CA MET C 407 9.67 11.02 -45.57
C MET C 407 9.84 12.48 -45.97
N PRO C 408 10.88 13.14 -45.46
CA PRO C 408 11.26 14.49 -45.89
C PRO C 408 11.80 14.46 -47.32
N PRO C 409 11.85 15.63 -47.98
CA PRO C 409 12.38 15.74 -49.34
C PRO C 409 13.87 15.38 -49.41
N ASN C 410 14.30 14.79 -50.51
CA ASN C 410 13.42 14.48 -51.64
C ASN C 410 12.97 13.02 -51.59
N ALA C 411 11.98 12.73 -50.75
CA ALA C 411 11.45 11.38 -50.63
C ALA C 411 10.05 11.44 -50.04
N GLN C 412 9.34 12.52 -50.34
CA GLN C 412 7.98 12.72 -49.83
C GLN C 412 7.00 11.74 -50.47
N HIS C 413 7.50 10.92 -51.39
CA HIS C 413 6.68 9.89 -52.01
C HIS C 413 6.86 8.56 -51.30
N ILE C 414 7.79 8.53 -50.34
CA ILE C 414 8.04 7.34 -49.55
C ILE C 414 7.35 7.42 -48.19
N THR C 415 6.40 6.52 -47.95
CA THR C 415 5.64 6.51 -46.69
C THR C 415 5.93 5.24 -45.91
N VAL C 416 6.23 5.39 -44.62
CA VAL C 416 6.64 4.24 -43.80
C VAL C 416 5.85 4.09 -42.50
N LEU C 417 5.85 2.86 -41.98
CA LEU C 417 5.36 2.58 -40.64
C LEU C 417 6.57 2.36 -39.74
N ARG C 418 6.48 2.82 -38.50
CA ARG C 418 7.60 2.68 -37.58
C ARG C 418 7.17 2.03 -36.28
N VAL C 419 7.94 1.05 -35.84
CA VAL C 419 7.72 0.42 -34.54
C VAL C 419 8.97 0.53 -33.70
N VAL C 420 8.90 1.32 -32.63
CA VAL C 420 10.04 1.46 -31.73
C VAL C 420 10.01 0.36 -30.68
N ILE C 421 11.13 -0.34 -30.52
CA ILE C 421 11.26 -1.37 -29.51
C ILE C 421 11.94 -0.81 -28.27
N ARG C 422 11.19 -0.71 -27.17
CA ARG C 422 11.72 -0.16 -25.92
C ARG C 422 12.02 -1.26 -24.90
N GLU C 423 12.52 -0.84 -23.74
CA GLU C 423 12.91 -1.78 -22.70
C GLU C 423 11.78 -2.71 -22.28
N ASP C 424 10.57 -2.17 -22.19
CA ASP C 424 9.42 -2.91 -21.66
C ASP C 424 8.59 -3.59 -22.75
N PHE C 425 9.24 -3.92 -23.86
CA PHE C 425 8.55 -4.59 -24.96
C PHE C 425 9.07 -6.01 -25.11
N SER C 426 8.37 -6.95 -24.49
CA SER C 426 8.80 -8.35 -24.45
C SER C 426 8.52 -9.11 -25.74
N ARG C 427 9.06 -10.31 -25.83
CA ARG C 427 8.85 -11.17 -27.00
C ARG C 427 7.39 -11.51 -27.19
N THR C 428 6.67 -11.63 -26.07
CA THR C 428 5.25 -11.95 -26.10
C THR C 428 4.48 -10.91 -26.89
N LEU C 429 4.78 -9.64 -26.61
CA LEU C 429 4.14 -8.52 -27.32
C LEU C 429 4.60 -8.46 -28.76
N ALA C 430 5.89 -8.70 -28.99
CA ALA C 430 6.44 -8.67 -30.34
C ALA C 430 5.71 -9.65 -31.24
N GLU C 431 5.50 -10.87 -30.74
CA GLU C 431 4.85 -11.91 -31.52
C GLU C 431 3.36 -11.63 -31.74
N ARG C 432 2.71 -11.03 -30.75
CA ARG C 432 1.31 -10.66 -30.90
C ARG C 432 1.15 -9.52 -31.89
N LEU C 433 2.16 -8.67 -32.01
CA LEU C 433 2.14 -7.56 -32.94
C LEU C 433 2.16 -8.09 -34.37
N VAL C 434 3.04 -9.04 -34.63
CA VAL C 434 3.16 -9.65 -35.96
C VAL C 434 1.84 -10.28 -36.38
N ILE C 435 1.25 -11.05 -35.46
CA ILE C 435 -0.02 -11.72 -35.70
C ILE C 435 -1.12 -10.72 -36.03
N ASP C 436 -1.21 -9.65 -35.25
CA ASP C 436 -2.24 -8.64 -35.43
C ASP C 436 -2.04 -7.81 -36.70
N ILE C 437 -0.78 -7.69 -37.12
CA ILE C 437 -0.49 -6.99 -38.36
C ILE C 437 -0.95 -7.83 -39.55
N GLU C 438 -0.75 -9.14 -39.45
CA GLU C 438 -1.22 -10.06 -40.48
C GLU C 438 -2.74 -10.04 -40.57
N LYS C 439 -3.41 -10.03 -39.42
CA LYS C 439 -4.87 -9.95 -39.38
C LYS C 439 -5.36 -8.71 -40.08
N VAL C 440 -4.68 -7.59 -39.85
CA VAL C 440 -5.05 -6.31 -40.46
C VAL C 440 -4.90 -6.35 -41.98
N MET C 441 -3.88 -7.05 -42.46
CA MET C 441 -3.65 -7.16 -43.89
C MET C 441 -4.76 -7.96 -44.56
N ARG C 442 -5.26 -8.98 -43.88
CA ARG C 442 -6.36 -9.78 -44.41
C ARG C 442 -7.65 -8.97 -44.46
N GLU C 443 -7.98 -8.29 -43.36
CA GLU C 443 -9.15 -7.44 -43.31
C GLU C 443 -9.16 -6.43 -44.46
N LEU C 444 -7.97 -6.10 -44.94
CA LEU C 444 -7.82 -5.13 -46.03
C LEU C 444 -8.01 -5.80 -47.39
N ASP C 445 -7.62 -7.07 -47.49
CA ASP C 445 -7.74 -7.80 -48.75
C ASP C 445 -9.19 -7.99 -49.16
N GLU C 446 -10.11 -7.65 -48.26
CA GLU C 446 -11.55 -7.77 -48.54
C GLU C 446 -12.25 -6.42 -48.49
N LEU C 447 -11.57 -5.38 -48.97
CA LEU C 447 -12.14 -4.02 -48.98
C LEU C 447 -11.87 -3.31 -50.31
N PRO C 448 -12.68 -2.27 -50.60
CA PRO C 448 -12.54 -1.52 -51.85
C PRO C 448 -11.11 -1.06 -52.13
N VAL D 12 23.48 -17.00 -1.04
CA VAL D 12 23.08 -16.56 -2.38
C VAL D 12 22.70 -15.09 -2.38
N SER D 13 21.40 -14.81 -2.31
CA SER D 13 20.89 -13.45 -2.24
C SER D 13 19.98 -13.30 -1.04
N VAL D 14 20.24 -14.09 0.00
CA VAL D 14 19.41 -14.10 1.20
C VAL D 14 19.85 -13.02 2.18
N HIS D 15 20.98 -12.38 1.89
CA HIS D 15 21.50 -11.33 2.76
C HIS D 15 20.65 -10.06 2.70
N SER D 16 20.39 -9.46 3.85
CA SER D 16 19.77 -8.14 3.89
C SER D 16 20.78 -7.13 3.37
N THR D 17 20.31 -5.99 2.89
CA THR D 17 21.18 -5.02 2.26
C THR D 17 22.33 -4.59 3.16
N PHE D 18 22.09 -4.50 4.46
CA PHE D 18 23.11 -4.06 5.40
C PHE D 18 24.00 -5.18 5.90
N ALA D 19 23.73 -6.40 5.44
CA ALA D 19 24.58 -7.54 5.73
C ALA D 19 25.42 -7.89 4.51
N SER D 20 25.11 -7.26 3.39
CA SER D 20 25.79 -7.53 2.12
C SER D 20 27.05 -6.68 1.98
N ARG D 21 27.77 -6.90 0.88
CA ARG D 21 29.02 -6.20 0.63
C ARG D 21 28.82 -4.93 -0.21
N TYR D 22 27.57 -4.59 -0.47
CA TYR D 22 27.25 -3.41 -1.27
C TYR D 22 27.28 -2.14 -0.43
N VAL D 23 27.10 -2.28 0.87
CA VAL D 23 27.14 -1.15 1.78
C VAL D 23 28.57 -0.87 2.24
N ARG D 24 29.51 -1.63 1.71
CA ARG D 24 30.93 -1.42 2.02
C ARG D 24 31.61 -0.55 0.98
N THR D 25 30.93 -0.36 -0.15
CA THR D 25 31.45 0.50 -1.21
C THR D 25 30.63 1.78 -1.27
N SER D 26 31.32 2.91 -1.41
CA SER D 26 30.63 4.18 -1.59
C SER D 26 30.15 4.31 -3.03
N LEU D 27 29.06 5.05 -3.22
CA LEU D 27 28.45 5.21 -4.55
C LEU D 27 29.41 5.87 -5.53
N PRO D 28 29.45 5.35 -6.77
CA PRO D 28 30.31 5.86 -7.84
C PRO D 28 30.08 7.35 -8.09
N ARG D 29 31.17 8.10 -8.28
CA ARG D 29 31.09 9.54 -8.51
C ARG D 29 31.47 9.91 -9.93
N PHE D 30 32.30 9.08 -10.57
CA PHE D 30 32.88 9.45 -11.85
C PHE D 30 32.57 8.47 -12.97
N LYS D 31 32.87 7.19 -12.75
CA LYS D 31 32.65 6.18 -13.78
C LYS D 31 31.41 5.34 -13.52
N MET D 32 30.73 4.96 -14.59
CA MET D 32 29.60 4.05 -14.50
C MET D 32 30.12 2.64 -14.16
N PRO D 33 29.49 1.98 -13.18
CA PRO D 33 29.89 0.64 -12.75
C PRO D 33 29.79 -0.37 -13.88
N GLU D 34 30.65 -1.37 -13.88
CA GLU D 34 30.64 -2.40 -14.90
C GLU D 34 29.48 -3.39 -14.70
N ASN D 35 29.20 -3.72 -13.44
CA ASN D 35 28.21 -4.73 -13.11
C ASN D 35 26.98 -4.19 -12.40
N SER D 36 25.87 -4.91 -12.54
CA SER D 36 24.64 -4.55 -11.87
C SER D 36 24.72 -4.86 -10.38
N ILE D 37 23.88 -4.18 -9.59
CA ILE D 37 23.72 -4.51 -8.18
C ILE D 37 22.23 -4.66 -7.89
N PRO D 38 21.89 -5.44 -6.86
CA PRO D 38 20.48 -5.71 -6.56
C PRO D 38 19.68 -4.42 -6.43
N LYS D 39 18.44 -4.43 -6.92
CA LYS D 39 17.59 -3.24 -6.87
C LYS D 39 17.39 -2.73 -5.44
N GLU D 40 17.17 -3.65 -4.50
CA GLU D 40 16.99 -3.27 -3.11
C GLU D 40 18.21 -2.54 -2.55
N ALA D 41 19.40 -2.99 -2.95
CA ALA D 41 20.64 -2.37 -2.50
C ALA D 41 20.80 -0.96 -3.07
N ALA D 42 20.57 -0.82 -4.37
CA ALA D 42 20.68 0.48 -5.02
C ALA D 42 19.68 1.47 -4.45
N TYR D 43 18.47 1.00 -4.20
CA TYR D 43 17.43 1.85 -3.60
C TYR D 43 17.87 2.36 -2.23
N GLN D 44 18.39 1.46 -1.40
CA GLN D 44 18.71 1.79 -0.02
C GLN D 44 19.82 2.82 0.09
N ILE D 45 20.92 2.59 -0.62
CA ILE D 45 22.08 3.47 -0.53
C ILE D 45 21.79 4.87 -1.06
N ILE D 46 21.08 4.95 -2.18
CA ILE D 46 20.70 6.23 -2.76
C ILE D 46 19.71 6.95 -1.85
N ASN D 47 18.74 6.21 -1.33
CA ASN D 47 17.77 6.76 -0.41
C ASN D 47 18.43 7.30 0.85
N ASP D 48 19.45 6.58 1.32
CA ASP D 48 20.15 6.96 2.55
C ASP D 48 20.95 8.25 2.39
N GLU D 49 21.68 8.37 1.28
CA GLU D 49 22.47 9.58 1.06
C GLU D 49 21.56 10.79 0.85
N LEU D 50 20.39 10.57 0.28
CA LEU D 50 19.41 11.63 0.07
C LEU D 50 18.88 12.21 1.37
N MET D 51 19.11 11.50 2.48
CA MET D 51 18.66 11.96 3.78
C MET D 51 19.45 13.20 4.21
N LEU D 52 20.58 13.41 3.58
CA LEU D 52 21.42 14.56 3.89
C LEU D 52 20.94 15.81 3.16
N ASP D 53 19.93 15.63 2.32
CA ASP D 53 19.21 16.76 1.74
C ASP D 53 18.35 17.39 2.83
N GLY D 54 17.99 18.65 2.65
CA GLY D 54 17.10 19.31 3.58
C GLY D 54 15.68 18.80 3.42
N ASN D 55 14.85 19.01 4.43
CA ASN D 55 13.44 18.66 4.34
C ASN D 55 12.67 19.76 3.61
N PRO D 56 12.13 19.45 2.43
CA PRO D 56 11.39 20.42 1.62
C PRO D 56 10.34 21.16 2.45
N ARG D 57 9.62 20.43 3.29
CA ARG D 57 8.56 21.02 4.10
C ARG D 57 9.10 22.09 5.06
N LEU D 58 10.39 22.01 5.37
CA LEU D 58 11.02 22.97 6.27
C LEU D 58 11.85 24.00 5.51
N ASN D 59 11.88 23.86 4.19
CA ASN D 59 12.59 24.79 3.33
C ASN D 59 11.77 26.06 3.12
N LEU D 60 12.04 27.08 3.94
CA LEU D 60 11.28 28.32 3.87
C LEU D 60 11.88 29.32 2.87
N ALA D 61 12.89 28.85 2.13
CA ALA D 61 13.55 29.67 1.12
C ALA D 61 12.78 29.62 -0.19
N SER D 62 12.05 28.53 -0.40
CA SER D 62 11.42 28.27 -1.69
C SER D 62 9.97 28.76 -1.78
N PHE D 63 9.57 29.14 -2.98
CA PHE D 63 8.18 29.49 -3.27
C PHE D 63 7.44 28.29 -3.83
N VAL D 64 8.18 27.22 -4.10
CA VAL D 64 7.62 26.04 -4.76
C VAL D 64 6.89 25.11 -3.81
N THR D 65 5.69 24.68 -4.21
CA THR D 65 4.85 23.81 -3.40
C THR D 65 5.55 22.50 -3.03
N THR D 66 5.41 22.10 -1.76
CA THR D 66 6.11 20.94 -1.25
C THR D 66 5.14 19.88 -0.70
N TRP D 67 3.85 20.06 -0.94
CA TRP D 67 2.85 19.11 -0.48
C TRP D 67 1.61 19.10 -1.35
N MET D 68 1.13 17.90 -1.67
CA MET D 68 -0.14 17.75 -2.37
C MET D 68 -0.96 16.65 -1.70
N GLU D 69 -2.27 16.65 -1.95
CA GLU D 69 -3.14 15.61 -1.41
C GLU D 69 -2.74 14.25 -1.94
N PRO D 70 -2.85 13.21 -1.10
CA PRO D 70 -2.54 11.82 -1.49
C PRO D 70 -3.28 11.43 -2.77
N GLU D 71 -4.52 11.89 -2.93
CA GLU D 71 -5.29 11.59 -4.13
C GLU D 71 -4.58 12.11 -5.38
N CYS D 72 -3.89 13.24 -5.23
CA CYS D 72 -3.18 13.83 -6.35
C CYS D 72 -1.86 13.11 -6.61
N ASP D 73 -1.26 12.57 -5.55
CA ASP D 73 -0.06 11.76 -5.70
C ASP D 73 -0.34 10.56 -6.59
N LYS D 74 -1.53 9.97 -6.45
CA LYS D 74 -1.93 8.83 -7.26
C LYS D 74 -2.01 9.18 -8.74
N LEU D 75 -2.71 10.27 -9.05
CA LEU D 75 -2.82 10.74 -10.43
C LEU D 75 -1.44 10.90 -11.04
N ILE D 76 -0.55 11.54 -10.29
CA ILE D 76 0.82 11.74 -10.74
C ILE D 76 1.52 10.42 -11.03
N MET D 77 1.45 9.49 -10.08
CA MET D 77 2.08 8.19 -10.26
C MET D 77 1.46 7.41 -11.41
N SER D 78 0.16 7.57 -11.61
CA SER D 78 -0.54 6.86 -12.67
C SER D 78 -0.12 7.35 -14.05
N SER D 79 0.57 8.48 -14.09
CA SER D 79 0.90 9.08 -15.37
C SER D 79 2.34 9.57 -15.49
N ILE D 80 3.24 9.05 -14.66
CA ILE D 80 4.65 9.41 -14.78
C ILE D 80 5.25 8.85 -16.06
N ASN D 81 4.56 7.91 -16.67
CA ASN D 81 5.04 7.32 -17.92
C ASN D 81 4.37 7.89 -19.17
N LYS D 82 3.46 8.85 -18.97
CA LYS D 82 2.83 9.53 -20.09
C LYS D 82 3.67 10.72 -20.55
N ASN D 83 4.36 10.55 -21.68
CA ASN D 83 5.09 11.65 -22.28
C ASN D 83 4.13 12.68 -22.86
N TYR D 84 4.15 13.90 -22.34
CA TYR D 84 3.16 14.90 -22.72
C TYR D 84 3.12 15.18 -24.22
N VAL D 85 4.28 15.21 -24.86
CA VAL D 85 4.40 15.65 -26.24
C VAL D 85 3.66 14.72 -27.22
N ASP D 86 3.25 13.54 -26.76
CA ASP D 86 2.52 12.60 -27.59
C ASP D 86 1.05 12.96 -27.67
N MET D 87 0.74 14.04 -28.36
CA MET D 87 -0.64 14.54 -28.45
C MET D 87 -1.63 13.52 -29.02
N ASP D 88 -1.24 12.88 -30.12
CA ASP D 88 -2.12 11.91 -30.77
C ASP D 88 -2.41 10.73 -29.85
N GLU D 89 -1.38 10.25 -29.16
CA GLU D 89 -1.51 9.09 -28.31
C GLU D 89 -2.32 9.39 -27.05
N TYR D 90 -2.17 10.60 -26.51
CA TYR D 90 -2.86 10.99 -25.29
C TYR D 90 -3.70 12.25 -25.50
N PRO D 91 -4.86 12.07 -26.13
CA PRO D 91 -5.77 13.19 -26.46
C PRO D 91 -6.26 13.91 -25.22
N VAL D 92 -6.62 13.16 -24.19
CA VAL D 92 -7.19 13.76 -22.98
C VAL D 92 -6.16 14.58 -22.22
N THR D 93 -4.94 14.07 -22.12
CA THR D 93 -3.86 14.80 -21.47
C THR D 93 -3.67 16.17 -22.11
N THR D 94 -3.73 16.21 -23.43
CA THR D 94 -3.59 17.46 -24.18
C THR D 94 -4.77 18.40 -23.92
N GLU D 95 -5.98 17.83 -23.84
CA GLU D 95 -7.17 18.63 -23.57
C GLU D 95 -7.10 19.30 -22.21
N LEU D 96 -6.67 18.54 -21.20
CA LEU D 96 -6.56 19.09 -19.85
C LEU D 96 -5.62 20.29 -19.81
N GLN D 97 -4.57 20.25 -20.62
CA GLN D 97 -3.65 21.35 -20.74
C GLN D 97 -4.37 22.57 -21.32
N ASN D 98 -5.18 22.35 -22.34
CA ASN D 98 -5.98 23.41 -22.96
C ASN D 98 -6.96 24.02 -21.98
N ARG D 99 -7.63 23.17 -21.19
CA ARG D 99 -8.59 23.64 -20.22
C ARG D 99 -7.92 24.51 -19.15
N CYS D 100 -6.72 24.13 -18.74
CA CYS D 100 -5.96 24.92 -17.78
C CYS D 100 -5.64 26.30 -18.36
N VAL D 101 -5.24 26.34 -19.62
CA VAL D 101 -4.96 27.59 -20.29
C VAL D 101 -6.21 28.47 -20.29
N ASN D 102 -7.35 27.87 -20.64
CA ASN D 102 -8.61 28.59 -20.65
C ASN D 102 -8.95 29.15 -19.27
N MET D 103 -8.86 28.28 -18.26
CA MET D 103 -9.25 28.66 -16.91
C MET D 103 -8.35 29.73 -16.33
N ILE D 104 -7.05 29.62 -16.59
CA ILE D 104 -6.10 30.64 -16.15
C ILE D 104 -6.31 31.94 -16.92
N ALA D 105 -6.61 31.83 -18.20
CA ALA D 105 -6.87 33.01 -19.03
C ALA D 105 -8.04 33.81 -18.48
N HIS D 106 -9.15 33.14 -18.21
CA HIS D 106 -10.33 33.79 -17.62
C HIS D 106 -10.00 34.34 -16.24
N LEU D 107 -9.18 33.61 -15.49
CA LEU D 107 -8.78 34.03 -14.16
C LEU D 107 -8.06 35.37 -14.24
N PHE D 108 -7.36 35.61 -15.34
CA PHE D 108 -6.64 36.86 -15.54
C PHE D 108 -7.47 37.87 -16.35
N ASN D 109 -8.76 37.59 -16.48
CA ASN D 109 -9.67 38.51 -17.16
C ASN D 109 -9.30 38.77 -18.61
N ALA D 110 -8.78 37.76 -19.29
CA ALA D 110 -8.44 37.88 -20.71
C ALA D 110 -9.69 38.19 -21.52
N PRO D 111 -9.53 38.91 -22.64
CA PRO D 111 -10.65 39.22 -23.52
C PRO D 111 -11.16 37.97 -24.25
N LEU D 112 -12.03 37.21 -23.62
CA LEU D 112 -12.57 35.99 -24.22
C LEU D 112 -14.09 36.03 -24.36
N GLU D 113 -14.61 35.27 -25.32
CA GLU D 113 -16.05 35.23 -25.55
C GLU D 113 -16.69 34.00 -24.94
N GLU D 114 -16.35 33.71 -23.68
CA GLU D 114 -17.02 32.69 -22.88
C GLU D 114 -16.74 31.24 -23.26
N ALA D 115 -16.97 30.89 -24.53
CA ALA D 115 -16.72 29.53 -25.00
C ALA D 115 -15.55 29.51 -25.99
N GLU D 116 -14.82 30.63 -26.03
CA GLU D 116 -13.69 30.79 -26.94
C GLU D 116 -12.45 30.11 -26.38
N THR D 117 -11.57 29.64 -27.26
CA THR D 117 -10.31 29.03 -26.84
C THR D 117 -9.25 30.09 -26.57
N ALA D 118 -8.67 30.06 -25.38
CA ALA D 118 -7.67 31.05 -24.98
C ALA D 118 -6.34 30.81 -25.68
N VAL D 119 -5.50 31.85 -25.69
CA VAL D 119 -4.17 31.76 -26.28
C VAL D 119 -3.13 31.68 -25.18
N GLY D 120 -2.48 30.52 -25.07
CA GLY D 120 -1.47 30.31 -24.06
C GLY D 120 -0.95 28.88 -24.06
N VAL D 121 0.12 28.63 -23.30
CA VAL D 121 0.71 27.31 -23.24
C VAL D 121 1.22 26.96 -21.85
N GLY D 122 1.20 25.66 -21.54
CA GLY D 122 1.80 25.16 -20.32
C GLY D 122 3.29 24.97 -20.53
N THR D 123 4.08 25.30 -19.51
CA THR D 123 5.53 25.18 -19.60
C THR D 123 6.07 24.43 -18.39
N VAL D 124 7.39 24.23 -18.36
CA VAL D 124 8.03 23.59 -17.23
C VAL D 124 7.98 24.52 -16.01
N GLY D 125 8.06 25.82 -16.27
CA GLY D 125 8.01 26.81 -15.21
C GLY D 125 7.92 28.21 -15.80
N SER D 126 7.99 29.22 -14.94
CA SER D 126 7.92 30.60 -15.41
C SER D 126 9.14 30.96 -16.26
N SER D 127 10.26 30.31 -16.00
CA SER D 127 11.48 30.56 -16.76
C SER D 127 11.23 30.39 -18.26
N GLU D 128 10.70 29.23 -18.65
CA GLU D 128 10.40 28.97 -20.05
C GLU D 128 9.24 29.85 -20.52
N ALA D 129 8.30 30.11 -19.64
CA ALA D 129 7.15 30.95 -19.97
C ALA D 129 7.62 32.37 -20.31
N ILE D 130 8.58 32.86 -19.54
CA ILE D 130 9.12 34.21 -19.73
C ILE D 130 9.84 34.32 -21.06
N MET D 131 10.59 33.28 -21.42
CA MET D 131 11.35 33.29 -22.66
C MET D 131 10.47 33.14 -23.89
N LEU D 132 9.33 32.46 -23.75
CA LEU D 132 8.38 32.39 -24.84
C LEU D 132 7.70 33.74 -24.99
N ALA D 133 7.36 34.34 -23.86
CA ALA D 133 6.74 35.67 -23.86
C ALA D 133 7.69 36.68 -24.47
N GLY D 134 8.97 36.59 -24.10
CA GLY D 134 9.98 37.47 -24.65
C GLY D 134 10.14 37.30 -26.15
N LEU D 135 10.21 36.05 -26.60
CA LEU D 135 10.30 35.75 -28.02
C LEU D 135 9.14 36.37 -28.80
N ALA D 136 7.93 36.23 -28.26
CA ALA D 136 6.75 36.81 -28.90
C ALA D 136 6.90 38.32 -29.01
N PHE D 137 7.37 38.94 -27.94
CA PHE D 137 7.58 40.38 -27.92
C PHE D 137 8.63 40.80 -28.94
N LYS D 138 9.77 40.14 -28.91
CA LYS D 138 10.87 40.46 -29.81
C LYS D 138 10.43 40.34 -31.26
N ARG D 139 9.84 39.20 -31.60
CA ARG D 139 9.39 38.93 -32.97
C ARG D 139 8.33 39.93 -33.41
N LYS D 140 7.34 40.17 -32.56
CA LYS D 140 6.26 41.10 -32.86
C LYS D 140 6.84 42.49 -33.12
N TRP D 141 7.88 42.82 -32.37
CA TRP D 141 8.56 44.10 -32.50
C TRP D 141 9.38 44.16 -33.78
N GLN D 142 10.09 43.09 -34.07
CA GLN D 142 10.88 43.00 -35.31
C GLN D 142 9.99 43.18 -36.53
N ASN D 143 8.87 42.45 -36.56
CA ASN D 143 7.92 42.56 -37.66
C ASN D 143 7.42 43.99 -37.86
N LYS D 144 7.01 44.61 -36.76
CA LYS D 144 6.47 45.97 -36.81
C LYS D 144 7.51 46.94 -37.37
N ARG D 145 8.75 46.78 -36.95
CA ARG D 145 9.83 47.67 -37.36
C ARG D 145 10.21 47.43 -38.83
N LYS D 146 10.37 46.16 -39.20
CA LYS D 146 10.71 45.81 -40.58
C LYS D 146 9.66 46.34 -41.55
N ALA D 147 8.42 46.42 -41.10
CA ALA D 147 7.33 46.93 -41.92
C ALA D 147 7.44 48.45 -42.08
N GLU D 148 8.10 49.11 -41.13
CA GLU D 148 8.29 50.56 -41.20
C GLU D 148 9.66 50.87 -41.76
N GLY D 149 10.38 49.82 -42.16
CA GLY D 149 11.73 49.94 -42.67
C GLY D 149 12.80 50.08 -41.59
N LYS D 150 12.36 50.47 -40.39
CA LYS D 150 13.25 50.81 -39.28
C LYS D 150 14.17 49.65 -38.87
N PRO D 151 15.29 49.97 -38.21
CA PRO D 151 16.31 48.99 -37.81
C PRO D 151 15.84 48.12 -36.64
N VAL D 152 16.37 46.92 -36.54
CA VAL D 152 15.93 45.97 -35.52
C VAL D 152 17.11 45.27 -34.84
N ASP D 153 18.22 45.98 -34.71
CA ASP D 153 19.45 45.37 -34.21
C ASP D 153 19.73 45.63 -32.71
N LYS D 154 18.92 46.47 -32.09
CA LYS D 154 19.16 46.82 -30.68
C LYS D 154 17.89 46.77 -29.82
N PRO D 155 17.27 45.59 -29.71
CA PRO D 155 16.06 45.46 -28.90
C PRO D 155 16.39 45.57 -27.42
N ASN D 156 15.44 46.04 -26.61
CA ASN D 156 15.63 46.07 -25.17
C ASN D 156 14.35 45.81 -24.37
N ILE D 157 14.53 45.49 -23.10
CA ILE D 157 13.42 45.28 -22.18
C ILE D 157 13.63 46.15 -20.95
N VAL D 158 12.55 46.70 -20.40
CA VAL D 158 12.65 47.55 -19.23
C VAL D 158 12.03 46.88 -18.00
N THR D 159 12.84 46.68 -16.96
CA THR D 159 12.38 46.11 -15.70
C THR D 159 13.11 46.77 -14.54
N GLY D 160 12.75 46.37 -13.33
CA GLY D 160 13.43 46.85 -12.14
C GLY D 160 14.64 46.00 -11.84
N ALA D 161 15.51 46.47 -10.95
CA ALA D 161 16.70 45.73 -10.56
C ALA D 161 16.33 44.52 -9.73
N ASN D 162 15.08 44.48 -9.27
CA ASN D 162 14.57 43.35 -8.52
C ASN D 162 14.18 42.21 -9.46
N VAL D 163 14.50 42.37 -10.74
CA VAL D 163 14.13 41.39 -11.76
C VAL D 163 14.73 40.02 -11.46
N GLN D 164 13.96 38.97 -11.72
CA GLN D 164 14.38 37.61 -11.45
C GLN D 164 15.32 37.13 -12.55
N VAL D 165 16.27 36.28 -12.17
CA VAL D 165 17.36 35.85 -13.07
C VAL D 165 16.90 35.43 -14.47
N CYS D 166 15.67 34.96 -14.56
CA CYS D 166 15.16 34.42 -15.83
C CYS D 166 15.12 35.47 -16.94
N TRP D 167 14.97 36.74 -16.57
CA TRP D 167 14.97 37.81 -17.56
C TRP D 167 16.39 38.15 -18.00
N GLU D 168 17.37 37.89 -17.13
CA GLU D 168 18.76 38.06 -17.49
C GLU D 168 19.18 36.95 -18.46
N LYS D 169 18.69 35.75 -18.20
CA LYS D 169 18.95 34.64 -19.10
C LYS D 169 18.41 34.97 -20.49
N PHE D 170 17.14 35.38 -20.54
CA PHE D 170 16.51 35.73 -21.81
C PHE D 170 17.31 36.80 -22.55
N ALA D 171 17.63 37.87 -21.84
CA ALA D 171 18.37 38.98 -22.44
C ALA D 171 19.67 38.52 -23.07
N ARG D 172 20.42 37.71 -22.33
CA ARG D 172 21.73 37.26 -22.79
C ARG D 172 21.64 36.24 -23.94
N TYR D 173 20.75 35.27 -23.81
CA TYR D 173 20.65 34.20 -24.80
C TYR D 173 19.97 34.65 -26.09
N PHE D 174 19.00 35.55 -25.96
CA PHE D 174 18.27 36.04 -27.12
C PHE D 174 18.72 37.43 -27.54
N GLU D 175 19.90 37.82 -27.06
CA GLU D 175 20.53 39.07 -27.47
C GLU D 175 19.59 40.26 -27.42
N VAL D 176 19.02 40.50 -26.23
CA VAL D 176 18.19 41.67 -25.98
C VAL D 176 18.80 42.43 -24.82
N GLU D 177 18.75 43.75 -24.88
CA GLU D 177 19.36 44.58 -23.84
C GLU D 177 18.44 44.74 -22.64
N LEU D 178 18.99 44.55 -21.44
CA LEU D 178 18.20 44.67 -20.23
C LEU D 178 18.43 46.02 -19.56
N LYS D 179 17.42 46.89 -19.66
CA LYS D 179 17.47 48.19 -19.02
C LYS D 179 16.79 48.12 -17.65
N GLU D 180 17.57 48.24 -16.59
CA GLU D 180 17.05 48.07 -15.23
C GLU D 180 16.88 49.38 -14.48
N VAL D 181 15.72 49.53 -13.85
CA VAL D 181 15.47 50.64 -12.94
C VAL D 181 16.01 50.28 -11.57
N LYS D 182 17.01 51.01 -11.11
CA LYS D 182 17.68 50.68 -9.85
C LYS D 182 16.81 50.88 -8.61
N LEU D 183 17.16 50.15 -7.55
CA LEU D 183 16.41 50.21 -6.30
C LEU D 183 16.96 51.28 -5.36
N SER D 184 16.08 51.84 -4.55
CA SER D 184 16.49 52.80 -3.52
C SER D 184 16.23 52.19 -2.15
N GLU D 185 16.93 52.69 -1.14
CA GLU D 185 16.72 52.22 0.22
C GLU D 185 15.27 52.46 0.63
N GLY D 186 14.59 51.41 1.06
CA GLY D 186 13.20 51.51 1.46
C GLY D 186 12.24 51.44 0.28
N TYR D 187 12.80 51.29 -0.92
CA TYR D 187 12.00 51.22 -2.14
C TYR D 187 12.52 50.06 -3.00
N TYR D 188 11.91 48.89 -2.85
CA TYR D 188 12.48 47.67 -3.39
C TYR D 188 11.76 47.11 -4.62
N VAL D 189 10.81 47.87 -5.14
CA VAL D 189 10.16 47.51 -6.40
C VAL D 189 10.50 48.52 -7.49
N MET D 190 10.02 48.26 -8.70
CA MET D 190 10.27 49.13 -9.84
C MET D 190 9.38 50.36 -9.79
N ASP D 191 9.98 51.54 -9.90
CA ASP D 191 9.23 52.78 -9.96
C ASP D 191 8.64 52.97 -11.35
N PRO D 192 7.30 52.93 -11.46
CA PRO D 192 6.62 53.06 -12.75
C PRO D 192 7.10 54.25 -13.56
N GLN D 193 7.25 55.40 -12.92
CA GLN D 193 7.66 56.62 -13.61
C GLN D 193 9.04 56.47 -14.28
N GLN D 194 10.05 56.12 -13.48
CA GLN D 194 11.40 55.93 -14.01
C GLN D 194 11.41 54.90 -15.13
N ALA D 195 10.54 53.90 -15.01
CA ALA D 195 10.46 52.84 -16.01
C ALA D 195 9.99 53.38 -17.35
N VAL D 196 8.88 54.11 -17.32
CA VAL D 196 8.30 54.69 -18.53
C VAL D 196 9.28 55.65 -19.20
N ASP D 197 10.09 56.33 -18.40
CA ASP D 197 11.06 57.29 -18.92
C ASP D 197 12.20 56.59 -19.65
N MET D 198 12.47 55.33 -19.31
CA MET D 198 13.53 54.56 -19.95
C MET D 198 13.08 53.97 -21.29
N VAL D 199 11.77 53.86 -21.47
CA VAL D 199 11.23 53.31 -22.71
C VAL D 199 11.68 54.12 -23.91
N ASP D 200 12.20 53.42 -24.92
CA ASP D 200 12.51 54.05 -26.19
C ASP D 200 11.95 53.23 -27.35
N GLU D 201 12.30 53.60 -28.58
CA GLU D 201 11.74 52.96 -29.76
C GLU D 201 12.13 51.48 -29.86
N ASN D 202 13.20 51.10 -29.17
CA ASN D 202 13.71 49.74 -29.23
C ASN D 202 13.21 48.83 -28.11
N THR D 203 12.33 49.37 -27.27
CA THR D 203 11.79 48.61 -26.15
C THR D 203 10.69 47.65 -26.62
N ILE D 204 10.98 46.35 -26.55
CA ILE D 204 10.01 45.36 -27.00
C ILE D 204 8.90 45.16 -25.98
N CYS D 205 9.18 45.50 -24.72
CA CYS D 205 8.16 45.49 -23.69
C CYS D 205 8.70 46.00 -22.36
N VAL D 206 7.79 46.36 -21.46
CA VAL D 206 8.13 46.68 -20.08
C VAL D 206 7.61 45.55 -19.19
N ALA D 207 8.51 44.88 -18.49
CA ALA D 207 8.12 43.76 -17.65
C ALA D 207 7.93 44.16 -16.19
N ALA D 208 6.69 44.08 -15.72
CA ALA D 208 6.36 44.36 -14.32
C ALA D 208 6.25 43.06 -13.53
N ILE D 209 6.64 43.09 -12.27
CA ILE D 209 6.64 41.90 -11.43
C ILE D 209 5.54 41.95 -10.37
N LEU D 210 4.59 41.02 -10.44
CA LEU D 210 3.51 40.95 -9.47
C LEU D 210 3.87 40.00 -8.34
N GLY D 211 4.74 40.47 -7.45
CA GLY D 211 5.22 39.63 -6.37
C GLY D 211 6.72 39.44 -6.47
N SER D 212 7.47 40.42 -5.98
CA SER D 212 8.93 40.39 -6.05
C SER D 212 9.48 39.29 -5.14
N THR D 213 10.48 38.57 -5.63
CA THR D 213 11.08 37.50 -4.85
C THR D 213 11.88 38.07 -3.68
N LEU D 214 11.99 39.39 -3.63
CA LEU D 214 12.81 40.06 -2.62
C LEU D 214 12.04 40.47 -1.37
N ASN D 215 10.80 40.91 -1.55
CA ASN D 215 9.96 41.29 -0.41
C ASN D 215 8.48 41.05 -0.68
N GLY D 216 8.19 40.26 -1.70
CA GLY D 216 6.83 39.84 -2.00
C GLY D 216 5.87 40.95 -2.35
N GLU D 217 6.41 42.12 -2.72
CA GLU D 217 5.57 43.26 -3.04
C GLU D 217 5.05 43.20 -4.47
N PHE D 218 3.80 43.60 -4.66
CA PHE D 218 3.24 43.73 -6.00
C PHE D 218 3.63 45.09 -6.57
N GLU D 219 4.14 45.10 -7.80
CA GLU D 219 4.45 46.36 -8.46
C GLU D 219 3.16 47.02 -8.94
N ASP D 220 3.18 48.34 -9.02
CA ASP D 220 1.99 49.10 -9.39
C ASP D 220 1.73 49.03 -10.89
N VAL D 221 1.23 47.89 -11.34
CA VAL D 221 1.02 47.65 -12.77
C VAL D 221 0.02 48.65 -13.37
N LYS D 222 -1.02 49.00 -12.61
CA LYS D 222 -2.03 49.93 -13.10
C LYS D 222 -1.43 51.30 -13.40
N LEU D 223 -0.56 51.78 -12.52
CA LEU D 223 0.10 53.05 -12.73
C LEU D 223 1.00 52.99 -13.95
N LEU D 224 1.78 51.91 -14.05
CA LEU D 224 2.65 51.69 -15.21
C LEU D 224 1.83 51.75 -16.50
N ASN D 225 0.67 51.11 -16.50
CA ASN D 225 -0.21 51.11 -17.65
C ASN D 225 -0.70 52.52 -17.98
N ASP D 226 -1.10 53.26 -16.95
CA ASP D 226 -1.62 54.61 -17.14
C ASP D 226 -0.57 55.54 -17.75
N LEU D 227 0.64 55.51 -17.20
CA LEU D 227 1.71 56.35 -17.70
C LEU D 227 2.14 55.95 -19.11
N LEU D 228 2.16 54.65 -19.38
CA LEU D 228 2.63 54.13 -20.66
C LEU D 228 1.63 54.42 -21.77
N VAL D 229 0.35 54.45 -21.42
CA VAL D 229 -0.68 54.80 -22.40
C VAL D 229 -0.52 56.25 -22.84
N GLU D 230 -0.19 57.11 -21.88
CA GLU D 230 0.07 58.51 -22.19
C GLU D 230 1.27 58.65 -23.11
N LYS D 231 2.38 58.02 -22.73
CA LYS D 231 3.59 58.08 -23.54
C LYS D 231 3.37 57.52 -24.94
N ASN D 232 2.48 56.54 -25.05
CA ASN D 232 2.18 55.94 -26.35
C ASN D 232 1.48 56.91 -27.28
N LYS D 233 0.67 57.80 -26.71
CA LYS D 233 -0.01 58.83 -27.50
C LYS D 233 1.01 59.78 -28.14
N GLU D 234 2.10 60.02 -27.43
CA GLU D 234 3.16 60.89 -27.92
C GLU D 234 4.08 60.18 -28.90
N THR D 235 4.76 59.15 -28.43
CA THR D 235 5.81 58.49 -29.19
C THR D 235 5.29 57.74 -30.42
N GLY D 236 4.06 57.23 -30.32
CA GLY D 236 3.49 56.46 -31.41
C GLY D 236 3.98 55.02 -31.37
N TRP D 237 4.99 54.75 -30.56
CA TRP D 237 5.43 53.38 -30.33
C TRP D 237 4.30 52.69 -29.60
N ASP D 238 4.13 51.39 -29.82
CA ASP D 238 3.07 50.66 -29.14
C ASP D 238 3.66 49.76 -28.06
N THR D 239 4.38 50.38 -27.13
CA THR D 239 5.08 49.64 -26.08
C THR D 239 4.11 48.85 -25.20
N PRO D 240 4.32 47.53 -25.11
CA PRO D 240 3.45 46.61 -24.38
C PRO D 240 3.96 46.36 -22.96
N ILE D 241 3.10 45.82 -22.11
CA ILE D 241 3.49 45.42 -20.78
C ILE D 241 3.40 43.90 -20.63
N HIS D 242 4.41 43.31 -20.01
CA HIS D 242 4.32 41.92 -19.59
C HIS D 242 4.36 41.85 -18.07
N VAL D 243 3.45 41.07 -17.49
CA VAL D 243 3.40 40.91 -16.05
C VAL D 243 3.97 39.56 -15.64
N ASP D 244 5.10 39.58 -14.95
CA ASP D 244 5.67 38.38 -14.37
C ASP D 244 4.95 38.07 -13.06
N ALA D 245 3.92 37.24 -13.15
CA ALA D 245 3.13 36.89 -11.98
C ALA D 245 3.47 35.48 -11.51
N ALA D 246 4.76 35.14 -11.57
CA ALA D 246 5.22 33.81 -11.20
C ALA D 246 4.52 33.30 -9.95
N SER D 247 4.50 34.12 -8.90
CA SER D 247 3.86 33.75 -7.65
C SER D 247 2.52 34.48 -7.46
N GLY D 248 2.53 35.80 -7.62
CA GLY D 248 1.34 36.60 -7.40
C GLY D 248 0.14 36.24 -8.26
N GLY D 249 0.40 35.54 -9.36
CA GLY D 249 -0.66 35.17 -10.29
C GLY D 249 -1.76 34.31 -9.69
N PHE D 250 -1.40 33.49 -8.71
CA PHE D 250 -2.36 32.61 -8.05
C PHE D 250 -2.73 33.13 -6.66
N ILE D 251 -2.45 34.41 -6.41
CA ILE D 251 -2.76 35.01 -5.13
C ILE D 251 -3.73 36.18 -5.28
N ALA D 252 -3.41 37.09 -6.18
CA ALA D 252 -4.25 38.26 -6.42
C ALA D 252 -5.70 37.90 -6.75
N PRO D 253 -5.91 36.97 -7.69
CA PRO D 253 -7.29 36.66 -8.10
C PRO D 253 -8.17 36.22 -6.93
N PHE D 254 -7.57 35.77 -5.84
CA PHE D 254 -8.33 35.21 -4.73
C PHE D 254 -8.35 36.09 -3.48
N LEU D 255 -7.24 36.75 -3.21
CA LEU D 255 -7.15 37.67 -2.07
C LEU D 255 -7.53 39.09 -2.46
N TYR D 256 -7.10 39.48 -3.66
CA TYR D 256 -7.26 40.86 -4.13
C TYR D 256 -7.87 40.92 -5.52
N PRO D 257 -9.13 40.48 -5.65
N PRO D 257 -9.14 40.48 -5.65
CA PRO D 257 -9.80 40.53 -6.96
CA PRO D 257 -9.84 40.39 -6.93
C PRO D 257 -10.02 41.98 -7.37
C PRO D 257 -10.07 41.76 -7.59
N GLU D 258 -9.95 42.89 -6.41
N GLU D 258 -10.17 42.80 -6.77
CA GLU D 258 -10.21 44.30 -6.64
CA GLU D 258 -10.43 44.14 -7.27
C GLU D 258 -9.04 44.96 -7.37
C GLU D 258 -9.15 44.93 -7.53
N LEU D 259 -7.86 44.39 -7.21
N LEU D 259 -8.01 44.26 -7.47
CA LEU D 259 -6.65 44.94 -7.79
CA LEU D 259 -6.75 44.87 -7.82
C LEU D 259 -6.59 44.72 -9.30
C LEU D 259 -6.50 44.71 -9.32
N GLU D 260 -6.49 45.82 -10.05
CA GLU D 260 -6.33 45.75 -11.51
C GLU D 260 -4.86 45.64 -11.88
N TRP D 261 -4.45 44.46 -12.35
CA TRP D 261 -3.05 44.19 -12.68
C TRP D 261 -2.95 43.35 -13.93
N ASP D 262 -4.07 42.75 -14.32
CA ASP D 262 -4.09 41.77 -15.40
C ASP D 262 -4.55 42.35 -16.74
N PHE D 263 -5.22 41.52 -17.52
CA PHE D 263 -5.68 41.91 -18.85
C PHE D 263 -6.76 42.99 -18.81
N ARG D 264 -7.23 43.33 -17.61
CA ARG D 264 -8.13 44.46 -17.46
C ARG D 264 -7.42 45.73 -17.89
N LEU D 265 -6.09 45.74 -17.74
CA LEU D 265 -5.27 46.83 -18.22
C LEU D 265 -4.94 46.61 -19.70
N PRO D 266 -5.29 47.59 -20.55
CA PRO D 266 -5.17 47.48 -22.01
C PRO D 266 -3.77 47.14 -22.51
N LEU D 267 -2.75 47.65 -21.83
CA LEU D 267 -1.37 47.48 -22.30
C LEU D 267 -0.75 46.14 -21.93
N VAL D 268 -1.37 45.41 -21.01
CA VAL D 268 -0.87 44.09 -20.62
C VAL D 268 -1.14 43.09 -21.75
N LYS D 269 -0.07 42.64 -22.41
CA LYS D 269 -0.21 41.78 -23.59
C LYS D 269 0.02 40.31 -23.29
N SER D 270 0.77 40.02 -22.24
CA SER D 270 1.03 38.65 -21.84
C SER D 270 1.38 38.53 -20.36
N ILE D 271 1.04 37.39 -19.77
CA ILE D 271 1.27 37.14 -18.35
C ILE D 271 1.82 35.73 -18.14
N ASN D 272 2.79 35.61 -17.24
CA ASN D 272 3.30 34.31 -16.86
C ASN D 272 3.01 34.01 -15.38
N VAL D 273 2.83 32.74 -15.07
CA VAL D 273 2.54 32.33 -13.71
C VAL D 273 3.07 30.92 -13.50
N SER D 274 3.58 30.66 -12.29
CA SER D 274 4.11 29.35 -11.96
C SER D 274 3.07 28.50 -11.24
N GLY D 275 2.67 27.40 -11.88
CA GLY D 275 1.73 26.48 -11.27
C GLY D 275 2.33 25.82 -10.04
N HIS D 276 3.64 25.62 -10.05
CA HIS D 276 4.31 24.94 -8.95
C HIS D 276 4.68 25.87 -7.81
N TYR D 278 2.33 29.14 -6.22
CA TYR D 278 1.06 29.22 -5.52
C TYR D 278 -0.08 28.60 -6.33
N GLY D 279 0.28 27.93 -7.41
CA GLY D 279 -0.68 27.13 -8.17
C GLY D 279 -0.92 25.83 -7.46
N LEU D 280 -0.11 25.57 -6.43
CA LEU D 280 -0.29 24.43 -5.53
C LEU D 280 0.00 23.09 -6.20
N VAL D 281 1.00 23.06 -7.07
CA VAL D 281 1.42 21.83 -7.71
C VAL D 281 2.90 21.59 -7.42
N TYR D 282 3.33 20.34 -7.44
CA TYR D 282 4.74 20.02 -7.30
C TYR D 282 5.53 20.65 -8.45
N ALA D 283 6.82 20.84 -8.23
CA ALA D 283 7.68 21.47 -9.24
C ALA D 283 7.56 20.82 -10.60
N GLY D 284 7.48 21.66 -11.64
CA GLY D 284 7.46 21.16 -13.01
C GLY D 284 6.30 21.65 -13.87
N ILE D 285 5.72 22.79 -13.49
CA ILE D 285 4.61 23.35 -14.26
C ILE D 285 4.52 24.87 -14.21
N GLY D 286 4.45 25.49 -15.38
CA GLY D 286 4.27 26.93 -15.50
C GLY D 286 3.28 27.25 -16.60
N TRP D 287 2.89 28.52 -16.70
CA TRP D 287 1.91 28.93 -17.69
C TRP D 287 2.23 30.32 -18.26
N VAL D 288 1.87 30.52 -19.52
CA VAL D 288 1.96 31.85 -20.13
C VAL D 288 0.72 32.13 -20.97
N ILE D 289 0.08 33.26 -20.71
CA ILE D 289 -1.14 33.63 -21.41
C ILE D 289 -0.92 34.88 -22.26
N TRP D 290 -1.53 34.89 -23.45
CA TRP D 290 -1.48 36.06 -24.31
C TRP D 290 -2.86 36.70 -24.42
N ARG D 291 -2.88 38.03 -24.43
CA ARG D 291 -4.13 38.78 -24.46
C ARG D 291 -5.00 38.38 -25.65
N ASN D 292 -4.40 38.38 -26.83
CA ASN D 292 -5.10 38.01 -28.06
C ASN D 292 -4.20 37.21 -28.97
N LYS D 293 -4.77 36.60 -29.99
CA LYS D 293 -4.01 35.80 -30.94
C LYS D 293 -2.91 36.63 -31.60
N GLU D 294 -3.17 37.92 -31.79
CA GLU D 294 -2.24 38.81 -32.47
C GLU D 294 -0.91 39.00 -31.72
N ASP D 295 -0.95 38.73 -30.41
CA ASP D 295 0.22 38.93 -29.57
C ASP D 295 1.21 37.77 -29.64
N LEU D 296 0.80 36.70 -30.31
CA LEU D 296 1.68 35.55 -30.53
C LEU D 296 1.90 35.36 -32.02
N PRO D 297 3.01 35.90 -32.55
CA PRO D 297 3.32 35.81 -33.98
C PRO D 297 3.21 34.37 -34.48
N GLU D 298 2.43 34.18 -35.55
CA GLU D 298 2.14 32.85 -36.06
C GLU D 298 3.38 32.07 -36.52
N GLU D 299 4.43 32.80 -36.91
CA GLU D 299 5.63 32.13 -37.41
C GLU D 299 6.47 31.51 -36.31
N LEU D 300 6.11 31.76 -35.05
CA LEU D 300 6.82 31.13 -33.93
C LEU D 300 6.25 29.75 -33.63
N ILE D 301 5.10 29.45 -34.19
CA ILE D 301 4.42 28.18 -33.95
C ILE D 301 4.81 27.10 -34.96
N PHE D 302 5.07 25.89 -34.45
CA PHE D 302 5.45 24.75 -35.29
C PHE D 302 4.33 23.72 -35.41
N HIS D 303 4.34 22.96 -36.49
CA HIS D 303 3.40 21.86 -36.69
C HIS D 303 4.14 20.63 -37.17
N ILE D 304 4.34 19.65 -36.29
CA ILE D 304 5.06 18.43 -36.65
C ILE D 304 4.09 17.30 -36.95
N ASN D 305 4.59 16.22 -37.55
CA ASN D 305 3.72 15.10 -37.91
C ASN D 305 4.39 13.73 -37.97
N TYR D 306 5.52 13.57 -37.28
CA TYR D 306 6.23 12.30 -37.31
C TYR D 306 5.79 11.36 -36.18
N LEU D 307 4.84 11.82 -35.36
CA LEU D 307 4.33 11.02 -34.26
C LEU D 307 2.90 10.55 -34.47
N GLY D 308 2.24 11.09 -35.49
CA GLY D 308 0.88 10.70 -35.80
C GLY D 308 0.11 11.71 -36.62
N ALA D 309 0.11 12.97 -36.16
CA ALA D 309 -0.58 14.05 -36.87
C ALA D 309 0.05 15.41 -36.59
N ASP D 310 -0.56 16.46 -37.11
CA ASP D 310 -0.03 17.82 -36.94
C ASP D 310 -0.46 18.43 -35.60
N GLN D 311 0.49 19.10 -34.94
CA GLN D 311 0.25 19.69 -33.62
C GLN D 311 0.90 21.07 -33.48
N PRO D 312 0.13 22.05 -32.97
CA PRO D 312 0.54 23.45 -32.81
C PRO D 312 1.38 23.68 -31.56
N THR D 313 2.69 23.46 -31.64
CA THR D 313 3.56 23.58 -30.47
C THR D 313 4.36 24.88 -30.44
N PHE D 314 4.41 25.51 -29.27
CA PHE D 314 5.28 26.65 -29.05
C PHE D 314 5.98 26.53 -27.69
N THR D 315 7.06 25.76 -27.66
CA THR D 315 7.81 25.55 -26.43
C THR D 315 9.28 25.32 -26.74
N LEU D 316 10.13 25.58 -25.76
CA LEU D 316 11.56 25.33 -25.90
C LEU D 316 11.86 23.87 -25.56
N ASN D 317 10.89 23.21 -24.91
CA ASN D 317 11.02 21.80 -24.57
C ASN D 317 10.22 20.92 -25.52
N PHE D 318 10.47 19.62 -25.47
CA PHE D 318 9.71 18.67 -26.28
C PHE D 318 9.12 17.60 -25.37
N SER D 319 9.82 16.48 -25.24
CA SER D 319 9.39 15.42 -24.34
C SER D 319 9.47 15.91 -22.89
N LYS D 320 8.45 15.58 -22.12
CA LYS D 320 8.41 15.95 -20.71
C LYS D 320 7.23 15.26 -20.03
N GLY D 321 7.30 15.16 -18.71
CA GLY D 321 6.21 14.54 -17.97
C GLY D 321 4.92 15.31 -18.12
N SER D 322 3.79 14.60 -18.07
CA SER D 322 2.49 15.23 -18.17
C SER D 322 1.77 15.20 -16.83
N SER D 323 2.45 14.69 -15.81
CA SER D 323 1.86 14.56 -14.48
C SER D 323 1.53 15.91 -13.85
N GLN D 324 2.39 16.89 -14.02
CA GLN D 324 2.16 18.22 -13.44
C GLN D 324 0.97 18.92 -14.11
N VAL D 325 0.82 18.73 -15.42
CA VAL D 325 -0.33 19.29 -16.12
C VAL D 325 -1.62 18.72 -15.54
N ILE D 326 -1.69 17.40 -15.45
CA ILE D 326 -2.83 16.71 -14.86
C ILE D 326 -3.05 17.15 -13.42
N ALA D 327 -1.96 17.24 -12.66
CA ALA D 327 -2.03 17.68 -11.27
C ALA D 327 -2.63 19.08 -11.17
N GLN D 328 -2.24 19.95 -12.10
CA GLN D 328 -2.75 21.32 -12.12
C GLN D 328 -4.26 21.33 -12.32
N TYR D 329 -4.72 20.57 -13.30
CA TYR D 329 -6.14 20.49 -13.60
C TYR D 329 -6.91 19.96 -12.40
N TYR D 330 -6.33 18.97 -11.73
CA TYR D 330 -6.93 18.43 -10.52
C TYR D 330 -7.15 19.54 -9.49
N GLN D 331 -6.07 20.25 -9.16
CA GLN D 331 -6.16 21.34 -8.20
C GLN D 331 -7.22 22.36 -8.59
N LEU D 332 -7.27 22.72 -9.87
CA LEU D 332 -8.21 23.72 -10.33
C LEU D 332 -9.67 23.34 -10.11
N ILE D 333 -10.06 22.15 -10.58
CA ILE D 333 -11.45 21.73 -10.48
C ILE D 333 -11.82 21.18 -9.10
N ARG D 334 -10.81 20.74 -8.35
CA ARG D 334 -11.05 20.20 -7.01
C ARG D 334 -11.19 21.31 -5.97
N LEU D 335 -10.33 22.33 -6.07
CA LEU D 335 -10.36 23.44 -5.13
C LEU D 335 -11.34 24.52 -5.55
N GLY D 336 -11.29 24.92 -6.82
CA GLY D 336 -12.09 26.03 -7.31
C GLY D 336 -11.67 27.34 -6.65
N HIS D 337 -12.43 28.40 -6.90
CA HIS D 337 -12.16 29.69 -6.28
C HIS D 337 -12.14 29.53 -4.76
N GLU D 338 -13.14 28.82 -4.24
CA GLU D 338 -13.29 28.64 -2.80
C GLU D 338 -12.04 28.07 -2.15
N GLY D 339 -11.55 26.96 -2.68
CA GLY D 339 -10.38 26.29 -2.13
C GLY D 339 -9.14 27.15 -2.15
N TYR D 340 -8.86 27.76 -3.30
CA TYR D 340 -7.69 28.63 -3.43
C TYR D 340 -7.76 29.83 -2.49
N ARG D 341 -8.94 30.40 -2.34
CA ARG D 341 -9.12 31.52 -1.43
C ARG D 341 -8.80 31.08 -0.01
N ASN D 342 -9.34 29.93 0.38
CA ASN D 342 -9.09 29.39 1.72
C ASN D 342 -7.62 29.15 1.99
N VAL D 343 -6.92 28.59 1.00
CA VAL D 343 -5.49 28.33 1.15
C VAL D 343 -4.69 29.63 1.28
N MET D 344 -5.01 30.60 0.44
CA MET D 344 -4.31 31.89 0.46
C MET D 344 -4.60 32.65 1.75
N GLU D 345 -5.85 32.62 2.20
CA GLU D 345 -6.22 33.27 3.45
C GLU D 345 -5.44 32.66 4.62
N ASN D 346 -5.32 31.35 4.63
CA ASN D 346 -4.53 30.66 5.64
C ASN D 346 -3.06 31.07 5.59
N CYS D 347 -2.54 31.21 4.38
CA CYS D 347 -1.15 31.64 4.19
C CYS D 347 -0.94 33.07 4.67
N ARG D 348 -1.88 33.95 4.33
CA ARG D 348 -1.82 35.34 4.75
C ARG D 348 -1.90 35.45 6.27
N GLU D 349 -2.79 34.67 6.86
CA GLU D 349 -2.97 34.65 8.31
C GLU D 349 -1.66 34.28 9.00
N ASN D 350 -1.03 33.22 8.52
CA ASN D 350 0.24 32.77 9.09
C ASN D 350 1.37 33.78 8.91
N MET D 351 1.30 34.55 7.83
CA MET D 351 2.27 35.62 7.60
C MET D 351 2.16 36.66 8.71
N ILE D 352 0.93 37.06 9.01
CA ILE D 352 0.67 38.03 10.06
C ILE D 352 1.18 37.53 11.42
N VAL D 353 0.89 36.26 11.72
CA VAL D 353 1.33 35.65 12.97
C VAL D 353 2.86 35.71 13.10
N LEU D 354 3.54 35.40 12.01
CA LEU D 354 5.00 35.43 12.00
C LEU D 354 5.52 36.86 12.05
N ARG D 355 4.85 37.76 11.33
CA ARG D 355 5.22 39.16 11.31
C ARG D 355 5.17 39.76 12.71
N GLU D 356 4.04 39.57 13.39
CA GLU D 356 3.85 40.09 14.74
C GLU D 356 4.91 39.58 15.70
N GLY D 357 5.11 38.26 15.70
CA GLY D 357 6.09 37.64 16.56
C GLY D 357 7.47 38.26 16.43
N LEU D 358 7.80 38.70 15.22
CA LEU D 358 9.09 39.32 14.96
C LEU D 358 9.10 40.79 15.38
N GLU D 359 7.95 41.44 15.27
CA GLU D 359 7.80 42.82 15.71
C GLU D 359 7.89 42.90 17.24
N LYS D 360 7.34 41.88 17.90
CA LYS D 360 7.29 41.84 19.35
C LYS D 360 8.69 41.81 19.97
N THR D 361 9.66 41.33 19.22
CA THR D 361 11.04 41.26 19.71
C THR D 361 11.76 42.60 19.53
N GLU D 362 11.19 43.46 18.69
CA GLU D 362 11.75 44.79 18.44
C GLU D 362 13.21 44.72 18.02
N ARG D 363 13.60 43.58 17.43
CA ARG D 363 14.97 43.39 16.97
C ARG D 363 15.10 43.60 15.46
N PHE D 364 13.97 43.59 14.76
CA PHE D 364 13.99 43.59 13.31
C PHE D 364 13.23 44.73 12.66
N ASN D 365 13.56 45.00 11.40
CA ASN D 365 12.79 45.89 10.55
C ASN D 365 12.06 45.10 9.47
N ILE D 366 10.73 45.08 9.54
CA ILE D 366 9.94 44.41 8.51
C ILE D 366 10.06 45.19 7.20
N VAL D 367 10.72 44.56 6.23
CA VAL D 367 11.00 45.24 4.96
C VAL D 367 10.01 44.82 3.87
N SER D 368 9.07 43.94 4.22
CA SER D 368 8.03 43.52 3.29
C SER D 368 6.69 44.17 3.66
N LYS D 369 5.76 44.18 2.72
CA LYS D 369 4.50 44.88 2.92
C LYS D 369 3.44 43.99 3.59
N ASP D 370 2.31 44.60 3.94
CA ASP D 370 1.22 43.89 4.59
C ASP D 370 0.48 43.01 3.59
N GLU D 371 0.29 43.53 2.39
CA GLU D 371 -0.40 42.78 1.35
C GLU D 371 0.55 42.46 0.19
N GLY D 372 0.28 41.37 -0.50
CA GLY D 372 1.16 40.88 -1.55
C GLY D 372 1.39 39.40 -1.38
N VAL D 373 2.57 38.93 -1.76
CA VAL D 373 2.92 37.53 -1.58
C VAL D 373 3.02 37.21 -0.09
N PRO D 374 2.38 36.12 0.35
CA PRO D 374 2.44 35.67 1.75
C PRO D 374 3.86 35.30 2.15
N LEU D 375 4.63 36.28 2.60
CA LEU D 375 5.97 36.05 3.09
C LEU D 375 6.39 37.18 4.02
N VAL D 376 7.51 37.00 4.70
CA VAL D 376 8.03 38.03 5.58
C VAL D 376 9.52 38.25 5.33
N ALA D 377 9.88 39.45 4.89
CA ALA D 377 11.27 39.83 4.72
C ALA D 377 11.63 40.87 5.77
N PHE D 378 12.72 40.65 6.48
CA PHE D 378 13.08 41.53 7.59
C PHE D 378 14.59 41.67 7.75
N SER D 379 15.01 42.81 8.30
CA SER D 379 16.43 43.07 8.55
C SER D 379 16.67 43.28 10.04
N LEU D 380 17.94 43.17 10.43
CA LEU D 380 18.31 43.42 11.81
C LEU D 380 18.46 44.91 12.08
N LYS D 381 17.77 45.41 13.10
CA LYS D 381 18.05 46.74 13.61
C LYS D 381 19.46 46.70 14.19
N ASP D 382 20.35 47.53 13.66
CA ASP D 382 21.72 47.56 14.14
C ASP D 382 22.44 46.25 13.82
N SER D 383 22.93 46.14 12.59
CA SER D 383 23.63 44.94 12.13
C SER D 383 25.10 44.98 12.54
N SER D 384 25.37 45.40 13.77
CA SER D 384 26.74 45.58 14.23
C SER D 384 27.41 44.27 14.64
N CYS D 385 27.08 43.77 15.83
CA CYS D 385 27.74 42.60 16.38
C CYS D 385 27.35 41.30 15.69
N HIS D 386 26.18 41.28 15.06
CA HIS D 386 25.70 40.07 14.38
C HIS D 386 25.01 40.36 13.05
N THR D 387 25.24 39.50 12.07
CA THR D 387 24.64 39.66 10.75
C THR D 387 23.48 38.67 10.54
N GLU D 388 22.65 38.95 9.55
CA GLU D 388 21.52 38.09 9.24
C GLU D 388 21.98 36.70 8.78
N PHE D 389 23.18 36.65 8.21
CA PHE D 389 23.74 35.38 7.75
C PHE D 389 24.01 34.44 8.92
N GLU D 390 24.41 35.01 10.06
CA GLU D 390 24.64 34.22 11.26
C GLU D 390 23.34 33.58 11.73
N ILE D 391 22.27 34.34 11.69
CA ILE D 391 20.96 33.86 12.09
C ILE D 391 20.48 32.74 11.18
N SER D 392 20.78 32.86 9.89
CA SER D 392 20.42 31.85 8.91
C SER D 392 21.12 30.52 9.21
N ASP D 393 22.42 30.59 9.49
CA ASP D 393 23.20 29.41 9.82
C ASP D 393 22.72 28.76 11.11
N MET D 394 22.44 29.59 12.11
CA MET D 394 22.01 29.11 13.42
C MET D 394 20.73 28.29 13.31
N LEU D 395 19.79 28.80 12.52
CA LEU D 395 18.50 28.13 12.35
C LEU D 395 18.62 26.77 11.67
N ARG D 396 19.64 26.61 10.83
CA ARG D 396 19.89 25.34 10.17
C ARG D 396 19.92 24.17 11.16
N ARG D 397 20.45 24.44 12.35
CA ARG D 397 20.59 23.40 13.37
C ARG D 397 19.25 22.81 13.78
N TYR D 398 18.21 23.65 13.76
CA TYR D 398 16.88 23.22 14.15
C TYR D 398 16.15 22.56 13.00
N GLY D 399 16.67 22.73 11.79
CA GLY D 399 16.08 22.13 10.61
C GLY D 399 15.40 23.16 9.71
N TRP D 400 15.32 24.40 10.18
CA TRP D 400 14.74 25.48 9.40
C TRP D 400 15.71 25.95 8.34
N ILE D 401 15.20 26.19 7.14
CA ILE D 401 16.01 26.81 6.09
C ILE D 401 15.47 28.21 5.80
N VAL D 402 16.16 29.21 6.33
CA VAL D 402 15.76 30.60 6.15
C VAL D 402 16.93 31.39 5.57
N PRO D 403 16.77 31.90 4.34
CA PRO D 403 17.86 32.51 3.58
C PRO D 403 18.16 33.94 4.00
N ALA D 404 19.40 34.36 3.79
CA ALA D 404 19.79 35.74 3.95
C ALA D 404 20.44 36.22 2.66
N TYR D 405 20.17 37.46 2.27
CA TYR D 405 20.71 38.00 1.03
C TYR D 405 20.69 39.53 1.04
N THR D 406 21.53 40.13 0.21
CA THR D 406 21.58 41.59 0.12
C THR D 406 20.75 42.07 -1.07
N MET D 407 20.15 43.25 -0.92
CA MET D 407 19.35 43.82 -2.00
C MET D 407 20.22 44.23 -3.19
N PRO D 408 19.62 44.33 -4.37
CA PRO D 408 20.28 44.82 -5.58
C PRO D 408 20.48 46.33 -5.52
N PRO D 409 21.42 46.86 -6.31
CA PRO D 409 21.69 48.30 -6.37
C PRO D 409 20.42 49.09 -6.63
N ASN D 410 20.32 50.28 -6.06
CA ASN D 410 21.37 50.86 -5.23
C ASN D 410 21.09 50.67 -3.74
N ALA D 411 20.78 49.44 -3.36
CA ALA D 411 20.50 49.13 -1.97
C ALA D 411 21.33 47.94 -1.50
N GLN D 412 22.53 47.81 -2.04
CA GLN D 412 23.42 46.70 -1.69
C GLN D 412 23.83 46.74 -0.23
N HIS D 413 23.44 47.79 0.47
CA HIS D 413 23.76 47.94 1.89
C HIS D 413 22.67 47.37 2.79
N ILE D 414 21.59 46.89 2.18
CA ILE D 414 20.50 46.30 2.94
C ILE D 414 20.50 44.78 2.82
N THR D 415 20.56 44.10 3.97
CA THR D 415 20.54 42.65 4.00
C THR D 415 19.32 42.13 4.76
N VAL D 416 18.59 41.19 4.16
CA VAL D 416 17.34 40.72 4.74
C VAL D 416 17.25 39.21 4.90
N LEU D 417 16.36 38.78 5.79
CA LEU D 417 15.97 37.39 5.92
C LEU D 417 14.58 37.25 5.33
N ARG D 418 14.33 36.14 4.65
CA ARG D 418 13.03 35.93 4.03
C ARG D 418 12.41 34.60 4.45
N VAL D 419 11.14 34.64 4.83
CA VAL D 419 10.39 33.43 5.13
C VAL D 419 9.16 33.35 4.25
N VAL D 420 9.14 32.40 3.33
CA VAL D 420 7.99 32.21 2.46
C VAL D 420 6.96 31.32 3.14
N ILE D 421 5.71 31.78 3.19
CA ILE D 421 4.63 30.99 3.76
C ILE D 421 3.87 30.27 2.65
N ARG D 422 3.98 28.95 2.62
CA ARG D 422 3.31 28.15 1.60
C ARG D 422 2.07 27.45 2.12
N GLU D 423 1.39 26.70 1.25
CA GLU D 423 0.15 26.03 1.59
C GLU D 423 0.30 25.09 2.79
N ASP D 424 1.42 24.39 2.86
CA ASP D 424 1.62 23.35 3.88
C ASP D 424 2.36 23.87 5.11
N PHE D 425 2.23 25.16 5.38
CA PHE D 425 2.87 25.77 6.56
C PHE D 425 1.82 26.18 7.57
N SER D 426 1.56 25.30 8.53
CA SER D 426 0.50 25.51 9.52
C SER D 426 0.89 26.48 10.62
N ARG D 427 -0.09 26.86 11.44
CA ARG D 427 0.13 27.77 12.56
C ARG D 427 1.11 27.17 13.57
N THR D 428 1.06 25.84 13.70
CA THR D 428 1.94 25.14 14.63
C THR D 428 3.40 25.40 14.28
N LEU D 429 3.72 25.30 12.99
CA LEU D 429 5.07 25.54 12.51
C LEU D 429 5.44 27.02 12.63
N ALA D 430 4.49 27.89 12.29
CA ALA D 430 4.70 29.33 12.38
C ALA D 430 5.12 29.74 13.78
N GLU D 431 4.42 29.21 14.79
CA GLU D 431 4.70 29.56 16.17
C GLU D 431 6.01 28.98 16.66
N ARG D 432 6.35 27.78 16.18
CA ARG D 432 7.63 27.17 16.54
C ARG D 432 8.80 27.92 15.91
N LEU D 433 8.55 28.54 14.75
CA LEU D 433 9.57 29.30 14.06
C LEU D 433 9.93 30.55 14.86
N VAL D 434 8.91 31.24 15.34
CA VAL D 434 9.10 32.44 16.14
C VAL D 434 9.92 32.12 17.39
N ILE D 435 9.53 31.05 18.07
CA ILE D 435 10.21 30.60 19.29
C ILE D 435 11.68 30.31 19.01
N ASP D 436 11.94 29.58 17.94
CA ASP D 436 13.31 29.16 17.59
C ASP D 436 14.16 30.35 17.11
N ILE D 437 13.50 31.36 16.56
CA ILE D 437 14.21 32.57 16.15
C ILE D 437 14.65 33.35 17.38
N GLU D 438 13.78 33.38 18.39
CA GLU D 438 14.10 34.04 19.65
C GLU D 438 15.25 33.33 20.35
N LYS D 439 15.22 32.01 20.34
CA LYS D 439 16.30 31.21 20.92
C LYS D 439 17.64 31.54 20.26
N VAL D 440 17.61 31.68 18.94
CA VAL D 440 18.81 31.98 18.18
C VAL D 440 19.37 33.35 18.52
N MET D 441 18.48 34.31 18.79
CA MET D 441 18.90 35.65 19.15
C MET D 441 19.59 35.67 20.51
N ARG D 442 19.12 34.84 21.43
CA ARG D 442 19.74 34.72 22.75
C ARG D 442 21.12 34.09 22.65
N GLU D 443 21.21 32.97 21.93
CA GLU D 443 22.49 32.30 21.72
C GLU D 443 23.53 33.26 21.16
N LEU D 444 23.06 34.30 20.46
CA LEU D 444 23.95 35.28 19.87
C LEU D 444 24.35 36.36 20.86
N ASP D 445 23.46 36.66 21.79
CA ASP D 445 23.72 37.69 22.80
C ASP D 445 24.88 37.29 23.72
N GLU D 446 25.31 36.04 23.61
CA GLU D 446 26.41 35.53 24.43
C GLU D 446 27.61 35.10 23.59
N LEU D 447 27.87 35.85 22.52
CA LEU D 447 28.98 35.54 21.63
C LEU D 447 29.75 36.79 21.23
N VAL E 12 -18.92 21.51 3.47
CA VAL E 12 -19.09 20.50 4.52
C VAL E 12 -17.73 20.02 5.05
N SER E 13 -17.26 18.90 4.52
CA SER E 13 -15.96 18.36 4.90
C SER E 13 -15.13 18.10 3.64
N VAL E 14 -15.39 18.91 2.61
CA VAL E 14 -14.72 18.75 1.33
C VAL E 14 -13.40 19.49 1.29
N HIS E 15 -13.13 20.28 2.33
CA HIS E 15 -11.90 21.07 2.41
C HIS E 15 -10.69 20.17 2.67
N SER E 16 -9.60 20.44 1.97
CA SER E 16 -8.34 19.78 2.27
C SER E 16 -7.85 20.34 3.61
N THR E 17 -6.99 19.59 4.29
CA THR E 17 -6.55 19.96 5.64
C THR E 17 -5.96 21.37 5.68
N PHE E 18 -5.25 21.76 4.62
CA PHE E 18 -4.58 23.06 4.59
C PHE E 18 -5.48 24.19 4.09
N ALA E 19 -6.71 23.83 3.72
CA ALA E 19 -7.71 24.82 3.35
C ALA E 19 -8.71 25.01 4.50
N SER E 20 -8.62 24.14 5.50
CA SER E 20 -9.53 24.18 6.63
C SER E 20 -9.05 25.14 7.72
N ARG E 21 -9.86 25.27 8.77
CA ARG E 21 -9.56 26.18 9.87
C ARG E 21 -8.80 25.49 11.00
N TYR E 22 -8.42 24.23 10.79
CA TYR E 22 -7.71 23.48 11.81
C TYR E 22 -6.22 23.78 11.80
N VAL E 23 -5.72 24.26 10.66
CA VAL E 23 -4.31 24.62 10.53
C VAL E 23 -4.08 26.06 10.97
N ARG E 24 -5.14 26.71 11.44
CA ARG E 24 -5.04 28.07 11.94
C ARG E 24 -4.85 28.10 13.46
N THR E 25 -5.10 26.96 14.09
CA THR E 25 -4.90 26.84 15.53
C THR E 25 -3.68 25.97 15.81
N SER E 26 -2.86 26.41 16.77
CA SER E 26 -1.73 25.60 17.19
C SER E 26 -2.20 24.49 18.12
N LEU E 27 -1.47 23.38 18.12
CA LEU E 27 -1.85 22.21 18.92
C LEU E 27 -1.86 22.52 20.40
N PRO E 28 -2.89 22.02 21.12
CA PRO E 28 -3.06 22.22 22.56
C PRO E 28 -1.84 21.77 23.37
N ARG E 29 -1.44 22.58 24.34
CA ARG E 29 -0.27 22.26 25.16
C ARG E 29 -0.65 21.89 26.58
N PHE E 30 -1.80 22.39 27.05
CA PHE E 30 -2.15 22.25 28.46
C PHE E 30 -3.48 21.54 28.69
N LYS E 31 -4.54 22.02 28.05
CA LYS E 31 -5.86 21.45 28.25
C LYS E 31 -6.29 20.56 27.08
N MET E 32 -7.01 19.49 27.40
CA MET E 32 -7.58 18.63 26.39
C MET E 32 -8.73 19.37 25.70
N PRO E 33 -8.77 19.33 24.36
CA PRO E 33 -9.81 20.01 23.59
C PRO E 33 -11.20 19.49 23.92
N GLU E 34 -12.21 20.34 23.82
CA GLU E 34 -13.58 19.93 24.10
C GLU E 34 -14.17 19.10 22.96
N ASN E 35 -13.84 19.48 21.73
CA ASN E 35 -14.42 18.86 20.55
C ASN E 35 -13.43 18.06 19.71
N SER E 36 -13.96 17.09 18.96
CA SER E 36 -13.14 16.29 18.07
C SER E 36 -12.75 17.09 16.84
N ILE E 37 -11.67 16.68 16.19
CA ILE E 37 -11.28 17.23 14.90
C ILE E 37 -11.04 16.07 13.93
N PRO E 38 -11.20 16.32 12.62
CA PRO E 38 -11.09 15.25 11.63
C PRO E 38 -9.77 14.50 11.78
N LYS E 39 -9.81 13.18 11.58
CA LYS E 39 -8.62 12.36 11.72
C LYS E 39 -7.49 12.80 10.79
N GLU E 40 -7.83 13.13 9.55
CA GLU E 40 -6.82 13.60 8.60
C GLU E 40 -6.12 14.85 9.09
N ALA E 41 -6.88 15.75 9.71
CA ALA E 41 -6.33 17.01 10.23
C ALA E 41 -5.38 16.76 11.40
N ALA E 42 -5.81 15.92 12.34
CA ALA E 42 -5.00 15.59 13.51
C ALA E 42 -3.71 14.91 13.08
N TYR E 43 -3.80 13.99 12.12
CA TYR E 43 -2.64 13.31 11.61
C TYR E 43 -1.63 14.29 11.01
N GLN E 44 -2.13 15.20 10.19
CA GLN E 44 -1.26 16.11 9.45
C GLN E 44 -0.47 17.04 10.37
N ILE E 45 -1.17 17.70 11.29
CA ILE E 45 -0.54 18.68 12.17
C ILE E 45 0.48 18.04 13.10
N ILE E 46 0.15 16.88 13.66
CA ILE E 46 1.08 16.16 14.53
C ILE E 46 2.28 15.66 13.74
N ASN E 47 2.01 15.12 12.56
CA ASN E 47 3.07 14.65 11.68
C ASN E 47 4.01 15.78 11.28
N ASP E 48 3.44 16.96 11.05
CA ASP E 48 4.22 18.11 10.62
C ASP E 48 5.16 18.61 11.72
N GLU E 49 4.65 18.73 12.94
CA GLU E 49 5.48 19.20 14.05
C GLU E 49 6.59 18.21 14.36
N LEU E 50 6.30 16.92 14.17
CA LEU E 50 7.30 15.87 14.38
C LEU E 50 8.48 15.97 13.42
N MET E 51 8.32 16.76 12.35
CA MET E 51 9.40 16.93 11.39
C MET E 51 10.55 17.72 12.00
N LEU E 52 10.27 18.40 13.11
CA LEU E 52 11.29 19.18 13.80
C LEU E 52 12.12 18.29 14.72
N ASP E 53 11.74 17.02 14.81
CA ASP E 53 12.58 16.02 15.44
C ASP E 53 13.76 15.72 14.54
N GLY E 54 14.84 15.21 15.10
CA GLY E 54 15.99 14.81 14.31
C GLY E 54 15.68 13.55 13.54
N ASN E 55 16.46 13.27 12.51
CA ASN E 55 16.33 12.02 11.77
C ASN E 55 17.09 10.90 12.48
N PRO E 56 16.36 9.90 12.99
CA PRO E 56 16.95 8.77 13.72
C PRO E 56 18.14 8.17 12.98
N ARG E 57 18.00 8.00 11.66
CA ARG E 57 19.06 7.41 10.85
C ARG E 57 20.34 8.24 10.88
N LEU E 58 20.21 9.53 11.20
CA LEU E 58 21.36 10.42 11.26
C LEU E 58 21.79 10.69 12.69
N ASN E 59 21.06 10.10 13.64
CA ASN E 59 21.37 10.24 15.05
C ASN E 59 22.51 9.30 15.43
N LEU E 60 23.73 9.83 15.43
CA LEU E 60 24.91 9.03 15.72
C LEU E 60 25.23 9.00 17.22
N ALA E 61 24.33 9.57 18.02
CA ALA E 61 24.49 9.59 19.47
C ALA E 61 23.96 8.30 20.09
N SER E 62 23.03 7.66 19.40
CA SER E 62 22.31 6.53 19.96
C SER E 62 22.92 5.17 19.60
N PHE E 63 22.77 4.20 20.50
CA PHE E 63 23.16 2.83 20.24
C PHE E 63 21.96 2.02 19.75
N VAL E 64 20.78 2.64 19.80
CA VAL E 64 19.54 1.95 19.48
C VAL E 64 19.28 1.84 17.98
N THR E 65 18.90 0.64 17.54
CA THR E 65 18.64 0.36 16.14
C THR E 65 17.56 1.27 15.55
N THR E 66 17.81 1.77 14.35
CA THR E 66 16.91 2.73 13.72
C THR E 66 16.39 2.25 12.37
N TRP E 67 16.63 0.99 12.06
CA TRP E 67 16.17 0.42 10.80
C TRP E 67 15.95 -1.09 10.89
N MET E 68 14.83 -1.55 10.36
CA MET E 68 14.57 -2.99 10.21
C MET E 68 14.06 -3.28 8.82
N GLU E 69 14.14 -4.55 8.41
CA GLU E 69 13.60 -4.96 7.12
C GLU E 69 12.11 -4.73 7.05
N PRO E 70 11.60 -4.35 5.87
CA PRO E 70 10.17 -4.13 5.67
C PRO E 70 9.35 -5.34 6.10
N GLU E 71 9.87 -6.55 5.88
CA GLU E 71 9.17 -7.76 6.29
C GLU E 71 8.95 -7.78 7.80
N CYS E 72 9.91 -7.22 8.53
CA CYS E 72 9.80 -7.17 9.98
C CYS E 72 8.85 -6.06 10.44
N ASP E 73 8.75 -5.00 9.65
CA ASP E 73 7.79 -3.94 9.92
C ASP E 73 6.37 -4.49 9.90
N LYS E 74 6.12 -5.42 8.98
CA LYS E 74 4.81 -6.05 8.86
C LYS E 74 4.46 -6.85 10.11
N LEU E 75 5.38 -7.70 10.54
CA LEU E 75 5.17 -8.50 11.75
C LEU E 75 4.82 -7.59 12.92
N ILE E 76 5.59 -6.51 13.07
CA ILE E 76 5.35 -5.53 14.12
C ILE E 76 3.94 -4.95 14.03
N MET E 77 3.57 -4.48 12.85
CA MET E 77 2.26 -3.88 12.65
C MET E 77 1.14 -4.89 12.86
N SER E 78 1.40 -6.14 12.49
CA SER E 78 0.40 -7.20 12.63
C SER E 78 0.13 -7.53 14.09
N SER E 79 1.00 -7.05 14.99
CA SER E 79 0.89 -7.42 16.39
C SER E 79 1.04 -6.25 17.37
N ILE E 80 0.83 -5.02 16.89
CA ILE E 80 0.87 -3.87 17.81
C ILE E 80 -0.30 -3.89 18.77
N ASN E 81 -1.32 -4.70 18.48
CA ASN E 81 -2.47 -4.82 19.35
C ASN E 81 -2.43 -6.06 20.26
N LYS E 82 -1.38 -6.85 20.14
CA LYS E 82 -1.19 -7.99 21.03
C LYS E 82 -0.49 -7.58 22.32
N ASN E 83 -1.25 -7.49 23.41
CA ASN E 83 -0.68 -7.23 24.72
C ASN E 83 0.10 -8.45 25.20
N TYR E 84 1.41 -8.29 25.39
CA TYR E 84 2.26 -9.43 25.71
C TYR E 84 1.83 -10.20 26.96
N VAL E 85 1.38 -9.48 27.98
CA VAL E 85 1.12 -10.07 29.28
C VAL E 85 -0.04 -11.09 29.26
N ASP E 86 -0.78 -11.12 28.15
CA ASP E 86 -1.88 -12.07 28.00
C ASP E 86 -1.37 -13.44 27.55
N MET E 87 -0.69 -14.14 28.45
CA MET E 87 -0.07 -15.42 28.13
C MET E 87 -1.07 -16.46 27.64
N ASP E 88 -2.19 -16.60 28.33
CA ASP E 88 -3.21 -17.59 27.96
C ASP E 88 -3.77 -17.30 26.58
N GLU E 89 -4.05 -16.03 26.31
CA GLU E 89 -4.64 -15.63 25.04
C GLU E 89 -3.68 -15.77 23.86
N TYR E 90 -2.40 -15.49 24.11
CA TYR E 90 -1.40 -15.56 23.05
C TYR E 90 -0.27 -16.51 23.43
N PRO E 91 -0.52 -17.82 23.29
CA PRO E 91 0.44 -18.86 23.66
C PRO E 91 1.73 -18.78 22.84
N VAL E 92 1.59 -18.54 21.54
CA VAL E 92 2.76 -18.51 20.65
C VAL E 92 3.67 -17.32 20.94
N THR E 93 3.07 -16.16 21.18
CA THR E 93 3.85 -14.98 21.52
C THR E 93 4.73 -15.25 22.74
N THR E 94 4.15 -15.92 23.74
CA THR E 94 4.88 -16.27 24.96
C THR E 94 6.01 -17.27 24.66
N GLU E 95 5.73 -18.23 23.80
CA GLU E 95 6.74 -19.22 23.42
C GLU E 95 7.95 -18.58 22.74
N LEU E 96 7.69 -17.66 21.83
CA LEU E 96 8.75 -16.97 21.11
C LEU E 96 9.68 -16.24 22.08
N GLN E 97 9.10 -15.70 23.15
CA GLN E 97 9.88 -15.04 24.19
C GLN E 97 10.80 -16.06 24.87
N ASN E 98 10.25 -17.23 25.18
CA ASN E 98 11.02 -18.32 25.77
C ASN E 98 12.17 -18.78 24.88
N ARG E 99 11.89 -18.91 23.58
CA ARG E 99 12.89 -19.34 22.62
C ARG E 99 14.04 -18.35 22.54
N CYS E 100 13.70 -17.06 22.59
CA CYS E 100 14.72 -16.01 22.60
C CYS E 100 15.61 -16.13 23.82
N VAL E 101 15.00 -16.36 24.98
CA VAL E 101 15.75 -16.56 26.21
C VAL E 101 16.71 -17.73 26.05
N ASN E 102 16.20 -18.84 25.53
CA ASN E 102 17.04 -20.02 25.30
C ASN E 102 18.20 -19.71 24.36
N MET E 103 17.89 -19.07 23.24
CA MET E 103 18.90 -18.81 22.21
C MET E 103 19.97 -17.85 22.70
N ILE E 104 19.56 -16.82 23.44
CA ILE E 104 20.50 -15.88 24.00
C ILE E 104 21.32 -16.54 25.12
N ALA E 105 20.68 -17.40 25.90
CA ALA E 105 21.37 -18.12 26.96
C ALA E 105 22.51 -18.97 26.39
N HIS E 106 22.21 -19.75 25.36
CA HIS E 106 23.23 -20.55 24.70
C HIS E 106 24.31 -19.67 24.07
N LEU E 107 23.88 -18.54 23.53
CA LEU E 107 24.79 -17.60 22.90
C LEU E 107 25.82 -17.12 23.92
N PHE E 108 25.41 -17.05 25.18
CA PHE E 108 26.31 -16.62 26.25
C PHE E 108 26.95 -17.83 26.96
N ASN E 109 26.85 -18.99 26.35
CA ASN E 109 27.47 -20.20 26.88
C ASN E 109 26.99 -20.58 28.27
N ALA E 110 25.70 -20.35 28.54
CA ALA E 110 25.12 -20.74 29.81
C ALA E 110 25.20 -22.25 30.01
N PRO E 111 25.29 -22.70 31.27
CA PRO E 111 25.35 -24.13 31.57
C PRO E 111 24.01 -24.80 31.28
N LEU E 112 23.80 -25.21 30.04
CA LEU E 112 22.52 -25.80 29.63
C LEU E 112 22.68 -27.13 28.91
N GLU E 113 21.81 -28.08 29.27
CA GLU E 113 21.70 -29.32 28.51
C GLU E 113 20.97 -29.02 27.20
N GLU E 114 21.02 -29.96 26.27
CA GLU E 114 20.25 -29.82 25.04
C GLU E 114 18.76 -30.00 25.34
N ALA E 115 17.96 -29.04 24.89
CA ALA E 115 16.51 -29.07 25.09
C ALA E 115 16.10 -28.70 26.52
N GLU E 116 17.04 -28.18 27.30
CA GLU E 116 16.72 -27.67 28.63
C GLU E 116 16.27 -26.22 28.53
N THR E 117 15.38 -25.82 29.41
CA THR E 117 14.85 -24.46 29.39
C THR E 117 15.73 -23.51 30.18
N ALA E 118 16.16 -22.43 29.53
CA ALA E 118 17.05 -21.46 30.14
C ALA E 118 16.32 -20.59 31.17
N VAL E 119 17.10 -19.97 32.05
CA VAL E 119 16.54 -19.07 33.06
C VAL E 119 16.81 -17.62 32.66
N GLY E 120 15.74 -16.89 32.34
CA GLY E 120 15.87 -15.51 31.92
C GLY E 120 14.54 -14.93 31.48
N VAL E 121 14.50 -13.61 31.28
CA VAL E 121 13.28 -12.95 30.87
C VAL E 121 13.52 -11.82 29.88
N GLY E 122 12.54 -11.56 29.04
CA GLY E 122 12.57 -10.41 28.16
C GLY E 122 12.06 -9.19 28.90
N THR E 123 12.68 -8.05 28.63
CA THR E 123 12.34 -6.81 29.30
C THR E 123 12.14 -5.69 28.29
N VAL E 124 11.77 -4.51 28.77
CA VAL E 124 11.63 -3.35 27.90
C VAL E 124 13.00 -2.91 27.40
N GLY E 125 14.01 -3.07 28.25
CA GLY E 125 15.38 -2.71 27.90
C GLY E 125 16.35 -3.20 28.96
N SER E 126 17.62 -2.83 28.83
CA SER E 126 18.62 -3.22 29.81
C SER E 126 18.36 -2.59 31.17
N SER E 127 17.73 -1.42 31.17
CA SER E 127 17.41 -0.74 32.42
C SER E 127 16.62 -1.65 33.36
N GLU E 128 15.51 -2.19 32.88
CA GLU E 128 14.69 -3.10 33.67
C GLU E 128 15.42 -4.41 33.93
N ALA E 129 16.21 -4.84 32.94
CA ALA E 129 16.97 -6.08 33.07
C ALA E 129 17.97 -5.96 34.20
N ILE E 130 18.62 -4.81 34.29
CA ILE E 130 19.62 -4.55 35.32
C ILE E 130 18.99 -4.56 36.71
N MET E 131 17.80 -3.98 36.82
CA MET E 131 17.12 -3.88 38.12
C MET E 131 16.57 -5.23 38.58
N LEU E 132 16.22 -6.09 37.63
CA LEU E 132 15.80 -7.44 37.97
C LEU E 132 17.02 -8.23 38.42
N ALA E 133 18.12 -8.07 37.69
CA ALA E 133 19.37 -8.71 38.04
C ALA E 133 19.83 -8.26 39.42
N GLY E 134 19.71 -6.96 39.68
CA GLY E 134 20.09 -6.40 40.97
C GLY E 134 19.23 -6.96 42.10
N LEU E 135 17.92 -7.01 41.88
CA LEU E 135 16.99 -7.57 42.85
C LEU E 135 17.37 -9.00 43.21
N ALA E 136 17.68 -9.79 42.19
CA ALA E 136 18.07 -11.18 42.40
C ALA E 136 19.31 -11.24 43.26
N PHE E 137 20.29 -10.38 42.96
CA PHE E 137 21.52 -10.33 43.73
C PHE E 137 21.26 -9.92 45.17
N LYS E 138 20.51 -8.84 45.36
CA LYS E 138 20.21 -8.33 46.70
C LYS E 138 19.51 -9.39 47.53
N ARG E 139 18.44 -9.97 46.97
CA ARG E 139 17.67 -10.98 47.68
C ARG E 139 18.51 -12.20 48.00
N LYS E 140 19.24 -12.70 47.01
CA LYS E 140 20.09 -13.87 47.20
C LYS E 140 21.11 -13.61 48.30
N TRP E 141 21.57 -12.36 48.38
CA TRP E 141 22.54 -11.94 49.38
C TRP E 141 21.87 -11.85 50.76
N GLN E 142 20.69 -11.24 50.79
CA GLN E 142 19.93 -11.15 52.04
C GLN E 142 19.67 -12.53 52.63
N ASN E 143 19.20 -13.45 51.81
CA ASN E 143 18.93 -14.82 52.26
C ASN E 143 20.17 -15.47 52.85
N LYS E 144 21.28 -15.37 52.14
CA LYS E 144 22.53 -15.99 52.57
C LYS E 144 22.97 -15.44 53.92
N ARG E 145 22.84 -14.13 54.09
CA ARG E 145 23.24 -13.47 55.33
C ARG E 145 22.31 -13.79 56.48
N LYS E 146 21.01 -13.71 56.24
CA LYS E 146 20.02 -14.03 57.27
C LYS E 146 20.22 -15.46 57.79
N ALA E 147 20.69 -16.33 56.90
CA ALA E 147 20.93 -17.73 57.26
C ALA E 147 22.16 -17.85 58.16
N GLU E 148 23.05 -16.88 58.06
CA GLU E 148 24.26 -16.87 58.87
C GLU E 148 24.10 -15.96 60.09
N GLY E 149 22.91 -15.40 60.26
CA GLY E 149 22.65 -14.51 61.39
C GLY E 149 23.39 -13.19 61.27
N LYS E 150 23.91 -12.91 60.07
CA LYS E 150 24.58 -11.65 59.81
C LYS E 150 23.62 -10.54 59.37
N PRO E 151 24.04 -9.27 59.53
CA PRO E 151 23.20 -8.10 59.22
C PRO E 151 23.05 -7.89 57.71
N VAL E 152 21.94 -7.27 57.31
CA VAL E 152 21.64 -7.08 55.90
C VAL E 152 21.17 -5.67 55.61
N ASP E 153 21.67 -4.68 56.34
CA ASP E 153 21.17 -3.32 56.23
C ASP E 153 22.04 -2.40 55.36
N LYS E 154 23.19 -2.89 54.92
CA LYS E 154 24.11 -2.06 54.14
C LYS E 154 24.65 -2.74 52.88
N PRO E 155 23.76 -3.13 51.96
CA PRO E 155 24.21 -3.80 50.73
C PRO E 155 24.93 -2.82 49.81
N ASN E 156 25.85 -3.31 49.00
CA ASN E 156 26.51 -2.47 48.01
C ASN E 156 26.85 -3.19 46.71
N ILE E 157 27.12 -2.41 45.67
CA ILE E 157 27.54 -2.93 44.38
C ILE E 157 28.82 -2.24 43.97
N VAL E 158 29.71 -2.97 43.31
CA VAL E 158 30.99 -2.41 42.88
C VAL E 158 31.06 -2.31 41.35
N THR E 159 31.22 -1.10 40.85
CA THR E 159 31.37 -0.86 39.42
C THR E 159 32.37 0.27 39.18
N GLY E 160 32.64 0.56 37.91
CA GLY E 160 33.48 1.67 37.54
C GLY E 160 32.69 2.95 37.47
N ALA E 161 33.39 4.09 37.43
CA ALA E 161 32.73 5.39 37.33
C ALA E 161 32.10 5.57 35.94
N ASN E 162 32.49 4.71 35.02
CA ASN E 162 31.89 4.70 33.69
C ASN E 162 30.53 4.02 33.67
N VAL E 163 30.03 3.68 34.86
CA VAL E 163 28.77 2.97 35.00
C VAL E 163 27.62 3.76 34.39
N GLN E 164 26.70 3.04 33.75
CA GLN E 164 25.56 3.67 33.09
C GLN E 164 24.49 4.02 34.12
N VAL E 165 23.77 5.11 33.86
CA VAL E 165 22.82 5.68 34.82
C VAL E 165 21.90 4.65 35.46
N CYS E 166 21.61 3.57 34.76
CA CYS E 166 20.65 2.58 35.23
C CYS E 166 21.06 1.92 36.55
N TRP E 167 22.36 1.85 36.81
CA TRP E 167 22.85 1.29 38.06
C TRP E 167 22.72 2.29 39.20
N GLU E 168 22.73 3.57 38.86
CA GLU E 168 22.51 4.61 39.85
C GLU E 168 21.05 4.63 40.24
N LYS E 169 20.18 4.42 39.25
CA LYS E 169 18.75 4.33 39.53
C LYS E 169 18.50 3.17 40.48
N PHE E 170 19.02 1.99 40.14
CA PHE E 170 18.85 0.82 40.98
C PHE E 170 19.32 1.08 42.40
N ALA E 171 20.54 1.59 42.53
CA ALA E 171 21.13 1.86 43.84
C ALA E 171 20.23 2.74 44.68
N ARG E 172 19.74 3.83 44.08
CA ARG E 172 18.93 4.80 44.81
C ARG E 172 17.54 4.27 45.16
N TYR E 173 16.88 3.63 44.19
CA TYR E 173 15.51 3.18 44.39
C TYR E 173 15.42 1.93 45.26
N PHE E 174 16.42 1.07 45.15
CA PHE E 174 16.42 -0.18 45.93
C PHE E 174 17.38 -0.11 47.11
N GLU E 175 17.75 1.12 47.47
CA GLU E 175 18.56 1.36 48.65
C GLU E 175 19.78 0.46 48.75
N VAL E 176 20.60 0.49 47.72
CA VAL E 176 21.88 -0.21 47.70
C VAL E 176 22.99 0.81 47.45
N GLU E 177 24.12 0.62 48.11
CA GLU E 177 25.23 1.56 48.00
C GLU E 177 26.06 1.30 46.75
N LEU E 178 26.36 2.37 46.01
CA LEU E 178 27.14 2.25 44.78
C LEU E 178 28.60 2.63 45.03
N LYS E 179 29.47 1.64 45.05
CA LYS E 179 30.90 1.86 45.21
C LYS E 179 31.55 1.91 43.85
N GLU E 180 32.03 3.09 43.45
CA GLU E 180 32.58 3.28 42.11
C GLU E 180 34.10 3.36 42.08
N VAL E 181 34.70 2.63 41.14
CA VAL E 181 36.12 2.74 40.89
C VAL E 181 36.34 3.90 39.91
N LYS E 182 37.05 4.92 40.37
CA LYS E 182 37.22 6.14 39.58
C LYS E 182 38.09 5.94 38.34
N LEU E 183 37.90 6.80 37.35
CA LEU E 183 38.64 6.74 36.10
C LEU E 183 39.92 7.56 36.15
N SER E 184 40.92 7.12 35.41
CA SER E 184 42.16 7.88 35.27
C SER E 184 42.29 8.36 33.84
N GLU E 185 43.08 9.40 33.63
CA GLU E 185 43.33 9.91 32.28
C GLU E 185 43.95 8.80 31.43
N GLY E 186 43.33 8.51 30.29
CA GLY E 186 43.81 7.47 29.41
C GLY E 186 43.35 6.08 29.82
N TYR E 187 42.60 6.01 30.91
CA TYR E 187 42.10 4.75 31.44
C TYR E 187 40.62 4.90 31.77
N TYR E 188 39.76 4.54 30.82
CA TYR E 188 38.35 4.90 30.91
C TYR E 188 37.41 3.74 31.25
N VAL E 189 37.98 2.59 31.58
CA VAL E 189 37.19 1.46 32.05
C VAL E 189 37.53 1.16 33.51
N MET E 190 36.82 0.18 34.08
CA MET E 190 37.02 -0.21 35.46
C MET E 190 38.26 -1.10 35.61
N ASP E 191 39.15 -0.72 36.53
CA ASP E 191 40.33 -1.53 36.82
C ASP E 191 39.94 -2.72 37.68
N PRO E 192 40.09 -3.94 37.14
CA PRO E 192 39.70 -5.15 37.86
C PRO E 192 40.30 -5.22 39.26
N GLN E 193 41.58 -4.89 39.39
CA GLN E 193 42.26 -4.97 40.67
C GLN E 193 41.61 -4.07 41.73
N GLN E 194 41.51 -2.78 41.42
CA GLN E 194 40.90 -1.82 42.35
C GLN E 194 39.48 -2.24 42.71
N ALA E 195 38.79 -2.84 41.74
CA ALA E 195 37.42 -3.30 41.96
C ALA E 195 37.36 -4.39 43.01
N VAL E 196 38.18 -5.42 42.83
CA VAL E 196 38.22 -6.55 43.76
C VAL E 196 38.62 -6.10 45.17
N ASP E 197 39.45 -5.07 45.24
CA ASP E 197 39.89 -4.55 46.53
C ASP E 197 38.77 -3.83 47.27
N MET E 198 37.79 -3.33 46.53
CA MET E 198 36.66 -2.63 47.14
C MET E 198 35.60 -3.59 47.66
N VAL E 199 35.62 -4.82 47.16
CA VAL E 199 34.66 -5.83 47.58
C VAL E 199 34.75 -6.07 49.08
N ASP E 200 33.60 -6.04 49.74
CA ASP E 200 33.51 -6.42 51.16
C ASP E 200 32.36 -7.39 51.38
N GLU E 201 32.07 -7.70 52.64
CA GLU E 201 31.05 -8.68 52.98
C GLU E 201 29.64 -8.24 52.53
N ASN E 202 29.47 -6.95 52.32
CA ASN E 202 28.16 -6.41 51.95
C ASN E 202 27.96 -6.23 50.44
N THR E 203 28.96 -6.65 49.65
CA THR E 203 28.88 -6.53 48.21
C THR E 203 28.00 -7.62 47.60
N ILE E 204 26.85 -7.23 47.07
CA ILE E 204 25.91 -8.19 46.50
C ILE E 204 26.38 -8.67 45.13
N CYS E 205 27.21 -7.87 44.47
CA CYS E 205 27.84 -8.27 43.22
C CYS E 205 28.80 -7.21 42.70
N VAL E 206 29.66 -7.63 41.78
CA VAL E 206 30.53 -6.70 41.05
C VAL E 206 30.03 -6.64 39.61
N ALA E 207 29.64 -5.46 39.16
CA ALA E 207 29.09 -5.30 37.82
C ALA E 207 30.13 -4.81 36.82
N ALA E 208 30.48 -5.67 35.86
CA ALA E 208 31.42 -5.32 34.80
C ALA E 208 30.64 -4.94 33.55
N ILE E 209 31.20 -4.00 32.78
CA ILE E 209 30.53 -3.50 31.58
C ILE E 209 31.23 -3.96 30.31
N LEU E 210 30.53 -4.75 29.50
CA LEU E 210 31.09 -5.24 28.25
C LEU E 210 30.72 -4.30 27.10
N GLY E 211 31.40 -3.15 27.04
CA GLY E 211 31.08 -2.14 26.05
C GLY E 211 30.64 -0.86 26.71
N SER E 212 31.60 -0.07 27.16
CA SER E 212 31.31 1.18 27.86
C SER E 212 30.68 2.20 26.90
N THR E 213 29.67 2.91 27.37
CA THR E 213 29.00 3.91 26.56
C THR E 213 29.91 5.11 26.31
N LEU E 214 31.08 5.10 26.95
CA LEU E 214 31.99 6.24 26.87
C LEU E 214 33.04 6.12 25.77
N ASN E 215 33.54 4.90 25.55
CA ASN E 215 34.53 4.67 24.50
C ASN E 215 34.41 3.28 23.89
N GLY E 216 33.30 2.61 24.18
CA GLY E 216 33.01 1.31 23.59
C GLY E 216 33.97 0.20 23.95
N GLU E 217 34.74 0.38 25.01
CA GLU E 217 35.73 -0.61 25.42
C GLU E 217 35.10 -1.73 26.23
N PHE E 218 35.55 -2.96 26.00
CA PHE E 218 35.14 -4.09 26.82
C PHE E 218 36.02 -4.15 28.07
N GLU E 219 35.39 -4.27 29.23
CA GLU E 219 36.13 -4.42 30.47
C GLU E 219 36.69 -5.84 30.56
N ASP E 220 37.80 -5.99 31.26
CA ASP E 220 38.49 -7.27 31.34
C ASP E 220 37.79 -8.21 32.33
N VAL E 221 36.66 -8.76 31.90
CA VAL E 221 35.84 -9.58 32.77
C VAL E 221 36.58 -10.83 33.24
N LYS E 222 37.38 -11.42 32.36
CA LYS E 222 38.14 -12.62 32.72
C LYS E 222 39.12 -12.35 33.86
N LEU E 223 39.81 -11.22 33.82
CA LEU E 223 40.73 -10.85 34.88
C LEU E 223 39.96 -10.64 36.19
N LEU E 224 38.85 -9.91 36.10
CA LEU E 224 38.01 -9.67 37.26
C LEU E 224 37.58 -11.00 37.89
N ASN E 225 37.21 -11.95 37.06
CA ASN E 225 36.83 -13.28 37.54
C ASN E 225 37.98 -13.99 38.23
N ASP E 226 39.16 -13.94 37.61
CA ASP E 226 40.34 -14.59 38.16
C ASP E 226 40.71 -14.05 39.54
N LEU E 227 40.75 -12.72 39.66
CA LEU E 227 41.09 -12.08 40.93
C LEU E 227 40.02 -12.34 42.00
N LEU E 228 38.76 -12.34 41.59
CA LEU E 228 37.65 -12.48 42.53
C LEU E 228 37.54 -13.90 43.05
N VAL E 229 37.93 -14.87 42.21
CA VAL E 229 37.96 -16.27 42.64
C VAL E 229 39.00 -16.46 43.73
N GLU E 230 40.13 -15.79 43.58
CA GLU E 230 41.19 -15.85 44.58
C GLU E 230 40.70 -15.24 45.89
N LYS E 231 40.15 -14.04 45.81
CA LYS E 231 39.64 -13.36 47.01
C LYS E 231 38.53 -14.15 47.69
N ASN E 232 37.76 -14.90 46.90
CA ASN E 232 36.70 -15.72 47.46
C ASN E 232 37.24 -16.86 48.31
N LYS E 233 38.40 -17.39 47.94
CA LYS E 233 39.05 -18.44 48.71
C LYS E 233 39.42 -17.94 50.10
N GLU E 234 39.79 -16.67 50.17
CA GLU E 234 40.17 -16.05 51.44
C GLU E 234 38.95 -15.66 52.26
N THR E 235 38.16 -14.73 51.72
CA THR E 235 37.07 -14.12 52.46
C THR E 235 35.94 -15.08 52.80
N GLY E 236 35.73 -16.06 51.93
CA GLY E 236 34.64 -17.00 52.11
C GLY E 236 33.32 -16.43 51.63
N TRP E 237 33.31 -15.13 51.36
CA TRP E 237 32.14 -14.52 50.73
C TRP E 237 32.04 -15.10 49.32
N ASP E 238 30.83 -15.23 48.81
CA ASP E 238 30.67 -15.77 47.47
C ASP E 238 30.27 -14.67 46.51
N THR E 239 31.13 -13.65 46.42
CA THR E 239 30.84 -12.47 45.59
C THR E 239 30.72 -12.84 44.12
N PRO E 240 29.57 -12.50 43.52
CA PRO E 240 29.22 -12.83 42.13
C PRO E 240 29.58 -11.70 41.18
N ILE E 241 29.63 -12.01 39.90
CA ILE E 241 29.83 -10.99 38.87
C ILE E 241 28.58 -10.86 37.99
N HIS E 242 28.20 -9.63 37.70
CA HIS E 242 27.18 -9.38 36.69
C HIS E 242 27.81 -8.63 35.53
N VAL E 243 27.53 -9.09 34.31
CA VAL E 243 28.05 -8.43 33.12
C VAL E 243 26.96 -7.62 32.45
N ASP E 244 27.13 -6.30 32.44
CA ASP E 244 26.24 -5.42 31.70
C ASP E 244 26.69 -5.40 30.24
N ALA E 245 26.09 -6.28 29.44
CA ALA E 245 26.43 -6.39 28.03
C ALA E 245 25.36 -5.74 27.17
N ALA E 246 24.84 -4.60 27.63
CA ALA E 246 23.78 -3.89 26.93
C ALA E 246 24.01 -3.87 25.43
N SER E 247 25.22 -3.47 25.03
CA SER E 247 25.57 -3.42 23.61
C SER E 247 26.48 -4.57 23.20
N GLY E 248 27.57 -4.75 23.94
CA GLY E 248 28.56 -5.77 23.62
C GLY E 248 28.02 -7.19 23.55
N GLY E 249 26.87 -7.42 24.17
CA GLY E 249 26.28 -8.75 24.22
C GLY E 249 25.99 -9.35 22.85
N PHE E 250 25.65 -8.50 21.89
CA PHE E 250 25.34 -8.97 20.54
C PHE E 250 26.49 -8.68 19.57
N ILE E 251 27.67 -8.43 20.11
CA ILE E 251 28.84 -8.14 19.29
C ILE E 251 29.94 -9.17 19.52
N ALA E 252 30.29 -9.39 20.78
CA ALA E 252 31.33 -10.35 21.13
C ALA E 252 31.10 -11.76 20.55
N PRO E 253 29.88 -12.30 20.72
CA PRO E 253 29.63 -13.67 20.25
C PRO E 253 29.92 -13.85 18.77
N PHE E 254 29.92 -12.77 18.00
CA PHE E 254 30.05 -12.86 16.56
C PHE E 254 31.40 -12.36 16.03
N LEU E 255 31.94 -11.32 16.65
CA LEU E 255 33.25 -10.80 16.26
C LEU E 255 34.39 -11.43 17.05
N TYR E 256 34.17 -11.64 18.35
CA TYR E 256 35.20 -12.19 19.22
C TYR E 256 34.69 -13.38 20.04
N PRO E 257 34.46 -14.51 19.37
CA PRO E 257 33.94 -15.72 20.02
C PRO E 257 34.95 -16.30 21.01
N GLU E 258 36.23 -16.03 20.77
CA GLU E 258 37.29 -16.56 21.61
C GLU E 258 37.28 -15.89 22.98
N LEU E 259 36.98 -14.60 22.99
CA LEU E 259 36.97 -13.82 24.23
C LEU E 259 36.07 -14.45 25.28
N GLU E 260 36.64 -14.71 26.45
CA GLU E 260 35.88 -15.26 27.57
C GLU E 260 35.39 -14.13 28.47
N TRP E 261 34.08 -13.90 28.45
CA TRP E 261 33.48 -12.79 29.20
C TRP E 261 32.15 -13.23 29.80
N ASP E 262 31.62 -14.34 29.29
CA ASP E 262 30.27 -14.77 29.63
C ASP E 262 30.24 -15.86 30.70
N PHE E 263 29.26 -16.75 30.60
CA PHE E 263 29.07 -17.80 31.59
C PHE E 263 30.19 -18.82 31.58
N ARG E 264 31.11 -18.70 30.62
CA ARG E 264 32.32 -19.52 30.63
C ARG E 264 33.12 -19.21 31.89
N LEU E 265 32.98 -17.99 32.38
CA LEU E 265 33.59 -17.58 33.64
C LEU E 265 32.68 -17.97 34.80
N PRO E 266 33.20 -18.77 35.74
CA PRO E 266 32.42 -19.36 36.83
C PRO E 266 31.68 -18.33 37.68
N LEU E 267 32.26 -17.16 37.88
CA LEU E 267 31.69 -16.16 38.78
C LEU E 267 30.59 -15.32 38.15
N VAL E 268 30.47 -15.36 36.83
CA VAL E 268 29.41 -14.62 36.14
C VAL E 268 28.06 -15.30 36.39
N LYS E 269 27.20 -14.63 37.16
CA LYS E 269 25.95 -15.23 37.59
C LYS E 269 24.74 -14.76 36.77
N SER E 270 24.87 -13.57 36.18
CA SER E 270 23.79 -13.03 35.34
C SER E 270 24.32 -12.01 34.33
N ILE E 271 23.65 -11.94 33.19
CA ILE E 271 24.04 -11.05 32.10
C ILE E 271 22.82 -10.33 31.54
N ASN E 272 22.97 -9.04 31.24
CA ASN E 272 21.93 -8.30 30.57
C ASN E 272 22.38 -7.83 29.18
N VAL E 273 21.44 -7.73 28.26
CA VAL E 273 21.75 -7.30 26.90
C VAL E 273 20.53 -6.61 26.31
N SER E 274 20.77 -5.58 25.51
CA SER E 274 19.69 -4.83 24.89
C SER E 274 19.44 -5.32 23.46
N GLY E 275 18.25 -5.87 23.24
CA GLY E 275 17.87 -6.33 21.92
C GLY E 275 17.75 -5.17 20.95
N HIS E 276 17.36 -4.01 21.46
CA HIS E 276 17.16 -2.84 20.62
C HIS E 276 18.45 -2.05 20.38
N TYR E 278 22.43 -3.64 19.64
CA TYR E 278 23.00 -4.46 18.57
C TYR E 278 22.26 -5.77 18.39
N GLY E 279 21.12 -5.90 19.04
CA GLY E 279 20.24 -7.03 18.81
C GLY E 279 19.44 -6.79 17.54
N LEU E 280 19.58 -5.59 17.00
CA LEU E 280 19.01 -5.21 15.70
C LEU E 280 17.49 -5.14 15.70
N VAL E 281 16.91 -4.68 16.80
CA VAL E 281 15.47 -4.50 16.89
C VAL E 281 15.16 -3.04 17.24
N TYR E 282 13.98 -2.57 16.85
CA TYR E 282 13.54 -1.23 17.23
C TYR E 282 13.45 -1.14 18.75
N ALA E 283 13.51 0.08 19.27
CA ALA E 283 13.48 0.30 20.72
C ALA E 283 12.32 -0.40 21.39
N GLY E 284 12.58 -1.05 22.52
CA GLY E 284 11.52 -1.65 23.31
C GLY E 284 11.73 -3.11 23.67
N ILE E 285 12.99 -3.55 23.66
CA ILE E 285 13.30 -4.94 23.99
C ILE E 285 14.67 -5.13 24.64
N GLY E 286 14.69 -5.80 25.79
CA GLY E 286 15.91 -6.14 26.48
C GLY E 286 15.85 -7.56 27.01
N TRP E 287 16.98 -8.06 27.52
CA TRP E 287 17.04 -9.43 28.02
C TRP E 287 17.96 -9.55 29.23
N VAL E 288 17.62 -10.46 30.13
CA VAL E 288 18.48 -10.80 31.25
C VAL E 288 18.53 -12.30 31.46
N ILE E 289 19.74 -12.84 31.50
CA ILE E 289 19.94 -14.28 31.65
C ILE E 289 20.60 -14.60 32.98
N TRP E 290 20.16 -15.68 33.60
CA TRP E 290 20.79 -16.16 34.83
C TRP E 290 21.53 -17.48 34.59
N ARG E 291 22.69 -17.62 35.22
CA ARG E 291 23.52 -18.81 35.03
C ARG E 291 22.76 -20.10 35.35
N ASN E 292 22.13 -20.13 36.51
CA ASN E 292 21.36 -21.29 36.94
C ASN E 292 20.10 -20.85 37.66
N LYS E 293 19.18 -21.79 37.88
CA LYS E 293 17.93 -21.48 38.56
C LYS E 293 18.18 -20.91 39.95
N GLU E 294 19.27 -21.34 40.58
CA GLU E 294 19.59 -20.93 41.95
C GLU E 294 19.89 -19.44 42.06
N ASP E 295 20.26 -18.82 40.94
CA ASP E 295 20.64 -17.41 40.92
C ASP E 295 19.43 -16.48 40.90
N LEU E 296 18.25 -17.05 40.71
CA LEU E 296 17.02 -16.28 40.72
C LEU E 296 16.13 -16.78 41.86
N PRO E 297 16.20 -16.11 43.02
CA PRO E 297 15.41 -16.50 44.20
C PRO E 297 13.94 -16.70 43.83
N GLU E 298 13.40 -17.86 44.21
CA GLU E 298 12.04 -18.24 43.83
C GLU E 298 10.96 -17.30 44.37
N GLU E 299 11.25 -16.64 45.48
CA GLU E 299 10.25 -15.76 46.09
C GLU E 299 10.08 -14.44 45.35
N LEU E 300 10.93 -14.18 44.37
CA LEU E 300 10.80 -12.99 43.54
C LEU E 300 9.81 -13.21 42.41
N ILE E 301 9.48 -14.48 42.16
CA ILE E 301 8.59 -14.85 41.06
C ILE E 301 7.13 -14.88 41.48
N PHE E 302 6.26 -14.31 40.64
CA PHE E 302 4.82 -14.30 40.90
C PHE E 302 4.07 -15.24 39.97
N HIS E 303 2.90 -15.68 40.41
CA HIS E 303 2.01 -16.51 39.60
C HIS E 303 0.58 -16.00 39.72
N ILE E 304 0.10 -15.31 38.68
CA ILE E 304 -1.25 -14.77 38.71
C ILE E 304 -2.21 -15.66 37.92
N ASN E 305 -3.52 -15.43 38.08
CA ASN E 305 -4.49 -16.26 37.38
C ASN E 305 -5.84 -15.59 37.10
N TYR E 306 -5.86 -14.26 37.03
CA TYR E 306 -7.10 -13.54 36.76
C TYR E 306 -7.32 -13.31 35.26
N LEU E 307 -6.39 -13.79 34.44
CA LEU E 307 -6.50 -13.63 33.00
C LEU E 307 -6.77 -14.95 32.27
N GLY E 308 -6.65 -16.07 33.01
CA GLY E 308 -6.90 -17.37 32.43
C GLY E 308 -6.26 -18.51 33.19
N ALA E 309 -4.96 -18.40 33.45
CA ALA E 309 -4.23 -19.43 34.16
C ALA E 309 -3.02 -18.85 34.89
N ASP E 310 -2.23 -19.72 35.53
CA ASP E 310 -1.07 -19.27 36.28
C ASP E 310 0.16 -19.07 35.39
N GLN E 311 0.88 -17.99 35.64
CA GLN E 311 2.06 -17.64 34.84
C GLN E 311 3.21 -17.11 35.69
N PRO E 312 4.43 -17.60 35.43
CA PRO E 312 5.66 -17.29 36.17
C PRO E 312 6.29 -15.96 35.72
N THR E 313 5.83 -14.85 36.28
CA THR E 313 6.32 -13.55 35.86
C THR E 313 7.34 -12.93 36.82
N PHE E 314 8.40 -12.37 36.26
CA PHE E 314 9.39 -11.62 37.03
C PHE E 314 9.78 -10.35 36.27
N THR E 315 8.93 -9.33 36.36
CA THR E 315 9.17 -8.07 35.67
C THR E 315 8.61 -6.90 36.47
N LEU E 316 9.15 -5.72 36.23
CA LEU E 316 8.64 -4.51 36.86
C LEU E 316 7.47 -3.95 36.06
N ASN E 317 7.34 -4.43 34.83
CA ASN E 317 6.24 -4.03 33.96
C ASN E 317 5.17 -5.11 33.90
N PHE E 318 4.01 -4.75 33.35
CA PHE E 318 2.92 -5.71 33.16
C PHE E 318 2.49 -5.70 31.70
N SER E 319 1.45 -4.93 31.39
CA SER E 319 1.02 -4.77 30.01
C SER E 319 2.09 -4.07 29.20
N LYS E 320 2.31 -4.57 27.99
CA LYS E 320 3.29 -3.97 27.08
C LYS E 320 3.18 -4.61 25.71
N GLY E 321 3.68 -3.94 24.69
CA GLY E 321 3.66 -4.47 23.34
C GLY E 321 4.45 -5.75 23.24
N SER E 322 4.03 -6.64 22.36
CA SER E 322 4.73 -7.90 22.13
C SER E 322 5.43 -7.90 20.78
N SER E 323 5.36 -6.77 20.08
CA SER E 323 5.93 -6.65 18.75
C SER E 323 7.46 -6.76 18.75
N GLN E 324 8.10 -6.18 19.76
CA GLN E 324 9.56 -6.24 19.83
C GLN E 324 10.06 -7.65 20.13
N VAL E 325 9.31 -8.38 20.95
CA VAL E 325 9.66 -9.77 21.23
C VAL E 325 9.63 -10.57 19.94
N ILE E 326 8.53 -10.47 19.21
CA ILE E 326 8.38 -11.13 17.92
C ILE E 326 9.46 -10.68 16.94
N ALA E 327 9.70 -9.38 16.90
CA ALA E 327 10.74 -8.83 16.03
C ALA E 327 12.11 -9.42 16.35
N GLN E 328 12.39 -9.61 17.65
CA GLN E 328 13.66 -10.18 18.07
C GLN E 328 13.81 -11.60 17.55
N TYR E 329 12.76 -12.41 17.72
CA TYR E 329 12.78 -13.79 17.26
C TYR E 329 12.99 -13.84 15.75
N TYR E 330 12.33 -12.95 15.04
CA TYR E 330 12.50 -12.84 13.60
C TYR E 330 13.97 -12.65 13.25
N GLN E 331 14.59 -11.62 13.83
CA GLN E 331 15.99 -11.33 13.59
C GLN E 331 16.87 -12.54 13.87
N LEU E 332 16.61 -13.22 14.98
CA LEU E 332 17.42 -14.35 15.40
C LEU E 332 17.41 -15.49 14.37
N ILE E 333 16.22 -15.95 13.99
CA ILE E 333 16.11 -17.09 13.08
C ILE E 333 16.32 -16.71 11.62
N ARG E 334 16.12 -15.43 11.29
CA ARG E 334 16.30 -14.96 9.93
C ARG E 334 17.76 -14.69 9.60
N LEU E 335 18.48 -14.08 10.54
CA LEU E 335 19.88 -13.76 10.35
C LEU E 335 20.80 -14.92 10.74
N GLY E 336 20.55 -15.51 11.90
CA GLY E 336 21.42 -16.54 12.43
C GLY E 336 22.81 -15.98 12.74
N HIS E 337 23.73 -16.87 13.11
CA HIS E 337 25.10 -16.44 13.36
C HIS E 337 25.67 -15.70 12.15
N GLU E 338 25.44 -16.26 10.97
CA GLU E 338 25.96 -15.70 9.73
C GLU E 338 25.56 -14.24 9.54
N GLY E 339 24.26 -13.96 9.64
CA GLY E 339 23.75 -12.63 9.43
C GLY E 339 24.30 -11.62 10.42
N TYR E 340 24.27 -11.97 11.70
CA TYR E 340 24.79 -11.08 12.74
C TYR E 340 26.28 -10.81 12.57
N ARG E 341 27.04 -11.83 12.19
CA ARG E 341 28.46 -11.66 11.95
C ARG E 341 28.69 -10.67 10.83
N ASN E 342 27.94 -10.85 9.74
CA ASN E 342 28.03 -9.95 8.59
C ASN E 342 27.72 -8.51 8.95
N VAL E 343 26.67 -8.30 9.74
CA VAL E 343 26.29 -6.96 10.14
C VAL E 343 27.36 -6.32 11.03
N MET E 344 27.88 -7.09 11.98
CA MET E 344 28.90 -6.58 12.88
C MET E 344 30.21 -6.30 12.15
N GLU E 345 30.57 -7.17 11.22
CA GLU E 345 31.77 -6.97 10.43
C GLU E 345 31.65 -5.69 9.62
N ASN E 346 30.49 -5.46 9.04
CA ASN E 346 30.22 -4.22 8.31
C ASN E 346 30.34 -3.00 9.21
N CYS E 347 29.82 -3.12 10.43
CA CYS E 347 29.90 -2.03 11.40
C CYS E 347 31.34 -1.75 11.81
N ARG E 348 32.10 -2.82 12.06
CA ARG E 348 33.50 -2.69 12.43
C ARG E 348 34.29 -2.05 11.30
N GLU E 349 34.02 -2.48 10.08
CA GLU E 349 34.70 -1.95 8.90
C GLU E 349 34.49 -0.44 8.81
N ASN E 350 33.24 -0.02 8.94
CA ASN E 350 32.91 1.40 8.88
C ASN E 350 33.54 2.21 10.00
N MET E 351 33.74 1.57 11.16
CA MET E 351 34.41 2.21 12.27
C MET E 351 35.85 2.55 11.89
N ILE E 352 36.53 1.58 11.28
CA ILE E 352 37.90 1.76 10.84
C ILE E 352 37.99 2.89 9.81
N VAL E 353 37.08 2.88 8.84
CA VAL E 353 37.04 3.93 7.82
C VAL E 353 36.91 5.31 8.44
N LEU E 354 36.04 5.44 9.43
CA LEU E 354 35.83 6.71 10.11
C LEU E 354 37.03 7.06 10.99
N ARG E 355 37.60 6.05 11.64
CA ARG E 355 38.76 6.24 12.50
C ARG E 355 39.93 6.80 11.71
N GLU E 356 40.24 6.14 10.59
CA GLU E 356 41.34 6.56 9.73
C GLU E 356 41.16 8.00 9.25
N GLY E 357 39.99 8.28 8.71
CA GLY E 357 39.68 9.61 8.21
C GLY E 357 39.95 10.71 9.23
N LEU E 358 39.74 10.38 10.51
CA LEU E 358 39.96 11.34 11.59
C LEU E 358 41.44 11.41 11.97
N GLU E 359 42.13 10.29 11.83
CA GLU E 359 43.57 10.25 12.09
C GLU E 359 44.32 11.04 11.02
N LYS E 360 43.82 10.96 9.79
CA LYS E 360 44.45 11.61 8.64
C LYS E 360 44.49 13.13 8.80
N THR E 361 43.57 13.67 9.58
CA THR E 361 43.52 15.12 9.80
C THR E 361 44.49 15.53 10.90
N GLU E 362 44.96 14.57 11.68
CA GLU E 362 45.91 14.82 12.75
C GLU E 362 45.43 15.90 13.71
N ARG E 363 44.12 16.07 13.79
CA ARG E 363 43.52 17.08 14.66
C ARG E 363 43.00 16.46 15.97
N PHE E 364 42.86 15.14 15.98
CA PHE E 364 42.18 14.48 17.09
C PHE E 364 43.00 13.40 17.77
N ASN E 365 42.60 13.06 18.99
CA ASN E 365 43.12 11.90 19.70
C ASN E 365 42.05 10.83 19.81
N ILE E 366 42.27 9.71 19.14
CA ILE E 366 41.34 8.59 19.24
C ILE E 366 41.40 8.00 20.64
N VAL E 367 40.31 8.17 21.40
CA VAL E 367 40.27 7.76 22.78
C VAL E 367 39.56 6.41 22.97
N SER E 368 39.09 5.83 21.86
CA SER E 368 38.47 4.52 21.89
C SER E 368 39.41 3.46 21.30
N LYS E 369 39.14 2.20 21.61
CA LYS E 369 40.03 1.12 21.20
C LYS E 369 39.73 0.59 19.81
N ASP E 370 40.60 -0.29 19.31
CA ASP E 370 40.44 -0.87 17.99
C ASP E 370 39.33 -1.91 17.99
N GLU E 371 39.26 -2.71 19.05
CA GLU E 371 38.22 -3.72 19.17
C GLU E 371 37.28 -3.40 20.32
N GLY E 372 36.04 -3.86 20.20
CA GLY E 372 35.02 -3.55 21.17
C GLY E 372 33.76 -3.14 20.44
N VAL E 373 32.98 -2.24 21.04
CA VAL E 373 31.79 -1.71 20.39
C VAL E 373 32.17 -0.89 19.17
N PRO E 374 31.51 -1.15 18.03
CA PRO E 374 31.76 -0.40 16.80
C PRO E 374 31.39 1.08 16.95
N LEU E 375 32.35 1.87 17.42
CA LEU E 375 32.15 3.31 17.55
C LEU E 375 33.50 3.99 17.58
N VAL E 376 33.49 5.32 17.50
CA VAL E 376 34.71 6.10 17.58
C VAL E 376 34.55 7.27 18.53
N ALA E 377 35.35 7.26 19.59
CA ALA E 377 35.38 8.37 20.53
C ALA E 377 36.73 9.08 20.39
N PHE E 378 36.68 10.41 20.24
CA PHE E 378 37.90 11.17 20.00
C PHE E 378 37.86 12.56 20.62
N SER E 379 39.04 13.08 20.95
CA SER E 379 39.17 14.40 21.53
C SER E 379 40.00 15.30 20.63
N LEU E 380 39.89 16.61 20.84
CA LEU E 380 40.68 17.57 20.09
C LEU E 380 42.08 17.70 20.67
N LYS E 381 43.09 17.53 19.82
CA LYS E 381 44.44 17.89 20.20
C LYS E 381 44.45 19.39 20.38
N ASP E 382 44.79 19.86 21.58
CA ASP E 382 44.83 21.29 21.85
C ASP E 382 43.42 21.88 21.80
N SER E 383 42.69 21.73 22.90
CA SER E 383 41.32 22.24 22.99
C SER E 383 41.31 23.72 23.37
N SER E 384 42.20 24.50 22.76
CA SER E 384 42.36 25.90 23.12
C SER E 384 41.30 26.80 22.49
N CYS E 385 41.46 27.12 21.21
CA CYS E 385 40.58 28.07 20.54
C CYS E 385 39.17 27.51 20.27
N HIS E 386 39.06 26.19 20.22
CA HIS E 386 37.77 25.57 19.92
C HIS E 386 37.53 24.31 20.75
N THR E 387 36.28 24.12 21.19
CA THR E 387 35.91 22.96 21.98
C THR E 387 35.13 21.95 21.15
N GLU E 388 35.04 20.72 21.65
CA GLU E 388 34.32 19.66 20.96
C GLU E 388 32.83 19.97 20.87
N PHE E 389 32.34 20.76 21.81
CA PHE E 389 30.93 21.15 21.82
C PHE E 389 30.60 22.01 20.60
N GLU E 390 31.55 22.85 20.19
CA GLU E 390 31.38 23.69 19.02
C GLU E 390 31.23 22.84 17.77
N ILE E 391 32.06 21.81 17.68
CA ILE E 391 32.02 20.88 16.55
C ILE E 391 30.69 20.14 16.49
N SER E 392 30.17 19.78 17.66
CA SER E 392 28.89 19.10 17.75
C SER E 392 27.75 19.97 17.22
N ASP E 393 27.75 21.24 17.62
CA ASP E 393 26.73 22.19 17.17
C ASP E 393 26.83 22.42 15.67
N MET E 394 28.05 22.58 15.19
CA MET E 394 28.30 22.87 13.78
C MET E 394 27.73 21.77 12.90
N LEU E 395 27.96 20.52 13.29
CA LEU E 395 27.51 19.37 12.52
C LEU E 395 25.98 19.27 12.44
N ARG E 396 25.30 19.80 13.46
CA ARG E 396 23.84 19.81 13.48
C ARG E 396 23.27 20.41 12.19
N ARG E 397 23.96 21.42 11.65
CA ARG E 397 23.50 22.12 10.47
C ARG E 397 23.38 21.19 9.27
N TYR E 398 24.26 20.20 9.21
CA TYR E 398 24.27 19.25 8.09
C TYR E 398 23.28 18.12 8.32
N GLY E 399 22.80 18.00 9.55
CA GLY E 399 21.83 16.97 9.89
C GLY E 399 22.42 15.86 10.74
N TRP E 400 23.74 15.90 10.93
CA TRP E 400 24.42 14.92 11.77
C TRP E 400 24.20 15.24 13.25
N ILE E 401 23.94 14.20 14.04
CA ILE E 401 23.88 14.35 15.47
C ILE E 401 25.04 13.62 16.12
N VAL E 402 26.06 14.38 16.50
CA VAL E 402 27.26 13.83 17.12
C VAL E 402 27.50 14.50 18.46
N PRO E 403 27.42 13.74 19.56
CA PRO E 403 27.42 14.28 20.92
C PRO E 403 28.82 14.61 21.42
N ALA E 404 28.90 15.57 22.33
CA ALA E 404 30.13 15.85 23.05
C ALA E 404 29.84 15.78 24.55
N TYR E 405 30.81 15.27 25.31
CA TYR E 405 30.63 15.16 26.75
C TYR E 405 31.98 15.01 27.45
N THR E 406 32.01 15.37 28.72
CA THR E 406 33.22 15.23 29.53
C THR E 406 33.17 13.90 30.27
N MET E 407 34.34 13.29 30.46
CA MET E 407 34.44 12.04 31.19
C MET E 407 34.09 12.23 32.65
N PRO E 408 33.71 11.14 33.33
CA PRO E 408 33.50 11.14 34.78
C PRO E 408 34.82 11.14 35.53
N PRO E 409 34.82 11.47 36.82
CA PRO E 409 36.04 11.49 37.64
C PRO E 409 36.75 10.14 37.59
N ASN E 410 38.08 10.15 37.67
CA ASN E 410 38.84 11.39 37.77
C ASN E 410 39.43 11.80 36.42
N ALA E 411 38.55 12.23 35.52
CA ALA E 411 38.96 12.66 34.20
C ALA E 411 37.92 13.59 33.61
N GLN E 412 37.34 14.43 34.46
CA GLN E 412 36.31 15.38 34.03
C GLN E 412 36.92 16.48 33.17
N HIS E 413 38.23 16.41 32.97
CA HIS E 413 38.93 17.40 32.14
C HIS E 413 39.07 16.90 30.71
N ILE E 414 38.77 15.63 30.49
CA ILE E 414 38.79 15.05 29.15
C ILE E 414 37.41 15.13 28.50
N THR E 415 37.33 15.78 27.35
CA THR E 415 36.07 15.91 26.62
C THR E 415 36.16 15.24 25.26
N VAL E 416 35.17 14.41 24.93
CA VAL E 416 35.22 13.62 23.70
C VAL E 416 33.99 13.75 22.82
N LEU E 417 34.16 13.45 21.54
CA LEU E 417 33.06 13.29 20.61
C LEU E 417 32.88 11.80 20.36
N ARG E 418 31.64 11.35 20.23
CA ARG E 418 31.37 9.94 20.00
C ARG E 418 30.50 9.72 18.78
N VAL E 419 30.91 8.77 17.94
CA VAL E 419 30.11 8.37 16.80
C VAL E 419 29.83 6.88 16.87
N VAL E 420 28.57 6.52 17.09
CA VAL E 420 28.18 5.12 17.13
C VAL E 420 27.87 4.63 15.73
N ILE E 421 28.50 3.52 15.34
CA ILE E 421 28.24 2.89 14.05
C ILE E 421 27.21 1.77 14.20
N ARG E 422 26.02 1.97 13.64
CA ARG E 422 24.96 0.97 13.73
C ARG E 422 24.78 0.19 12.44
N GLU E 423 23.84 -0.74 12.44
CA GLU E 423 23.61 -1.61 11.29
C GLU E 423 23.32 -0.83 10.01
N ASP E 424 22.54 0.25 10.13
CA ASP E 424 22.08 1.01 8.97
C ASP E 424 22.97 2.19 8.62
N PHE E 425 24.25 2.08 8.96
CA PHE E 425 25.20 3.14 8.66
C PHE E 425 26.20 2.66 7.61
N SER E 426 25.91 2.97 6.34
CA SER E 426 26.71 2.48 5.22
C SER E 426 28.01 3.27 5.04
N ARG E 427 28.87 2.75 4.16
CA ARG E 427 30.14 3.40 3.85
C ARG E 427 29.91 4.79 3.24
N THR E 428 28.83 4.92 2.49
CA THR E 428 28.49 6.19 1.85
C THR E 428 28.34 7.29 2.90
N LEU E 429 27.62 6.98 3.97
CA LEU E 429 27.40 7.91 5.06
C LEU E 429 28.68 8.15 5.84
N ALA E 430 29.43 7.08 6.07
CA ALA E 430 30.70 7.17 6.78
C ALA E 430 31.64 8.17 6.12
N GLU E 431 31.75 8.08 4.80
CA GLU E 431 32.64 8.94 4.05
C GLU E 431 32.15 10.39 4.01
N ARG E 432 30.84 10.57 3.94
CA ARG E 432 30.26 11.91 3.97
C ARG E 432 30.45 12.56 5.33
N LEU E 433 30.50 11.74 6.37
CA LEU E 433 30.70 12.24 7.73
C LEU E 433 32.10 12.82 7.88
N VAL E 434 33.08 12.08 7.38
CA VAL E 434 34.47 12.54 7.43
C VAL E 434 34.63 13.86 6.71
N ILE E 435 34.08 13.94 5.50
CA ILE E 435 34.13 15.15 4.70
C ILE E 435 33.52 16.34 5.44
N ASP E 436 32.34 16.13 6.02
CA ASP E 436 31.62 17.20 6.70
C ASP E 436 32.30 17.62 8.00
N ILE E 437 33.03 16.69 8.61
CA ILE E 437 33.79 17.01 9.81
C ILE E 437 34.97 17.90 9.46
N GLU E 438 35.59 17.61 8.31
CA GLU E 438 36.69 18.43 7.82
C GLU E 438 36.21 19.83 7.49
N LYS E 439 35.05 19.92 6.84
CA LYS E 439 34.45 21.21 6.52
C LYS E 439 34.23 22.04 7.78
N VAL E 440 33.76 21.39 8.83
CA VAL E 440 33.48 22.05 10.10
C VAL E 440 34.76 22.58 10.73
N MET E 441 35.85 21.84 10.59
CA MET E 441 37.14 22.25 11.14
C MET E 441 37.66 23.50 10.44
N ARG E 442 37.43 23.59 9.14
CA ARG E 442 37.83 24.76 8.37
C ARG E 442 37.02 25.99 8.78
N GLU E 443 35.70 25.84 8.83
CA GLU E 443 34.82 26.92 9.25
C GLU E 443 35.24 27.48 10.60
N LEU E 444 35.89 26.65 11.40
CA LEU E 444 36.34 27.05 12.72
C LEU E 444 37.69 27.78 12.67
N ASP E 445 38.53 27.40 11.71
CA ASP E 445 39.84 28.02 11.55
C ASP E 445 39.73 29.50 11.19
N GLU E 446 38.52 29.95 10.88
CA GLU E 446 38.28 31.34 10.51
C GLU E 446 37.33 32.03 11.50
N LEU E 447 37.46 31.69 12.78
CA LEU E 447 36.60 32.28 13.81
C LEU E 447 37.40 32.65 15.05
N VAL F 12 17.53 -21.34 -8.34
CA VAL F 12 18.25 -20.38 -7.50
C VAL F 12 17.39 -19.97 -6.31
N SER F 13 16.73 -18.81 -6.44
CA SER F 13 15.84 -18.31 -5.40
C SER F 13 14.48 -18.00 -5.99
N VAL F 14 14.13 -18.74 -7.05
CA VAL F 14 12.88 -18.52 -7.76
C VAL F 14 11.73 -19.28 -7.13
N HIS F 15 12.05 -20.14 -6.15
CA HIS F 15 11.04 -20.93 -5.47
C HIS F 15 10.17 -20.08 -4.55
N SER F 16 8.86 -20.32 -4.57
CA SER F 16 7.97 -19.70 -3.61
C SER F 16 8.26 -20.33 -2.25
N THR F 17 7.92 -19.63 -1.18
CA THR F 17 8.26 -20.09 0.16
C THR F 17 7.75 -21.50 0.46
N PHE F 18 6.59 -21.85 -0.07
CA PHE F 18 5.99 -23.15 0.19
C PHE F 18 6.46 -24.24 -0.79
N ALA F 19 7.30 -23.84 -1.73
CA ALA F 19 7.94 -24.80 -2.63
C ALA F 19 9.39 -25.03 -2.21
N SER F 20 9.86 -24.23 -1.27
CA SER F 20 11.24 -24.31 -0.81
C SER F 20 11.40 -25.32 0.32
N ARG F 21 12.64 -25.51 0.76
CA ARG F 21 12.96 -26.48 1.81
C ARG F 21 12.93 -25.87 3.20
N TYR F 22 12.52 -24.61 3.29
CA TYR F 22 12.48 -23.92 4.58
C TYR F 22 11.20 -24.24 5.35
N VAL F 23 10.17 -24.67 4.62
CA VAL F 23 8.91 -25.03 5.25
C VAL F 23 8.92 -26.50 5.67
N ARG F 24 10.06 -27.16 5.47
CA ARG F 24 10.21 -28.56 5.88
C ARG F 24 10.87 -28.66 7.25
N THR F 25 11.43 -27.54 7.71
CA THR F 25 12.04 -27.50 9.03
C THR F 25 11.17 -26.68 9.97
N SER F 26 10.98 -27.17 11.18
CA SER F 26 10.26 -26.41 12.20
C SER F 26 11.17 -25.33 12.79
N LEU F 27 10.57 -24.24 13.24
CA LEU F 27 11.34 -23.12 13.77
C LEU F 27 12.14 -23.50 15.00
N PRO F 28 13.40 -23.02 15.08
CA PRO F 28 14.31 -23.31 16.19
C PRO F 28 13.73 -22.92 17.54
N ARG F 29 13.89 -23.78 18.54
CA ARG F 29 13.34 -23.52 19.87
C ARG F 29 14.44 -23.23 20.89
N PHE F 30 15.64 -23.73 20.65
CA PHE F 30 16.70 -23.68 21.66
C PHE F 30 17.95 -22.95 21.19
N LYS F 31 18.51 -23.38 20.06
CA LYS F 31 19.74 -22.79 19.54
C LYS F 31 19.49 -21.84 18.37
N MET F 32 20.28 -20.78 18.32
CA MET F 32 20.25 -19.86 17.19
C MET F 32 20.84 -20.54 15.96
N PRO F 33 20.16 -20.43 14.82
CA PRO F 33 20.61 -21.05 13.56
C PRO F 33 21.97 -20.52 13.14
N GLU F 34 22.76 -21.36 12.47
CA GLU F 34 24.07 -20.95 12.00
C GLU F 34 23.97 -20.05 10.76
N ASN F 35 23.02 -20.37 9.88
CA ASN F 35 22.91 -19.67 8.61
C ASN F 35 21.63 -18.85 8.47
N SER F 36 21.69 -17.83 7.62
CA SER F 36 20.53 -16.99 7.33
C SER F 36 19.52 -17.74 6.47
N ILE F 37 18.27 -17.30 6.52
CA ILE F 37 17.25 -17.80 5.60
C ILE F 37 16.56 -16.59 4.98
N PRO F 38 15.99 -16.77 3.78
CA PRO F 38 15.37 -15.65 3.06
C PRO F 38 14.35 -14.91 3.93
N LYS F 39 14.31 -13.60 3.81
CA LYS F 39 13.40 -12.79 4.61
C LYS F 39 11.93 -13.20 4.41
N GLU F 40 11.55 -13.45 3.16
CA GLU F 40 10.18 -13.88 2.87
C GLU F 40 9.83 -15.19 3.59
N ALA F 41 10.79 -16.10 3.66
CA ALA F 41 10.56 -17.39 4.32
C ALA F 41 10.40 -17.21 5.83
N ALA F 42 11.28 -16.43 6.44
CA ALA F 42 11.22 -16.17 7.87
C ALA F 42 9.92 -15.49 8.25
N TYR F 43 9.50 -14.53 7.42
CA TYR F 43 8.25 -13.82 7.65
C TYR F 43 7.07 -14.78 7.64
N GLN F 44 7.03 -15.65 6.63
CA GLN F 44 5.88 -16.52 6.42
C GLN F 44 5.70 -17.52 7.56
N ILE F 45 6.77 -18.21 7.94
CA ILE F 45 6.69 -19.24 8.97
C ILE F 45 6.33 -18.68 10.34
N ILE F 46 6.93 -17.55 10.69
CA ILE F 46 6.63 -16.89 11.96
C ILE F 46 5.20 -16.36 11.96
N ASN F 47 4.81 -15.74 10.85
CA ASN F 47 3.44 -15.25 10.69
C ASN F 47 2.42 -16.37 10.81
N ASP F 48 2.76 -17.52 10.25
CA ASP F 48 1.85 -18.66 10.24
C ASP F 48 1.64 -19.24 11.64
N GLU F 49 2.72 -19.40 12.39
CA GLU F 49 2.60 -19.96 13.74
C GLU F 49 1.84 -18.99 14.66
N LEU F 50 2.00 -17.70 14.40
CA LEU F 50 1.30 -16.67 15.16
C LEU F 50 -0.23 -16.74 14.99
N MET F 51 -0.67 -17.46 13.95
CA MET F 51 -2.10 -17.60 13.70
C MET F 51 -2.76 -18.43 14.81
N LEU F 52 -1.94 -19.17 15.54
CA LEU F 52 -2.44 -19.99 16.63
C LEU F 52 -2.64 -19.18 17.91
N ASP F 53 -2.25 -17.90 17.85
CA ASP F 53 -2.59 -16.95 18.89
C ASP F 53 -4.09 -16.63 18.76
N GLY F 54 -4.68 -16.16 19.85
CA GLY F 54 -6.07 -15.73 19.81
C GLY F 54 -6.19 -14.42 19.07
N ASN F 55 -7.41 -14.09 18.64
CA ASN F 55 -7.67 -12.81 18.00
C ASN F 55 -7.90 -11.75 19.06
N PRO F 56 -7.00 -10.76 19.14
CA PRO F 56 -7.09 -9.69 20.15
C PRO F 56 -8.49 -9.06 20.19
N ARG F 57 -9.06 -8.84 19.02
CA ARG F 57 -10.38 -8.20 18.92
C ARG F 57 -11.46 -9.05 19.59
N LEU F 58 -11.21 -10.35 19.72
CA LEU F 58 -12.16 -11.26 20.34
C LEU F 58 -11.76 -11.61 21.77
N ASN F 59 -10.63 -11.08 22.21
CA ASN F 59 -10.13 -11.28 23.56
C ASN F 59 -10.89 -10.39 24.55
N LEU F 60 -11.94 -10.93 25.16
CA LEU F 60 -12.76 -10.16 26.08
C LEU F 60 -12.22 -10.22 27.52
N ALA F 61 -11.06 -10.82 27.68
CA ALA F 61 -10.41 -10.92 28.98
C ALA F 61 -9.61 -9.66 29.29
N SER F 62 -9.18 -8.97 28.25
CA SER F 62 -8.25 -7.85 28.39
C SER F 62 -8.94 -6.49 28.49
N PHE F 63 -8.30 -5.57 29.21
CA PHE F 63 -8.76 -4.18 29.28
C PHE F 63 -7.99 -3.34 28.28
N VAL F 64 -6.97 -3.95 27.66
CA VAL F 64 -6.08 -3.22 26.76
C VAL F 64 -6.68 -3.03 25.36
N THR F 65 -6.56 -1.81 24.85
CA THR F 65 -7.10 -1.44 23.53
C THR F 65 -6.50 -2.31 22.42
N THR F 66 -7.36 -2.74 21.51
CA THR F 66 -6.96 -3.66 20.45
C THR F 66 -7.22 -3.10 19.07
N TRP F 67 -7.59 -1.82 19.00
CA TRP F 67 -7.85 -1.17 17.72
C TRP F 67 -7.60 0.33 17.75
N MET F 68 -6.93 0.84 16.72
CA MET F 68 -6.76 2.27 16.54
C MET F 68 -7.07 2.65 15.10
N GLU F 69 -7.33 3.93 14.87
CA GLU F 69 -7.56 4.43 13.52
C GLU F 69 -6.33 4.23 12.65
N PRO F 70 -6.55 3.92 11.37
CA PRO F 70 -5.45 3.74 10.41
C PRO F 70 -4.51 4.93 10.42
N GLU F 71 -5.05 6.13 10.57
CA GLU F 71 -4.22 7.34 10.60
C GLU F 71 -3.23 7.26 11.75
N CYS F 72 -3.64 6.65 12.85
CA CYS F 72 -2.78 6.54 14.02
C CYS F 72 -1.75 5.41 13.84
N ASP F 73 -2.11 4.39 13.07
CA ASP F 73 -1.17 3.33 12.73
C ASP F 73 0.03 3.91 11.98
N LYS F 74 -0.23 4.89 11.11
CA LYS F 74 0.83 5.54 10.35
C LYS F 74 1.80 6.29 11.26
N LEU F 75 1.27 7.11 12.16
CA LEU F 75 2.10 7.83 13.11
C LEU F 75 3.00 6.87 13.86
N ILE F 76 2.41 5.77 14.34
CA ILE F 76 3.16 4.74 15.04
C ILE F 76 4.28 4.18 14.19
N MET F 77 3.96 3.78 12.97
CA MET F 77 4.95 3.21 12.07
C MET F 77 6.03 4.24 11.71
N SER F 78 5.64 5.49 11.59
CA SER F 78 6.58 6.56 11.23
C SER F 78 7.59 6.81 12.35
N SER F 79 7.33 6.27 13.53
CA SER F 79 8.18 6.56 14.68
C SER F 79 8.54 5.34 15.51
N ILE F 80 8.47 4.14 14.94
CA ILE F 80 8.89 2.95 15.67
C ILE F 80 10.40 2.94 15.86
N ASN F 81 11.11 3.78 15.12
CA ASN F 81 12.55 3.86 15.24
C ASN F 81 13.03 5.04 16.09
N LYS F 82 12.08 5.83 16.61
CA LYS F 82 12.41 6.92 17.51
C LYS F 82 12.51 6.43 18.95
N ASN F 83 13.74 6.28 19.46
CA ASN F 83 13.94 5.95 20.86
C ASN F 83 13.56 7.13 21.74
N TYR F 84 12.56 6.94 22.60
CA TYR F 84 12.03 8.05 23.39
C TYR F 84 13.08 8.75 24.25
N VAL F 85 13.98 7.98 24.83
CA VAL F 85 14.92 8.52 25.81
C VAL F 85 15.88 9.55 25.23
N ASP F 86 15.92 9.65 23.90
CA ASP F 86 16.79 10.63 23.25
C ASP F 86 16.14 12.01 23.21
N MET F 87 16.07 12.65 24.37
CA MET F 87 15.40 13.94 24.50
C MET F 87 15.99 15.02 23.59
N ASP F 88 17.31 15.13 23.59
CA ASP F 88 18.00 16.16 22.79
C ASP F 88 17.74 15.95 21.30
N GLU F 89 17.80 14.71 20.86
CA GLU F 89 17.62 14.37 19.45
C GLU F 89 16.17 14.55 18.98
N TYR F 90 15.22 14.26 19.86
CA TYR F 90 13.81 14.37 19.51
C TYR F 90 13.07 15.28 20.47
N PRO F 91 13.23 16.60 20.29
CA PRO F 91 12.62 17.60 21.18
C PRO F 91 11.11 17.55 21.17
N VAL F 92 10.52 17.37 19.99
CA VAL F 92 9.07 17.39 19.86
C VAL F 92 8.43 16.18 20.53
N THR F 93 9.05 15.01 20.35
CA THR F 93 8.55 13.80 20.99
C THR F 93 8.46 13.99 22.50
N THR F 94 9.49 14.62 23.07
CA THR F 94 9.52 14.88 24.50
C THR F 94 8.44 15.87 24.91
N GLU F 95 8.21 16.88 24.08
CA GLU F 95 7.19 17.88 24.37
C GLU F 95 5.79 17.27 24.40
N LEU F 96 5.51 16.41 23.44
CA LEU F 96 4.21 15.74 23.38
C LEU F 96 3.94 14.94 24.64
N GLN F 97 5.00 14.35 25.20
CA GLN F 97 4.88 13.64 26.46
C GLN F 97 4.48 14.59 27.58
N ASN F 98 5.12 15.75 27.61
CA ASN F 98 4.81 16.80 28.59
C ASN F 98 3.36 17.29 28.46
N ARG F 99 2.92 17.49 27.23
CA ARG F 99 1.57 17.96 26.97
C ARG F 99 0.54 16.95 27.47
N CYS F 100 0.83 15.67 27.27
CA CYS F 100 -0.05 14.61 27.75
C CYS F 100 -0.15 14.65 29.28
N VAL F 101 0.99 14.83 29.94
CA VAL F 101 1.02 14.95 31.40
C VAL F 101 0.14 16.12 31.84
N ASN F 102 0.31 17.26 31.19
CA ASN F 102 -0.50 18.43 31.49
C ASN F 102 -1.99 18.15 31.30
N MET F 103 -2.34 17.60 30.15
CA MET F 103 -3.74 17.37 29.81
C MET F 103 -4.40 16.36 30.75
N ILE F 104 -3.67 15.32 31.10
CA ILE F 104 -4.18 14.32 32.04
C ILE F 104 -4.28 14.90 33.43
N ALA F 105 -3.30 15.73 33.80
CA ALA F 105 -3.31 16.39 35.11
C ALA F 105 -4.55 17.25 35.28
N HIS F 106 -4.85 18.09 34.29
CA HIS F 106 -6.04 18.92 34.32
C HIS F 106 -7.30 18.05 34.32
N LEU F 107 -7.24 16.96 33.57
CA LEU F 107 -8.37 16.03 33.49
C LEU F 107 -8.70 15.49 34.87
N PHE F 108 -7.68 15.36 35.71
CA PHE F 108 -7.88 14.87 37.07
C PHE F 108 -8.02 16.01 38.08
N ASN F 109 -8.24 17.22 37.56
CA ASN F 109 -8.48 18.38 38.41
C ASN F 109 -7.31 18.70 39.35
N ALA F 110 -6.09 18.47 38.88
CA ALA F 110 -4.90 18.80 39.65
C ALA F 110 -4.85 20.30 39.95
N PRO F 111 -4.24 20.67 41.09
CA PRO F 111 -4.10 22.08 41.44
C PRO F 111 -3.10 22.78 40.52
N LEU F 112 -3.56 23.26 39.38
CA LEU F 112 -2.68 23.91 38.41
C LEU F 112 -3.16 25.30 38.02
N GLU F 113 -2.22 26.24 37.92
CA GLU F 113 -2.51 27.57 37.43
C GLU F 113 -2.56 27.54 35.90
N GLU F 114 -2.84 28.70 35.30
CA GLU F 114 -2.91 28.79 33.84
C GLU F 114 -1.53 28.63 33.22
N ALA F 115 -1.40 27.68 32.30
CA ALA F 115 -0.15 27.45 31.58
C ALA F 115 0.99 26.99 32.49
N GLU F 116 0.64 26.46 33.66
CA GLU F 116 1.64 25.88 34.54
C GLU F 116 1.98 24.46 34.10
N THR F 117 3.20 24.03 34.38
CA THR F 117 3.61 22.68 34.00
C THR F 117 3.27 21.68 35.09
N ALA F 118 2.54 20.63 34.71
CA ALA F 118 2.11 19.61 35.66
C ALA F 118 3.25 18.70 36.09
N VAL F 119 3.05 18.02 37.22
CA VAL F 119 4.05 17.07 37.72
C VAL F 119 3.60 15.64 37.45
N GLY F 120 4.31 14.95 36.57
CA GLY F 120 3.96 13.59 36.22
C GLY F 120 4.84 13.05 35.11
N VAL F 121 4.74 11.75 34.85
CA VAL F 121 5.54 11.13 33.81
C VAL F 121 4.79 10.04 33.05
N GLY F 122 5.16 9.85 31.79
CA GLY F 122 4.65 8.76 30.99
C GLY F 122 5.44 7.50 31.29
N THR F 123 4.75 6.36 31.35
CA THR F 123 5.39 5.10 31.66
C THR F 123 4.99 4.04 30.64
N VAL F 124 5.55 2.84 30.78
CA VAL F 124 5.18 1.73 29.91
C VAL F 124 3.75 1.29 30.21
N GLY F 125 3.35 1.39 31.47
CA GLY F 125 2.00 1.03 31.88
C GLY F 125 1.76 1.45 33.32
N SER F 126 0.61 1.07 33.86
CA SER F 126 0.30 1.40 35.24
C SER F 126 1.24 0.70 36.22
N SER F 127 1.75 -0.46 35.83
CA SER F 127 2.67 -1.20 36.67
C SER F 127 3.86 -0.33 37.10
N GLU F 128 4.53 0.26 36.12
CA GLU F 128 5.68 1.12 36.40
C GLU F 128 5.21 2.40 37.08
N ALA F 129 4.03 2.88 36.69
CA ALA F 129 3.48 4.10 37.27
C ALA F 129 3.23 3.91 38.75
N ILE F 130 2.71 2.74 39.11
CA ILE F 130 2.42 2.42 40.50
C ILE F 130 3.70 2.36 41.33
N MET F 131 4.75 1.78 40.78
CA MET F 131 6.00 1.64 41.48
C MET F 131 6.74 2.96 41.66
N LEU F 132 6.55 3.87 40.72
CA LEU F 132 7.10 5.21 40.85
C LEU F 132 6.33 5.95 41.92
N ALA F 133 5.01 5.82 41.88
CA ALA F 133 4.14 6.43 42.89
C ALA F 133 4.48 5.89 44.28
N GLY F 134 4.71 4.59 44.37
CA GLY F 134 5.07 3.95 45.61
C GLY F 134 6.41 4.45 46.14
N LEU F 135 7.40 4.53 45.26
CA LEU F 135 8.71 5.05 45.61
C LEU F 135 8.61 6.45 46.18
N ALA F 136 7.81 7.31 45.53
CA ALA F 136 7.63 8.67 45.99
C ALA F 136 7.03 8.67 47.40
N PHE F 137 6.03 7.82 47.62
CA PHE F 137 5.40 7.70 48.92
C PHE F 137 6.39 7.22 49.98
N LYS F 138 7.09 6.13 49.68
CA LYS F 138 8.06 5.57 50.61
C LYS F 138 9.11 6.60 50.99
N ARG F 139 9.73 7.21 49.99
CA ARG F 139 10.78 8.19 50.22
C ARG F 139 10.26 9.39 51.01
N LYS F 140 9.12 9.92 50.60
CA LYS F 140 8.52 11.07 51.26
C LYS F 140 8.25 10.73 52.73
N TRP F 141 7.88 9.48 52.98
CA TRP F 141 7.60 9.00 54.32
C TRP F 141 8.88 8.84 55.11
N GLN F 142 9.90 8.26 54.48
CA GLN F 142 11.20 8.10 55.12
C GLN F 142 11.76 9.44 55.55
N ASN F 143 11.74 10.42 54.66
CA ASN F 143 12.23 11.76 54.97
C ASN F 143 11.51 12.36 56.16
N LYS F 144 10.19 12.30 56.15
CA LYS F 144 9.37 12.86 57.22
C LYS F 144 9.73 12.24 58.55
N ARG F 145 9.91 10.92 58.56
CA ARG F 145 10.20 10.19 59.79
C ARG F 145 11.62 10.46 60.28
N LYS F 146 12.59 10.41 59.37
CA LYS F 146 13.97 10.70 59.72
C LYS F 146 14.12 12.08 60.34
N ALA F 147 13.27 13.01 59.89
CA ALA F 147 13.28 14.37 60.41
C ALA F 147 12.72 14.43 61.83
N GLU F 148 11.90 13.45 62.18
CA GLU F 148 11.30 13.39 63.51
C GLU F 148 12.09 12.42 64.37
N GLY F 149 13.16 11.87 63.82
CA GLY F 149 14.00 10.91 64.51
C GLY F 149 13.40 9.51 64.59
N LYS F 150 12.17 9.37 64.10
CA LYS F 150 11.44 8.12 64.19
C LYS F 150 12.00 7.04 63.24
N PRO F 151 11.71 5.76 63.53
CA PRO F 151 12.23 4.63 62.76
C PRO F 151 11.55 4.50 61.41
N VAL F 152 12.26 3.91 60.44
CA VAL F 152 11.75 3.81 59.08
C VAL F 152 11.97 2.42 58.50
N ASP F 153 11.92 1.39 59.34
CA ASP F 153 12.26 0.04 58.91
C ASP F 153 11.05 -0.84 58.58
N LYS F 154 9.84 -0.35 58.85
CA LYS F 154 8.64 -1.16 58.63
C LYS F 154 7.52 -0.41 57.91
N PRO F 155 7.79 0.03 56.67
CA PRO F 155 6.76 0.77 55.91
C PRO F 155 5.64 -0.17 55.47
N ASN F 156 4.44 0.36 55.31
CA ASN F 156 3.34 -0.44 54.78
C ASN F 156 2.37 0.35 53.90
N ILE F 157 1.58 -0.38 53.13
CA ILE F 157 0.54 0.20 52.29
C ILE F 157 -0.78 -0.49 52.59
N VAL F 158 -1.88 0.27 52.56
CA VAL F 158 -3.19 -0.29 52.84
C VAL F 158 -4.07 -0.30 51.59
N THR F 159 -4.50 -1.49 51.19
CA THR F 159 -5.39 -1.66 50.05
C THR F 159 -6.38 -2.79 50.32
N GLY F 160 -7.29 -3.01 49.37
CA GLY F 160 -8.22 -4.12 49.46
C GLY F 160 -7.61 -5.39 48.90
N ALA F 161 -8.24 -6.52 49.18
CA ALA F 161 -7.76 -7.80 48.67
C ALA F 161 -7.97 -7.91 47.17
N ASN F 162 -8.77 -6.99 46.63
CA ASN F 162 -8.99 -6.91 45.19
C ASN F 162 -7.83 -6.22 44.49
N VAL F 163 -6.77 -5.93 45.25
CA VAL F 163 -5.62 -5.21 44.72
C VAL F 163 -4.98 -5.95 43.55
N GLN F 164 -4.55 -5.19 42.55
CA GLN F 164 -3.94 -5.76 41.36
C GLN F 164 -2.49 -6.16 41.64
N VAL F 165 -2.03 -7.22 40.98
CA VAL F 165 -0.73 -7.82 41.25
C VAL F 165 0.43 -6.82 41.35
N CYS F 166 0.29 -5.69 40.67
CA CYS F 166 1.37 -4.72 40.60
C CYS F 166 1.74 -4.13 41.96
N TRP F 167 0.78 -4.10 42.88
CA TRP F 167 1.05 -3.61 44.24
C TRP F 167 1.76 -4.67 45.06
N GLU F 168 1.53 -5.94 44.73
CA GLU F 168 2.24 -7.03 45.40
C GLU F 168 3.69 -7.04 44.93
N LYS F 169 3.90 -6.77 43.65
CA LYS F 169 5.25 -6.67 43.11
C LYS F 169 6.00 -5.56 43.85
N PHE F 170 5.39 -4.38 43.90
CA PHE F 170 6.00 -3.24 44.58
C PHE F 170 6.36 -3.58 46.01
N ALA F 171 5.39 -4.11 46.75
CA ALA F 171 5.58 -4.46 48.15
C ALA F 171 6.79 -5.38 48.33
N ARG F 172 6.85 -6.43 47.51
CA ARG F 172 7.91 -7.42 47.64
C ARG F 172 9.28 -6.89 47.21
N TYR F 173 9.33 -6.20 46.08
CA TYR F 173 10.60 -5.74 45.55
C TYR F 173 11.17 -4.53 46.30
N PHE F 174 10.28 -3.68 46.79
CA PHE F 174 10.71 -2.48 47.51
C PHE F 174 10.53 -2.62 49.01
N GLU F 175 10.39 -3.87 49.46
CA GLU F 175 10.34 -4.20 50.88
C GLU F 175 9.37 -3.32 51.66
N VAL F 176 8.11 -3.31 51.22
CA VAL F 176 7.05 -2.61 51.92
C VAL F 176 5.96 -3.63 52.25
N GLU F 177 5.35 -3.50 53.42
CA GLU F 177 4.34 -4.45 53.87
C GLU F 177 2.97 -4.13 53.27
N LEU F 178 2.31 -5.16 52.75
CA LEU F 178 1.01 -4.98 52.15
C LEU F 178 -0.10 -5.41 53.11
N LYS F 179 -0.81 -4.43 53.65
CA LYS F 179 -1.94 -4.67 54.54
C LYS F 179 -3.23 -4.66 53.74
N GLU F 180 -3.86 -5.82 53.59
CA GLU F 180 -5.03 -5.95 52.74
C GLU F 180 -6.34 -6.06 53.52
N VAL F 181 -7.34 -5.28 53.10
CA VAL F 181 -8.68 -5.40 53.63
C VAL F 181 -9.40 -6.51 52.87
N LYS F 182 -9.76 -7.57 53.57
CA LYS F 182 -10.36 -8.74 52.93
C LYS F 182 -11.76 -8.49 52.37
N LEU F 183 -12.14 -9.29 51.38
CA LEU F 183 -13.42 -9.17 50.72
C LEU F 183 -14.49 -10.02 51.42
N SER F 184 -15.73 -9.55 51.35
CA SER F 184 -16.87 -10.32 51.85
C SER F 184 -17.75 -10.72 50.68
N GLU F 185 -18.55 -11.77 50.87
CA GLU F 185 -19.48 -12.20 49.84
C GLU F 185 -20.45 -11.06 49.52
N GLY F 186 -20.53 -10.69 48.25
CA GLY F 186 -21.39 -9.61 47.80
C GLY F 186 -20.76 -8.24 47.99
N TYR F 187 -19.55 -8.22 48.51
CA TYR F 187 -18.81 -6.98 48.75
C TYR F 187 -17.39 -7.13 48.23
N TYR F 188 -17.16 -6.71 46.99
CA TYR F 188 -15.93 -7.05 46.28
C TYR F 188 -14.93 -5.89 46.14
N VAL F 189 -15.22 -4.78 46.78
CA VAL F 189 -14.28 -3.66 46.82
C VAL F 189 -13.77 -3.44 48.24
N MET F 190 -12.86 -2.48 48.40
CA MET F 190 -12.29 -2.17 49.70
C MET F 190 -13.24 -1.32 50.53
N ASP F 191 -13.52 -1.75 51.75
CA ASP F 191 -14.35 -0.97 52.67
C ASP F 191 -13.53 0.16 53.26
N PRO F 192 -13.91 1.41 52.94
CA PRO F 192 -13.19 2.60 53.41
C PRO F 192 -12.94 2.58 54.92
N GLN F 193 -13.96 2.23 55.70
CA GLN F 193 -13.85 2.22 57.15
C GLN F 193 -12.75 1.27 57.63
N GLN F 194 -12.86 0.00 57.26
CA GLN F 194 -11.86 -1.00 57.66
C GLN F 194 -10.46 -0.58 57.23
N ALA F 195 -10.38 0.09 56.08
CA ALA F 195 -9.10 0.55 55.56
C ALA F 195 -8.46 1.59 56.47
N VAL F 196 -9.24 2.62 56.81
CA VAL F 196 -8.76 3.69 57.67
C VAL F 196 -8.35 3.16 59.05
N ASP F 197 -9.03 2.11 59.50
CA ASP F 197 -8.72 1.51 60.79
C ASP F 197 -7.40 0.76 60.79
N MET F 198 -6.97 0.31 59.62
CA MET F 198 -5.70 -0.40 59.48
C MET F 198 -4.51 0.57 59.41
N VAL F 199 -4.78 1.81 59.05
CA VAL F 199 -3.73 2.81 58.95
C VAL F 199 -2.99 2.98 60.28
N ASP F 200 -1.66 2.93 60.22
CA ASP F 200 -0.83 3.23 61.39
C ASP F 200 0.29 4.20 61.01
N GLU F 201 1.21 4.44 61.93
CA GLU F 201 2.27 5.42 61.72
C GLU F 201 3.21 5.03 60.57
N ASN F 202 3.23 3.75 60.23
CA ASN F 202 4.12 3.25 59.19
C ASN F 202 3.47 3.17 57.81
N THR F 203 2.23 3.62 57.69
CA THR F 203 1.51 3.58 56.43
C THR F 203 1.95 4.70 55.51
N ILE F 204 2.63 4.35 54.42
CA ILE F 204 3.14 5.36 53.49
C ILE F 204 2.02 5.90 52.61
N CYS F 205 0.95 5.13 52.46
CA CYS F 205 -0.25 5.59 51.76
C CYS F 205 -1.36 4.55 51.79
N VAL F 206 -2.58 4.99 51.49
CA VAL F 206 -3.70 4.10 51.28
C VAL F 206 -4.05 4.12 49.80
N ALA F 207 -3.97 2.96 49.16
CA ALA F 207 -4.24 2.90 47.72
C ALA F 207 -5.66 2.44 47.41
N ALA F 208 -6.45 3.35 46.84
CA ALA F 208 -7.81 3.04 46.41
C ALA F 208 -7.84 2.75 44.92
N ILE F 209 -8.73 1.84 44.51
CA ILE F 209 -8.82 1.41 43.12
C ILE F 209 -10.10 1.93 42.45
N LEU F 210 -9.92 2.77 41.43
CA LEU F 210 -11.05 3.32 40.70
C LEU F 210 -11.36 2.44 39.48
N GLY F 211 -11.99 1.30 39.74
CA GLY F 211 -12.27 0.35 38.68
C GLY F 211 -11.56 -0.97 38.93
N SER F 212 -12.15 -1.80 39.78
CA SER F 212 -11.56 -3.08 40.14
C SER F 212 -11.55 -4.03 38.96
N THR F 213 -10.45 -4.75 38.78
CA THR F 213 -10.33 -5.69 37.67
C THR F 213 -11.26 -6.89 37.89
N LEU F 214 -11.90 -6.94 39.06
CA LEU F 214 -12.73 -8.08 39.42
C LEU F 214 -14.21 -7.91 39.06
N ASN F 215 -14.72 -6.70 39.22
CA ASN F 215 -16.11 -6.42 38.86
C ASN F 215 -16.32 -4.99 38.36
N GLY F 216 -15.22 -4.32 38.04
CA GLY F 216 -15.27 -2.99 37.46
C GLY F 216 -15.88 -1.91 38.33
N GLU F 217 -15.96 -2.17 39.63
CA GLU F 217 -16.56 -1.22 40.54
C GLU F 217 -15.57 -0.13 40.96
N PHE F 218 -16.06 1.10 41.07
CA PHE F 218 -15.25 2.19 41.61
C PHE F 218 -15.32 2.16 43.12
N GLU F 219 -14.16 2.24 43.78
CA GLU F 219 -14.14 2.31 45.22
C GLU F 219 -14.54 3.71 45.67
N ASP F 220 -15.12 3.80 46.87
CA ASP F 220 -15.62 5.07 47.39
C ASP F 220 -14.47 5.95 47.88
N VAL F 221 -13.74 6.54 46.95
CA VAL F 221 -12.57 7.35 47.28
C VAL F 221 -12.93 8.55 48.15
N LYS F 222 -14.07 9.18 47.88
CA LYS F 222 -14.50 10.34 48.63
C LYS F 222 -14.71 10.00 50.11
N LEU F 223 -15.33 8.87 50.38
CA LEU F 223 -15.55 8.44 51.75
C LEU F 223 -14.21 8.15 52.43
N LEU F 224 -13.33 7.45 51.73
CA LEU F 224 -11.99 7.16 52.23
C LEU F 224 -11.28 8.45 52.62
N ASN F 225 -11.40 9.46 51.76
CA ASN F 225 -10.79 10.76 52.03
C ASN F 225 -11.38 11.41 53.28
N ASP F 226 -12.71 11.37 53.38
CA ASP F 226 -13.41 11.99 54.50
C ASP F 226 -13.00 11.36 55.84
N LEU F 227 -12.98 10.04 55.88
CA LEU F 227 -12.60 9.32 57.11
C LEU F 227 -11.13 9.54 57.45
N LEU F 228 -10.28 9.58 56.43
CA LEU F 228 -8.84 9.68 56.64
C LEU F 228 -8.45 11.09 57.09
N VAL F 229 -9.21 12.08 56.65
CA VAL F 229 -8.97 13.46 57.09
C VAL F 229 -9.26 13.57 58.60
N GLU F 230 -10.32 12.90 59.03
CA GLU F 230 -10.67 12.88 60.45
C GLU F 230 -9.57 12.21 61.26
N LYS F 231 -9.15 11.02 60.84
CA LYS F 231 -8.11 10.29 61.54
C LYS F 231 -6.80 11.07 61.57
N ASN F 232 -6.56 11.87 60.53
CA ASN F 232 -5.34 12.67 60.46
C ASN F 232 -5.32 13.75 61.54
N LYS F 233 -6.49 14.29 61.86
CA LYS F 233 -6.62 15.29 62.92
C LYS F 233 -6.20 14.71 64.26
N GLU F 234 -6.49 13.42 64.46
CA GLU F 234 -6.14 12.73 65.69
C GLU F 234 -4.68 12.30 65.73
N THR F 235 -4.32 11.41 64.80
CA THR F 235 -3.01 10.79 64.81
C THR F 235 -1.86 11.75 64.53
N GLY F 236 -2.13 12.79 63.74
CA GLY F 236 -1.09 13.73 63.37
C GLY F 236 -0.25 13.21 62.22
N TRP F 237 -0.39 11.92 61.90
CA TRP F 237 0.24 11.36 60.73
C TRP F 237 -0.43 12.01 59.52
N ASP F 238 0.33 12.19 58.44
CA ASP F 238 -0.24 12.81 57.25
C ASP F 238 -0.44 11.76 56.17
N THR F 239 -1.23 10.74 56.49
CA THR F 239 -1.45 9.61 55.59
C THR F 239 -2.12 10.06 54.30
N PRO F 240 -1.47 9.77 53.15
CA PRO F 240 -1.93 10.18 51.83
C PRO F 240 -2.75 9.09 51.15
N ILE F 241 -3.47 9.47 50.11
CA ILE F 241 -4.20 8.51 49.30
C ILE F 241 -3.62 8.45 47.89
N HIS F 242 -3.48 7.23 47.37
CA HIS F 242 -3.17 7.06 45.96
C HIS F 242 -4.32 6.36 45.27
N VAL F 243 -4.72 6.89 44.12
CA VAL F 243 -5.82 6.28 43.37
C VAL F 243 -5.27 5.52 42.16
N ASP F 244 -5.45 4.20 42.18
CA ASP F 244 -5.11 3.38 41.03
C ASP F 244 -6.26 3.44 40.04
N ALA F 245 -6.17 4.36 39.09
CA ALA F 245 -7.21 4.54 38.09
C ALA F 245 -6.77 3.96 36.75
N ALA F 246 -6.10 2.81 36.81
CA ALA F 246 -5.59 2.15 35.61
C ALA F 246 -6.59 2.21 34.47
N SER F 247 -7.83 1.81 34.74
CA SER F 247 -8.89 1.83 33.74
C SER F 247 -9.87 2.99 33.95
N GLY F 248 -10.39 3.11 35.16
CA GLY F 248 -11.37 4.13 35.49
C GLY F 248 -10.93 5.56 35.22
N GLY F 249 -9.62 5.77 35.13
CA GLY F 249 -9.08 7.10 34.93
C GLY F 249 -9.54 7.79 33.65
N PHE F 250 -9.79 7.00 32.61
CA PHE F 250 -10.25 7.54 31.33
C PHE F 250 -11.74 7.28 31.10
N ILE F 251 -12.45 7.00 32.18
CA ILE F 251 -13.88 6.73 32.10
C ILE F 251 -14.68 7.73 32.93
N ALA F 252 -14.29 7.89 34.20
CA ALA F 252 -14.97 8.81 35.10
C ALA F 252 -15.05 10.24 34.56
N PRO F 253 -13.92 10.79 34.08
CA PRO F 253 -13.94 12.19 33.63
C PRO F 253 -14.97 12.45 32.53
N PHE F 254 -15.41 11.40 31.85
CA PHE F 254 -16.29 11.57 30.70
C PHE F 254 -17.72 11.08 30.95
N LEU F 255 -17.86 10.01 31.71
CA LEU F 255 -19.18 9.49 32.04
C LEU F 255 -19.72 10.08 33.35
N TYR F 256 -18.83 10.26 34.32
CA TYR F 256 -19.24 10.72 35.64
C TYR F 256 -18.38 11.88 36.14
N PRO F 257 -18.50 13.05 35.50
CA PRO F 257 -17.70 14.22 35.87
C PRO F 257 -18.08 14.78 37.24
N GLU F 258 -19.26 14.39 37.74
CA GLU F 258 -19.73 14.88 39.03
C GLU F 258 -19.07 14.12 40.18
N LEU F 259 -18.69 12.88 39.90
CA LEU F 259 -18.01 12.04 40.88
C LEU F 259 -16.71 12.68 41.35
N GLU F 260 -16.53 12.79 42.66
CA GLU F 260 -15.29 13.28 43.23
C GLU F 260 -14.41 12.11 43.66
N TRP F 261 -13.31 11.91 42.93
CA TRP F 261 -12.43 10.78 43.19
C TRP F 261 -10.97 11.19 43.00
N ASP F 262 -10.78 12.34 42.36
CA ASP F 262 -9.45 12.77 41.94
C ASP F 262 -8.83 13.80 42.89
N PHE F 263 -8.05 14.72 42.32
CA PHE F 263 -7.34 15.71 43.12
C PHE F 263 -8.28 16.72 43.76
N ARG F 264 -9.56 16.63 43.43
CA ARG F 264 -10.57 17.43 44.12
C ARG F 264 -10.58 17.05 45.59
N LEU F 265 -10.23 15.80 45.88
CA LEU F 265 -10.07 15.32 47.25
C LEU F 265 -8.67 15.66 47.75
N PRO F 266 -8.60 16.40 48.87
CA PRO F 266 -7.34 16.93 49.41
C PRO F 266 -6.28 15.87 49.67
N LEU F 267 -6.70 14.68 50.10
CA LEU F 267 -5.74 13.64 50.50
C LEU F 267 -5.16 12.85 49.32
N VAL F 268 -5.77 12.97 48.15
CA VAL F 268 -5.25 12.29 46.97
C VAL F 268 -3.97 12.97 46.50
N LYS F 269 -2.84 12.28 46.65
CA LYS F 269 -1.54 12.87 46.37
C LYS F 269 -0.98 12.45 45.01
N SER F 270 -1.41 11.30 44.50
CA SER F 270 -0.97 10.83 43.20
C SER F 270 -1.95 9.85 42.58
N ILE F 271 -2.00 9.85 41.25
CA ILE F 271 -2.93 9.01 40.49
C ILE F 271 -2.21 8.34 39.33
N ASN F 272 -2.52 7.07 39.10
CA ASN F 272 -2.01 6.37 37.92
C ASN F 272 -3.14 5.98 36.98
N VAL F 273 -2.84 5.95 35.69
CA VAL F 273 -3.84 5.59 34.68
C VAL F 273 -3.13 4.94 33.50
N SER F 274 -3.79 3.95 32.90
CA SER F 274 -3.21 3.25 31.75
C SER F 274 -3.75 3.82 30.44
N GLY F 275 -2.86 4.41 29.65
CA GLY F 275 -3.23 4.94 28.35
C GLY F 275 -3.67 3.83 27.42
N HIS F 276 -3.10 2.65 27.58
CA HIS F 276 -3.40 1.53 26.69
C HIS F 276 -4.62 0.75 27.14
N TYR F 278 -8.35 2.31 28.73
CA TYR F 278 -9.39 3.17 28.18
C TYR F 278 -8.85 4.51 27.70
N GLY F 279 -7.53 4.62 27.64
CA GLY F 279 -6.89 5.77 27.03
C GLY F 279 -6.90 5.61 25.53
N LEU F 280 -7.32 4.44 25.08
CA LEU F 280 -7.54 4.14 23.67
C LEU F 280 -6.25 4.09 22.84
N VAL F 281 -5.19 3.57 23.44
CA VAL F 281 -3.92 3.41 22.74
C VAL F 281 -3.50 1.95 22.79
N TYR F 282 -2.73 1.51 21.80
CA TYR F 282 -2.18 0.15 21.82
C TYR F 282 -1.29 -0.02 23.06
N ALA F 283 -1.08 -1.26 23.46
CA ALA F 283 -0.29 -1.56 24.65
C ALA F 283 1.08 -0.87 24.62
N GLY F 284 1.47 -0.29 25.75
CA GLY F 284 2.80 0.28 25.89
C GLY F 284 2.83 1.71 26.40
N ILE F 285 1.77 2.14 27.08
CA ILE F 285 1.71 3.51 27.60
C ILE F 285 0.90 3.64 28.88
N GLY F 286 1.51 4.24 29.89
CA GLY F 286 0.85 4.52 31.16
C GLY F 286 1.20 5.91 31.65
N TRP F 287 0.53 6.37 32.69
CA TRP F 287 0.77 7.71 33.22
C TRP F 287 0.65 7.75 34.74
N VAL F 288 1.43 8.63 35.37
CA VAL F 288 1.30 8.88 36.79
C VAL F 288 1.39 10.38 37.07
N ILE F 289 0.41 10.90 37.79
CA ILE F 289 0.35 12.33 38.09
C ILE F 289 0.50 12.56 39.59
N TRP F 290 1.22 13.63 39.94
CA TRP F 290 1.36 14.02 41.34
C TRP F 290 0.63 15.34 41.60
N ARG F 291 -0.01 15.43 42.76
CA ARG F 291 -0.80 16.61 43.10
C ARG F 291 0.03 17.89 43.03
N ASN F 292 1.20 17.87 43.67
CA ASN F 292 2.09 19.01 43.68
C ASN F 292 3.54 18.56 43.59
N LYS F 293 4.44 19.50 43.36
CA LYS F 293 5.86 19.17 43.23
C LYS F 293 6.38 18.52 44.50
N GLU F 294 5.80 18.91 45.65
CA GLU F 294 6.27 18.41 46.95
C GLU F 294 6.03 16.91 47.12
N ASP F 295 5.12 16.36 46.33
CA ASP F 295 4.77 14.94 46.46
C ASP F 295 5.76 14.02 45.74
N LEU F 296 6.67 14.63 44.97
CA LEU F 296 7.70 13.88 44.29
C LEU F 296 9.07 14.32 44.80
N PRO F 297 9.62 13.58 45.77
CA PRO F 297 10.92 13.92 46.36
C PRO F 297 11.97 14.16 45.29
N GLU F 298 12.64 15.31 45.38
CA GLU F 298 13.59 15.73 44.35
C GLU F 298 14.78 14.77 44.18
N GLU F 299 15.11 14.04 45.23
CA GLU F 299 16.27 13.16 45.17
C GLU F 299 16.02 11.88 44.38
N LEU F 300 14.78 11.68 43.95
CA LEU F 300 14.45 10.52 43.12
C LEU F 300 14.67 10.81 41.64
N ILE F 301 14.89 12.07 41.31
CA ILE F 301 15.06 12.50 39.93
C ILE F 301 16.53 12.50 39.50
N PHE F 302 16.79 11.98 38.31
CA PHE F 302 18.16 11.93 37.77
C PHE F 302 18.35 12.91 36.61
N HIS F 303 19.60 13.30 36.39
CA HIS F 303 19.96 14.17 35.27
C HIS F 303 21.20 13.63 34.58
N ILE F 304 21.03 13.01 33.42
CA ILE F 304 22.16 12.43 32.69
C ILE F 304 22.61 13.37 31.57
N ASN F 305 23.77 13.08 30.99
CA ASN F 305 24.35 13.97 29.98
C ASN F 305 25.24 13.28 28.94
N TYR F 306 25.14 11.97 28.81
CA TYR F 306 26.02 11.24 27.88
C TYR F 306 25.41 11.13 26.49
N LEU F 307 24.21 11.68 26.33
CA LEU F 307 23.50 11.62 25.04
C LEU F 307 23.44 12.97 24.35
N GLY F 308 23.78 14.03 25.07
CA GLY F 308 23.75 15.37 24.50
C GLY F 308 23.66 16.48 25.54
N ALA F 309 22.69 16.36 26.45
CA ALA F 309 22.50 17.36 27.50
C ALA F 309 21.84 16.74 28.73
N ASP F 310 21.55 17.57 29.73
CA ASP F 310 20.94 17.11 30.97
C ASP F 310 19.41 16.98 30.85
N GLN F 311 18.88 15.89 31.40
CA GLN F 311 17.46 15.59 31.31
C GLN F 311 16.91 15.03 32.63
N PRO F 312 15.77 15.58 33.08
CA PRO F 312 15.09 15.22 34.34
C PRO F 312 14.26 13.95 34.25
N THR F 313 14.89 12.79 34.42
CA THR F 313 14.19 11.51 34.26
C THR F 313 13.80 10.86 35.58
N PHE F 314 12.58 10.36 35.66
CA PHE F 314 12.12 9.57 36.79
C PHE F 314 11.35 8.34 36.31
N THR F 315 12.08 7.30 35.92
CA THR F 315 11.48 6.06 35.41
C THR F 315 12.37 4.87 35.71
N LEU F 316 11.77 3.68 35.74
CA LEU F 316 12.52 2.45 35.94
C LEU F 316 13.07 1.96 34.60
N ASN F 317 12.53 2.49 33.52
CA ASN F 317 12.98 2.16 32.18
C ASN F 317 13.88 3.25 31.60
N PHE F 318 14.56 2.94 30.51
CA PHE F 318 15.38 3.92 29.82
C PHE F 318 14.97 4.00 28.36
N SER F 319 15.67 3.26 27.50
CA SER F 319 15.30 3.19 26.09
C SER F 319 13.95 2.52 25.93
N LYS F 320 13.12 3.07 25.06
CA LYS F 320 11.80 2.51 24.79
C LYS F 320 11.18 3.23 23.61
N GLY F 321 10.20 2.59 22.99
CA GLY F 321 9.51 3.21 21.86
C GLY F 321 8.80 4.48 22.28
N SER F 322 8.71 5.43 21.35
CA SER F 322 8.01 6.68 21.61
C SER F 322 6.69 6.74 20.84
N SER F 323 6.36 5.65 20.16
CA SER F 323 5.16 5.60 19.33
C SER F 323 3.87 5.69 20.15
N GLN F 324 3.85 5.05 21.31
CA GLN F 324 2.67 5.07 22.16
C GLN F 324 2.43 6.46 22.74
N VAL F 325 3.50 7.16 23.08
CA VAL F 325 3.40 8.52 23.57
C VAL F 325 2.74 9.40 22.51
N ILE F 326 3.28 9.34 21.30
CA ILE F 326 2.73 10.08 20.17
C ILE F 326 1.29 9.68 19.90
N ALA F 327 1.03 8.37 19.93
CA ALA F 327 -0.31 7.85 19.73
C ALA F 327 -1.29 8.41 20.76
N GLN F 328 -0.83 8.51 22.00
CA GLN F 328 -1.66 9.06 23.07
C GLN F 328 -2.05 10.50 22.78
N TYR F 329 -1.06 11.31 22.41
CA TYR F 329 -1.29 12.71 22.10
C TYR F 329 -2.27 12.85 20.95
N TYR F 330 -2.12 11.99 19.94
CA TYR F 330 -3.04 11.96 18.82
C TYR F 330 -4.48 11.77 19.30
N GLN F 331 -4.70 10.70 20.07
CA GLN F 331 -6.03 10.41 20.59
C GLN F 331 -6.59 11.59 21.36
N LEU F 332 -5.76 12.20 22.20
CA LEU F 332 -6.21 13.31 23.05
C LEU F 332 -6.72 14.50 22.23
N ILE F 333 -5.91 14.99 21.30
CA ILE F 333 -6.29 16.18 20.53
C ILE F 333 -7.25 15.88 19.38
N ARG F 334 -7.28 14.63 18.94
CA ARG F 334 -8.17 14.22 17.86
C ARG F 334 -9.59 13.95 18.36
N LEU F 335 -9.70 13.29 19.50
CA LEU F 335 -11.00 12.95 20.07
C LEU F 335 -11.54 14.08 20.95
N GLY F 336 -10.70 14.60 21.83
CA GLY F 336 -11.14 15.60 22.79
C GLY F 336 -12.15 15.00 23.76
N HIS F 337 -12.73 15.84 24.61
CA HIS F 337 -13.76 15.39 25.54
C HIS F 337 -14.89 14.71 24.78
N GLU F 338 -15.31 15.33 23.70
CA GLU F 338 -16.43 14.84 22.89
C GLU F 338 -16.23 13.39 22.44
N GLY F 339 -15.08 13.13 21.82
CA GLY F 339 -14.78 11.81 21.30
C GLY F 339 -14.73 10.73 22.37
N TYR F 340 -14.01 11.02 23.45
CA TYR F 340 -13.91 10.08 24.56
C TYR F 340 -15.26 9.79 25.20
N ARG F 341 -16.09 10.82 25.34
CA ARG F 341 -17.42 10.65 25.90
C ARG F 341 -18.23 9.71 25.01
N ASN F 342 -18.19 9.96 23.71
CA ASN F 342 -18.89 9.13 22.73
C ASN F 342 -18.45 7.67 22.79
N VAL F 343 -17.15 7.45 22.89
CA VAL F 343 -16.63 6.09 22.97
C VAL F 343 -17.07 5.38 24.24
N MET F 344 -16.99 6.09 25.36
CA MET F 344 -17.38 5.52 26.65
C MET F 344 -18.89 5.25 26.72
N GLU F 345 -19.68 6.18 26.18
CA GLU F 345 -21.12 6.00 26.14
C GLU F 345 -21.47 4.76 25.32
N ASN F 346 -20.80 4.59 24.18
CA ASN F 346 -20.99 3.39 23.36
C ASN F 346 -20.62 2.12 24.12
N CYS F 347 -19.53 2.18 24.89
CA CYS F 347 -19.10 1.04 25.69
C CYS F 347 -20.10 0.72 26.79
N ARG F 348 -20.59 1.76 27.46
CA ARG F 348 -21.58 1.59 28.52
C ARG F 348 -22.87 1.01 27.96
N GLU F 349 -23.29 1.51 26.80
CA GLU F 349 -24.50 1.03 26.15
C GLU F 349 -24.39 -0.47 25.88
N ASN F 350 -23.27 -0.88 25.29
CA ASN F 350 -23.05 -2.29 24.98
C ASN F 350 -22.99 -3.17 26.24
N MET F 351 -22.53 -2.60 27.34
CA MET F 351 -22.51 -3.32 28.61
C MET F 351 -23.94 -3.64 29.03
N ILE F 352 -24.82 -2.65 28.94
CA ILE F 352 -26.22 -2.83 29.28
C ILE F 352 -26.86 -3.90 28.40
N VAL F 353 -26.60 -3.84 27.10
CA VAL F 353 -27.14 -4.81 26.17
C VAL F 353 -26.72 -6.23 26.55
N LEU F 354 -25.46 -6.40 26.90
CA LEU F 354 -24.94 -7.70 27.30
C LEU F 354 -25.49 -8.11 28.67
N ARG F 355 -25.60 -7.15 29.58
CA ARG F 355 -26.13 -7.41 30.91
C ARG F 355 -27.55 -7.95 30.83
N GLU F 356 -28.41 -7.23 30.10
CA GLU F 356 -29.80 -7.62 29.94
C GLU F 356 -29.94 -9.02 29.36
N GLY F 357 -29.23 -9.27 28.26
CA GLY F 357 -29.26 -10.56 27.60
C GLY F 357 -28.96 -11.70 28.56
N LEU F 358 -28.09 -11.45 29.53
CA LEU F 358 -27.72 -12.47 30.51
C LEU F 358 -28.77 -12.58 31.62
N GLU F 359 -29.41 -11.46 31.93
CA GLU F 359 -30.48 -11.45 32.92
C GLU F 359 -31.70 -12.19 32.38
N LYS F 360 -31.93 -12.04 31.07
CA LYS F 360 -33.09 -12.63 30.41
C LYS F 360 -33.08 -14.16 30.48
N THR F 361 -31.88 -14.74 30.63
CA THR F 361 -31.75 -16.19 30.71
C THR F 361 -32.00 -16.68 32.13
N GLU F 362 -31.95 -15.76 33.09
CA GLU F 362 -32.19 -16.09 34.49
C GLU F 362 -31.29 -17.21 34.98
N ARG F 363 -30.14 -17.37 34.33
CA ARG F 363 -29.18 -18.41 34.70
C ARG F 363 -28.04 -17.85 35.56
N PHE F 364 -27.89 -16.54 35.56
CA PHE F 364 -26.71 -15.92 36.16
C PHE F 364 -27.02 -14.89 37.24
N ASN F 365 -26.03 -14.61 38.08
CA ASN F 365 -26.06 -13.51 39.02
C ASN F 365 -25.09 -12.42 38.58
N ILE F 366 -25.62 -11.27 38.20
CA ILE F 366 -24.75 -10.14 37.85
C ILE F 366 -24.04 -9.64 39.09
N VAL F 367 -22.73 -9.83 39.14
CA VAL F 367 -21.94 -9.49 40.31
C VAL F 367 -21.22 -8.15 40.16
N SER F 368 -21.42 -7.51 39.01
CA SER F 368 -20.84 -6.18 38.76
C SER F 368 -21.93 -5.12 38.83
N LYS F 369 -21.53 -3.87 39.01
CA LYS F 369 -22.47 -2.78 39.20
C LYS F 369 -22.96 -2.17 37.89
N ASP F 370 -23.94 -1.28 37.99
CA ASP F 370 -24.51 -0.62 36.82
C ASP F 370 -23.55 0.43 36.28
N GLU F 371 -22.91 1.17 37.18
CA GLU F 371 -21.95 2.19 36.79
C GLU F 371 -20.55 1.82 37.23
N GLY F 372 -19.56 2.31 36.49
CA GLY F 372 -18.17 1.96 36.73
C GLY F 372 -17.50 1.61 35.42
N VAL F 373 -16.55 0.68 35.48
CA VAL F 373 -15.89 0.21 34.27
C VAL F 373 -16.88 -0.55 33.40
N PRO F 374 -16.94 -0.21 32.09
CA PRO F 374 -17.81 -0.91 31.15
C PRO F 374 -17.45 -2.38 31.00
N LEU F 375 -18.01 -3.21 31.87
CA LEU F 375 -17.80 -4.65 31.80
C LEU F 375 -18.94 -5.36 32.49
N VAL F 376 -18.99 -6.68 32.36
CA VAL F 376 -20.00 -7.48 33.02
C VAL F 376 -19.36 -8.69 33.69
N ALA F 377 -19.48 -8.76 35.02
CA ALA F 377 -19.03 -9.91 35.77
C ALA F 377 -20.24 -10.64 36.33
N PHE F 378 -20.30 -11.95 36.11
CA PHE F 378 -21.49 -12.71 36.51
C PHE F 378 -21.15 -14.13 36.95
N SER F 379 -21.98 -14.68 37.83
CA SER F 379 -21.79 -16.05 38.31
C SER F 379 -22.99 -16.91 37.94
N LEU F 380 -22.81 -18.22 38.00
CA LEU F 380 -23.89 -19.15 37.73
C LEU F 380 -24.76 -19.33 38.96
N LYS F 381 -26.06 -19.13 38.80
CA LYS F 381 -27.02 -19.53 39.82
C LYS F 381 -26.96 -21.04 39.90
N ASP F 382 -26.61 -21.57 41.07
CA ASP F 382 -26.53 -23.01 41.24
C ASP F 382 -25.37 -23.59 40.42
N SER F 383 -24.16 -23.49 40.96
CA SER F 383 -22.97 -23.99 40.27
C SER F 383 -22.78 -25.48 40.51
N SER F 384 -23.86 -26.23 40.43
CA SER F 384 -23.83 -27.66 40.75
C SER F 384 -23.28 -28.51 39.61
N CYS F 385 -24.11 -28.76 38.60
CA CYS F 385 -23.74 -29.65 37.51
C CYS F 385 -22.69 -29.07 36.56
N HIS F 386 -22.60 -27.75 36.51
CA HIS F 386 -21.65 -27.09 35.61
C HIS F 386 -20.99 -25.86 36.25
N THR F 387 -19.70 -25.69 35.96
CA THR F 387 -18.94 -24.57 36.50
C THR F 387 -18.71 -23.49 35.43
N GLU F 388 -18.35 -22.30 35.87
CA GLU F 388 -18.09 -21.19 34.96
C GLU F 388 -16.90 -21.47 34.07
N PHE F 389 -15.98 -22.31 34.55
CA PHE F 389 -14.80 -22.69 33.79
C PHE F 389 -15.18 -23.48 32.55
N GLU F 390 -16.21 -24.30 32.67
CA GLU F 390 -16.70 -25.08 31.53
C GLU F 390 -17.24 -24.16 30.45
N ILE F 391 -17.96 -23.13 30.88
CA ILE F 391 -18.52 -22.15 29.95
C ILE F 391 -17.42 -21.38 29.22
N SER F 392 -16.35 -21.08 29.95
CA SER F 392 -15.20 -20.39 29.38
C SER F 392 -14.54 -21.21 28.28
N ASP F 393 -14.34 -22.50 28.54
CA ASP F 393 -13.74 -23.41 27.57
C ASP F 393 -14.63 -23.57 26.35
N MET F 394 -15.93 -23.71 26.59
CA MET F 394 -16.89 -23.92 25.52
C MET F 394 -16.86 -22.77 24.53
N LEU F 395 -16.82 -21.55 25.05
CA LEU F 395 -16.83 -20.36 24.22
C LEU F 395 -15.59 -20.23 23.34
N ARG F 396 -14.47 -20.80 23.80
CA ARG F 396 -13.23 -20.80 23.04
C ARG F 396 -13.44 -21.32 21.62
N ARG F 397 -14.33 -22.30 21.48
CA ARG F 397 -14.58 -22.93 20.20
C ARG F 397 -15.12 -21.94 19.17
N TYR F 398 -15.88 -20.95 19.64
CA TYR F 398 -16.47 -19.95 18.76
C TYR F 398 -15.49 -18.82 18.48
N GLY F 399 -14.42 -18.75 19.26
CA GLY F 399 -13.40 -17.73 19.09
C GLY F 399 -13.43 -16.67 20.19
N TRP F 400 -14.44 -16.74 21.04
CA TRP F 400 -14.55 -15.82 22.17
C TRP F 400 -13.58 -16.21 23.27
N ILE F 401 -12.92 -15.22 23.86
CA ILE F 401 -12.10 -15.45 25.03
C ILE F 401 -12.73 -14.77 26.23
N VAL F 402 -13.40 -15.56 27.07
CA VAL F 402 -14.07 -15.06 28.25
C VAL F 402 -13.58 -15.82 29.48
N PRO F 403 -12.90 -15.10 30.40
CA PRO F 403 -12.20 -15.73 31.52
C PRO F 403 -13.12 -16.10 32.68
N ALA F 404 -12.71 -17.11 33.44
CA ALA F 404 -13.37 -17.45 34.69
C ALA F 404 -12.33 -17.43 35.80
N TYR F 405 -12.71 -16.94 36.98
CA TYR F 405 -11.80 -16.88 38.10
C TYR F 405 -12.54 -16.81 39.44
N THR F 406 -11.83 -17.15 40.51
CA THR F 406 -12.41 -17.12 41.85
C THR F 406 -11.97 -15.86 42.60
N MET F 407 -12.90 -15.24 43.31
CA MET F 407 -12.61 -14.03 44.06
C MET F 407 -11.53 -14.26 45.11
N PRO F 408 -10.91 -13.17 45.60
CA PRO F 408 -9.95 -13.24 46.69
C PRO F 408 -10.66 -13.45 48.02
N PRO F 409 -9.93 -13.87 49.06
CA PRO F 409 -10.50 -14.05 50.40
C PRO F 409 -11.14 -12.75 50.90
N ASN F 410 -12.25 -12.86 51.61
CA ASN F 410 -12.87 -14.15 51.94
C ASN F 410 -14.04 -14.44 51.01
N ALA F 411 -13.75 -14.65 49.74
CA ALA F 411 -14.79 -14.94 48.76
C ALA F 411 -14.27 -15.94 47.73
N GLN F 412 -13.39 -16.82 48.18
CA GLN F 412 -12.80 -17.83 47.31
C GLN F 412 -13.85 -18.80 46.81
N HIS F 413 -15.01 -18.80 47.46
CA HIS F 413 -16.11 -19.68 47.07
C HIS F 413 -17.02 -19.04 46.03
N ILE F 414 -16.66 -17.83 45.60
CA ILE F 414 -17.38 -17.16 44.52
C ILE F 414 -16.56 -17.20 43.24
N THR F 415 -17.16 -17.70 42.17
CA THR F 415 -16.48 -17.78 40.87
C THR F 415 -17.28 -17.04 39.81
N VAL F 416 -16.60 -16.18 39.04
CA VAL F 416 -17.28 -15.33 38.08
C VAL F 416 -16.72 -15.39 36.66
N LEU F 417 -17.55 -15.02 35.70
CA LEU F 417 -17.10 -14.80 34.33
C LEU F 417 -17.07 -13.30 34.10
N ARG F 418 -16.08 -12.82 33.35
CA ARG F 418 -15.94 -11.40 33.10
C ARG F 418 -15.87 -11.10 31.61
N VAL F 419 -16.64 -10.12 31.16
CA VAL F 419 -16.56 -9.65 29.79
C VAL F 419 -16.26 -8.15 29.77
N VAL F 420 -15.07 -7.79 29.32
CA VAL F 420 -14.70 -6.38 29.22
C VAL F 420 -15.19 -5.81 27.91
N ILE F 421 -15.90 -4.69 27.97
CA ILE F 421 -16.36 -4.00 26.77
C ILE F 421 -15.39 -2.87 26.41
N ARG F 422 -14.69 -3.02 25.29
CA ARG F 422 -13.73 -2.02 24.86
C ARG F 422 -14.26 -1.16 23.70
N GLU F 423 -13.44 -0.21 23.26
CA GLU F 423 -13.84 0.71 22.20
C GLU F 423 -14.29 0.00 20.93
N ASP F 424 -13.59 -1.07 20.57
CA ASP F 424 -13.83 -1.75 19.30
C ASP F 424 -14.80 -2.92 19.41
N PHE F 425 -15.69 -2.86 20.39
CA PHE F 425 -16.68 -3.91 20.59
C PHE F 425 -18.07 -3.38 20.26
N SER F 426 -18.51 -3.62 19.03
CA SER F 426 -19.78 -3.09 18.54
C SER F 426 -20.99 -3.88 19.03
N ARG F 427 -22.17 -3.33 18.77
CA ARG F 427 -23.43 -3.97 19.15
C ARG F 427 -23.58 -5.32 18.45
N THR F 428 -23.08 -5.41 17.23
CA THR F 428 -23.15 -6.63 16.45
C THR F 428 -22.48 -7.78 17.18
N LEU F 429 -21.28 -7.52 17.72
CA LEU F 429 -20.53 -8.51 18.47
C LEU F 429 -21.21 -8.80 19.81
N ALA F 430 -21.71 -7.75 20.46
CA ALA F 430 -22.40 -7.90 21.74
C ALA F 430 -23.56 -8.88 21.61
N GLU F 431 -24.36 -8.72 20.57
CA GLU F 431 -25.53 -9.56 20.37
C GLU F 431 -25.16 -10.99 19.99
N ARG F 432 -24.08 -11.15 19.23
CA ARG F 432 -23.61 -12.48 18.87
C ARG F 432 -23.05 -13.22 20.09
N LEU F 433 -22.52 -12.45 21.04
CA LEU F 433 -21.97 -13.02 22.25
C LEU F 433 -23.09 -13.63 23.09
N VAL F 434 -24.17 -12.88 23.25
CA VAL F 434 -25.33 -13.35 24.01
C VAL F 434 -25.87 -14.64 23.41
N ILE F 435 -26.04 -14.64 22.10
CA ILE F 435 -26.54 -15.82 21.38
C ILE F 435 -25.65 -17.04 21.61
N ASP F 436 -24.34 -16.84 21.48
CA ASP F 436 -23.39 -17.93 21.61
C ASP F 436 -23.26 -18.42 23.05
N ILE F 437 -23.54 -17.54 24.01
CA ILE F 437 -23.56 -17.93 25.42
C ILE F 437 -24.76 -18.82 25.70
N GLU F 438 -25.88 -18.48 25.08
CA GLU F 438 -27.09 -19.28 25.21
C GLU F 438 -26.89 -20.67 24.60
N LYS F 439 -26.24 -20.70 23.43
CA LYS F 439 -25.94 -21.96 22.77
C LYS F 439 -25.09 -22.85 23.66
N VAL F 440 -24.12 -22.25 24.33
CA VAL F 440 -23.22 -22.99 25.22
C VAL F 440 -23.97 -23.57 26.42
N MET F 441 -24.96 -22.84 26.91
CA MET F 441 -25.75 -23.30 28.04
C MET F 441 -26.59 -24.52 27.67
N ARG F 442 -27.09 -24.53 26.44
CA ARG F 442 -27.86 -25.67 25.95
C ARG F 442 -26.98 -26.89 25.79
N GLU F 443 -25.84 -26.73 25.14
CA GLU F 443 -24.89 -27.82 24.95
C GLU F 443 -24.53 -28.46 26.29
N LEU F 444 -24.65 -27.68 27.36
CA LEU F 444 -24.33 -28.16 28.71
C LEU F 444 -25.50 -28.90 29.33
N ASP F 445 -26.71 -28.49 28.99
CA ASP F 445 -27.92 -29.11 29.53
C ASP F 445 -28.04 -30.57 29.08
N GLU F 446 -27.19 -30.98 28.15
CA GLU F 446 -27.21 -32.35 27.64
C GLU F 446 -25.89 -33.07 27.93
N LEU F 447 -25.31 -32.81 29.09
CA LEU F 447 -24.05 -33.44 29.47
C LEU F 447 -24.07 -33.90 30.93
N PRO F 448 -23.18 -34.85 31.28
CA PRO F 448 -23.07 -35.37 32.65
C PRO F 448 -22.64 -34.29 33.64
#